data_6NCZ
#
_entry.id   6NCZ
#
_cell.length_a   109.134
_cell.length_b   116.916
_cell.length_c   117.604
_cell.angle_alpha   60.32
_cell.angle_beta   62.53
_cell.angle_gamma   87.09
#
_symmetry.space_group_name_H-M   'P 1'
#
loop_
_entity.id
_entity.type
_entity.pdbx_description
1 polymer Beta-glucuronidase
2 non-polymer 'phenyl 1-thio-beta-D-glucopyranosiduronic acid'
3 non-polymer GLYCEROL
4 water water
#
_entity_poly.entity_id   1
_entity_poly.type   'polypeptide(L)'
_entity_poly.pdbx_seq_one_letter_code
;MEAKKEKKYMSDIHLEDYTEQYETGFATVDTMIFEGGRREELLNGGWHYAVDQYDTCLRQKWYKERYRDEKGFTVPIDYS
FDEWPVMQLPCSWNTIDPMYLLYEGSMVFTRKFSYIAEREETVFLKVGAANYLCRVFLNGKYVGMHRGGSTPAFWNITEY
LKAENRIVLAVDGTRRPEQVPTENTDWFNYCGVYRDIALIRVPKCHIKTFKIALVPDGTFGHVMAKVTLSEKITAKAELV
IEELGVSRKIQLENGAGEVVFDAKPELWTPEKPKLYDVKVTCGTDTVSDRVGFREIRVNGRDILLNGEPVFLRGISCHED
SVENGKGLTREERIENIRIAKELGCNFMRLAHYPHNEEMAKLADELGLLLWEEIPVYWAIRFEREKTYEDAQNQLRELIN
RDWNRASVIIWSVGNENADTDERLKFMSVLAECAHREDETRMVSAACLVNAAKNKIEDRLMEYLDIIGINEYCGWYTPDF
AMLPALMENSQPDKPVIVTEFGADALPHHHGTISDKGTEECQADVYEKQIATLRNIDYIKGMTPWILYDFRCPRRTSLIQ
KYYNRKGLLSEDKKYRKPAFYVLQKFYEELKRKEQENLYFQSGSHHHHHH
;
_entity_poly.pdbx_strand_id   A,B,C,D,E,F
#
# COMPACT_ATOMS: atom_id res chain seq x y z
N MET A 10 -43.69 -6.07 17.86
CA MET A 10 -42.30 -5.76 17.53
C MET A 10 -41.37 -6.90 17.91
N SER A 11 -41.56 -8.05 17.26
CA SER A 11 -40.85 -9.25 17.71
C SER A 11 -39.35 -9.09 17.53
N ASP A 12 -38.93 -8.41 16.46
CA ASP A 12 -37.52 -8.43 16.13
C ASP A 12 -36.65 -7.74 17.17
N ILE A 13 -37.24 -6.90 18.04
CA ILE A 13 -36.44 -6.23 19.07
C ILE A 13 -36.81 -6.65 20.49
N HIS A 14 -38.00 -7.23 20.71
CA HIS A 14 -38.46 -7.56 22.06
C HIS A 14 -38.49 -9.06 22.36
N LEU A 15 -38.41 -9.94 21.35
CA LEU A 15 -38.36 -11.38 21.60
C LEU A 15 -37.01 -11.74 22.21
N GLU A 16 -37.04 -12.36 23.40
CA GLU A 16 -35.78 -12.71 24.05
C GLU A 16 -35.18 -13.97 23.43
N ASP A 17 -35.91 -15.08 23.45
CA ASP A 17 -35.39 -16.34 22.91
C ASP A 17 -35.80 -16.44 21.44
N TYR A 18 -35.06 -15.71 20.59
CA TYR A 18 -35.36 -15.64 19.17
C TYR A 18 -34.91 -16.88 18.40
N THR A 19 -34.15 -17.78 19.02
CA THR A 19 -33.62 -18.94 18.33
C THR A 19 -34.46 -20.20 18.52
N GLU A 20 -35.26 -20.27 19.59
CA GLU A 20 -36.10 -21.45 19.84
C GLU A 20 -36.93 -21.83 18.62
N GLN A 21 -37.46 -20.83 17.89
CA GLN A 21 -38.24 -21.13 16.70
C GLN A 21 -37.43 -21.88 15.64
N TYR A 22 -36.09 -21.80 15.66
CA TYR A 22 -35.28 -22.47 14.67
C TYR A 22 -34.75 -23.82 15.12
N GLU A 23 -35.09 -24.26 16.34
CA GLU A 23 -34.71 -25.59 16.82
C GLU A 23 -35.65 -26.64 16.25
N THR A 24 -35.53 -26.87 14.94
CA THR A 24 -36.33 -27.86 14.23
C THR A 24 -35.70 -28.11 12.86
N GLY A 25 -36.18 -29.13 12.18
CA GLY A 25 -35.64 -29.45 10.86
C GLY A 25 -34.19 -29.87 10.86
N PHE A 26 -33.75 -30.58 11.90
CA PHE A 26 -32.32 -30.80 12.10
C PHE A 26 -31.75 -31.72 11.05
N ALA A 27 -30.56 -31.37 10.56
CA ALA A 27 -29.71 -32.36 9.92
C ALA A 27 -28.94 -33.10 11.00
N THR A 28 -29.05 -34.44 10.98
CA THR A 28 -28.42 -35.31 11.97
C THR A 28 -27.85 -36.52 11.24
N VAL A 29 -27.27 -37.47 11.99
CA VAL A 29 -26.84 -38.72 11.34
C VAL A 29 -28.01 -39.38 10.63
N ASP A 30 -29.21 -39.35 11.23
CA ASP A 30 -30.37 -40.03 10.64
C ASP A 30 -30.82 -39.40 9.33
N THR A 31 -30.33 -38.22 9.00
CA THR A 31 -30.75 -37.59 7.77
C THR A 31 -29.69 -37.66 6.68
N MET A 32 -28.49 -38.14 6.99
CA MET A 32 -27.42 -38.27 6.00
C MET A 32 -27.79 -39.30 4.93
N ILE A 33 -27.27 -39.11 3.72
CA ILE A 33 -27.36 -40.14 2.69
C ILE A 33 -25.98 -40.47 2.16
N PHE A 34 -25.83 -41.72 1.71
CA PHE A 34 -24.56 -42.19 1.17
C PHE A 34 -24.28 -41.51 -0.16
N GLU A 35 -23.05 -41.02 -0.34
CA GLU A 35 -22.73 -40.21 -1.50
C GLU A 35 -21.90 -40.93 -2.56
N GLY A 36 -21.31 -42.07 -2.23
CA GLY A 36 -20.40 -42.73 -3.13
C GLY A 36 -20.98 -42.96 -4.51
N GLY A 37 -20.26 -42.51 -5.53
CA GLY A 37 -20.71 -42.69 -6.89
C GLY A 37 -21.77 -41.71 -7.36
N ARG A 38 -22.33 -40.90 -6.47
CA ARG A 38 -23.45 -40.05 -6.84
C ARG A 38 -22.98 -38.80 -7.58
N ARG A 39 -23.69 -38.44 -8.65
CA ARG A 39 -23.46 -37.18 -9.32
C ARG A 39 -24.00 -36.03 -8.47
N GLU A 40 -23.22 -34.96 -8.36
CA GLU A 40 -23.64 -33.81 -7.55
C GLU A 40 -23.40 -32.50 -8.29
N GLU A 41 -24.39 -31.61 -8.22
CA GLU A 41 -24.22 -30.23 -8.62
C GLU A 41 -23.92 -29.41 -7.37
N LEU A 42 -22.88 -28.59 -7.41
CA LEU A 42 -22.48 -27.81 -6.25
C LEU A 42 -23.08 -26.41 -6.27
N LEU A 43 -23.18 -25.81 -5.09
CA LEU A 43 -23.50 -24.41 -4.94
C LEU A 43 -22.27 -23.59 -4.56
N ASN A 44 -21.08 -24.19 -4.64
CA ASN A 44 -19.84 -23.44 -4.52
C ASN A 44 -19.85 -22.26 -5.48
N GLY A 45 -19.20 -21.17 -5.09
CA GLY A 45 -19.11 -20.01 -5.93
C GLY A 45 -19.27 -18.75 -5.12
N GLY A 46 -19.59 -17.67 -5.82
CA GLY A 46 -19.80 -16.39 -5.15
C GLY A 46 -21.18 -16.27 -4.55
N TRP A 47 -21.26 -16.02 -3.24
CA TRP A 47 -22.51 -15.74 -2.55
C TRP A 47 -22.50 -14.30 -2.04
N HIS A 48 -23.61 -13.61 -2.19
CA HIS A 48 -23.73 -12.30 -1.56
C HIS A 48 -23.82 -12.48 -0.06
N TYR A 49 -23.23 -11.57 0.70
CA TYR A 49 -23.13 -11.80 2.13
C TYR A 49 -23.12 -10.48 2.89
N ALA A 50 -23.44 -10.59 4.19
CA ALA A 50 -23.39 -9.51 5.16
C ALA A 50 -22.77 -10.05 6.44
N VAL A 51 -22.14 -9.16 7.19
CA VAL A 51 -21.70 -9.46 8.54
C VAL A 51 -22.89 -9.16 9.45
N ASP A 52 -23.36 -10.16 10.18
CA ASP A 52 -24.57 -9.99 10.97
C ASP A 52 -24.23 -10.16 12.45
N GLN A 53 -23.56 -9.15 13.01
CA GLN A 53 -23.00 -9.25 14.34
C GLN A 53 -24.07 -9.55 15.40
N TYR A 54 -25.24 -8.91 15.28
CA TYR A 54 -26.30 -9.05 16.26
C TYR A 54 -27.36 -10.06 15.85
N ASP A 55 -27.09 -10.89 14.83
CA ASP A 55 -28.00 -11.95 14.39
C ASP A 55 -29.32 -11.32 13.91
N THR A 56 -29.22 -10.12 13.35
CA THR A 56 -30.42 -9.38 12.94
C THR A 56 -31.26 -10.17 11.94
N CYS A 57 -30.63 -11.01 11.12
CA CYS A 57 -31.37 -11.71 10.09
C CYS A 57 -32.32 -12.73 10.70
N LEU A 58 -31.89 -13.42 11.76
CA LEU A 58 -32.77 -14.37 12.42
C LEU A 58 -33.90 -13.68 13.18
N ARG A 59 -33.68 -12.45 13.66
CA ARG A 59 -34.72 -11.71 14.36
C ARG A 59 -35.72 -11.06 13.41
N GLN A 60 -35.20 -10.39 12.35
CA GLN A 60 -36.03 -9.67 11.39
C GLN A 60 -36.52 -10.57 10.27
N LYS A 61 -35.90 -11.73 10.09
CA LYS A 61 -36.32 -12.71 9.09
C LYS A 61 -36.19 -12.14 7.68
N TRP A 62 -34.96 -11.72 7.35
CA TRP A 62 -34.66 -11.13 6.05
C TRP A 62 -35.04 -12.07 4.91
N TYR A 63 -35.02 -13.37 5.15
CA TYR A 63 -35.28 -14.33 4.08
C TYR A 63 -36.72 -14.25 3.60
N LYS A 64 -37.63 -13.64 4.37
CA LYS A 64 -39.00 -13.49 3.88
C LYS A 64 -39.12 -12.44 2.78
N GLU A 65 -38.20 -11.46 2.71
CA GLU A 65 -38.16 -10.44 1.64
C GLU A 65 -39.45 -9.61 1.61
N ARG A 66 -39.89 -9.20 2.80
CA ARG A 66 -41.05 -8.33 2.95
C ARG A 66 -40.63 -6.89 2.63
N TYR A 67 -40.87 -6.46 1.40
CA TYR A 67 -40.48 -5.11 0.99
C TYR A 67 -41.63 -4.11 1.05
N ARG A 68 -42.88 -4.59 1.09
CA ARG A 68 -44.05 -3.72 1.20
C ARG A 68 -44.97 -4.25 2.28
N ASP A 69 -45.73 -3.34 2.89
CA ASP A 69 -46.75 -3.77 3.85
C ASP A 69 -48.06 -4.08 3.12
N GLU A 70 -49.07 -4.39 3.91
CA GLU A 70 -50.32 -4.93 3.38
C GLU A 70 -51.10 -3.89 2.60
N LYS A 71 -50.89 -2.61 2.88
CA LYS A 71 -51.51 -1.54 2.12
C LYS A 71 -50.54 -0.91 1.10
N GLY A 72 -49.46 -1.61 0.76
CA GLY A 72 -48.67 -1.28 -0.40
C GLY A 72 -47.57 -0.25 -0.22
N PHE A 73 -47.38 0.27 1.00
CA PHE A 73 -46.24 1.13 1.27
C PHE A 73 -44.95 0.33 1.32
N THR A 74 -43.86 0.87 0.74
CA THR A 74 -42.55 0.29 1.03
C THR A 74 -42.23 0.47 2.51
N VAL A 75 -41.53 -0.49 3.09
CA VAL A 75 -41.09 -0.40 4.48
C VAL A 75 -39.56 -0.35 4.49
N PRO A 76 -38.94 0.30 5.47
CA PRO A 76 -37.48 0.32 5.55
C PRO A 76 -36.93 -1.09 5.77
N ILE A 77 -35.82 -1.40 5.10
CA ILE A 77 -35.18 -2.68 5.30
C ILE A 77 -33.69 -2.47 5.57
N ASP A 78 -33.09 -3.49 6.16
CA ASP A 78 -31.73 -3.41 6.64
C ASP A 78 -30.80 -4.33 5.85
N TYR A 79 -31.18 -4.67 4.62
CA TYR A 79 -30.38 -5.57 3.80
C TYR A 79 -30.68 -5.29 2.33
N SER A 80 -29.76 -5.70 1.47
CA SER A 80 -29.92 -5.55 0.02
C SER A 80 -29.20 -6.75 -0.61
N PHE A 81 -29.94 -7.85 -0.76
CA PHE A 81 -29.33 -9.15 -1.11
C PHE A 81 -28.45 -9.04 -2.36
N ASP A 82 -29.03 -8.62 -3.47
CA ASP A 82 -28.28 -8.64 -4.71
C ASP A 82 -27.17 -7.61 -4.76
N GLU A 83 -27.23 -6.58 -3.92
CA GLU A 83 -26.23 -5.51 -3.93
C GLU A 83 -25.20 -5.64 -2.82
N TRP A 84 -25.32 -6.68 -1.98
CA TRP A 84 -24.31 -6.99 -0.98
C TRP A 84 -22.98 -7.32 -1.65
N PRO A 85 -21.87 -7.13 -0.95
CA PRO A 85 -20.59 -7.68 -1.44
C PRO A 85 -20.66 -9.20 -1.57
N VAL A 86 -19.62 -9.79 -2.13
CA VAL A 86 -19.63 -11.19 -2.51
C VAL A 86 -18.47 -11.92 -1.87
N MET A 87 -18.75 -13.10 -1.34
CA MET A 87 -17.72 -13.98 -0.80
C MET A 87 -17.78 -15.32 -1.50
N GLN A 88 -16.61 -15.83 -1.88
CA GLN A 88 -16.49 -17.16 -2.48
C GLN A 88 -16.60 -18.20 -1.38
N LEU A 89 -17.61 -19.05 -1.46
CA LEU A 89 -17.84 -20.23 -0.65
C LEU A 89 -17.52 -21.47 -1.47
N PRO A 90 -16.90 -22.49 -0.84
CA PRO A 90 -16.67 -22.50 0.61
C PRO A 90 -15.33 -21.89 1.04
N CYS A 91 -15.24 -21.48 2.31
CA CYS A 91 -14.03 -20.89 2.90
C CYS A 91 -14.25 -20.74 4.40
N SER A 92 -13.14 -20.70 5.16
CA SER A 92 -13.18 -20.13 6.49
C SER A 92 -13.19 -18.62 6.34
N TRP A 93 -14.25 -17.95 6.80
CA TRP A 93 -14.28 -16.52 6.53
C TRP A 93 -13.11 -15.80 7.18
N ASN A 94 -12.47 -16.40 8.19
CA ASN A 94 -11.42 -15.72 8.93
C ASN A 94 -10.19 -15.44 8.08
N THR A 95 -9.92 -16.29 7.08
CA THR A 95 -8.74 -16.14 6.23
C THR A 95 -9.04 -15.33 4.99
N ILE A 96 -10.28 -14.87 4.84
CA ILE A 96 -10.67 -14.17 3.62
C ILE A 96 -10.25 -12.69 3.65
N ASP A 97 -10.11 -12.10 4.83
CA ASP A 97 -9.82 -10.68 5.02
C ASP A 97 -9.36 -10.46 6.46
N PRO A 98 -8.35 -9.64 6.70
CA PRO A 98 -7.92 -9.39 8.09
C PRO A 98 -9.04 -8.92 8.99
N MET A 99 -10.05 -8.25 8.44
CA MET A 99 -11.18 -7.75 9.20
C MET A 99 -12.00 -8.90 9.82
N TYR A 100 -11.93 -10.08 9.25
CA TYR A 100 -12.69 -11.22 9.71
C TYR A 100 -11.84 -12.24 10.47
N LEU A 101 -10.52 -12.03 10.59
CA LEU A 101 -9.68 -13.02 11.24
C LEU A 101 -10.23 -13.39 12.62
N LEU A 102 -10.62 -12.38 13.40
CA LEU A 102 -11.11 -12.53 14.76
C LEU A 102 -12.63 -12.40 14.86
N TYR A 103 -13.34 -12.52 13.74
CA TYR A 103 -14.78 -12.41 13.79
C TYR A 103 -15.39 -13.79 13.96
N GLU A 104 -16.17 -13.95 15.00
CA GLU A 104 -16.77 -15.24 15.29
C GLU A 104 -18.26 -15.09 15.60
N GLY A 105 -18.88 -14.03 15.09
CA GLY A 105 -20.32 -13.88 15.13
C GLY A 105 -20.96 -14.56 13.94
N SER A 106 -22.07 -13.98 13.48
CA SER A 106 -22.78 -14.55 12.37
C SER A 106 -22.48 -13.81 11.06
N MET A 107 -22.47 -14.56 9.97
CA MET A 107 -22.52 -14.00 8.64
C MET A 107 -23.69 -14.64 7.92
N VAL A 108 -24.29 -13.90 6.98
CA VAL A 108 -25.44 -14.36 6.21
C VAL A 108 -25.02 -14.44 4.75
N PHE A 109 -25.27 -15.57 4.11
CA PHE A 109 -24.90 -15.79 2.73
C PHE A 109 -26.14 -16.09 1.90
N THR A 110 -26.23 -15.51 0.70
CA THR A 110 -27.34 -15.81 -0.19
C THR A 110 -26.90 -15.82 -1.65
N ARG A 111 -27.63 -16.60 -2.45
CA ARG A 111 -27.39 -16.72 -3.89
C ARG A 111 -28.64 -17.33 -4.51
N LYS A 112 -28.64 -17.42 -5.83
CA LYS A 112 -29.77 -17.97 -6.57
C LYS A 112 -29.33 -19.20 -7.35
N PHE A 113 -30.30 -20.05 -7.69
CA PHE A 113 -30.06 -21.17 -8.59
C PHE A 113 -31.39 -21.62 -9.19
N SER A 114 -31.30 -22.18 -10.38
CA SER A 114 -32.47 -22.65 -11.10
C SER A 114 -32.57 -24.16 -10.97
N TYR A 115 -33.81 -24.66 -11.00
CA TYR A 115 -34.05 -26.08 -10.80
C TYR A 115 -35.07 -26.58 -11.80
N ILE A 116 -34.69 -27.61 -12.56
CA ILE A 116 -35.58 -28.28 -13.50
C ILE A 116 -35.39 -29.79 -13.32
N ALA A 117 -36.49 -30.48 -13.00
CA ALA A 117 -36.45 -31.93 -12.78
C ALA A 117 -36.72 -32.65 -14.09
N GLU A 118 -35.74 -33.40 -14.56
CA GLU A 118 -35.91 -34.19 -15.77
C GLU A 118 -36.69 -35.47 -15.54
N ARG A 119 -36.89 -35.87 -14.28
CA ARG A 119 -37.59 -37.09 -13.90
C ARG A 119 -37.97 -36.94 -12.43
N GLU A 120 -38.89 -37.79 -11.99
CA GLU A 120 -39.28 -37.83 -10.58
C GLU A 120 -38.07 -38.03 -9.67
N GLU A 121 -37.86 -37.13 -8.73
CA GLU A 121 -36.63 -37.20 -7.94
C GLU A 121 -36.78 -36.46 -6.61
N THR A 122 -36.01 -36.90 -5.63
CA THR A 122 -35.82 -36.25 -4.34
C THR A 122 -34.51 -35.48 -4.36
N VAL A 123 -34.46 -34.32 -3.69
CA VAL A 123 -33.30 -33.44 -3.73
C VAL A 123 -32.85 -33.09 -2.32
N PHE A 124 -31.58 -33.36 -2.03
CA PHE A 124 -30.95 -33.04 -0.77
C PHE A 124 -30.00 -31.86 -0.93
N LEU A 125 -29.99 -30.98 0.06
CA LEU A 125 -28.91 -30.01 0.23
C LEU A 125 -27.89 -30.59 1.20
N LYS A 126 -26.62 -30.61 0.79
CA LYS A 126 -25.50 -31.00 1.65
C LYS A 126 -24.64 -29.77 1.90
N VAL A 127 -24.47 -29.42 3.17
CA VAL A 127 -23.44 -28.48 3.58
C VAL A 127 -22.31 -29.32 4.17
N GLY A 128 -21.15 -29.32 3.51
CA GLY A 128 -20.08 -30.26 3.85
C GLY A 128 -19.52 -30.07 5.24
N ALA A 129 -19.44 -28.82 5.70
CA ALA A 129 -19.28 -28.50 7.12
C ALA A 129 -19.51 -27.01 7.27
N ALA A 130 -19.92 -26.61 8.46
CA ALA A 130 -20.12 -25.20 8.77
C ALA A 130 -20.00 -25.08 10.28
N ASN A 131 -19.11 -24.24 10.75
CA ASN A 131 -18.85 -24.11 12.17
C ASN A 131 -19.33 -22.77 12.66
N TYR A 132 -20.16 -22.74 13.70
CA TYR A 132 -20.66 -23.91 14.44
C TYR A 132 -22.12 -24.24 14.10
N LEU A 133 -22.97 -23.21 13.99
CA LEU A 133 -24.38 -23.39 13.66
C LEU A 133 -24.63 -22.95 12.23
N CYS A 134 -25.51 -23.66 11.54
CA CYS A 134 -25.90 -23.30 10.17
C CYS A 134 -27.40 -23.46 10.05
N ARG A 135 -28.10 -22.36 9.73
CA ARG A 135 -29.55 -22.37 9.53
C ARG A 135 -29.88 -22.09 8.06
N VAL A 136 -30.81 -22.87 7.49
CA VAL A 136 -31.03 -22.94 6.05
C VAL A 136 -32.41 -22.41 5.68
N PHE A 137 -32.46 -21.49 4.71
CA PHE A 137 -33.71 -20.97 4.19
C PHE A 137 -33.72 -21.11 2.68
N LEU A 138 -34.88 -21.45 2.14
CA LEU A 138 -35.04 -21.71 0.71
C LEU A 138 -36.37 -21.09 0.29
N ASN A 139 -36.32 -20.06 -0.55
CA ASN A 139 -37.51 -19.42 -1.11
C ASN A 139 -38.43 -18.89 0.00
N GLY A 140 -37.82 -18.24 0.99
CA GLY A 140 -38.60 -17.63 2.05
C GLY A 140 -39.00 -18.54 3.19
N LYS A 141 -38.70 -19.83 3.11
CA LYS A 141 -39.13 -20.79 4.13
C LYS A 141 -37.93 -21.32 4.91
N TYR A 142 -38.15 -21.64 6.17
CA TYR A 142 -37.08 -22.22 6.98
C TYR A 142 -36.98 -23.71 6.69
N VAL A 143 -35.78 -24.17 6.32
CA VAL A 143 -35.56 -25.58 6.06
C VAL A 143 -35.16 -26.35 7.32
N GLY A 144 -34.23 -25.82 8.10
CA GLY A 144 -33.74 -26.51 9.28
C GLY A 144 -32.34 -26.04 9.59
N MET A 145 -31.69 -26.71 10.55
CA MET A 145 -30.37 -26.28 11.00
C MET A 145 -29.45 -27.47 11.27
N HIS A 146 -28.18 -27.15 11.50
CA HIS A 146 -27.19 -28.13 11.92
C HIS A 146 -26.37 -27.60 13.09
N ARG A 147 -26.18 -28.45 14.09
CA ARG A 147 -25.35 -28.16 15.25
C ARG A 147 -24.11 -29.04 15.17
N GLY A 148 -22.93 -28.43 15.36
CA GLY A 148 -21.65 -29.13 15.21
C GLY A 148 -20.81 -28.70 14.01
N GLY A 149 -19.55 -28.33 14.24
CA GLY A 149 -18.77 -27.60 13.25
C GLY A 149 -18.00 -28.36 12.19
N SER A 150 -17.90 -29.69 12.29
CA SER A 150 -16.90 -30.39 11.47
C SER A 150 -17.49 -31.59 10.72
N THR A 151 -18.80 -31.64 10.56
CA THR A 151 -19.46 -32.80 10.01
C THR A 151 -20.48 -32.36 8.97
N PRO A 152 -20.71 -33.18 7.95
CA PRO A 152 -21.62 -32.78 6.87
C PRO A 152 -23.09 -32.87 7.29
N ALA A 153 -23.87 -31.88 6.84
CA ALA A 153 -25.29 -31.75 7.16
C ALA A 153 -26.13 -31.96 5.89
N PHE A 154 -27.18 -32.76 6.01
CA PHE A 154 -28.06 -33.07 4.88
C PHE A 154 -29.50 -32.69 5.23
N TRP A 155 -30.18 -32.01 4.31
CA TRP A 155 -31.60 -31.70 4.45
C TRP A 155 -32.31 -32.03 3.15
N ASN A 156 -33.51 -32.60 3.26
CA ASN A 156 -34.35 -32.89 2.10
C ASN A 156 -35.10 -31.62 1.69
N ILE A 157 -34.75 -31.05 0.54
CA ILE A 157 -35.33 -29.80 0.11
C ILE A 157 -36.30 -30.00 -1.07
N THR A 158 -36.70 -31.24 -1.33
CA THR A 158 -37.64 -31.54 -2.41
C THR A 158 -38.90 -30.67 -2.36
N GLU A 159 -39.55 -30.59 -1.18
CA GLU A 159 -40.80 -29.85 -1.09
C GLU A 159 -40.61 -28.35 -1.18
N TYR A 160 -39.37 -27.86 -1.19
CA TYR A 160 -39.16 -26.42 -1.20
C TYR A 160 -38.78 -25.86 -2.55
N LEU A 161 -38.46 -26.69 -3.54
CA LEU A 161 -37.82 -26.16 -4.74
C LEU A 161 -38.85 -25.53 -5.65
N LYS A 162 -38.46 -24.42 -6.29
CA LYS A 162 -39.16 -23.75 -7.38
C LYS A 162 -38.29 -23.82 -8.63
N ALA A 163 -38.83 -23.34 -9.76
CA ALA A 163 -38.02 -23.21 -10.97
C ALA A 163 -36.85 -22.25 -10.74
N GLU A 164 -37.10 -21.12 -10.07
CA GLU A 164 -36.06 -20.18 -9.67
C GLU A 164 -35.98 -20.14 -8.15
N ASN A 165 -34.78 -20.24 -7.60
CA ASN A 165 -34.62 -20.43 -6.16
C ASN A 165 -33.67 -19.39 -5.56
N ARG A 166 -33.97 -18.99 -4.32
CA ARG A 166 -33.04 -18.23 -3.48
C ARG A 166 -32.81 -19.00 -2.20
N ILE A 167 -31.56 -19.31 -1.92
CA ILE A 167 -31.16 -20.00 -0.71
C ILE A 167 -30.41 -19.00 0.14
N VAL A 168 -30.65 -19.04 1.45
CA VAL A 168 -29.96 -18.21 2.43
C VAL A 168 -29.36 -19.12 3.50
N LEU A 169 -28.09 -18.89 3.81
CA LEU A 169 -27.41 -19.59 4.90
C LEU A 169 -26.96 -18.57 5.95
N ALA A 170 -27.51 -18.65 7.16
CA ALA A 170 -27.02 -17.90 8.31
C ALA A 170 -26.14 -18.83 9.15
N VAL A 171 -24.87 -18.46 9.33
CA VAL A 171 -23.87 -19.32 9.94
C VAL A 171 -23.27 -18.55 11.10
N ASP A 172 -23.37 -19.12 12.29
CA ASP A 172 -22.94 -18.50 13.54
C ASP A 172 -21.68 -19.21 14.03
N GLY A 173 -20.60 -18.47 14.15
CA GLY A 173 -19.35 -18.99 14.70
C GLY A 173 -19.25 -18.87 16.21
N THR A 174 -20.32 -18.47 16.86
CA THR A 174 -20.25 -18.14 18.28
C THR A 174 -19.85 -19.36 19.11
N ARG A 175 -18.90 -19.16 20.03
CA ARG A 175 -18.45 -20.19 20.96
C ARG A 175 -19.32 -20.17 22.23
N ARG A 176 -19.67 -21.36 22.74
CA ARG A 176 -20.56 -21.49 23.89
C ARG A 176 -20.11 -22.64 24.80
N PRO A 177 -20.09 -22.44 26.12
CA PRO A 177 -19.63 -23.51 27.03
C PRO A 177 -20.37 -24.83 26.86
N GLU A 178 -21.65 -24.81 26.50
CA GLU A 178 -22.42 -26.03 26.36
C GLU A 178 -22.25 -26.71 25.01
N GLN A 179 -21.44 -26.14 24.12
CA GLN A 179 -21.28 -26.72 22.78
C GLN A 179 -20.17 -27.78 22.80
N VAL A 180 -20.00 -28.43 21.66
CA VAL A 180 -18.99 -29.48 21.52
C VAL A 180 -18.11 -29.14 20.31
N PRO A 181 -16.97 -28.48 20.50
CA PRO A 181 -16.24 -28.14 21.73
C PRO A 181 -16.87 -27.02 22.56
N THR A 182 -16.35 -26.78 23.76
CA THR A 182 -16.73 -25.63 24.55
C THR A 182 -16.05 -24.38 24.01
N GLU A 183 -16.19 -23.27 24.74
CA GLU A 183 -15.59 -22.03 24.28
C GLU A 183 -14.07 -21.97 24.48
N ASN A 184 -13.48 -22.91 25.23
CA ASN A 184 -12.03 -22.97 25.50
C ASN A 184 -11.46 -24.23 24.84
N THR A 185 -10.64 -24.03 23.81
CA THR A 185 -9.87 -25.08 23.18
C THR A 185 -8.45 -24.59 23.01
N ASP A 186 -7.58 -25.43 22.45
CA ASP A 186 -6.23 -24.98 22.08
C ASP A 186 -6.05 -24.90 20.58
N TRP A 187 -7.11 -24.55 19.83
CA TRP A 187 -6.97 -24.34 18.39
C TRP A 187 -7.88 -23.20 17.96
N PHE A 188 -7.68 -22.75 16.72
CA PHE A 188 -8.27 -21.49 16.26
C PHE A 188 -9.74 -21.70 15.86
N ASN A 189 -10.57 -20.71 16.16
CA ASN A 189 -12.00 -20.77 15.84
C ASN A 189 -12.26 -20.29 14.41
N TYR A 190 -12.02 -21.18 13.45
CA TYR A 190 -12.36 -20.90 12.06
C TYR A 190 -13.85 -21.10 11.85
N CYS A 191 -14.50 -20.11 11.25
CA CYS A 191 -15.95 -20.04 11.18
C CYS A 191 -16.42 -19.99 9.72
N GLY A 192 -17.70 -20.33 9.50
CA GLY A 192 -18.30 -20.23 8.18
C GLY A 192 -18.51 -21.58 7.53
N VAL A 193 -18.89 -21.53 6.26
CA VAL A 193 -19.20 -22.71 5.45
C VAL A 193 -17.94 -23.04 4.68
N TYR A 194 -17.20 -24.07 5.12
CA TYR A 194 -15.82 -24.26 4.66
C TYR A 194 -15.59 -25.60 3.96
N ARG A 195 -16.63 -26.40 3.69
CA ARG A 195 -16.55 -27.56 2.82
C ARG A 195 -17.68 -27.45 1.79
N ASP A 196 -17.65 -28.31 0.77
CA ASP A 196 -18.54 -28.13 -0.39
C ASP A 196 -20.02 -28.07 -0.03
N ILE A 197 -20.73 -27.19 -0.72
CA ILE A 197 -22.19 -27.15 -0.67
C ILE A 197 -22.72 -27.82 -1.94
N ALA A 198 -23.51 -28.89 -1.76
CA ALA A 198 -23.94 -29.74 -2.86
C ALA A 198 -25.45 -29.83 -2.95
N LEU A 199 -25.94 -29.99 -4.18
CA LEU A 199 -27.30 -30.44 -4.45
C LEU A 199 -27.22 -31.85 -4.98
N ILE A 200 -28.02 -32.76 -4.41
CA ILE A 200 -27.92 -34.19 -4.70
C ILE A 200 -29.29 -34.73 -5.09
N ARG A 201 -29.40 -35.20 -6.32
CA ARG A 201 -30.65 -35.72 -6.87
C ARG A 201 -30.65 -37.24 -6.75
N VAL A 202 -31.70 -37.79 -6.18
CA VAL A 202 -31.77 -39.24 -5.98
C VAL A 202 -33.18 -39.71 -6.28
N PRO A 203 -33.33 -41.00 -6.58
CA PRO A 203 -34.69 -41.59 -6.64
C PRO A 203 -35.38 -41.46 -5.28
N LYS A 204 -36.70 -41.30 -5.32
CA LYS A 204 -37.43 -41.16 -4.06
C LYS A 204 -37.16 -42.34 -3.14
N CYS A 205 -37.04 -43.54 -3.71
CA CYS A 205 -36.49 -44.70 -3.02
C CYS A 205 -35.01 -44.85 -3.38
N HIS A 206 -34.14 -44.50 -2.47
CA HIS A 206 -32.72 -44.51 -2.75
C HIS A 206 -31.98 -45.26 -1.65
N ILE A 207 -30.76 -45.69 -2.00
CA ILE A 207 -29.84 -46.33 -1.06
C ILE A 207 -29.34 -45.28 -0.09
N LYS A 208 -29.68 -45.44 1.18
CA LYS A 208 -29.45 -44.39 2.18
C LYS A 208 -28.17 -44.59 2.98
N THR A 209 -27.83 -45.82 3.31
CA THR A 209 -26.55 -46.13 3.92
C THR A 209 -26.02 -47.36 3.22
N PHE A 210 -24.69 -47.40 3.09
CA PHE A 210 -24.00 -48.56 2.55
C PHE A 210 -22.71 -48.72 3.33
N LYS A 211 -22.58 -49.86 4.02
CA LYS A 211 -21.43 -50.18 4.83
C LYS A 211 -20.84 -51.50 4.34
N ILE A 212 -19.51 -51.56 4.26
CA ILE A 212 -18.84 -52.78 3.81
C ILE A 212 -17.49 -52.87 4.49
N ALA A 213 -17.14 -54.09 4.94
CA ALA A 213 -15.94 -54.30 5.75
C ALA A 213 -15.57 -55.77 5.74
N LEU A 214 -14.28 -56.05 5.88
CA LEU A 214 -13.83 -57.39 6.27
C LEU A 214 -14.40 -57.77 7.62
N VAL A 215 -14.94 -58.99 7.75
CA VAL A 215 -15.40 -59.40 9.09
C VAL A 215 -14.18 -59.61 9.99
N PRO A 216 -14.12 -58.98 11.17
CA PRO A 216 -12.92 -59.14 12.03
C PRO A 216 -12.97 -60.41 12.86
N ASP A 217 -12.88 -61.56 12.18
CA ASP A 217 -12.89 -62.85 12.87
C ASP A 217 -11.57 -63.60 12.73
N GLY A 218 -10.52 -62.94 12.26
CA GLY A 218 -9.19 -63.52 12.15
C GLY A 218 -8.99 -64.45 10.97
N THR A 219 -9.99 -64.62 10.10
CA THR A 219 -9.84 -65.54 8.97
C THR A 219 -9.56 -64.83 7.65
N PHE A 220 -9.83 -63.52 7.57
CA PHE A 220 -9.63 -62.72 6.35
C PHE A 220 -10.33 -63.33 5.15
N GLY A 221 -11.43 -64.06 5.40
CA GLY A 221 -12.12 -64.71 4.31
C GLY A 221 -13.58 -64.36 4.22
N HIS A 222 -14.07 -63.49 5.12
CA HIS A 222 -15.48 -63.10 5.14
C HIS A 222 -15.64 -61.58 5.03
N VAL A 223 -16.60 -61.17 4.20
CA VAL A 223 -16.93 -59.76 3.99
C VAL A 223 -18.40 -59.57 4.36
N MET A 224 -18.66 -58.57 5.19
CA MET A 224 -20.01 -58.15 5.52
C MET A 224 -20.37 -56.87 4.75
N ALA A 225 -21.66 -56.73 4.45
CA ALA A 225 -22.17 -55.55 3.75
C ALA A 225 -23.60 -55.29 4.16
N LYS A 226 -23.91 -54.03 4.46
CA LYS A 226 -25.22 -53.63 4.95
C LYS A 226 -25.76 -52.46 4.11
N VAL A 227 -27.07 -52.50 3.86
CA VAL A 227 -27.75 -51.50 3.04
C VAL A 227 -29.03 -51.11 3.75
N THR A 228 -29.34 -49.80 3.75
CA THR A 228 -30.68 -49.35 4.12
C THR A 228 -31.21 -48.42 3.04
N LEU A 229 -32.54 -48.35 2.94
CA LEU A 229 -33.21 -47.56 1.92
C LEU A 229 -33.92 -46.37 2.54
N SER A 230 -34.21 -45.39 1.67
CA SER A 230 -35.01 -44.22 2.06
C SER A 230 -36.43 -44.60 2.48
N GLU A 231 -36.90 -45.79 2.11
CA GLU A 231 -38.26 -46.22 2.39
C GLU A 231 -38.26 -47.62 3.00
N LYS A 232 -39.20 -47.86 3.92
CA LYS A 232 -39.28 -49.10 4.66
C LYS A 232 -39.94 -50.20 3.85
N ILE A 233 -39.43 -50.44 2.63
CA ILE A 233 -40.00 -51.41 1.72
C ILE A 233 -39.19 -52.71 1.72
N THR A 234 -39.69 -53.68 0.97
CA THR A 234 -39.04 -54.97 0.78
C THR A 234 -38.57 -55.03 -0.67
N ALA A 235 -37.29 -55.26 -0.86
CA ALA A 235 -36.67 -55.27 -2.19
C ALA A 235 -35.34 -56.01 -2.09
N LYS A 236 -34.72 -56.24 -3.24
CA LYS A 236 -33.41 -56.88 -3.32
C LYS A 236 -32.40 -55.90 -3.89
N ALA A 237 -31.28 -55.75 -3.19
CA ALA A 237 -30.13 -55.01 -3.71
C ALA A 237 -29.10 -56.00 -4.23
N GLU A 238 -28.24 -55.51 -5.11
CA GLU A 238 -27.17 -56.34 -5.68
C GLU A 238 -25.82 -55.68 -5.46
N LEU A 239 -24.92 -56.39 -4.78
CA LEU A 239 -23.56 -55.96 -4.56
C LEU A 239 -22.65 -56.60 -5.58
N VAL A 240 -21.80 -55.80 -6.21
CA VAL A 240 -20.88 -56.27 -7.24
C VAL A 240 -19.47 -55.81 -6.90
N ILE A 241 -18.54 -56.75 -6.83
CA ILE A 241 -17.11 -56.45 -6.79
C ILE A 241 -16.48 -57.30 -7.88
N GLU A 242 -16.22 -56.70 -9.04
CA GLU A 242 -15.82 -57.50 -10.19
C GLU A 242 -14.47 -58.15 -9.97
N GLU A 243 -13.45 -57.36 -9.61
CA GLU A 243 -12.10 -57.90 -9.45
C GLU A 243 -12.06 -59.12 -8.55
N LEU A 244 -13.04 -59.31 -7.67
CA LEU A 244 -13.10 -60.46 -6.78
C LEU A 244 -14.17 -61.47 -7.19
N GLY A 245 -14.77 -61.32 -8.36
CA GLY A 245 -15.84 -62.21 -8.79
C GLY A 245 -17.00 -62.31 -7.82
N VAL A 246 -17.32 -61.24 -7.11
CA VAL A 246 -18.43 -61.22 -6.18
C VAL A 246 -19.64 -60.60 -6.87
N SER A 247 -20.79 -61.27 -6.74
CA SER A 247 -22.07 -60.70 -7.18
C SER A 247 -23.14 -61.37 -6.33
N ARG A 248 -23.52 -60.71 -5.25
CA ARG A 248 -24.48 -61.23 -4.30
C ARG A 248 -25.72 -60.35 -4.29
N LYS A 249 -26.88 -60.97 -4.16
CA LYS A 249 -28.10 -60.23 -3.94
C LYS A 249 -28.29 -60.09 -2.45
N ILE A 250 -28.73 -58.90 -2.03
CA ILE A 250 -29.02 -58.63 -0.63
C ILE A 250 -30.53 -58.49 -0.50
N GLN A 251 -31.11 -59.23 0.44
CA GLN A 251 -32.54 -59.16 0.70
C GLN A 251 -32.80 -58.10 1.76
N LEU A 252 -33.59 -57.10 1.40
CA LEU A 252 -33.94 -56.01 2.30
C LEU A 252 -35.39 -56.18 2.73
N GLU A 253 -35.64 -56.06 4.03
CA GLU A 253 -36.99 -56.12 4.59
C GLU A 253 -37.23 -54.88 5.41
N ASN A 254 -38.29 -54.14 5.05
CA ASN A 254 -38.61 -52.87 5.70
C ASN A 254 -37.41 -51.91 5.63
N GLY A 255 -36.77 -51.86 4.46
CA GLY A 255 -35.72 -50.92 4.19
C GLY A 255 -34.31 -51.33 4.57
N ALA A 256 -34.11 -52.47 5.24
CA ALA A 256 -32.76 -52.83 5.68
C ALA A 256 -32.46 -54.28 5.36
N GLY A 257 -31.19 -54.55 5.05
CA GLY A 257 -30.75 -55.90 4.79
C GLY A 257 -29.26 -56.03 4.95
N GLU A 258 -28.83 -57.27 5.23
CA GLU A 258 -27.43 -57.61 5.47
C GLU A 258 -27.02 -58.83 4.67
N VAL A 259 -25.72 -58.98 4.52
CA VAL A 259 -25.16 -60.21 3.96
C VAL A 259 -23.72 -60.36 4.44
N VAL A 260 -23.37 -61.57 4.84
CA VAL A 260 -21.98 -61.98 4.94
C VAL A 260 -21.72 -62.93 3.77
N PHE A 261 -20.54 -62.85 3.18
CA PHE A 261 -20.19 -63.75 2.09
C PHE A 261 -18.69 -64.01 2.10
N ASP A 262 -18.28 -65.00 1.31
CA ASP A 262 -16.88 -65.41 1.23
C ASP A 262 -16.16 -64.63 0.16
N ALA A 263 -14.92 -64.25 0.46
CA ALA A 263 -14.04 -63.56 -0.46
C ALA A 263 -12.68 -63.49 0.20
N LYS A 264 -11.63 -63.52 -0.61
CA LYS A 264 -10.26 -63.47 -0.10
C LYS A 264 -9.55 -62.32 -0.81
N PRO A 265 -9.85 -61.08 -0.41
CA PRO A 265 -9.14 -59.94 -1.00
C PRO A 265 -7.75 -59.78 -0.41
N GLU A 266 -6.87 -59.17 -1.19
CA GLU A 266 -5.58 -58.76 -0.66
C GLU A 266 -5.78 -57.72 0.44
N LEU A 267 -5.15 -57.95 1.60
CA LEU A 267 -5.45 -57.15 2.78
C LEU A 267 -4.72 -55.81 2.74
N TRP A 268 -5.48 -54.73 2.93
CA TRP A 268 -4.96 -53.37 2.89
C TRP A 268 -3.91 -53.14 3.98
N THR A 269 -2.82 -52.47 3.61
CA THR A 269 -1.81 -51.97 4.54
C THR A 269 -1.32 -50.60 4.06
N PRO A 270 -0.76 -49.80 4.95
CA PRO A 270 -0.10 -48.55 4.49
C PRO A 270 0.92 -48.80 3.40
N GLU A 271 1.62 -49.95 3.49
CA GLU A 271 2.67 -50.29 2.53
C GLU A 271 2.07 -50.76 1.21
N LYS A 272 1.08 -51.64 1.24
CA LYS A 272 0.28 -51.93 0.04
C LYS A 272 -1.17 -51.57 0.32
N PRO A 273 -1.59 -50.34 -0.02
CA PRO A 273 -2.97 -49.86 0.16
C PRO A 273 -3.93 -50.35 -0.92
N LYS A 274 -4.17 -51.66 -0.93
CA LYS A 274 -5.00 -52.26 -1.98
C LYS A 274 -6.46 -51.82 -1.82
N LEU A 275 -7.05 -51.37 -2.92
CA LEU A 275 -8.42 -50.85 -2.94
C LEU A 275 -9.18 -51.51 -4.08
N TYR A 276 -10.44 -51.86 -3.80
CA TYR A 276 -11.33 -52.55 -4.71
C TYR A 276 -12.52 -51.66 -5.04
N ASP A 277 -12.95 -51.70 -6.30
CA ASP A 277 -14.16 -50.99 -6.71
C ASP A 277 -15.39 -51.82 -6.37
N VAL A 278 -16.39 -51.15 -5.78
CA VAL A 278 -17.59 -51.79 -5.27
C VAL A 278 -18.79 -51.02 -5.80
N LYS A 279 -19.82 -51.75 -6.23
CA LYS A 279 -21.04 -51.14 -6.76
C LYS A 279 -22.26 -51.83 -6.17
N VAL A 280 -23.26 -51.02 -5.81
CA VAL A 280 -24.50 -51.54 -5.29
C VAL A 280 -25.65 -50.86 -6.06
N THR A 281 -26.66 -51.66 -6.39
CA THR A 281 -27.82 -51.23 -7.15
C THR A 281 -29.08 -51.74 -6.46
N CYS A 282 -30.14 -50.96 -6.59
CA CYS A 282 -31.42 -51.33 -6.00
C CYS A 282 -32.51 -50.46 -6.62
N GLY A 283 -33.51 -51.06 -7.26
CA GLY A 283 -34.45 -50.24 -8.01
C GLY A 283 -33.72 -49.44 -9.06
N THR A 284 -34.11 -48.17 -9.24
CA THR A 284 -33.40 -47.31 -10.18
C THR A 284 -32.22 -46.58 -9.54
N ASP A 285 -31.79 -47.00 -8.34
CA ASP A 285 -30.64 -46.38 -7.70
C ASP A 285 -29.40 -47.23 -7.87
N THR A 286 -28.26 -46.57 -7.77
CA THR A 286 -26.93 -47.15 -7.92
C THR A 286 -25.98 -46.29 -7.10
N VAL A 287 -25.20 -46.93 -6.23
CA VAL A 287 -24.13 -46.23 -5.52
C VAL A 287 -22.87 -47.05 -5.70
N SER A 288 -21.76 -46.45 -5.29
CA SER A 288 -20.50 -47.15 -5.51
C SER A 288 -19.48 -46.64 -4.50
N ASP A 289 -18.49 -47.48 -4.23
CA ASP A 289 -17.44 -47.06 -3.33
C ASP A 289 -16.14 -47.68 -3.79
N ARG A 290 -15.07 -47.27 -3.14
CA ARG A 290 -13.73 -47.76 -3.39
C ARG A 290 -13.14 -48.05 -2.02
N VAL A 291 -13.00 -49.32 -1.65
CA VAL A 291 -12.71 -49.68 -0.27
C VAL A 291 -11.57 -50.69 -0.21
N GLY A 292 -10.93 -50.71 0.96
CA GLY A 292 -9.92 -51.70 1.27
C GLY A 292 -10.44 -52.66 2.34
N PHE A 293 -9.80 -53.82 2.49
CA PHE A 293 -10.21 -54.82 3.47
C PHE A 293 -9.06 -55.09 4.40
N ARG A 294 -9.33 -55.01 5.69
CA ARG A 294 -8.26 -55.14 6.66
C ARG A 294 -8.89 -55.45 8.01
N GLU A 295 -8.12 -56.15 8.85
CA GLU A 295 -8.57 -56.43 10.20
C GLU A 295 -7.77 -55.60 11.17
N ILE A 296 -8.47 -54.91 12.06
CA ILE A 296 -7.83 -54.24 13.18
C ILE A 296 -8.45 -54.80 14.46
N ARG A 297 -7.60 -55.36 15.33
CA ARG A 297 -8.00 -55.99 16.58
C ARG A 297 -6.95 -55.72 17.63
N VAL A 298 -7.35 -55.89 18.88
CA VAL A 298 -6.45 -55.82 20.03
C VAL A 298 -6.44 -57.17 20.73
N ASN A 299 -5.25 -57.62 21.14
CA ASN A 299 -5.13 -58.85 21.93
C ASN A 299 -4.15 -58.59 23.07
N GLY A 300 -4.65 -58.57 24.30
CA GLY A 300 -3.81 -58.17 25.41
C GLY A 300 -3.16 -56.83 25.14
N ARG A 301 -1.83 -56.79 25.08
CA ARG A 301 -1.14 -55.53 24.86
C ARG A 301 -0.86 -55.23 23.41
N ASP A 302 -1.17 -56.15 22.50
CA ASP A 302 -0.84 -55.98 21.09
C ASP A 302 -1.96 -55.30 20.31
N ILE A 303 -1.59 -54.45 19.37
CA ILE A 303 -2.48 -53.97 18.32
C ILE A 303 -2.25 -54.84 17.09
N LEU A 304 -3.29 -55.52 16.61
CA LEU A 304 -3.16 -56.49 15.52
C LEU A 304 -3.76 -55.92 14.24
N LEU A 305 -2.91 -55.73 13.22
CA LEU A 305 -3.36 -55.37 11.88
C LEU A 305 -3.16 -56.58 10.98
N ASN A 306 -4.25 -57.10 10.42
CA ASN A 306 -4.22 -58.31 9.61
C ASN A 306 -3.48 -59.45 10.33
N GLY A 307 -3.80 -59.63 11.61
CA GLY A 307 -3.25 -60.71 12.41
C GLY A 307 -1.89 -60.45 13.02
N GLU A 308 -1.12 -59.49 12.51
CA GLU A 308 0.25 -59.14 12.92
C GLU A 308 0.26 -57.98 13.92
N PRO A 309 1.07 -58.08 14.97
CA PRO A 309 1.27 -56.91 15.84
C PRO A 309 2.02 -55.81 15.10
N VAL A 310 1.65 -54.56 15.41
CA VAL A 310 2.23 -53.40 14.75
C VAL A 310 2.65 -52.40 15.82
N PHE A 311 3.65 -51.60 15.49
CA PHE A 311 3.91 -50.38 16.22
C PHE A 311 3.53 -49.21 15.31
N LEU A 312 2.72 -48.30 15.83
CA LEU A 312 2.21 -47.18 15.04
C LEU A 312 3.19 -46.02 15.15
N ARG A 313 3.95 -45.79 14.07
CA ARG A 313 4.85 -44.63 14.00
C ARG A 313 4.03 -43.45 13.48
N GLY A 314 3.64 -42.56 14.40
CA GLY A 314 2.61 -41.59 14.13
C GLY A 314 3.09 -40.16 14.29
N ILE A 315 2.22 -39.26 13.83
CA ILE A 315 2.31 -37.84 14.08
C ILE A 315 0.86 -37.36 14.23
N SER A 316 0.66 -36.36 15.06
CA SER A 316 -0.63 -35.70 15.14
C SER A 316 -0.73 -34.56 14.11
N CYS A 317 -1.96 -34.22 13.75
CA CYS A 317 -2.17 -33.21 12.71
C CYS A 317 -3.49 -32.47 12.92
N HIS A 318 -3.43 -31.14 12.92
CA HIS A 318 -4.63 -30.33 12.90
C HIS A 318 -5.03 -30.03 11.46
N GLU A 319 -6.25 -29.54 11.29
CA GLU A 319 -6.74 -29.10 9.98
C GLU A 319 -6.54 -27.60 9.89
N ASP A 320 -5.31 -27.20 9.56
CA ASP A 320 -4.92 -25.80 9.57
C ASP A 320 -4.12 -25.44 8.33
N SER A 321 -4.28 -24.19 7.89
CA SER A 321 -3.61 -23.70 6.69
C SER A 321 -3.49 -22.19 6.81
N VAL A 322 -2.30 -21.66 6.48
CA VAL A 322 -2.11 -20.21 6.50
C VAL A 322 -3.11 -19.52 5.58
N GLU A 323 -3.22 -20.02 4.35
CA GLU A 323 -4.08 -19.40 3.34
C GLU A 323 -5.54 -19.66 3.61
N ASN A 324 -5.87 -20.88 4.01
CA ASN A 324 -7.21 -21.39 3.85
C ASN A 324 -7.87 -21.73 5.17
N GLY A 325 -7.22 -21.46 6.29
CA GLY A 325 -7.86 -21.73 7.57
C GLY A 325 -8.10 -23.23 7.74
N LYS A 326 -9.36 -23.59 8.02
CA LYS A 326 -9.77 -24.99 8.12
C LYS A 326 -10.17 -25.59 6.76
N GLY A 327 -10.44 -24.75 5.76
CA GLY A 327 -10.81 -25.25 4.44
C GLY A 327 -9.61 -25.66 3.61
N LEU A 328 -8.91 -26.70 4.08
CA LEU A 328 -7.71 -27.14 3.38
C LEU A 328 -8.07 -27.60 1.97
N THR A 329 -7.12 -27.47 1.05
CA THR A 329 -7.30 -27.97 -0.29
C THR A 329 -6.92 -29.44 -0.37
N ARG A 330 -7.28 -30.04 -1.49
CA ARG A 330 -6.81 -31.39 -1.81
C ARG A 330 -5.28 -31.45 -1.79
N GLU A 331 -4.61 -30.44 -2.35
CA GLU A 331 -3.15 -30.52 -2.40
C GLU A 331 -2.54 -30.35 -1.02
N GLU A 332 -3.17 -29.55 -0.15
CA GLU A 332 -2.68 -29.44 1.22
C GLU A 332 -2.86 -30.76 1.98
N ARG A 333 -3.97 -31.47 1.76
CA ARG A 333 -4.15 -32.79 2.34
C ARG A 333 -3.05 -33.74 1.87
N ILE A 334 -2.83 -33.80 0.56
CA ILE A 334 -1.79 -34.66 0.01
C ILE A 334 -0.44 -34.30 0.60
N GLU A 335 -0.11 -33.01 0.66
CA GLU A 335 1.14 -32.58 1.27
C GLU A 335 1.28 -33.14 2.67
N ASN A 336 0.20 -33.12 3.44
CA ASN A 336 0.28 -33.55 4.82
C ASN A 336 0.66 -35.04 4.91
N ILE A 337 0.00 -35.86 4.09
CA ILE A 337 0.29 -37.29 4.06
C ILE A 337 1.72 -37.51 3.59
N ARG A 338 2.09 -36.84 2.50
CA ARG A 338 3.42 -37.00 1.93
C ARG A 338 4.50 -36.64 2.95
N ILE A 339 4.31 -35.55 3.69
CA ILE A 339 5.32 -35.19 4.67
C ILE A 339 5.34 -36.16 5.83
N ALA A 340 4.17 -36.68 6.24
CA ALA A 340 4.15 -37.66 7.33
C ALA A 340 4.93 -38.91 6.94
N LYS A 341 4.81 -39.34 5.68
CA LYS A 341 5.53 -40.52 5.22
C LYS A 341 7.03 -40.25 5.09
N GLU A 342 7.41 -39.06 4.62
CA GLU A 342 8.80 -38.66 4.65
C GLU A 342 9.35 -38.71 6.06
N LEU A 343 8.52 -38.38 7.04
CA LEU A 343 8.88 -38.51 8.44
C LEU A 343 9.02 -39.96 8.87
N GLY A 344 8.57 -40.91 8.06
CA GLY A 344 8.62 -42.31 8.42
C GLY A 344 7.37 -42.81 9.11
N CYS A 345 6.27 -42.07 9.01
CA CYS A 345 5.01 -42.41 9.66
C CYS A 345 4.23 -43.48 8.91
N ASN A 346 3.69 -44.44 9.66
CA ASN A 346 2.64 -45.31 9.15
C ASN A 346 1.26 -44.93 9.69
N PHE A 347 1.19 -43.88 10.49
CA PHE A 347 0.01 -43.59 11.29
C PHE A 347 -0.09 -42.08 11.50
N MET A 348 -1.32 -41.59 11.62
CA MET A 348 -1.56 -40.16 11.81
C MET A 348 -2.78 -39.99 12.68
N ARG A 349 -2.65 -39.21 13.74
CA ARG A 349 -3.77 -38.80 14.56
C ARG A 349 -4.33 -37.49 14.02
N LEU A 350 -5.56 -37.53 13.52
CA LEU A 350 -6.27 -36.33 13.06
C LEU A 350 -7.01 -35.73 14.25
N ALA A 351 -6.47 -34.64 14.79
CA ALA A 351 -7.03 -33.96 15.95
C ALA A 351 -7.77 -32.69 15.53
N HIS A 352 -8.72 -32.25 16.37
CA HIS A 352 -9.37 -32.95 17.50
C HIS A 352 -10.85 -33.14 17.13
N TYR A 353 -11.12 -33.17 15.83
CA TYR A 353 -12.45 -33.04 15.23
C TYR A 353 -12.39 -33.74 13.88
N PRO A 354 -13.53 -34.05 13.29
CA PRO A 354 -13.51 -34.64 11.94
C PRO A 354 -12.89 -33.69 10.93
N HIS A 355 -11.81 -34.13 10.30
CA HIS A 355 -11.27 -33.45 9.15
C HIS A 355 -12.14 -33.72 7.94
N ASN A 356 -11.83 -33.04 6.83
CA ASN A 356 -12.52 -33.27 5.56
C ASN A 356 -12.47 -34.76 5.21
N GLU A 357 -13.59 -35.32 4.75
CA GLU A 357 -13.65 -36.74 4.45
C GLU A 357 -12.65 -37.17 3.39
N GLU A 358 -12.12 -36.22 2.59
CA GLU A 358 -11.11 -36.57 1.61
C GLU A 358 -9.80 -36.97 2.27
N MET A 359 -9.56 -36.56 3.51
CA MET A 359 -8.35 -37.01 4.20
C MET A 359 -8.28 -38.55 4.22
N ALA A 360 -9.32 -39.20 4.75
CA ALA A 360 -9.33 -40.66 4.84
C ALA A 360 -9.38 -41.30 3.45
N LYS A 361 -9.98 -40.64 2.47
CA LYS A 361 -9.92 -41.17 1.11
C LYS A 361 -8.50 -41.14 0.57
N LEU A 362 -7.77 -40.05 0.78
CA LEU A 362 -6.39 -40.04 0.32
C LEU A 362 -5.54 -41.01 1.14
N ALA A 363 -5.78 -41.09 2.45
CA ALA A 363 -5.09 -42.09 3.27
C ALA A 363 -5.40 -43.51 2.79
N ASP A 364 -6.65 -43.77 2.42
CA ASP A 364 -6.98 -45.00 1.71
C ASP A 364 -6.06 -45.22 0.51
N GLU A 365 -5.81 -44.16 -0.25
CA GLU A 365 -5.12 -44.35 -1.52
C GLU A 365 -3.61 -44.39 -1.35
N LEU A 366 -3.05 -43.50 -0.55
CA LEU A 366 -1.60 -43.37 -0.48
C LEU A 366 -1.00 -44.24 0.60
N GLY A 367 -1.80 -44.79 1.49
CA GLY A 367 -1.34 -45.73 2.51
C GLY A 367 -0.94 -45.10 3.82
N LEU A 368 -1.94 -44.72 4.62
CA LEU A 368 -1.66 -44.20 5.96
C LEU A 368 -2.79 -44.56 6.91
N LEU A 369 -2.43 -45.16 8.06
CA LEU A 369 -3.41 -45.51 9.06
C LEU A 369 -3.83 -44.27 9.85
N LEU A 370 -5.11 -44.20 10.22
CA LEU A 370 -5.66 -42.99 10.78
C LEU A 370 -6.39 -43.21 12.10
N TRP A 371 -6.37 -42.18 12.91
CA TRP A 371 -7.18 -42.01 14.12
C TRP A 371 -8.04 -40.77 13.91
N GLU A 372 -9.36 -40.93 14.10
CA GLU A 372 -10.30 -39.83 13.96
C GLU A 372 -11.00 -39.59 15.28
N GLU A 373 -11.44 -38.34 15.50
CA GLU A 373 -11.79 -37.90 16.83
C GLU A 373 -12.91 -36.86 16.74
N ILE A 374 -13.67 -36.74 17.82
CA ILE A 374 -14.68 -35.69 17.96
C ILE A 374 -14.26 -34.72 19.05
N PRO A 375 -14.61 -33.44 18.94
CA PRO A 375 -14.10 -32.42 19.86
C PRO A 375 -14.69 -32.46 21.27
N VAL A 376 -14.82 -33.65 21.87
CA VAL A 376 -15.17 -33.75 23.28
C VAL A 376 -13.89 -33.47 24.06
N TYR A 377 -13.65 -32.20 24.33
CA TYR A 377 -12.33 -31.66 24.60
C TYR A 377 -12.37 -30.81 25.87
N TRP A 378 -11.44 -31.05 26.78
CA TRP A 378 -11.34 -30.34 28.07
C TRP A 378 -12.68 -30.35 28.81
N ALA A 379 -13.22 -29.19 29.20
CA ALA A 379 -14.25 -29.08 30.23
C ALA A 379 -15.68 -29.08 29.67
N ILE A 380 -15.96 -30.08 28.81
CA ILE A 380 -17.29 -30.34 28.29
C ILE A 380 -18.35 -30.35 29.39
N ARG A 381 -19.53 -29.80 29.10
CA ARG A 381 -20.63 -29.82 30.07
C ARG A 381 -21.24 -31.23 30.17
N PHE A 382 -20.50 -32.15 30.79
CA PHE A 382 -20.86 -33.57 30.81
C PHE A 382 -22.20 -33.85 31.49
N GLU A 383 -22.70 -32.95 32.32
CA GLU A 383 -23.95 -33.21 33.03
C GLU A 383 -25.18 -32.84 32.20
N ARG A 384 -24.99 -32.14 31.09
CA ARG A 384 -26.09 -31.53 30.36
C ARG A 384 -26.55 -32.47 29.24
N GLU A 385 -27.81 -32.88 29.30
CA GLU A 385 -28.31 -33.92 28.40
C GLU A 385 -28.24 -33.49 26.95
N LYS A 386 -28.52 -32.22 26.64
CA LYS A 386 -28.45 -31.78 25.25
C LYS A 386 -27.01 -31.69 24.76
N THR A 387 -26.06 -31.45 25.65
CA THR A 387 -24.65 -31.54 25.25
C THR A 387 -24.28 -32.99 24.90
N TYR A 388 -24.81 -33.98 25.63
CA TYR A 388 -24.58 -35.36 25.21
C TYR A 388 -25.21 -35.64 23.85
N GLU A 389 -26.41 -35.10 23.62
CA GLU A 389 -27.10 -35.36 22.36
C GLU A 389 -26.31 -34.79 21.19
N ASP A 390 -25.71 -33.62 21.39
CA ASP A 390 -24.83 -33.04 20.38
C ASP A 390 -23.59 -33.90 20.16
N ALA A 391 -22.91 -34.29 21.25
CA ALA A 391 -21.70 -35.10 21.10
C ALA A 391 -21.99 -36.43 20.42
N GLN A 392 -23.07 -37.12 20.84
CA GLN A 392 -23.32 -38.44 20.27
C GLN A 392 -23.65 -38.32 18.80
N ASN A 393 -24.37 -37.27 18.42
CA ASN A 393 -24.73 -37.11 17.03
C ASN A 393 -23.49 -36.85 16.17
N GLN A 394 -22.60 -35.98 16.65
CA GLN A 394 -21.37 -35.74 15.90
C GLN A 394 -20.58 -37.03 15.72
N LEU A 395 -20.47 -37.83 16.81
CA LEU A 395 -19.75 -39.09 16.75
C LEU A 395 -20.33 -40.01 15.69
N ARG A 396 -21.66 -40.13 15.67
CA ARG A 396 -22.32 -41.02 14.71
C ARG A 396 -22.29 -40.43 13.30
N GLU A 397 -22.38 -39.10 13.18
CA GLU A 397 -22.12 -38.49 11.87
C GLU A 397 -20.75 -38.88 11.36
N LEU A 398 -19.72 -38.79 12.23
CA LEU A 398 -18.37 -39.17 11.82
C LEU A 398 -18.32 -40.63 11.39
N ILE A 399 -18.88 -41.52 12.20
CA ILE A 399 -18.74 -42.96 11.96
C ILE A 399 -19.48 -43.35 10.69
N ASN A 400 -20.70 -42.83 10.49
CA ASN A 400 -21.42 -43.14 9.27
C ASN A 400 -20.72 -42.57 8.04
N ARG A 401 -20.14 -41.38 8.15
CA ARG A 401 -19.48 -40.77 7.00
C ARG A 401 -18.28 -41.58 6.54
N ASP A 402 -17.52 -42.12 7.48
CA ASP A 402 -16.23 -42.72 7.17
C ASP A 402 -16.23 -44.24 7.35
N TRP A 403 -17.41 -44.87 7.43
CA TRP A 403 -17.50 -46.28 7.77
C TRP A 403 -16.67 -47.16 6.83
N ASN A 404 -16.53 -46.76 5.57
CA ASN A 404 -15.93 -47.58 4.54
C ASN A 404 -14.45 -47.27 4.30
N ARG A 405 -13.81 -46.54 5.20
CA ARG A 405 -12.43 -46.10 4.99
C ARG A 405 -11.48 -47.09 5.70
N ALA A 406 -10.85 -47.97 4.91
CA ALA A 406 -9.91 -48.93 5.49
C ALA A 406 -8.78 -48.23 6.25
N SER A 407 -8.40 -47.02 5.83
CA SER A 407 -7.34 -46.29 6.50
C SER A 407 -7.62 -46.06 7.98
N VAL A 408 -8.89 -45.84 8.33
CA VAL A 408 -9.24 -45.44 9.69
C VAL A 408 -9.41 -46.69 10.55
N ILE A 409 -8.64 -46.77 11.63
CA ILE A 409 -8.66 -47.94 12.49
C ILE A 409 -9.10 -47.62 13.90
N ILE A 410 -9.11 -46.35 14.31
CA ILE A 410 -9.50 -45.98 15.67
C ILE A 410 -10.45 -44.79 15.63
N TRP A 411 -11.55 -44.88 16.40
CA TRP A 411 -12.36 -43.73 16.79
C TRP A 411 -11.97 -43.28 18.19
N SER A 412 -11.82 -41.97 18.38
CA SER A 412 -11.53 -41.39 19.68
C SER A 412 -12.72 -40.56 20.14
N VAL A 413 -13.19 -40.80 21.36
CA VAL A 413 -14.39 -40.13 21.82
C VAL A 413 -14.05 -38.86 22.62
N GLY A 414 -12.80 -38.44 22.64
CA GLY A 414 -12.47 -37.23 23.36
C GLY A 414 -11.00 -37.17 23.74
N ASN A 415 -10.66 -36.12 24.51
CA ASN A 415 -9.28 -35.73 24.72
C ASN A 415 -9.15 -34.89 25.97
N GLU A 416 -8.28 -35.32 26.89
CA GLU A 416 -7.87 -34.56 28.08
C GLU A 416 -9.06 -34.02 28.88
N ASN A 417 -9.89 -34.93 29.37
CA ASN A 417 -11.01 -34.57 30.22
C ASN A 417 -10.77 -35.07 31.63
N ALA A 418 -11.22 -34.30 32.61
CA ALA A 418 -11.02 -34.67 34.01
C ALA A 418 -11.83 -35.92 34.39
N ASP A 419 -11.23 -36.73 35.28
CA ASP A 419 -11.73 -38.03 35.71
C ASP A 419 -12.81 -37.85 36.78
N THR A 420 -13.94 -37.28 36.37
CA THR A 420 -15.09 -37.05 37.23
C THR A 420 -16.18 -38.07 36.93
N ASP A 421 -17.17 -38.13 37.83
CA ASP A 421 -18.28 -39.08 37.66
C ASP A 421 -19.10 -38.76 36.43
N GLU A 422 -19.47 -37.50 36.24
CA GLU A 422 -20.31 -37.17 35.11
C GLU A 422 -19.55 -37.29 33.78
N ARG A 423 -18.23 -37.08 33.79
CA ARG A 423 -17.46 -37.33 32.56
C ARG A 423 -17.41 -38.81 32.24
N LEU A 424 -17.32 -39.65 33.30
CA LEU A 424 -17.26 -41.10 33.11
C LEU A 424 -18.57 -41.64 32.55
N LYS A 425 -19.69 -41.22 33.12
CA LYS A 425 -20.98 -41.61 32.55
C LYS A 425 -21.08 -41.18 31.09
N PHE A 426 -20.66 -39.94 30.81
CA PHE A 426 -20.81 -39.35 29.49
C PHE A 426 -19.94 -40.07 28.45
N MET A 427 -18.63 -40.17 28.73
CA MET A 427 -17.72 -40.67 27.72
C MET A 427 -17.72 -42.19 27.62
N SER A 428 -18.05 -42.92 28.70
CA SER A 428 -18.16 -44.36 28.56
C SER A 428 -19.38 -44.75 27.73
N VAL A 429 -20.46 -43.97 27.81
CA VAL A 429 -21.60 -44.23 26.94
C VAL A 429 -21.27 -43.85 25.50
N LEU A 430 -20.37 -42.87 25.29
CA LEU A 430 -19.89 -42.58 23.93
C LEU A 430 -19.07 -43.73 23.37
N ALA A 431 -18.16 -44.30 24.17
CA ALA A 431 -17.41 -45.45 23.70
C ALA A 431 -18.33 -46.61 23.35
N GLU A 432 -19.31 -46.90 24.21
CA GLU A 432 -20.31 -47.91 23.90
C GLU A 432 -21.03 -47.59 22.59
N CYS A 433 -21.47 -46.35 22.42
CA CYS A 433 -22.10 -45.93 21.17
C CYS A 433 -21.23 -46.23 19.96
N ALA A 434 -19.93 -45.91 20.04
CA ALA A 434 -19.05 -46.17 18.90
C ALA A 434 -18.97 -47.66 18.58
N HIS A 435 -18.90 -48.50 19.62
CA HIS A 435 -18.88 -49.95 19.39
C HIS A 435 -20.18 -50.45 18.77
N ARG A 436 -21.32 -49.87 19.15
CA ARG A 436 -22.58 -50.30 18.55
C ARG A 436 -22.68 -49.87 17.09
N GLU A 437 -22.13 -48.71 16.74
CA GLU A 437 -22.22 -48.21 15.37
C GLU A 437 -21.15 -48.79 14.46
N ASP A 438 -20.06 -49.34 15.00
CA ASP A 438 -18.98 -49.87 14.17
C ASP A 438 -18.35 -51.02 14.95
N GLU A 439 -18.67 -52.26 14.56
CA GLU A 439 -18.08 -53.41 15.23
C GLU A 439 -16.64 -53.70 14.78
N THR A 440 -16.12 -52.96 13.79
CA THR A 440 -14.87 -53.32 13.14
C THR A 440 -13.65 -52.60 13.69
N ARG A 441 -13.83 -51.41 14.28
CA ARG A 441 -12.70 -50.57 14.60
C ARG A 441 -12.49 -50.48 16.11
N MET A 442 -11.27 -50.09 16.48
CA MET A 442 -10.93 -49.87 17.88
C MET A 442 -11.38 -48.48 18.34
N VAL A 443 -11.77 -48.40 19.61
CA VAL A 443 -12.28 -47.19 20.23
C VAL A 443 -11.28 -46.73 21.28
N SER A 444 -10.95 -45.43 21.27
CA SER A 444 -9.97 -44.93 22.22
C SER A 444 -10.34 -43.53 22.66
N ALA A 445 -9.42 -42.89 23.36
CA ALA A 445 -9.49 -41.49 23.76
C ALA A 445 -8.13 -41.09 24.29
N ALA A 446 -7.78 -39.81 24.11
CA ALA A 446 -6.62 -39.28 24.80
C ALA A 446 -6.99 -39.07 26.26
N CYS A 447 -6.50 -39.92 27.14
CA CYS A 447 -6.67 -39.66 28.56
C CYS A 447 -5.45 -38.91 29.11
N LEU A 448 -5.64 -38.42 30.33
CA LEU A 448 -4.65 -37.69 31.09
C LEU A 448 -3.88 -38.64 32.00
N VAL A 449 -2.72 -38.19 32.44
CA VAL A 449 -1.93 -38.91 33.45
C VAL A 449 -2.38 -38.45 34.82
N ASN A 450 -2.67 -39.41 35.70
CA ASN A 450 -2.94 -39.10 37.09
C ASN A 450 -1.74 -38.38 37.68
N ALA A 451 -1.90 -37.09 37.97
CA ALA A 451 -0.74 -36.29 38.38
C ALA A 451 -0.31 -36.62 39.80
N ALA A 452 -1.27 -36.90 40.70
CA ALA A 452 -0.95 -37.24 42.08
C ALA A 452 0.03 -38.41 42.17
N LYS A 453 -0.20 -39.46 41.40
CA LYS A 453 0.60 -40.67 41.48
C LYS A 453 1.69 -40.75 40.43
N ASN A 454 1.65 -39.88 39.42
CA ASN A 454 2.47 -40.02 38.22
C ASN A 454 2.31 -41.42 37.62
N LYS A 455 1.04 -41.73 37.32
CA LYS A 455 0.66 -43.07 36.92
C LYS A 455 -0.44 -42.96 35.87
N ILE A 456 -0.40 -43.87 34.90
CA ILE A 456 -1.51 -44.02 33.98
C ILE A 456 -2.70 -44.55 34.77
N GLU A 457 -3.63 -43.67 35.14
CA GLU A 457 -4.76 -44.11 35.96
C GLU A 457 -5.97 -43.23 35.67
N ASP A 458 -7.00 -43.83 35.08
CA ASP A 458 -8.16 -43.09 34.61
C ASP A 458 -9.29 -44.09 34.46
N ARG A 459 -10.40 -43.85 35.14
CA ARG A 459 -11.52 -44.80 35.12
C ARG A 459 -12.03 -45.04 33.71
N LEU A 460 -11.84 -44.09 32.78
CA LEU A 460 -12.38 -44.29 31.45
C LEU A 460 -11.68 -45.43 30.72
N MET A 461 -10.45 -45.75 31.10
CA MET A 461 -9.64 -46.65 30.29
C MET A 461 -10.25 -48.04 30.19
N GLU A 462 -11.02 -48.44 31.21
CA GLU A 462 -11.68 -49.74 31.16
C GLU A 462 -12.59 -49.89 29.94
N TYR A 463 -13.15 -48.78 29.43
CA TYR A 463 -14.11 -48.84 28.34
C TYR A 463 -13.45 -48.66 26.97
N LEU A 464 -12.12 -48.54 26.92
CA LEU A 464 -11.43 -48.30 25.67
C LEU A 464 -10.72 -49.57 25.22
N ASP A 465 -10.68 -49.79 23.90
CA ASP A 465 -9.85 -50.86 23.35
C ASP A 465 -8.37 -50.53 23.47
N ILE A 466 -8.01 -49.27 23.22
CA ILE A 466 -6.62 -48.78 23.25
C ILE A 466 -6.57 -47.57 24.16
N ILE A 467 -5.48 -47.41 24.91
CA ILE A 467 -5.33 -46.27 25.81
C ILE A 467 -4.49 -45.19 25.13
N GLY A 468 -5.02 -43.98 25.05
CA GLY A 468 -4.28 -42.83 24.57
C GLY A 468 -3.82 -41.99 25.75
N ILE A 469 -2.56 -41.56 25.72
CA ILE A 469 -1.99 -40.81 26.82
C ILE A 469 -1.30 -39.55 26.29
N ASN A 470 -1.67 -38.41 26.85
CA ASN A 470 -0.95 -37.16 26.60
C ASN A 470 -0.03 -36.91 27.78
N GLU A 471 1.27 -36.81 27.52
CA GLU A 471 2.20 -36.40 28.55
C GLU A 471 3.24 -35.46 27.94
N TYR A 472 3.68 -34.51 28.74
CA TYR A 472 4.57 -33.45 28.31
C TYR A 472 5.76 -33.31 29.26
N CYS A 473 6.40 -34.45 29.52
CA CYS A 473 7.61 -34.46 30.33
C CYS A 473 8.71 -33.72 29.60
N GLY A 474 9.44 -32.88 30.34
CA GLY A 474 10.38 -31.97 29.72
C GLY A 474 9.76 -30.68 29.24
N TRP A 475 8.45 -30.52 29.38
CA TRP A 475 7.80 -29.30 28.94
C TRP A 475 6.91 -28.78 30.06
N TYR A 476 5.60 -29.09 30.02
CA TYR A 476 4.71 -28.66 31.10
C TYR A 476 5.07 -29.33 32.43
N THR A 477 5.58 -30.56 32.37
CA THR A 477 6.22 -31.23 33.49
C THR A 477 7.71 -31.21 33.20
N PRO A 478 8.43 -30.20 33.70
CA PRO A 478 9.77 -29.91 33.17
C PRO A 478 10.83 -30.93 33.53
N ASP A 479 10.69 -31.64 34.64
CA ASP A 479 11.70 -32.60 35.09
C ASP A 479 11.58 -33.88 34.27
N PHE A 480 12.58 -34.14 33.42
CA PHE A 480 12.58 -35.31 32.57
C PHE A 480 12.54 -36.61 33.36
N ALA A 481 13.01 -36.60 34.61
CA ALA A 481 13.01 -37.83 35.39
C ALA A 481 11.58 -38.35 35.60
N MET A 482 10.57 -37.48 35.51
CA MET A 482 9.18 -37.92 35.66
C MET A 482 8.74 -38.89 34.59
N LEU A 483 9.38 -38.89 33.41
CA LEU A 483 8.92 -39.79 32.35
C LEU A 483 9.29 -41.24 32.61
N PRO A 484 10.55 -41.60 32.89
CA PRO A 484 10.81 -43.01 33.24
C PRO A 484 10.03 -43.46 34.47
N ALA A 485 9.83 -42.57 35.44
CA ALA A 485 9.00 -42.86 36.60
C ALA A 485 7.55 -43.15 36.19
N LEU A 486 6.96 -42.29 35.36
CA LEU A 486 5.59 -42.53 34.90
C LEU A 486 5.44 -43.93 34.31
N MET A 487 6.38 -44.33 33.44
CA MET A 487 6.26 -45.60 32.73
C MET A 487 6.54 -46.80 33.64
N GLU A 488 7.31 -46.60 34.70
CA GLU A 488 7.47 -47.73 35.61
C GLU A 488 6.30 -47.83 36.57
N ASN A 489 5.75 -46.70 37.02
CA ASN A 489 4.60 -46.73 37.92
C ASN A 489 3.36 -47.32 37.29
N SER A 490 3.41 -47.70 36.01
CA SER A 490 2.21 -48.01 35.25
C SER A 490 2.39 -49.38 34.63
N GLN A 491 1.37 -50.23 34.72
CA GLN A 491 1.42 -51.58 34.16
C GLN A 491 0.09 -51.88 33.51
N PRO A 492 -0.22 -51.20 32.41
CA PRO A 492 -1.53 -51.40 31.76
C PRO A 492 -1.63 -52.77 31.13
N ASP A 493 -2.90 -53.22 31.00
CA ASP A 493 -3.27 -54.51 30.44
C ASP A 493 -3.55 -54.45 28.95
N LYS A 494 -3.74 -53.26 28.38
CA LYS A 494 -4.04 -53.07 26.97
C LYS A 494 -2.93 -52.25 26.31
N PRO A 495 -2.94 -52.09 24.97
CA PRO A 495 -1.94 -51.23 24.34
C PRO A 495 -2.14 -49.77 24.71
N VAL A 496 -1.02 -49.06 24.83
CA VAL A 496 -1.02 -47.64 25.09
C VAL A 496 -0.37 -46.94 23.90
N ILE A 497 -1.07 -45.92 23.38
CA ILE A 497 -0.48 -45.00 22.42
C ILE A 497 -0.17 -43.70 23.14
N VAL A 498 1.05 -43.19 22.96
CA VAL A 498 1.38 -41.87 23.48
C VAL A 498 0.83 -40.89 22.47
N THR A 499 -0.36 -40.34 22.75
CA THR A 499 -1.06 -39.55 21.75
C THR A 499 -0.53 -38.13 21.64
N GLU A 500 0.23 -37.66 22.64
CA GLU A 500 0.87 -36.34 22.59
C GLU A 500 2.12 -36.32 23.47
N PHE A 501 3.21 -35.80 22.92
CA PHE A 501 4.28 -35.13 23.66
C PHE A 501 4.86 -34.12 22.71
N GLY A 502 5.72 -33.23 23.21
CA GLY A 502 6.42 -32.30 22.34
C GLY A 502 6.80 -31.05 23.10
N ALA A 503 7.12 -30.00 22.34
CA ALA A 503 7.60 -28.75 22.93
C ALA A 503 7.51 -27.65 21.89
N ASP A 504 7.50 -26.40 22.35
CA ASP A 504 7.45 -25.24 21.47
C ASP A 504 8.82 -24.98 20.85
N ALA A 505 8.83 -24.52 19.60
CA ALA A 505 10.04 -23.99 18.95
C ALA A 505 9.58 -23.00 17.87
N LEU A 506 9.69 -21.70 18.15
CA LEU A 506 9.48 -20.74 17.08
C LEU A 506 10.46 -21.02 15.95
N PRO A 507 10.01 -21.16 14.71
CA PRO A 507 10.96 -21.37 13.59
C PRO A 507 12.15 -20.41 13.63
N HIS A 508 13.35 -20.98 13.48
CA HIS A 508 14.63 -20.27 13.43
C HIS A 508 14.95 -19.53 14.73
N HIS A 509 14.25 -19.87 15.81
CA HIS A 509 14.60 -19.35 17.12
C HIS A 509 15.48 -20.37 17.83
N HIS A 510 16.71 -19.97 18.16
CA HIS A 510 17.70 -20.87 18.69
C HIS A 510 18.14 -20.44 20.08
N GLY A 511 18.65 -21.41 20.82
CA GLY A 511 19.16 -21.18 22.16
C GLY A 511 19.88 -22.43 22.66
N THR A 512 20.16 -22.45 23.96
CA THR A 512 20.69 -23.65 24.59
C THR A 512 19.57 -24.68 24.76
N ILE A 513 19.94 -25.92 25.07
CA ILE A 513 18.91 -26.94 25.29
C ILE A 513 18.02 -26.61 26.48
N SER A 514 18.48 -25.77 27.41
CA SER A 514 17.64 -25.35 28.52
C SER A 514 16.78 -24.12 28.20
N ASP A 515 16.83 -23.58 26.99
CA ASP A 515 16.00 -22.43 26.61
C ASP A 515 14.68 -22.96 26.07
N LYS A 516 13.66 -23.01 26.93
CA LYS A 516 12.36 -23.51 26.49
C LYS A 516 11.77 -22.57 25.46
N GLY A 517 11.34 -23.14 24.33
CA GLY A 517 10.80 -22.36 23.24
C GLY A 517 11.70 -22.26 22.03
N THR A 518 12.93 -22.75 22.13
CA THR A 518 13.89 -22.77 21.03
C THR A 518 13.90 -24.12 20.31
N GLU A 519 14.51 -24.12 19.12
CA GLU A 519 14.65 -25.35 18.36
C GLU A 519 15.48 -26.38 19.13
N GLU A 520 16.56 -25.94 19.78
CA GLU A 520 17.46 -26.87 20.42
C GLU A 520 16.77 -27.60 21.56
N CYS A 521 16.09 -26.84 22.42
CA CYS A 521 15.34 -27.46 23.50
C CYS A 521 14.28 -28.43 22.97
N GLN A 522 13.69 -28.16 21.81
CA GLN A 522 12.63 -29.03 21.31
C GLN A 522 13.22 -30.36 20.85
N ALA A 523 14.37 -30.29 20.17
CA ALA A 523 15.10 -31.49 19.76
C ALA A 523 15.57 -32.29 20.97
N ASP A 524 16.02 -31.59 22.02
CA ASP A 524 16.37 -32.26 23.27
C ASP A 524 15.17 -33.01 23.85
N VAL A 525 14.02 -32.34 23.95
CA VAL A 525 12.83 -33.02 24.45
C VAL A 525 12.56 -34.27 23.64
N TYR A 526 12.67 -34.20 22.31
CA TYR A 526 12.36 -35.40 21.54
C TYR A 526 13.38 -36.51 21.78
N GLU A 527 14.68 -36.15 21.86
CA GLU A 527 15.69 -37.15 22.17
C GLU A 527 15.34 -37.93 23.42
N LYS A 528 15.07 -37.21 24.51
CA LYS A 528 14.81 -37.84 25.80
C LYS A 528 13.45 -38.55 25.84
N GLN A 529 12.47 -38.02 25.12
CA GLN A 529 11.20 -38.72 25.02
C GLN A 529 11.37 -40.05 24.30
N ILE A 530 12.12 -40.05 23.20
CA ILE A 530 12.31 -41.27 22.41
C ILE A 530 13.15 -42.30 23.16
N ALA A 531 14.14 -41.85 23.95
CA ALA A 531 15.02 -42.80 24.60
C ALA A 531 14.27 -43.62 25.66
N THR A 532 13.27 -43.03 26.32
CA THR A 532 12.47 -43.76 27.30
C THR A 532 11.36 -44.55 26.63
N LEU A 533 10.52 -43.87 25.85
CA LEU A 533 9.33 -44.50 25.31
C LEU A 533 9.67 -45.73 24.47
N ARG A 534 10.77 -45.70 23.73
CA ARG A 534 11.09 -46.77 22.80
C ARG A 534 11.25 -48.13 23.48
N ASN A 535 11.49 -48.14 24.80
CA ASN A 535 11.75 -49.39 25.50
C ASN A 535 10.65 -49.75 26.47
N ILE A 536 9.50 -49.12 26.38
CA ILE A 536 8.37 -49.49 27.23
C ILE A 536 7.52 -50.51 26.48
N ASP A 537 7.34 -51.67 27.11
CA ASP A 537 6.75 -52.80 26.41
C ASP A 537 5.33 -52.52 25.93
N TYR A 538 4.51 -51.85 26.76
CA TYR A 538 3.10 -51.68 26.46
C TYR A 538 2.80 -50.47 25.57
N ILE A 539 3.82 -49.69 25.22
CA ILE A 539 3.66 -48.57 24.30
C ILE A 539 3.72 -49.10 22.87
N LYS A 540 2.62 -49.01 22.15
CA LYS A 540 2.52 -49.53 20.80
C LYS A 540 2.37 -48.44 19.74
N GLY A 541 2.47 -47.18 20.13
CA GLY A 541 2.50 -46.13 19.13
C GLY A 541 2.70 -44.78 19.80
N MET A 542 3.07 -43.82 18.96
CA MET A 542 3.18 -42.43 19.40
C MET A 542 2.81 -41.50 18.26
N THR A 543 2.09 -40.43 18.58
CA THR A 543 1.69 -39.41 17.61
C THR A 543 2.13 -38.07 18.19
N PRO A 544 3.42 -37.75 18.11
CA PRO A 544 3.90 -36.53 18.75
C PRO A 544 3.11 -35.33 18.28
N TRP A 545 3.01 -34.35 19.16
CA TRP A 545 2.27 -33.11 18.95
C TRP A 545 3.28 -32.03 18.58
N ILE A 546 3.39 -31.69 17.30
CA ILE A 546 2.42 -31.97 16.27
C ILE A 546 3.17 -31.81 14.93
N LEU A 547 2.51 -32.09 13.80
CA LEU A 547 3.20 -32.06 12.50
C LEU A 547 3.69 -30.66 12.15
N TYR A 548 2.80 -29.66 12.17
CA TYR A 548 3.21 -28.30 11.87
C TYR A 548 2.48 -27.30 12.75
N ASP A 549 3.08 -26.12 12.86
CA ASP A 549 2.51 -25.05 13.66
C ASP A 549 1.11 -24.69 13.18
N PHE A 550 0.23 -24.35 14.12
CA PHE A 550 -1.13 -24.04 13.76
C PHE A 550 -1.62 -22.84 14.57
N ARG A 551 -2.61 -22.15 14.03
CA ARG A 551 -3.20 -21.00 14.70
C ARG A 551 -3.80 -21.42 16.04
N CYS A 552 -3.64 -20.54 17.05
CA CYS A 552 -3.89 -20.87 18.43
C CYS A 552 -4.09 -19.61 19.26
N PRO A 553 -5.33 -19.30 19.64
CA PRO A 553 -5.59 -18.04 20.36
C PRO A 553 -4.99 -17.97 21.75
N ARG A 554 -4.44 -19.05 22.29
CA ARG A 554 -3.95 -19.04 23.67
C ARG A 554 -2.48 -18.66 23.78
N ARG A 555 -1.73 -18.61 22.68
CA ARG A 555 -0.26 -18.43 22.73
C ARG A 555 0.10 -17.02 22.27
N THR A 556 0.26 -16.12 23.23
CA THR A 556 0.44 -14.70 22.96
C THR A 556 1.88 -14.20 23.15
N SER A 557 2.86 -15.09 23.37
CA SER A 557 4.21 -14.61 23.66
C SER A 557 4.96 -14.25 22.37
N LEU A 558 6.04 -13.48 22.54
CA LEU A 558 6.84 -13.08 21.39
C LEU A 558 7.40 -14.28 20.62
N ILE A 559 7.64 -15.42 21.29
CA ILE A 559 8.14 -16.59 20.57
C ILE A 559 7.00 -17.56 20.23
N GLN A 560 5.75 -17.08 20.26
CA GLN A 560 4.62 -17.87 19.81
C GLN A 560 3.87 -17.17 18.69
N LYS A 561 3.44 -15.91 18.93
CA LYS A 561 2.78 -15.08 17.93
C LYS A 561 1.46 -15.69 17.46
N TYR A 562 0.66 -16.20 18.40
CA TYR A 562 -0.71 -16.68 18.13
C TYR A 562 -0.70 -17.96 17.28
N TYR A 563 0.39 -18.71 17.37
CA TYR A 563 0.52 -20.04 16.81
C TYR A 563 0.95 -20.96 17.94
N ASN A 564 0.41 -22.17 17.95
CA ASN A 564 1.03 -23.24 18.72
C ASN A 564 2.30 -23.66 17.98
N ARG A 565 3.45 -23.59 18.66
CA ARG A 565 4.73 -23.77 18.00
C ARG A 565 5.34 -25.16 18.23
N LYS A 566 4.52 -26.15 18.56
CA LYS A 566 5.05 -27.50 18.72
C LYS A 566 5.15 -28.24 17.39
N GLY A 567 4.89 -27.58 16.26
CA GLY A 567 5.06 -28.24 14.99
C GLY A 567 6.48 -28.73 14.81
N LEU A 568 6.61 -29.87 14.12
CA LEU A 568 7.91 -30.28 13.62
C LEU A 568 8.29 -29.48 12.39
N LEU A 569 7.32 -28.91 11.68
CA LEU A 569 7.57 -27.95 10.62
C LEU A 569 6.88 -26.62 10.92
N SER A 570 7.30 -25.58 10.20
CA SER A 570 6.68 -24.28 10.29
C SER A 570 5.26 -24.31 9.73
N GLU A 571 4.52 -23.25 10.03
CA GLU A 571 3.08 -23.25 9.75
C GLU A 571 2.78 -23.31 8.26
N ASP A 572 3.72 -22.91 7.40
CA ASP A 572 3.54 -23.07 5.97
C ASP A 572 4.16 -24.35 5.46
N LYS A 573 4.64 -25.20 6.38
CA LYS A 573 5.25 -26.48 6.10
C LYS A 573 6.46 -26.38 5.15
N LYS A 574 7.08 -25.21 5.04
CA LYS A 574 8.24 -25.08 4.16
C LYS A 574 9.54 -25.38 4.85
N TYR A 575 9.55 -25.43 6.18
CA TYR A 575 10.77 -25.53 6.98
C TYR A 575 10.61 -26.61 8.05
N ARG A 576 11.58 -27.52 8.12
CA ARG A 576 11.62 -28.57 9.14
C ARG A 576 12.53 -28.13 10.27
N LYS A 577 12.01 -28.17 11.49
CA LYS A 577 12.86 -27.90 12.64
C LYS A 577 13.76 -29.11 12.93
N PRO A 578 14.83 -28.92 13.71
CA PRO A 578 15.69 -30.06 14.07
C PRO A 578 14.94 -31.27 14.64
N ALA A 579 13.95 -31.06 15.52
CA ALA A 579 13.28 -32.21 16.12
C ALA A 579 12.61 -33.07 15.05
N PHE A 580 12.22 -32.47 13.92
CA PHE A 580 11.74 -33.26 12.79
C PHE A 580 12.70 -34.40 12.47
N TYR A 581 13.98 -34.06 12.29
CA TYR A 581 14.97 -35.06 11.91
C TYR A 581 15.25 -36.06 13.04
N VAL A 582 15.07 -35.66 14.30
CA VAL A 582 15.18 -36.59 15.42
C VAL A 582 14.12 -37.68 15.32
N LEU A 583 12.84 -37.28 15.26
CA LEU A 583 11.80 -38.30 15.14
C LEU A 583 12.00 -39.13 13.88
N GLN A 584 12.48 -38.52 12.81
CA GLN A 584 12.61 -39.22 11.53
C GLN A 584 13.62 -40.34 11.63
N LYS A 585 14.79 -40.07 12.23
CA LYS A 585 15.80 -41.12 12.32
C LYS A 585 15.30 -42.25 13.21
N PHE A 586 14.50 -41.93 14.23
CA PHE A 586 13.90 -42.99 15.05
C PHE A 586 12.99 -43.87 14.21
N TYR A 587 12.10 -43.25 13.43
CA TYR A 587 11.16 -44.04 12.63
C TYR A 587 11.88 -44.84 11.54
N GLU A 588 12.95 -44.30 10.98
CA GLU A 588 13.72 -45.05 9.99
C GLU A 588 14.43 -46.26 10.60
N GLU A 589 14.88 -46.14 11.84
CA GLU A 589 15.41 -47.30 12.55
C GLU A 589 14.37 -48.39 12.64
N LEU A 590 13.13 -48.03 13.00
CA LEU A 590 12.06 -49.00 13.11
C LEU A 590 11.76 -49.64 11.76
N LYS A 591 11.76 -48.84 10.69
CA LYS A 591 11.44 -49.39 9.39
C LYS A 591 12.51 -50.37 8.94
N ARG A 592 13.77 -50.07 9.24
CA ARG A 592 14.87 -50.95 8.87
C ARG A 592 14.81 -52.26 9.65
N LYS A 593 14.76 -52.17 10.98
CA LYS A 593 14.67 -53.38 11.80
C LYS A 593 13.45 -54.22 11.43
N GLU A 594 12.38 -53.57 10.98
CA GLU A 594 11.20 -54.30 10.49
C GLU A 594 11.55 -55.17 9.30
N GLN A 595 12.37 -54.65 8.37
CA GLN A 595 12.68 -55.41 7.16
C GLN A 595 13.67 -56.54 7.43
N GLU A 596 14.62 -56.32 8.36
CA GLU A 596 15.57 -57.37 8.70
C GLU A 596 14.88 -58.62 9.25
N ASN A 597 13.67 -58.47 9.79
CA ASN A 597 12.88 -59.60 10.26
C ASN A 597 12.17 -60.28 9.10
N MET B 10 -4.13 -28.57 36.65
CA MET B 10 -4.88 -28.63 35.40
C MET B 10 -6.21 -27.85 35.52
N SER B 11 -6.24 -26.96 36.52
CA SER B 11 -7.44 -26.17 36.73
C SER B 11 -7.67 -25.18 35.58
N ASP B 12 -6.59 -24.64 35.03
CA ASP B 12 -6.73 -23.68 33.93
C ASP B 12 -7.55 -24.25 32.77
N ILE B 13 -7.53 -25.58 32.55
CA ILE B 13 -8.26 -26.17 31.43
C ILE B 13 -9.47 -26.99 31.86
N HIS B 14 -9.63 -27.30 33.14
CA HIS B 14 -10.72 -28.16 33.57
C HIS B 14 -11.77 -27.43 34.41
N LEU B 15 -11.48 -26.20 34.87
CA LEU B 15 -12.46 -25.42 35.62
C LEU B 15 -13.51 -24.83 34.68
N GLU B 16 -14.77 -25.23 34.88
CA GLU B 16 -15.86 -24.71 34.06
C GLU B 16 -16.13 -23.25 34.40
N ASP B 17 -16.42 -22.96 35.67
CA ASP B 17 -16.79 -21.60 36.07
C ASP B 17 -15.56 -20.86 36.55
N TYR B 18 -14.73 -20.47 35.56
CA TYR B 18 -13.47 -19.79 35.88
C TYR B 18 -13.69 -18.34 36.30
N THR B 19 -14.89 -17.79 36.15
CA THR B 19 -15.09 -16.39 36.43
C THR B 19 -15.56 -16.12 37.86
N GLU B 20 -16.20 -17.10 38.52
CA GLU B 20 -16.81 -16.84 39.83
C GLU B 20 -15.78 -16.33 40.83
N GLN B 21 -14.55 -16.83 40.72
CA GLN B 21 -13.50 -16.35 41.62
C GLN B 21 -13.25 -14.86 41.50
N TYR B 22 -13.71 -14.21 40.44
CA TYR B 22 -13.43 -12.80 40.30
C TYR B 22 -14.64 -11.92 40.63
N GLU B 23 -15.77 -12.54 41.02
CA GLU B 23 -16.96 -11.80 41.44
C GLU B 23 -16.79 -11.26 42.86
N THR B 24 -15.76 -10.43 43.03
CA THR B 24 -15.48 -9.77 44.29
C THR B 24 -14.74 -8.47 44.00
N GLY B 25 -14.52 -7.67 45.03
CA GLY B 25 -13.79 -6.42 44.88
C GLY B 25 -14.46 -5.42 43.97
N PHE B 26 -15.80 -5.39 43.94
CA PHE B 26 -16.54 -4.63 42.95
C PHE B 26 -16.31 -3.13 43.11
N ALA B 27 -16.11 -2.44 41.97
CA ALA B 27 -16.33 -1.00 41.94
C ALA B 27 -17.82 -0.75 41.72
N THR B 28 -18.40 0.14 42.53
CA THR B 28 -19.84 0.46 42.43
C THR B 28 -20.04 1.92 42.80
N VAL B 29 -21.31 2.34 42.81
CA VAL B 29 -21.58 3.71 43.26
C VAL B 29 -21.10 3.93 44.69
N ASP B 30 -21.13 2.89 45.54
CA ASP B 30 -20.65 3.06 46.91
C ASP B 30 -19.14 3.26 46.99
N THR B 31 -18.44 2.96 45.92
CA THR B 31 -16.99 3.06 45.89
C THR B 31 -16.49 4.34 45.22
N MET B 32 -17.33 5.02 44.45
CA MET B 32 -16.93 6.26 43.81
C MET B 32 -16.48 7.28 44.85
N ILE B 33 -15.57 8.16 44.43
CA ILE B 33 -15.23 9.32 45.23
C ILE B 33 -15.33 10.57 44.36
N PHE B 34 -15.66 11.69 45.00
CA PHE B 34 -15.84 12.94 44.31
C PHE B 34 -14.49 13.43 43.77
N GLU B 35 -14.44 13.79 42.48
CA GLU B 35 -13.19 14.14 41.83
C GLU B 35 -12.96 15.64 41.72
N GLY B 36 -14.01 16.46 41.88
CA GLY B 36 -13.91 17.89 41.67
C GLY B 36 -12.74 18.54 42.38
N GLY B 37 -11.89 19.25 41.64
CA GLY B 37 -10.77 19.95 42.24
C GLY B 37 -9.58 19.09 42.59
N ARG B 38 -9.58 17.80 42.31
CA ARG B 38 -8.52 16.92 42.77
C ARG B 38 -7.40 16.77 41.73
N ARG B 39 -6.16 16.92 42.20
CA ARG B 39 -5.00 16.56 41.40
C ARG B 39 -5.02 15.05 41.11
N GLU B 40 -4.77 14.69 39.84
CA GLU B 40 -4.72 13.30 39.42
C GLU B 40 -3.50 13.09 38.54
N GLU B 41 -2.76 12.02 38.84
CA GLU B 41 -1.80 11.44 37.91
C GLU B 41 -2.53 10.41 37.06
N LEU B 42 -2.24 10.38 35.75
CA LEU B 42 -2.90 9.42 34.88
C LEU B 42 -1.98 8.23 34.56
N LEU B 43 -2.61 7.12 34.19
CA LEU B 43 -1.90 5.96 33.64
C LEU B 43 -2.17 5.82 32.15
N ASN B 44 -2.79 6.84 31.54
CA ASN B 44 -2.87 6.95 30.09
C ASN B 44 -1.48 6.77 29.47
N GLY B 45 -1.43 6.11 28.32
CA GLY B 45 -0.19 5.93 27.61
C GLY B 45 -0.16 4.61 26.89
N GLY B 46 1.07 4.20 26.55
CA GLY B 46 1.35 2.89 25.99
C GLY B 46 1.31 1.76 27.01
N TRP B 47 0.35 0.85 26.85
CA TRP B 47 0.26 -0.38 27.62
C TRP B 47 0.62 -1.53 26.68
N HIS B 48 1.46 -2.46 27.14
CA HIS B 48 1.64 -3.71 26.39
C HIS B 48 0.36 -4.53 26.45
N TYR B 49 0.04 -5.23 25.36
CA TYR B 49 -1.25 -5.91 25.31
C TYR B 49 -1.18 -7.22 24.51
N ALA B 50 -2.23 -8.03 24.71
CA ALA B 50 -2.49 -9.25 23.96
C ALA B 50 -3.97 -9.32 23.64
N VAL B 51 -4.30 -9.88 22.48
CA VAL B 51 -5.64 -10.37 22.23
C VAL B 51 -5.81 -11.68 22.98
N ASP B 52 -6.77 -11.74 23.90
CA ASP B 52 -6.97 -12.92 24.74
C ASP B 52 -8.35 -13.48 24.43
N GLN B 53 -8.47 -14.11 23.26
CA GLN B 53 -9.76 -14.48 22.72
C GLN B 53 -10.48 -15.47 23.64
N TYR B 54 -9.73 -16.39 24.26
CA TYR B 54 -10.32 -17.42 25.09
C TYR B 54 -10.21 -17.10 26.58
N ASP B 55 -9.92 -15.84 26.94
CA ASP B 55 -9.83 -15.45 28.34
C ASP B 55 -8.75 -16.25 29.06
N THR B 56 -7.66 -16.55 28.35
CA THR B 56 -6.61 -17.39 28.90
C THR B 56 -5.93 -16.75 30.09
N CYS B 57 -5.85 -15.42 30.11
CA CYS B 57 -5.20 -14.77 31.22
C CYS B 57 -5.94 -15.05 32.53
N LEU B 58 -7.27 -14.97 32.51
CA LEU B 58 -8.05 -15.22 33.71
C LEU B 58 -7.97 -16.68 34.17
N ARG B 59 -7.75 -17.60 33.24
CA ARG B 59 -7.67 -19.01 33.57
C ARG B 59 -6.29 -19.40 34.09
N GLN B 60 -5.22 -19.10 33.35
CA GLN B 60 -3.86 -19.43 33.74
C GLN B 60 -3.29 -18.44 34.76
N LYS B 61 -3.95 -17.31 34.98
CA LYS B 61 -3.53 -16.31 35.97
C LYS B 61 -2.15 -15.75 35.62
N TRP B 62 -2.07 -15.15 34.42
CA TRP B 62 -0.83 -14.56 33.93
C TRP B 62 -0.29 -13.51 34.89
N TYR B 63 -1.17 -12.74 35.51
CA TYR B 63 -0.73 -11.68 36.42
C TYR B 63 0.10 -12.20 37.58
N LYS B 64 0.10 -13.52 37.81
CA LYS B 64 0.91 -14.06 38.90
C LYS B 64 2.38 -14.22 38.51
N GLU B 65 2.68 -14.23 37.21
CA GLU B 65 4.07 -14.19 36.72
C GLU B 65 4.89 -15.36 37.26
N ARG B 66 4.31 -16.54 37.23
CA ARG B 66 5.02 -17.74 37.64
C ARG B 66 5.89 -18.22 36.47
N TYR B 67 7.20 -17.96 36.55
CA TYR B 67 8.09 -18.41 35.49
C TYR B 67 8.83 -19.70 35.84
N ARG B 68 8.90 -20.06 37.12
CA ARG B 68 9.56 -21.29 37.54
C ARG B 68 8.68 -22.01 38.53
N ASP B 69 8.87 -23.33 38.61
CA ASP B 69 8.14 -24.12 39.60
C ASP B 69 8.95 -24.21 40.90
N GLU B 70 8.38 -24.98 41.84
CA GLU B 70 8.98 -25.19 43.16
C GLU B 70 10.37 -25.81 43.07
N LYS B 71 10.54 -26.80 42.19
CA LYS B 71 11.86 -27.41 42.05
C LYS B 71 12.84 -26.54 41.26
N GLY B 72 12.46 -25.33 40.86
CA GLY B 72 13.37 -24.41 40.20
C GLY B 72 13.41 -24.46 38.68
N PHE B 73 12.69 -25.39 38.05
CA PHE B 73 12.66 -25.47 36.59
C PHE B 73 11.86 -24.30 36.01
N THR B 74 12.30 -23.78 34.86
CA THR B 74 11.43 -22.89 34.11
C THR B 74 10.27 -23.71 33.54
N VAL B 75 9.08 -23.11 33.52
CA VAL B 75 7.88 -23.75 32.99
C VAL B 75 7.42 -22.95 31.76
N PRO B 76 6.82 -23.60 30.76
CA PRO B 76 6.36 -22.86 29.58
C PRO B 76 5.28 -21.86 29.95
N ILE B 77 5.27 -20.72 29.24
CA ILE B 77 4.26 -19.68 29.45
C ILE B 77 3.76 -19.20 28.10
N ASP B 78 2.58 -18.58 28.13
CA ASP B 78 1.85 -18.19 26.93
C ASP B 78 1.67 -16.67 26.84
N TYR B 79 2.55 -15.93 27.49
CA TYR B 79 2.55 -14.49 27.49
C TYR B 79 4.00 -14.01 27.58
N SER B 80 4.25 -12.76 27.18
CA SER B 80 5.56 -12.10 27.36
C SER B 80 5.27 -10.60 27.51
N PHE B 81 5.06 -10.18 28.76
CA PHE B 81 4.51 -8.85 29.03
C PHE B 81 5.33 -7.75 28.37
N ASP B 82 6.61 -7.65 28.73
CA ASP B 82 7.41 -6.55 28.21
C ASP B 82 7.63 -6.64 26.71
N GLU B 83 7.51 -7.82 26.10
CA GLU B 83 7.76 -8.01 24.67
C GLU B 83 6.48 -8.10 23.86
N TRP B 84 5.34 -7.88 24.50
CA TRP B 84 4.08 -7.71 23.80
C TRP B 84 4.10 -6.42 22.99
N PRO B 85 3.32 -6.33 21.92
CA PRO B 85 3.10 -5.05 21.26
C PRO B 85 2.52 -4.02 22.22
N VAL B 86 2.37 -2.79 21.76
CA VAL B 86 1.94 -1.69 22.61
C VAL B 86 0.75 -0.99 21.97
N MET B 87 -0.21 -0.59 22.82
CA MET B 87 -1.43 0.11 22.42
C MET B 87 -1.61 1.34 23.30
N GLN B 88 -1.90 2.47 22.67
CA GLN B 88 -2.19 3.71 23.40
C GLN B 88 -3.56 3.62 24.07
N LEU B 89 -3.58 3.75 25.38
CA LEU B 89 -4.79 3.81 26.18
C LEU B 89 -4.93 5.22 26.74
N PRO B 90 -6.18 5.72 26.87
CA PRO B 90 -7.44 5.02 26.55
C PRO B 90 -7.80 5.02 25.07
N CYS B 91 -8.60 4.04 24.65
CA CYS B 91 -9.14 4.02 23.29
C CYS B 91 -10.23 2.97 23.21
N SER B 92 -11.10 3.11 22.22
CA SER B 92 -11.93 2.00 21.76
C SER B 92 -11.03 1.14 20.88
N TRP B 93 -10.72 -0.09 21.31
CA TRP B 93 -9.75 -0.85 20.53
C TRP B 93 -10.25 -1.13 19.11
N ASN B 94 -11.56 -1.02 18.86
CA ASN B 94 -12.10 -1.35 17.55
C ASN B 94 -11.57 -0.42 16.45
N THR B 95 -11.26 0.83 16.77
CA THR B 95 -10.84 1.80 15.78
C THR B 95 -9.33 1.89 15.70
N ILE B 96 -8.62 1.10 16.50
CA ILE B 96 -7.17 1.17 16.54
C ILE B 96 -6.52 0.42 15.39
N ASP B 97 -7.23 -0.49 14.74
CA ASP B 97 -6.69 -1.27 13.64
C ASP B 97 -7.84 -2.05 13.02
N PRO B 98 -7.90 -2.17 11.70
CA PRO B 98 -9.03 -2.91 11.08
C PRO B 98 -9.19 -4.32 11.63
N MET B 99 -8.10 -4.94 12.09
CA MET B 99 -8.17 -6.30 12.63
C MET B 99 -9.06 -6.39 13.87
N TYR B 100 -9.22 -5.28 14.59
CA TYR B 100 -9.99 -5.27 15.82
C TYR B 100 -11.38 -4.64 15.69
N LEU B 101 -11.76 -4.16 14.48
CA LEU B 101 -13.04 -3.47 14.34
C LEU B 101 -14.17 -4.34 14.86
N LEU B 102 -14.19 -5.61 14.46
CA LEU B 102 -15.23 -6.54 14.85
C LEU B 102 -14.84 -7.42 16.03
N TYR B 103 -13.71 -7.13 16.68
CA TYR B 103 -13.30 -7.95 17.81
C TYR B 103 -14.00 -7.47 19.06
N GLU B 104 -14.66 -8.42 19.75
CA GLU B 104 -15.36 -8.09 20.98
C GLU B 104 -15.11 -9.13 22.08
N GLY B 105 -14.00 -9.86 21.99
CA GLY B 105 -13.59 -10.78 23.04
C GLY B 105 -12.82 -10.03 24.10
N SER B 106 -11.77 -10.63 24.64
CA SER B 106 -11.05 -9.97 25.71
C SER B 106 -9.69 -9.51 25.20
N MET B 107 -9.20 -8.44 25.80
CA MET B 107 -7.82 -8.00 25.63
C MET B 107 -7.22 -7.72 26.99
N VAL B 108 -5.93 -7.99 27.12
CA VAL B 108 -5.20 -7.86 28.38
C VAL B 108 -4.13 -6.79 28.19
N PHE B 109 -4.13 -5.78 29.05
CA PHE B 109 -3.19 -4.66 28.96
C PHE B 109 -2.36 -4.60 30.23
N THR B 110 -1.07 -4.32 30.09
CA THR B 110 -0.23 -4.18 31.28
C THR B 110 0.84 -3.11 31.06
N ARG B 111 1.30 -2.55 32.17
CA ARG B 111 2.30 -1.50 32.22
C ARG B 111 2.80 -1.38 33.65
N LYS B 112 3.98 -0.79 33.80
CA LYS B 112 4.58 -0.51 35.10
C LYS B 112 4.41 0.96 35.48
N PHE B 113 4.61 1.25 36.77
CA PHE B 113 4.65 2.62 37.29
C PHE B 113 5.26 2.60 38.69
N SER B 114 5.84 3.73 39.08
CA SER B 114 6.49 3.86 40.39
C SER B 114 5.59 4.65 41.34
N TYR B 115 5.76 4.38 42.64
CA TYR B 115 4.92 5.02 43.63
C TYR B 115 5.74 5.42 44.84
N ILE B 116 5.73 6.71 45.15
CA ILE B 116 6.35 7.27 46.34
C ILE B 116 5.29 8.09 47.06
N ALA B 117 5.01 7.71 48.32
CA ALA B 117 4.11 8.49 49.15
C ALA B 117 4.90 9.59 49.85
N GLU B 118 4.42 10.83 49.71
CA GLU B 118 5.06 11.97 50.36
C GLU B 118 4.48 12.22 51.75
N ARG B 119 3.19 11.98 51.91
CA ARG B 119 2.50 11.97 53.19
C ARG B 119 1.71 10.68 53.26
N GLU B 120 1.22 10.35 54.45
CA GLU B 120 0.28 9.25 54.57
C GLU B 120 -0.94 9.54 53.68
N GLU B 121 -1.30 8.59 52.83
CA GLU B 121 -2.37 8.86 51.88
C GLU B 121 -3.05 7.56 51.45
N THR B 122 -4.29 7.71 51.03
CA THR B 122 -5.08 6.67 50.39
C THR B 122 -5.07 6.91 48.88
N VAL B 123 -4.99 5.83 48.10
CA VAL B 123 -4.83 5.91 46.66
C VAL B 123 -5.93 5.12 45.99
N PHE B 124 -6.66 5.78 45.10
CA PHE B 124 -7.68 5.14 44.29
C PHE B 124 -7.23 5.02 42.84
N LEU B 125 -7.47 3.87 42.25
CA LEU B 125 -7.42 3.71 40.81
C LEU B 125 -8.80 4.03 40.24
N LYS B 126 -8.85 4.95 39.27
CA LYS B 126 -10.07 5.23 38.53
C LYS B 126 -9.90 4.74 37.10
N VAL B 127 -10.87 3.99 36.62
CA VAL B 127 -10.94 3.63 35.21
C VAL B 127 -12.16 4.34 34.65
N GLY B 128 -11.93 5.36 33.82
CA GLY B 128 -13.01 6.25 33.42
C GLY B 128 -14.18 5.54 32.76
N ALA B 129 -13.91 4.47 32.01
CA ALA B 129 -14.93 3.62 31.41
C ALA B 129 -14.24 2.43 30.74
N ALA B 130 -14.89 1.28 30.81
CA ALA B 130 -14.42 0.09 30.10
C ALA B 130 -15.64 -0.73 29.76
N ASN B 131 -15.79 -1.09 28.49
CA ASN B 131 -16.93 -1.88 28.04
C ASN B 131 -16.46 -3.26 27.65
N TYR B 132 -17.03 -4.31 28.27
CA TYR B 132 -18.09 -4.21 29.27
C TYR B 132 -17.63 -4.58 30.70
N LEU B 133 -16.74 -5.57 30.82
CA LEU B 133 -16.14 -5.96 32.09
C LEU B 133 -14.67 -5.56 32.14
N CYS B 134 -14.24 -5.07 33.30
CA CYS B 134 -12.85 -4.71 33.55
C CYS B 134 -12.39 -5.41 34.82
N ARG B 135 -11.34 -6.22 34.74
CA ARG B 135 -10.77 -6.88 35.91
C ARG B 135 -9.37 -6.35 36.15
N VAL B 136 -9.06 -6.01 37.40
CA VAL B 136 -7.87 -5.27 37.77
C VAL B 136 -6.94 -6.16 38.60
N PHE B 137 -5.68 -6.20 38.21
CA PHE B 137 -4.65 -6.89 38.96
C PHE B 137 -3.51 -5.93 39.21
N LEU B 138 -2.93 -6.00 40.40
CA LEU B 138 -1.87 -5.08 40.79
C LEU B 138 -0.84 -5.90 41.56
N ASN B 139 0.38 -5.93 41.05
CA ASN B 139 1.49 -6.65 41.68
C ASN B 139 1.11 -8.08 42.04
N GLY B 140 0.53 -8.77 41.07
CA GLY B 140 0.19 -10.16 41.21
C GLY B 140 -1.08 -10.47 41.98
N LYS B 141 -1.78 -9.47 42.49
CA LYS B 141 -2.96 -9.69 43.30
C LYS B 141 -4.20 -9.17 42.59
N TYR B 142 -5.34 -9.79 42.86
CA TYR B 142 -6.61 -9.35 42.27
C TYR B 142 -7.18 -8.18 43.08
N VAL B 143 -7.52 -7.09 42.40
CA VAL B 143 -8.13 -5.96 43.08
C VAL B 143 -9.65 -6.05 43.07
N GLY B 144 -10.25 -6.44 41.96
CA GLY B 144 -11.68 -6.41 41.80
C GLY B 144 -12.04 -6.08 40.37
N MET B 145 -13.33 -5.81 40.13
CA MET B 145 -13.85 -5.67 38.78
C MET B 145 -14.97 -4.62 38.73
N HIS B 146 -15.34 -4.24 37.51
CA HIS B 146 -16.49 -3.38 37.29
C HIS B 146 -17.38 -3.96 36.21
N ARG B 147 -18.69 -3.80 36.40
CA ARG B 147 -19.71 -4.27 35.48
C ARG B 147 -20.47 -3.05 34.97
N GLY B 148 -20.61 -2.95 33.65
CA GLY B 148 -21.23 -1.78 33.05
C GLY B 148 -20.25 -0.95 32.24
N GLY B 149 -20.58 -0.68 30.97
CA GLY B 149 -19.61 -0.21 30.00
C GLY B 149 -19.38 1.29 29.87
N SER B 150 -20.14 2.12 30.56
CA SER B 150 -20.14 3.56 30.28
C SER B 150 -20.04 4.40 31.55
N THR B 151 -19.45 3.85 32.61
CA THR B 151 -19.45 4.52 33.89
C THR B 151 -18.09 4.34 34.57
N PRO B 152 -17.62 5.34 35.31
CA PRO B 152 -16.29 5.27 35.90
C PRO B 152 -16.25 4.30 37.09
N ALA B 153 -15.11 3.64 37.26
CA ALA B 153 -14.92 2.64 38.32
C ALA B 153 -13.75 3.04 39.21
N PHE B 154 -13.99 3.04 40.51
CA PHE B 154 -12.99 3.39 41.49
C PHE B 154 -12.67 2.14 42.31
N TRP B 155 -11.39 1.95 42.62
CA TRP B 155 -10.96 0.90 43.54
C TRP B 155 -9.92 1.49 44.47
N ASN B 156 -10.01 1.16 45.76
CA ASN B 156 -8.99 1.53 46.74
C ASN B 156 -7.80 0.58 46.61
N ILE B 157 -6.66 1.08 46.12
CA ILE B 157 -5.49 0.27 45.88
C ILE B 157 -4.37 0.56 46.87
N THR B 158 -4.63 1.36 47.91
CA THR B 158 -3.64 1.69 48.93
C THR B 158 -2.81 0.49 49.42
N GLU B 159 -3.49 -0.57 49.86
CA GLU B 159 -2.78 -1.70 50.45
C GLU B 159 -2.03 -2.54 49.42
N TYR B 160 -2.27 -2.33 48.13
CA TYR B 160 -1.66 -3.15 47.09
C TYR B 160 -0.38 -2.55 46.51
N LEU B 161 -0.09 -1.26 46.74
CA LEU B 161 1.03 -0.61 46.07
C LEU B 161 2.38 -1.01 46.66
N LYS B 162 3.38 -1.07 45.79
CA LYS B 162 4.80 -1.13 46.16
C LYS B 162 5.51 0.10 45.59
N ALA B 163 6.84 0.13 45.78
CA ALA B 163 7.67 1.17 45.19
C ALA B 163 7.63 1.10 43.67
N GLU B 164 7.81 -0.09 43.10
CA GLU B 164 7.61 -0.35 41.68
C GLU B 164 6.40 -1.27 41.50
N ASN B 165 5.52 -0.92 40.56
CA ASN B 165 4.25 -1.62 40.42
C ASN B 165 4.02 -2.10 38.99
N ARG B 166 3.36 -3.26 38.87
CA ARG B 166 2.81 -3.72 37.61
C ARG B 166 1.30 -3.83 37.73
N ILE B 167 0.58 -3.17 36.83
CA ILE B 167 -0.87 -3.26 36.78
C ILE B 167 -1.26 -4.01 35.51
N VAL B 168 -2.25 -4.90 35.63
CA VAL B 168 -2.81 -5.62 34.50
C VAL B 168 -4.31 -5.35 34.47
N LEU B 169 -4.84 -4.99 33.30
CA LEU B 169 -6.28 -4.82 33.11
C LEU B 169 -6.74 -5.84 32.07
N ALA B 170 -7.66 -6.72 32.47
CA ALA B 170 -8.29 -7.67 31.56
C ALA B 170 -9.70 -7.17 31.27
N VAL B 171 -9.98 -6.83 30.02
CA VAL B 171 -11.19 -6.13 29.63
C VAL B 171 -11.93 -6.99 28.60
N ASP B 172 -13.19 -7.31 28.89
CA ASP B 172 -13.95 -8.25 28.08
C ASP B 172 -15.07 -7.48 27.39
N GLY B 173 -15.09 -7.48 26.06
CA GLY B 173 -16.11 -6.79 25.31
C GLY B 173 -17.33 -7.63 25.01
N THR B 174 -17.41 -8.83 25.58
CA THR B 174 -18.40 -9.80 25.18
C THR B 174 -19.81 -9.29 25.46
N ARG B 175 -20.71 -9.53 24.51
CA ARG B 175 -22.12 -9.21 24.70
C ARG B 175 -22.84 -10.41 25.31
N ARG B 176 -23.76 -10.15 26.25
CA ARG B 176 -24.52 -11.20 26.95
C ARG B 176 -25.96 -10.76 27.13
N PRO B 177 -26.92 -11.66 26.91
CA PRO B 177 -28.34 -11.27 27.03
C PRO B 177 -28.72 -10.74 28.39
N GLU B 178 -27.99 -11.11 29.45
CA GLU B 178 -28.34 -10.70 30.80
C GLU B 178 -27.65 -9.43 31.23
N GLN B 179 -26.87 -8.81 30.35
CA GLN B 179 -26.17 -7.59 30.72
C GLN B 179 -27.07 -6.38 30.46
N VAL B 180 -26.58 -5.20 30.83
CA VAL B 180 -27.24 -3.93 30.55
C VAL B 180 -26.26 -3.04 29.76
N PRO B 181 -26.37 -3.00 28.42
CA PRO B 181 -27.47 -3.54 27.60
C PRO B 181 -27.33 -5.02 27.31
N THR B 182 -28.36 -5.62 26.73
CA THR B 182 -28.32 -7.00 26.27
C THR B 182 -27.41 -7.10 25.04
N GLU B 183 -27.38 -8.28 24.43
CA GLU B 183 -26.54 -8.48 23.26
C GLU B 183 -27.10 -7.84 21.98
N ASN B 184 -28.32 -7.32 22.02
CA ASN B 184 -29.00 -6.75 20.84
C ASN B 184 -29.30 -5.29 21.11
N THR B 185 -28.60 -4.40 20.39
CA THR B 185 -28.87 -2.97 20.42
C THR B 185 -28.83 -2.44 18.99
N ASP B 186 -29.03 -1.13 18.84
CA ASP B 186 -28.88 -0.49 17.53
C ASP B 186 -27.67 0.42 17.50
N TRP B 187 -26.65 0.12 18.30
CA TRP B 187 -25.39 0.85 18.18
C TRP B 187 -24.21 -0.12 18.22
N PHE B 188 -23.01 0.45 17.96
CA PHE B 188 -21.81 -0.35 17.74
C PHE B 188 -21.18 -0.75 19.06
N ASN B 189 -20.66 -1.98 19.11
CA ASN B 189 -20.10 -2.50 20.36
C ASN B 189 -18.62 -2.13 20.45
N TYR B 190 -18.38 -0.86 20.78
CA TYR B 190 -17.00 -0.42 21.03
C TYR B 190 -16.49 -1.00 22.35
N CYS B 191 -15.32 -1.63 22.33
CA CYS B 191 -14.82 -2.32 23.52
C CYS B 191 -13.50 -1.73 23.97
N GLY B 192 -13.14 -1.98 25.23
CA GLY B 192 -11.85 -1.56 25.77
C GLY B 192 -11.98 -0.50 26.85
N VAL B 193 -10.83 -0.05 27.32
CA VAL B 193 -10.72 1.07 28.26
C VAL B 193 -10.60 2.35 27.45
N TYR B 194 -11.66 3.16 27.45
CA TYR B 194 -11.76 4.28 26.52
C TYR B 194 -12.00 5.64 27.16
N ARG B 195 -11.96 5.75 28.50
CA ARG B 195 -11.83 7.05 29.16
C ARG B 195 -10.61 7.01 30.07
N ASP B 196 -10.27 8.14 30.68
CA ASP B 196 -9.01 8.28 31.39
C ASP B 196 -8.82 7.22 32.48
N ILE B 197 -7.59 6.75 32.64
CA ILE B 197 -7.17 5.93 33.77
C ILE B 197 -6.33 6.81 34.70
N ALA B 198 -6.78 6.97 35.94
CA ALA B 198 -6.17 7.91 36.88
C ALA B 198 -5.77 7.25 38.19
N LEU B 199 -4.70 7.77 38.79
CA LEU B 199 -4.35 7.51 40.18
C LEU B 199 -4.73 8.74 40.99
N ILE B 200 -5.43 8.54 42.11
CA ILE B 200 -6.01 9.65 42.88
C ILE B 200 -5.58 9.52 44.34
N ARG B 201 -4.73 10.43 44.78
CA ARG B 201 -4.26 10.45 46.16
C ARG B 201 -5.15 11.38 46.99
N VAL B 202 -5.61 10.88 48.13
CA VAL B 202 -6.48 11.64 49.02
C VAL B 202 -6.10 11.32 50.46
N PRO B 203 -6.52 12.14 51.42
CA PRO B 203 -6.31 11.79 52.83
C PRO B 203 -7.22 10.64 53.23
N LYS B 204 -6.75 9.85 54.21
CA LYS B 204 -7.50 8.68 54.65
C LYS B 204 -8.94 9.06 55.00
N CYS B 205 -9.12 10.22 55.61
CA CYS B 205 -10.44 10.80 55.77
C CYS B 205 -10.56 11.91 54.71
N HIS B 206 -11.39 11.69 53.70
CA HIS B 206 -11.55 12.61 52.60
C HIS B 206 -13.02 12.81 52.29
N ILE B 207 -13.30 13.83 51.49
CA ILE B 207 -14.66 14.12 51.11
C ILE B 207 -15.07 13.14 50.02
N LYS B 208 -16.09 12.33 50.30
CA LYS B 208 -16.47 11.25 49.40
C LYS B 208 -17.61 11.63 48.46
N THR B 209 -18.57 12.44 48.89
CA THR B 209 -19.63 12.91 48.03
C THR B 209 -19.86 14.38 48.33
N PHE B 210 -20.08 15.17 47.29
CA PHE B 210 -20.47 16.57 47.44
C PHE B 210 -21.57 16.85 46.43
N LYS B 211 -22.78 17.08 46.93
CA LYS B 211 -23.93 17.40 46.11
C LYS B 211 -24.39 18.82 46.44
N ILE B 212 -24.65 19.62 45.42
CA ILE B 212 -25.10 21.01 45.62
C ILE B 212 -26.13 21.32 44.55
N ALA B 213 -27.16 22.09 44.91
CA ALA B 213 -28.24 22.41 43.98
C ALA B 213 -29.15 23.45 44.58
N LEU B 214 -29.77 24.24 43.70
CA LEU B 214 -30.92 25.05 44.09
C LEU B 214 -32.03 24.17 44.65
N VAL B 215 -32.64 24.60 45.75
CA VAL B 215 -33.81 23.86 46.21
C VAL B 215 -34.98 24.12 45.27
N PRO B 216 -35.67 23.09 44.77
CA PRO B 216 -36.74 23.31 43.79
C PRO B 216 -38.08 23.62 44.46
N ASP B 217 -38.12 24.73 45.20
CA ASP B 217 -39.28 25.13 45.98
C ASP B 217 -39.98 26.35 45.39
N GLY B 218 -39.63 26.75 44.17
CA GLY B 218 -40.28 27.84 43.48
C GLY B 218 -39.87 29.22 43.91
N THR B 219 -38.91 29.36 44.83
CA THR B 219 -38.53 30.69 45.31
C THR B 219 -37.16 31.13 44.81
N PHE B 220 -36.34 30.20 44.30
CA PHE B 220 -35.01 30.51 43.78
C PHE B 220 -34.13 31.16 44.83
N GLY B 221 -34.47 30.93 46.09
CA GLY B 221 -33.76 31.58 47.18
C GLY B 221 -33.02 30.64 48.10
N HIS B 222 -33.22 29.33 47.96
CA HIS B 222 -32.57 28.35 48.83
C HIS B 222 -31.65 27.43 48.04
N VAL B 223 -30.50 27.15 48.64
CA VAL B 223 -29.48 26.27 48.10
C VAL B 223 -29.25 25.14 49.09
N MET B 224 -29.21 23.90 48.60
CA MET B 224 -28.93 22.75 49.43
C MET B 224 -27.54 22.21 49.14
N ALA B 225 -26.93 21.61 50.16
CA ALA B 225 -25.63 20.97 49.98
C ALA B 225 -25.47 19.81 50.94
N LYS B 226 -25.07 18.66 50.40
CA LYS B 226 -24.82 17.43 51.15
C LYS B 226 -23.35 17.06 51.02
N VAL B 227 -22.77 16.53 52.11
CA VAL B 227 -21.38 16.09 52.11
C VAL B 227 -21.31 14.79 52.89
N THR B 228 -20.51 13.85 52.42
CA THR B 228 -20.16 12.65 53.19
C THR B 228 -18.64 12.45 53.17
N LEU B 229 -18.14 11.84 54.24
CA LEU B 229 -16.71 11.57 54.37
C LEU B 229 -16.43 10.09 54.16
N SER B 230 -15.16 9.78 53.93
CA SER B 230 -14.75 8.38 53.87
C SER B 230 -14.84 7.69 55.23
N GLU B 231 -15.00 8.45 56.31
CA GLU B 231 -14.97 7.91 57.66
C GLU B 231 -16.18 8.39 58.45
N LYS B 232 -16.72 7.49 59.28
CA LYS B 232 -17.87 7.79 60.13
C LYS B 232 -17.39 8.56 61.37
N ILE B 233 -16.83 9.73 61.11
CA ILE B 233 -16.41 10.64 62.16
C ILE B 233 -17.30 11.87 62.13
N THR B 234 -17.30 12.57 63.25
CA THR B 234 -18.06 13.80 63.41
C THR B 234 -17.10 14.97 63.29
N ALA B 235 -17.46 15.93 62.45
CA ALA B 235 -16.57 17.01 62.07
C ALA B 235 -17.39 18.06 61.33
N LYS B 236 -16.78 19.23 61.16
CA LYS B 236 -17.41 20.30 60.41
C LYS B 236 -16.67 20.49 59.10
N ALA B 237 -17.42 20.73 58.04
CA ALA B 237 -16.87 21.09 56.75
C ALA B 237 -17.32 22.51 56.41
N GLU B 238 -16.51 23.21 55.62
CA GLU B 238 -16.78 24.61 55.29
C GLU B 238 -16.96 24.75 53.79
N LEU B 239 -18.14 25.21 53.39
CA LEU B 239 -18.49 25.43 51.99
C LEU B 239 -18.39 26.92 51.70
N VAL B 240 -17.73 27.26 50.59
CA VAL B 240 -17.41 28.64 50.22
C VAL B 240 -17.84 28.86 48.78
N ILE B 241 -18.69 29.86 48.55
CA ILE B 241 -18.99 30.37 47.21
C ILE B 241 -18.74 31.87 47.28
N GLU B 242 -17.53 32.28 46.91
CA GLU B 242 -17.11 33.67 47.13
C GLU B 242 -17.98 34.65 46.35
N GLU B 243 -18.25 34.35 45.08
CA GLU B 243 -19.03 35.29 44.26
C GLU B 243 -20.39 35.58 44.86
N LEU B 244 -20.95 34.65 45.63
CA LEU B 244 -22.26 34.84 46.23
C LEU B 244 -22.21 35.22 47.70
N GLY B 245 -21.03 35.51 48.24
CA GLY B 245 -20.89 35.83 49.65
C GLY B 245 -21.25 34.70 50.59
N VAL B 246 -21.08 33.45 50.17
CA VAL B 246 -21.46 32.29 50.99
C VAL B 246 -20.21 31.75 51.66
N SER B 247 -20.28 31.60 52.98
CA SER B 247 -19.26 30.87 53.73
C SER B 247 -19.97 30.26 54.93
N ARG B 248 -20.29 28.98 54.83
CA ARG B 248 -21.15 28.28 55.78
C ARG B 248 -20.49 26.97 56.19
N LYS B 249 -20.45 26.71 57.49
CA LYS B 249 -19.94 25.45 58.00
C LYS B 249 -21.06 24.41 58.00
N ILE B 250 -20.70 23.18 57.64
CA ILE B 250 -21.62 22.05 57.59
C ILE B 250 -21.25 21.10 58.71
N GLN B 251 -22.19 20.84 59.61
CA GLN B 251 -21.95 19.91 60.71
C GLN B 251 -22.18 18.50 60.20
N LEU B 252 -21.09 17.73 60.10
CA LEU B 252 -21.18 16.32 59.74
C LEU B 252 -21.17 15.48 61.02
N GLU B 253 -22.13 14.57 61.14
CA GLU B 253 -22.19 13.62 62.24
C GLU B 253 -21.99 12.22 61.65
N ASN B 254 -20.93 11.54 62.08
CA ASN B 254 -20.60 10.20 61.61
C ASN B 254 -20.55 10.17 60.07
N GLY B 255 -19.70 11.04 59.53
CA GLY B 255 -19.41 11.05 58.12
C GLY B 255 -20.38 11.78 57.21
N ALA B 256 -21.59 12.10 57.66
CA ALA B 256 -22.59 12.69 56.77
C ALA B 256 -23.12 13.99 57.37
N GLY B 257 -23.52 14.90 56.49
CA GLY B 257 -24.09 16.18 56.88
C GLY B 257 -24.72 16.93 55.71
N GLU B 258 -25.70 17.79 56.00
CA GLU B 258 -26.42 18.59 55.02
C GLU B 258 -26.51 20.02 55.50
N VAL B 259 -26.85 20.92 54.57
CA VAL B 259 -27.13 22.31 54.93
C VAL B 259 -28.04 22.90 53.86
N VAL B 260 -29.05 23.63 54.31
CA VAL B 260 -29.88 24.46 53.43
C VAL B 260 -29.69 25.91 53.87
N PHE B 261 -29.30 26.79 52.95
CA PHE B 261 -29.00 28.16 53.32
C PHE B 261 -29.56 29.13 52.28
N ASP B 262 -29.71 30.38 52.70
CA ASP B 262 -30.27 31.42 51.83
C ASP B 262 -29.19 31.97 50.91
N ALA B 263 -29.53 32.08 49.63
CA ALA B 263 -28.66 32.60 48.58
C ALA B 263 -29.54 32.93 47.40
N LYS B 264 -29.12 33.91 46.61
CA LYS B 264 -29.88 34.31 45.42
C LYS B 264 -28.91 34.40 44.24
N PRO B 265 -28.50 33.26 43.69
CA PRO B 265 -27.65 33.28 42.49
C PRO B 265 -28.46 33.61 41.25
N GLU B 266 -27.77 34.02 40.19
CA GLU B 266 -28.43 34.13 38.90
C GLU B 266 -28.72 32.73 38.37
N LEU B 267 -29.93 32.54 37.86
CA LEU B 267 -30.38 31.22 37.45
C LEU B 267 -29.80 30.84 36.08
N TRP B 268 -29.18 29.67 36.03
CA TRP B 268 -28.58 29.13 34.82
C TRP B 268 -29.66 28.86 33.77
N THR B 269 -29.36 29.20 32.53
CA THR B 269 -30.14 28.81 31.36
C THR B 269 -29.16 28.53 30.23
N PRO B 270 -29.59 27.87 29.15
CA PRO B 270 -28.65 27.68 28.04
C PRO B 270 -28.27 29.00 27.37
N GLU B 271 -29.18 29.97 27.35
CA GLU B 271 -28.86 31.30 26.82
C GLU B 271 -27.89 32.04 27.73
N LYS B 272 -28.05 31.90 29.05
CA LYS B 272 -27.18 32.54 30.04
C LYS B 272 -26.67 31.46 30.99
N PRO B 273 -25.63 30.72 30.59
CA PRO B 273 -25.12 29.60 31.40
C PRO B 273 -24.20 30.07 32.52
N LYS B 274 -24.74 30.88 33.43
CA LYS B 274 -23.96 31.37 34.57
C LYS B 274 -23.53 30.20 35.45
N LEU B 275 -22.28 30.24 35.90
CA LEU B 275 -21.66 29.20 36.71
C LEU B 275 -20.82 29.86 37.80
N TYR B 276 -20.84 29.26 38.99
CA TYR B 276 -20.13 29.76 40.16
C TYR B 276 -19.08 28.75 40.61
N ASP B 277 -17.96 29.27 41.12
CA ASP B 277 -16.94 28.43 41.73
C ASP B 277 -17.31 28.13 43.17
N VAL B 278 -17.12 26.88 43.57
CA VAL B 278 -17.55 26.39 44.87
C VAL B 278 -16.41 25.59 45.47
N LYS B 279 -16.05 25.89 46.72
CA LYS B 279 -14.96 25.23 47.41
C LYS B 279 -15.47 24.64 48.73
N VAL B 280 -15.01 23.41 49.06
CA VAL B 280 -15.42 22.73 50.28
C VAL B 280 -14.18 22.14 50.96
N THR B 281 -14.06 22.37 52.27
CA THR B 281 -12.93 21.88 53.05
C THR B 281 -13.44 21.16 54.31
N CYS B 282 -12.64 20.21 54.78
CA CYS B 282 -12.95 19.44 55.97
C CYS B 282 -11.67 18.75 56.40
N GLY B 283 -11.15 19.08 57.57
CA GLY B 283 -9.83 18.57 57.90
C GLY B 283 -8.82 19.04 56.87
N THR B 284 -7.93 18.14 56.47
CA THR B 284 -6.91 18.47 55.48
C THR B 284 -7.39 18.28 54.05
N ASP B 285 -8.67 17.98 53.86
CA ASP B 285 -9.19 17.75 52.52
C ASP B 285 -9.81 19.01 51.96
N THR B 286 -9.80 19.09 50.63
CA THR B 286 -10.39 20.18 49.87
C THR B 286 -10.89 19.61 48.55
N VAL B 287 -12.16 19.82 48.24
CA VAL B 287 -12.67 19.60 46.88
C VAL B 287 -13.27 20.91 46.39
N SER B 288 -13.59 20.95 45.11
CA SER B 288 -14.16 22.16 44.53
C SER B 288 -14.97 21.78 43.31
N ASP B 289 -15.78 22.72 42.83
CA ASP B 289 -16.67 22.46 41.72
C ASP B 289 -17.06 23.79 41.08
N ARG B 290 -17.63 23.69 39.90
CA ARG B 290 -18.08 24.83 39.11
C ARG B 290 -19.50 24.48 38.70
N VAL B 291 -20.49 25.17 39.28
CA VAL B 291 -21.87 24.70 39.25
C VAL B 291 -22.82 25.82 38.88
N GLY B 292 -23.94 25.45 38.24
CA GLY B 292 -25.00 26.40 38.00
C GLY B 292 -26.18 26.14 38.90
N PHE B 293 -27.10 27.10 39.05
CA PHE B 293 -28.29 26.93 39.86
C PHE B 293 -29.52 27.16 39.00
N ARG B 294 -30.40 26.18 38.99
CA ARG B 294 -31.59 26.28 38.18
C ARG B 294 -32.63 25.35 38.77
N GLU B 295 -33.89 25.65 38.49
CA GLU B 295 -34.98 24.80 38.93
C GLU B 295 -35.65 24.16 37.73
N ILE B 296 -35.75 22.83 37.73
CA ILE B 296 -36.53 22.10 36.75
C ILE B 296 -37.68 21.42 37.47
N ARG B 297 -38.91 21.69 37.01
CA ARG B 297 -40.11 21.15 37.63
C ARG B 297 -41.13 20.89 36.53
N VAL B 298 -42.12 20.08 36.86
CA VAL B 298 -43.24 19.82 35.97
C VAL B 298 -44.53 20.19 36.68
N ASN B 299 -45.42 20.88 35.98
CA ASN B 299 -46.72 21.30 36.49
C ASN B 299 -47.76 20.97 35.42
N GLY B 300 -48.52 19.89 35.65
CA GLY B 300 -49.45 19.43 34.63
C GLY B 300 -48.71 19.09 33.35
N ARG B 301 -49.07 19.75 32.25
CA ARG B 301 -48.43 19.52 30.97
C ARG B 301 -47.25 20.43 30.72
N ASP B 302 -46.88 21.28 31.67
CA ASP B 302 -45.82 22.26 31.45
C ASP B 302 -44.48 21.75 32.00
N ILE B 303 -43.41 22.01 31.26
CA ILE B 303 -42.05 21.80 31.74
C ILE B 303 -41.52 23.15 32.18
N LEU B 304 -41.30 23.32 33.49
CA LEU B 304 -40.93 24.61 34.08
C LEU B 304 -39.43 24.65 34.35
N LEU B 305 -38.72 25.51 33.62
CA LEU B 305 -37.34 25.86 33.93
C LEU B 305 -37.35 27.25 34.56
N ASN B 306 -36.80 27.35 35.77
CA ASN B 306 -36.72 28.63 36.48
C ASN B 306 -38.08 29.34 36.47
N GLY B 307 -39.14 28.58 36.73
CA GLY B 307 -40.48 29.10 36.81
C GLY B 307 -41.23 29.24 35.50
N GLU B 308 -40.52 29.30 34.34
CA GLU B 308 -41.11 29.65 33.05
C GLU B 308 -41.31 28.41 32.19
N PRO B 309 -42.49 28.24 31.57
CA PRO B 309 -42.69 27.11 30.65
C PRO B 309 -41.70 27.16 29.49
N VAL B 310 -41.15 25.99 29.13
CA VAL B 310 -40.18 25.89 28.04
C VAL B 310 -40.65 24.87 27.02
N PHE B 311 -40.18 25.05 25.79
CA PHE B 311 -40.22 24.03 24.76
C PHE B 311 -38.80 23.57 24.47
N LEU B 312 -38.56 22.26 24.60
CA LEU B 312 -37.24 21.66 24.43
C LEU B 312 -36.95 21.46 22.94
N ARG B 313 -36.22 22.39 22.34
CA ARG B 313 -35.77 22.30 20.94
C ARG B 313 -34.54 21.41 20.90
N GLY B 314 -34.70 20.15 20.53
CA GLY B 314 -33.72 19.13 20.85
C GLY B 314 -33.20 18.38 19.64
N ILE B 315 -32.14 17.61 19.89
CA ILE B 315 -31.60 16.63 18.96
C ILE B 315 -31.04 15.48 19.79
N SER B 316 -31.07 14.29 19.22
CA SER B 316 -30.45 13.14 19.86
C SER B 316 -28.97 13.03 19.45
N CYS B 317 -28.17 12.40 20.31
CA CYS B 317 -26.77 12.22 19.94
C CYS B 317 -26.20 10.98 20.58
N HIS B 318 -25.57 10.14 19.77
CA HIS B 318 -24.76 9.01 20.21
C HIS B 318 -23.32 9.46 20.47
N GLU B 319 -22.59 8.66 21.24
CA GLU B 319 -21.18 8.94 21.52
C GLU B 319 -20.33 8.18 20.51
N ASP B 320 -20.17 8.76 19.33
CA ASP B 320 -19.58 8.03 18.21
C ASP B 320 -18.62 8.93 17.44
N SER B 321 -17.66 8.31 16.78
CA SER B 321 -16.57 9.02 16.14
C SER B 321 -15.90 8.08 15.15
N VAL B 322 -15.71 8.57 13.93
CA VAL B 322 -15.09 7.75 12.88
C VAL B 322 -13.73 7.24 13.33
N GLU B 323 -12.89 8.15 13.84
CA GLU B 323 -11.52 7.81 14.18
C GLU B 323 -11.39 7.25 15.58
N ASN B 324 -12.28 7.63 16.48
CA ASN B 324 -12.05 7.35 17.89
C ASN B 324 -13.09 6.43 18.50
N GLY B 325 -14.08 6.00 17.72
CA GLY B 325 -15.12 5.14 18.25
C GLY B 325 -15.92 5.86 19.32
N LYS B 326 -16.01 5.23 20.50
CA LYS B 326 -16.70 5.81 21.64
C LYS B 326 -15.81 6.73 22.47
N GLY B 327 -14.49 6.67 22.31
CA GLY B 327 -13.59 7.58 23.01
C GLY B 327 -13.46 8.97 22.39
N LEU B 328 -14.55 9.73 22.36
CA LEU B 328 -14.52 11.05 21.74
C LEU B 328 -13.53 11.95 22.48
N THR B 329 -12.95 12.89 21.73
CA THR B 329 -12.07 13.91 22.29
C THR B 329 -12.90 15.05 22.85
N ARG B 330 -12.24 15.92 23.61
CA ARG B 330 -12.83 17.19 23.99
C ARG B 330 -13.35 17.96 22.76
N GLU B 331 -12.54 18.03 21.71
CA GLU B 331 -12.94 18.82 20.53
C GLU B 331 -14.17 18.24 19.85
N GLU B 332 -14.32 16.91 19.86
CA GLU B 332 -15.48 16.30 19.25
C GLU B 332 -16.76 16.58 20.05
N ARG B 333 -16.67 16.60 21.39
CA ARG B 333 -17.79 17.01 22.22
C ARG B 333 -18.19 18.45 21.94
N ILE B 334 -17.21 19.36 21.95
CA ILE B 334 -17.46 20.77 21.62
C ILE B 334 -18.12 20.88 20.26
N GLU B 335 -17.57 20.19 19.27
CA GLU B 335 -18.17 20.20 17.93
C GLU B 335 -19.63 19.78 18.00
N ASN B 336 -19.93 18.78 18.83
CA ASN B 336 -21.29 18.27 18.88
C ASN B 336 -22.24 19.32 19.45
N ILE B 337 -21.81 19.99 20.53
CA ILE B 337 -22.60 21.05 21.11
C ILE B 337 -22.77 22.20 20.12
N ARG B 338 -21.66 22.61 19.48
CA ARG B 338 -21.70 23.75 18.57
C ARG B 338 -22.66 23.49 17.42
N ILE B 339 -22.63 22.30 16.83
CA ILE B 339 -23.51 22.01 15.70
C ILE B 339 -24.97 21.98 16.15
N ALA B 340 -25.23 21.45 17.36
CA ALA B 340 -26.61 21.43 17.83
C ALA B 340 -27.16 22.85 18.01
N LYS B 341 -26.34 23.77 18.53
CA LYS B 341 -26.78 25.14 18.67
C LYS B 341 -26.94 25.83 17.32
N GLU B 342 -26.00 25.58 16.38
CA GLU B 342 -26.20 26.02 15.01
C GLU B 342 -27.52 25.47 14.45
N LEU B 343 -27.91 24.27 14.88
CA LEU B 343 -29.20 23.70 14.51
C LEU B 343 -30.36 24.43 15.19
N GLY B 344 -30.11 25.26 16.20
CA GLY B 344 -31.15 25.93 16.94
C GLY B 344 -31.58 25.21 18.21
N CYS B 345 -30.75 24.32 18.74
CA CYS B 345 -31.13 23.47 19.86
C CYS B 345 -30.85 24.17 21.17
N ASN B 346 -31.82 24.11 22.09
CA ASN B 346 -31.57 24.34 23.49
C ASN B 346 -31.42 23.05 24.27
N PHE B 347 -31.54 21.90 23.60
CA PHE B 347 -31.74 20.61 24.28
C PHE B 347 -31.07 19.49 23.49
N MET B 348 -30.48 18.51 24.19
CA MET B 348 -29.86 17.36 23.55
C MET B 348 -30.14 16.10 24.37
N ARG B 349 -30.57 15.04 23.67
CA ARG B 349 -30.76 13.73 24.27
C ARG B 349 -29.50 12.92 24.03
N LEU B 350 -28.74 12.69 25.10
CA LEU B 350 -27.53 11.85 25.04
C LEU B 350 -27.96 10.40 25.18
N ALA B 351 -27.96 9.67 24.08
CA ALA B 351 -28.40 8.27 24.08
C ALA B 351 -27.22 7.33 23.89
N HIS B 352 -27.37 6.05 24.29
CA HIS B 352 -28.44 5.49 25.15
C HIS B 352 -27.83 5.08 26.51
N TYR B 353 -26.72 5.73 26.86
CA TYR B 353 -25.82 5.31 27.92
C TYR B 353 -25.15 6.57 28.44
N PRO B 354 -24.48 6.51 29.58
CA PRO B 354 -23.72 7.67 30.02
C PRO B 354 -22.58 7.99 29.05
N HIS B 355 -22.60 9.21 28.50
CA HIS B 355 -21.46 9.73 27.77
C HIS B 355 -20.38 10.12 28.75
N ASN B 356 -19.23 10.50 28.20
CA ASN B 356 -18.13 11.03 29.00
C ASN B 356 -18.64 12.18 29.84
N GLU B 357 -18.23 12.20 31.12
CA GLU B 357 -18.69 13.26 32.04
C GLU B 357 -18.35 14.65 31.55
N GLU B 358 -17.34 14.80 30.70
CA GLU B 358 -17.03 16.12 30.15
C GLU B 358 -18.18 16.68 29.33
N MET B 359 -19.01 15.83 28.73
CA MET B 359 -20.11 16.33 27.91
C MET B 359 -21.04 17.23 28.72
N ALA B 360 -21.39 16.81 29.95
CA ALA B 360 -22.30 17.62 30.76
C ALA B 360 -21.61 18.85 31.33
N LYS B 361 -20.32 18.73 31.65
CA LYS B 361 -19.53 19.90 32.04
C LYS B 361 -19.45 20.95 30.91
N LEU B 362 -19.12 20.51 29.69
CA LEU B 362 -19.14 21.44 28.57
C LEU B 362 -20.54 21.99 28.32
N ALA B 363 -21.58 21.19 28.55
CA ALA B 363 -22.94 21.69 28.39
C ALA B 363 -23.27 22.72 29.46
N ASP B 364 -22.76 22.54 30.68
CA ASP B 364 -22.83 23.59 31.70
C ASP B 364 -22.26 24.91 31.17
N GLU B 365 -21.09 24.85 30.55
CA GLU B 365 -20.35 26.06 30.22
C GLU B 365 -20.88 26.72 28.95
N LEU B 366 -21.20 25.94 27.93
CA LEU B 366 -21.59 26.52 26.67
C LEU B 366 -23.08 26.76 26.56
N GLY B 367 -23.87 26.14 27.45
CA GLY B 367 -25.30 26.39 27.51
C GLY B 367 -26.12 25.39 26.70
N LEU B 368 -26.41 24.23 27.27
CA LEU B 368 -27.27 23.27 26.58
C LEU B 368 -27.92 22.35 27.61
N LEU B 369 -29.25 22.24 27.55
CA LEU B 369 -29.98 21.34 28.43
C LEU B 369 -29.80 19.89 27.97
N LEU B 370 -29.71 18.96 28.93
CA LEU B 370 -29.27 17.59 28.68
C LEU B 370 -30.24 16.56 29.29
N TRP B 371 -30.37 15.46 28.57
CA TRP B 371 -31.06 14.25 29.00
C TRP B 371 -30.04 13.10 28.97
N GLU B 372 -29.92 12.39 30.09
CA GLU B 372 -28.91 11.35 30.25
C GLU B 372 -29.60 10.05 30.63
N GLU B 373 -29.06 8.94 30.14
CA GLU B 373 -29.83 7.72 30.03
C GLU B 373 -28.94 6.51 30.33
N ILE B 374 -29.54 5.45 30.87
CA ILE B 374 -28.85 4.20 31.08
C ILE B 374 -29.36 3.19 30.06
N PRO B 375 -28.51 2.25 29.62
CA PRO B 375 -28.85 1.37 28.48
C PRO B 375 -29.82 0.23 28.83
N VAL B 376 -30.90 0.56 29.54
CA VAL B 376 -31.95 -0.42 29.76
C VAL B 376 -32.80 -0.43 28.51
N TYR B 377 -32.40 -1.26 27.54
CA TYR B 377 -32.68 -1.05 26.13
C TYR B 377 -33.29 -2.31 25.56
N TRP B 378 -34.46 -2.18 24.96
CA TRP B 378 -35.14 -3.31 24.30
C TRP B 378 -35.33 -4.43 25.32
N ALA B 379 -34.91 -5.66 25.03
CA ALA B 379 -35.34 -6.85 25.76
C ALA B 379 -34.40 -7.18 26.94
N ILE B 380 -34.26 -6.22 27.85
CA ILE B 380 -33.57 -6.47 29.11
C ILE B 380 -34.22 -7.65 29.84
N ARG B 381 -33.39 -8.48 30.48
CA ARG B 381 -33.92 -9.63 31.23
C ARG B 381 -34.53 -9.13 32.55
N PHE B 382 -35.75 -8.60 32.45
CA PHE B 382 -36.34 -7.84 33.55
C PHE B 382 -36.60 -8.68 34.79
N GLU B 383 -36.70 -9.99 34.65
CA GLU B 383 -37.03 -10.83 35.79
C GLU B 383 -35.80 -11.32 36.54
N ARG B 384 -34.60 -10.96 36.08
CA ARG B 384 -33.34 -11.47 36.64
C ARG B 384 -32.80 -10.49 37.69
N GLU B 385 -32.72 -10.94 38.94
CA GLU B 385 -32.38 -10.05 40.03
C GLU B 385 -31.01 -9.43 39.85
N LYS B 386 -30.05 -10.20 39.35
CA LYS B 386 -28.70 -9.64 39.14
C LYS B 386 -28.68 -8.64 37.98
N THR B 387 -29.56 -8.85 36.98
CA THR B 387 -29.69 -7.84 35.95
C THR B 387 -30.24 -6.54 36.53
N TYR B 388 -31.12 -6.61 37.54
CA TYR B 388 -31.59 -5.37 38.15
C TYR B 388 -30.48 -4.71 38.96
N GLU B 389 -29.71 -5.51 39.69
CA GLU B 389 -28.60 -4.96 40.47
C GLU B 389 -27.62 -4.21 39.57
N ASP B 390 -27.33 -4.78 38.41
CA ASP B 390 -26.51 -4.13 37.40
C ASP B 390 -27.11 -2.79 36.96
N ALA B 391 -28.34 -2.81 36.43
CA ALA B 391 -28.99 -1.58 35.96
C ALA B 391 -29.06 -0.52 37.06
N GLN B 392 -29.48 -0.93 38.24
CA GLN B 392 -29.62 -0.01 39.36
C GLN B 392 -28.30 0.67 39.69
N ASN B 393 -27.21 -0.09 39.63
CA ASN B 393 -25.90 0.43 39.98
C ASN B 393 -25.41 1.44 38.94
N GLN B 394 -25.60 1.14 37.65
CA GLN B 394 -25.23 2.11 36.63
C GLN B 394 -26.08 3.37 36.76
N LEU B 395 -27.38 3.21 37.03
CA LEU B 395 -28.23 4.38 37.22
C LEU B 395 -27.67 5.29 38.31
N ARG B 396 -27.28 4.70 39.44
CA ARG B 396 -26.77 5.47 40.56
C ARG B 396 -25.36 5.97 40.33
N GLU B 397 -24.54 5.20 39.59
CA GLU B 397 -23.24 5.71 39.15
C GLU B 397 -23.42 6.98 38.32
N LEU B 398 -24.34 6.93 37.35
CA LEU B 398 -24.61 8.08 36.52
C LEU B 398 -25.02 9.28 37.36
N ILE B 399 -25.92 9.07 38.32
CA ILE B 399 -26.54 10.17 39.04
C ILE B 399 -25.55 10.79 40.01
N ASN B 400 -24.79 9.96 40.73
CA ASN B 400 -23.76 10.51 41.61
C ASN B 400 -22.65 11.19 40.81
N ARG B 401 -22.32 10.67 39.63
CA ARG B 401 -21.25 11.29 38.86
C ARG B 401 -21.62 12.70 38.40
N ASP B 402 -22.85 12.88 37.94
CA ASP B 402 -23.30 14.12 37.31
C ASP B 402 -24.27 14.91 38.19
N TRP B 403 -24.26 14.69 39.51
CA TRP B 403 -25.26 15.30 40.39
C TRP B 403 -25.19 16.83 40.34
N ASN B 404 -23.99 17.39 40.19
CA ASN B 404 -23.80 18.83 40.24
C ASN B 404 -23.90 19.50 38.87
N ARG B 405 -24.38 18.82 37.84
CA ARG B 405 -24.42 19.39 36.49
C ARG B 405 -25.76 20.08 36.26
N ALA B 406 -25.74 21.42 36.24
CA ALA B 406 -26.96 22.19 35.98
C ALA B 406 -27.54 21.89 34.60
N SER B 407 -26.68 21.60 33.62
CA SER B 407 -27.15 21.32 32.28
C SER B 407 -28.12 20.16 32.25
N VAL B 408 -27.93 19.17 33.12
CA VAL B 408 -28.71 17.93 33.09
C VAL B 408 -30.02 18.13 33.85
N ILE B 409 -31.13 17.94 33.15
CA ILE B 409 -32.44 18.15 33.76
C ILE B 409 -33.26 16.87 33.85
N ILE B 410 -32.98 15.86 33.02
CA ILE B 410 -33.79 14.64 33.00
C ILE B 410 -32.86 13.42 33.07
N TRP B 411 -33.15 12.49 33.99
CA TRP B 411 -32.60 11.15 33.96
C TRP B 411 -33.58 10.24 33.22
N SER B 412 -33.06 9.35 32.38
CA SER B 412 -33.89 8.38 31.69
C SER B 412 -33.53 6.96 32.11
N VAL B 413 -34.53 6.17 32.50
CA VAL B 413 -34.31 4.83 33.02
C VAL B 413 -34.39 3.77 31.93
N GLY B 414 -34.52 4.15 30.67
CA GLY B 414 -34.49 3.15 29.62
C GLY B 414 -35.16 3.62 28.34
N ASN B 415 -35.21 2.69 27.37
CA ASN B 415 -35.65 3.04 26.02
C ASN B 415 -36.32 1.84 25.38
N GLU B 416 -37.51 2.08 24.81
CA GLU B 416 -38.23 1.15 23.93
C GLU B 416 -38.29 -0.28 24.49
N ASN B 417 -38.96 -0.41 25.64
CA ASN B 417 -39.16 -1.69 26.31
C ASN B 417 -40.63 -2.08 26.25
N ALA B 418 -40.88 -3.36 26.04
CA ALA B 418 -42.25 -3.83 25.94
C ALA B 418 -43.01 -3.63 27.25
N ASP B 419 -44.34 -3.51 27.13
CA ASP B 419 -45.24 -3.19 28.25
C ASP B 419 -45.68 -4.48 28.96
N THR B 420 -44.73 -5.15 29.57
CA THR B 420 -45.02 -6.37 30.29
C THR B 420 -44.94 -6.13 31.80
N ASP B 421 -45.50 -7.07 32.56
CA ASP B 421 -45.49 -6.96 34.02
C ASP B 421 -44.08 -6.83 34.56
N GLU B 422 -43.19 -7.75 34.19
CA GLU B 422 -41.84 -7.74 34.75
C GLU B 422 -41.09 -6.48 34.33
N ARG B 423 -41.30 -6.02 33.08
CA ARG B 423 -40.73 -4.75 32.69
C ARG B 423 -41.24 -3.64 33.59
N LEU B 424 -42.55 -3.68 33.92
CA LEU B 424 -43.14 -2.62 34.73
C LEU B 424 -42.61 -2.65 36.16
N LYS B 425 -42.49 -3.84 36.75
CA LYS B 425 -41.89 -3.95 38.08
C LYS B 425 -40.47 -3.42 38.07
N PHE B 426 -39.71 -3.75 37.03
CA PHE B 426 -38.28 -3.41 36.97
C PHE B 426 -38.07 -1.91 36.79
N MET B 427 -38.67 -1.34 35.75
CA MET B 427 -38.35 0.04 35.41
C MET B 427 -39.05 1.04 36.33
N SER B 428 -40.22 0.68 36.87
CA SER B 428 -40.87 1.55 37.85
C SER B 428 -40.06 1.67 39.14
N VAL B 429 -39.37 0.60 39.53
CA VAL B 429 -38.51 0.71 40.70
C VAL B 429 -37.25 1.49 40.33
N LEU B 430 -36.74 1.31 39.11
CA LEU B 430 -35.69 2.21 38.60
C LEU B 430 -36.10 3.67 38.70
N ALA B 431 -37.31 4.00 38.24
CA ALA B 431 -37.78 5.38 38.33
C ALA B 431 -37.81 5.87 39.77
N GLU B 432 -38.28 5.03 40.69
CA GLU B 432 -38.32 5.39 42.10
C GLU B 432 -36.90 5.57 42.65
N CYS B 433 -35.97 4.72 42.21
CA CYS B 433 -34.58 4.88 42.63
C CYS B 433 -34.00 6.21 42.19
N ALA B 434 -34.25 6.60 40.93
CA ALA B 434 -33.80 7.89 40.44
C ALA B 434 -34.30 9.04 41.31
N HIS B 435 -35.59 8.99 41.69
CA HIS B 435 -36.15 10.05 42.52
C HIS B 435 -35.48 10.10 43.89
N ARG B 436 -35.24 8.94 44.51
CA ARG B 436 -34.63 8.93 45.83
C ARG B 436 -33.19 9.44 45.79
N GLU B 437 -32.47 9.19 44.68
CA GLU B 437 -31.10 9.68 44.57
C GLU B 437 -31.01 11.16 44.21
N ASP B 438 -32.08 11.73 43.64
CA ASP B 438 -32.03 13.11 43.18
C ASP B 438 -33.45 13.71 43.26
N GLU B 439 -33.71 14.47 44.32
CA GLU B 439 -34.97 15.19 44.44
C GLU B 439 -35.13 16.33 43.43
N THR B 440 -34.06 16.73 42.72
CA THR B 440 -34.08 17.94 41.91
C THR B 440 -34.44 17.74 40.45
N ARG B 441 -34.23 16.56 39.90
CA ARG B 441 -34.35 16.39 38.46
C ARG B 441 -35.60 15.60 38.08
N MET B 442 -36.00 15.74 36.82
CA MET B 442 -37.14 15.01 36.30
C MET B 442 -36.72 13.61 35.84
N VAL B 443 -37.65 12.67 35.91
CA VAL B 443 -37.37 11.28 35.56
C VAL B 443 -38.23 10.93 34.35
N SER B 444 -37.61 10.32 33.34
CA SER B 444 -38.37 9.97 32.15
C SER B 444 -37.90 8.63 31.64
N ALA B 445 -38.37 8.29 30.45
CA ALA B 445 -37.97 7.10 29.72
C ALA B 445 -38.56 7.22 28.33
N ALA B 446 -37.91 6.60 27.36
CA ALA B 446 -38.46 6.57 26.00
C ALA B 446 -39.41 5.40 25.93
N CYS B 447 -40.70 5.70 25.79
CA CYS B 447 -41.72 4.66 25.70
C CYS B 447 -42.19 4.50 24.27
N LEU B 448 -42.81 3.36 24.01
CA LEU B 448 -43.28 3.10 22.66
C LEU B 448 -44.74 3.51 22.53
N VAL B 449 -45.18 3.63 21.29
CA VAL B 449 -46.58 3.84 20.99
C VAL B 449 -47.30 2.50 21.07
N ASN B 450 -48.48 2.50 21.69
CA ASN B 450 -49.33 1.31 21.64
C ASN B 450 -49.74 1.03 20.20
N ALA B 451 -49.18 -0.03 19.61
CA ALA B 451 -49.38 -0.30 18.18
C ALA B 451 -50.83 -0.63 17.85
N ALA B 452 -51.44 -1.53 18.62
CA ALA B 452 -52.81 -1.95 18.34
C ALA B 452 -53.77 -0.77 18.34
N LYS B 453 -53.57 0.16 19.27
CA LYS B 453 -54.48 1.29 19.38
C LYS B 453 -54.01 2.52 18.63
N ASN B 454 -52.72 2.60 18.24
CA ASN B 454 -52.12 3.83 17.71
C ASN B 454 -52.34 4.99 18.68
N LYS B 455 -51.84 4.80 19.89
CA LYS B 455 -52.19 5.65 21.00
C LYS B 455 -51.00 5.68 21.97
N ILE B 456 -50.76 6.86 22.55
CA ILE B 456 -49.82 6.97 23.66
C ILE B 456 -50.42 6.27 24.88
N GLU B 457 -50.02 5.02 25.12
CA GLU B 457 -50.58 4.25 26.22
C GLU B 457 -49.55 3.23 26.68
N ASP B 458 -49.09 3.38 27.92
CA ASP B 458 -48.03 2.52 28.47
C ASP B 458 -48.05 2.65 29.99
N ARG B 459 -48.14 1.50 30.68
CA ARG B 459 -48.25 1.50 32.13
C ARG B 459 -47.11 2.21 32.83
N LEU B 460 -45.94 2.35 32.18
CA LEU B 460 -44.80 2.95 32.88
C LEU B 460 -44.94 4.47 33.00
N MET B 461 -45.77 5.09 32.15
CA MET B 461 -45.84 6.54 32.10
C MET B 461 -46.36 7.14 33.40
N GLU B 462 -47.20 6.40 34.12
CA GLU B 462 -47.71 6.91 35.39
C GLU B 462 -46.60 7.14 36.42
N TYR B 463 -45.43 6.52 36.21
CA TYR B 463 -44.30 6.59 37.15
C TYR B 463 -43.22 7.58 36.73
N LEU B 464 -43.41 8.28 35.61
CA LEU B 464 -42.44 9.24 35.10
C LEU B 464 -42.97 10.67 35.22
N ASP B 465 -42.04 11.62 35.34
CA ASP B 465 -42.41 13.03 35.32
C ASP B 465 -42.75 13.50 33.92
N ILE B 466 -41.97 13.06 32.92
CA ILE B 466 -42.16 13.44 31.52
C ILE B 466 -42.24 12.17 30.69
N ILE B 467 -43.22 12.10 29.80
CA ILE B 467 -43.37 10.96 28.91
C ILE B 467 -42.47 11.15 27.69
N GLY B 468 -41.57 10.20 27.46
CA GLY B 468 -40.80 10.16 26.24
C GLY B 468 -41.46 9.20 25.25
N ILE B 469 -41.62 9.65 24.02
CA ILE B 469 -42.27 8.84 23.00
C ILE B 469 -41.37 8.76 21.75
N ASN B 470 -41.07 7.54 21.32
CA ASN B 470 -40.45 7.31 20.02
C ASN B 470 -41.54 6.95 19.02
N GLU B 471 -41.58 7.64 17.89
CA GLU B 471 -42.46 7.21 16.82
C GLU B 471 -41.81 7.51 15.48
N TYR B 472 -42.06 6.64 14.51
CA TYR B 472 -41.41 6.71 13.21
C TYR B 472 -42.45 6.67 12.09
N CYS B 473 -43.48 7.51 12.19
CA CYS B 473 -44.42 7.68 11.09
C CYS B 473 -43.74 8.29 9.88
N GLY B 474 -44.13 7.81 8.70
CA GLY B 474 -43.43 8.10 7.48
C GLY B 474 -42.19 7.26 7.29
N TRP B 475 -41.89 6.34 8.21
CA TRP B 475 -40.74 5.46 8.08
C TRP B 475 -41.12 4.04 8.46
N TYR B 476 -40.84 3.63 9.70
CA TYR B 476 -41.20 2.26 10.08
C TYR B 476 -42.70 2.04 10.06
N THR B 477 -43.47 3.07 10.40
CA THR B 477 -44.90 3.10 10.16
C THR B 477 -45.07 4.01 8.95
N PRO B 478 -45.13 3.47 7.74
CA PRO B 478 -44.97 4.31 6.54
C PRO B 478 -46.09 5.32 6.30
N ASP B 479 -47.34 5.02 6.69
CA ASP B 479 -48.47 5.90 6.39
C ASP B 479 -48.46 7.14 7.28
N PHE B 480 -48.27 8.31 6.68
CA PHE B 480 -48.17 9.57 7.43
C PHE B 480 -49.47 9.90 8.16
N ALA B 481 -50.60 9.40 7.66
CA ALA B 481 -51.85 9.70 8.32
C ALA B 481 -51.88 9.16 9.76
N MET B 482 -51.05 8.15 10.07
CA MET B 482 -50.96 7.64 11.43
C MET B 482 -50.42 8.66 12.44
N LEU B 483 -49.70 9.68 11.99
CA LEU B 483 -49.16 10.64 12.96
C LEU B 483 -50.25 11.52 13.54
N PRO B 484 -51.06 12.26 12.75
CA PRO B 484 -52.15 13.03 13.35
C PRO B 484 -53.13 12.17 14.12
N ALA B 485 -53.43 10.97 13.63
CA ALA B 485 -54.31 10.06 14.36
C ALA B 485 -53.74 9.73 15.73
N LEU B 486 -52.45 9.38 15.79
CA LEU B 486 -51.82 9.06 17.06
C LEU B 486 -51.99 10.20 18.07
N MET B 487 -51.71 11.43 17.64
CA MET B 487 -51.77 12.57 18.56
C MET B 487 -53.20 12.89 18.99
N GLU B 488 -54.19 12.64 18.13
CA GLU B 488 -55.54 12.94 18.58
C GLU B 488 -56.14 11.79 19.38
N ASN B 489 -55.65 10.56 19.20
CA ASN B 489 -56.09 9.43 20.02
C ASN B 489 -55.56 9.49 21.45
N SER B 490 -54.70 10.44 21.76
CA SER B 490 -53.99 10.47 23.03
C SER B 490 -54.19 11.82 23.66
N GLN B 491 -54.46 11.85 24.96
CA GLN B 491 -54.66 13.10 25.70
C GLN B 491 -53.97 12.99 27.05
N PRO B 492 -52.64 13.01 27.05
CA PRO B 492 -51.87 12.77 28.29
C PRO B 492 -52.09 13.87 29.32
N ASP B 493 -51.66 13.56 30.54
CA ASP B 493 -51.70 14.47 31.67
C ASP B 493 -50.38 15.18 31.93
N LYS B 494 -49.27 14.62 31.48
CA LYS B 494 -47.94 15.15 31.68
C LYS B 494 -47.40 15.71 30.37
N PRO B 495 -46.25 16.40 30.40
CA PRO B 495 -45.61 16.79 29.13
C PRO B 495 -45.08 15.58 28.39
N VAL B 496 -45.13 15.65 27.07
CA VAL B 496 -44.56 14.62 26.21
C VAL B 496 -43.38 15.24 25.45
N ILE B 497 -42.22 14.59 25.53
CA ILE B 497 -41.13 14.82 24.60
C ILE B 497 -41.18 13.73 23.55
N VAL B 498 -41.14 14.11 22.27
CA VAL B 498 -40.99 13.12 21.21
C VAL B 498 -39.48 12.84 21.16
N THR B 499 -39.08 11.71 21.71
CA THR B 499 -37.67 11.43 21.91
C THR B 499 -36.99 10.88 20.67
N GLU B 500 -37.75 10.44 19.66
CA GLU B 500 -37.20 9.96 18.41
C GLU B 500 -38.26 10.08 17.31
N PHE B 501 -37.87 10.65 16.18
CA PHE B 501 -38.46 10.35 14.87
C PHE B 501 -37.35 10.55 13.86
N GLY B 502 -37.57 10.08 12.63
CA GLY B 502 -36.58 10.30 11.60
C GLY B 502 -36.68 9.28 10.49
N ALA B 503 -35.59 9.16 9.73
CA ALA B 503 -35.54 8.38 8.50
C ALA B 503 -34.09 8.28 8.03
N ASP B 504 -33.79 7.19 7.31
CA ASP B 504 -32.46 6.98 6.78
C ASP B 504 -32.20 7.93 5.59
N ALA B 505 -31.00 8.51 5.53
CA ALA B 505 -30.54 9.20 4.33
C ALA B 505 -29.04 8.97 4.19
N LEU B 506 -28.65 8.11 3.25
CA LEU B 506 -27.24 7.96 2.91
C LEU B 506 -26.71 9.28 2.37
N PRO B 507 -25.64 9.83 2.93
CA PRO B 507 -25.11 11.11 2.42
C PRO B 507 -24.94 11.09 0.90
N HIS B 508 -25.51 12.11 0.24
CA HIS B 508 -25.41 12.35 -1.20
C HIS B 508 -26.16 11.32 -2.02
N HIS B 509 -27.03 10.54 -1.37
CA HIS B 509 -27.91 9.61 -2.07
C HIS B 509 -29.28 10.24 -2.22
N HIS B 510 -29.71 10.45 -3.45
CA HIS B 510 -30.91 11.24 -3.73
C HIS B 510 -31.96 10.38 -4.40
N GLY B 511 -33.19 10.89 -4.39
CA GLY B 511 -34.26 10.27 -5.14
C GLY B 511 -35.53 11.09 -5.02
N THR B 512 -36.65 10.46 -5.34
CA THR B 512 -37.93 11.12 -5.09
C THR B 512 -38.27 11.06 -3.61
N ILE B 513 -39.29 11.83 -3.23
CA ILE B 513 -39.73 11.84 -1.83
C ILE B 513 -40.21 10.45 -1.37
N SER B 514 -40.61 9.57 -2.29
CA SER B 514 -41.08 8.23 -1.96
C SER B 514 -39.99 7.16 -1.99
N ASP B 515 -38.76 7.50 -2.37
CA ASP B 515 -37.62 6.57 -2.30
C ASP B 515 -37.08 6.56 -0.87
N LYS B 516 -37.53 5.61 -0.06
CA LYS B 516 -37.03 5.55 1.32
C LYS B 516 -35.53 5.29 1.34
N GLY B 517 -34.82 6.05 2.16
CA GLY B 517 -33.39 5.94 2.26
C GLY B 517 -32.64 7.06 1.58
N THR B 518 -33.35 7.95 0.88
CA THR B 518 -32.72 9.09 0.22
C THR B 518 -32.85 10.34 1.08
N GLU B 519 -32.03 11.32 0.73
CA GLU B 519 -32.08 12.63 1.36
C GLU B 519 -33.46 13.26 1.20
N GLU B 520 -34.05 13.16 0.01
CA GLU B 520 -35.32 13.82 -0.25
C GLU B 520 -36.41 13.23 0.61
N CYS B 521 -36.46 11.90 0.71
CA CYS B 521 -37.44 11.27 1.57
C CYS B 521 -37.23 11.71 3.03
N GLN B 522 -35.97 11.89 3.44
CA GLN B 522 -35.71 12.25 4.84
C GLN B 522 -36.23 13.64 5.14
N ALA B 523 -35.90 14.60 4.27
CA ALA B 523 -36.44 15.94 4.38
C ALA B 523 -37.97 15.93 4.41
N ASP B 524 -38.58 15.13 3.53
CA ASP B 524 -40.03 15.04 3.50
C ASP B 524 -40.59 14.53 4.83
N VAL B 525 -39.95 13.51 5.41
CA VAL B 525 -40.43 12.98 6.67
C VAL B 525 -40.37 14.06 7.76
N TYR B 526 -39.32 14.87 7.76
CA TYR B 526 -39.24 15.94 8.74
C TYR B 526 -40.33 16.98 8.51
N GLU B 527 -40.63 17.30 7.24
CA GLU B 527 -41.65 18.31 6.96
C GLU B 527 -42.97 17.89 7.59
N LYS B 528 -43.40 16.67 7.29
CA LYS B 528 -44.68 16.17 7.77
C LYS B 528 -44.65 15.94 9.27
N GLN B 529 -43.52 15.50 9.80
CA GLN B 529 -43.42 15.33 11.25
C GLN B 529 -43.59 16.67 11.95
N ILE B 530 -42.91 17.70 11.45
CA ILE B 530 -42.98 19.00 12.11
C ILE B 530 -44.38 19.61 11.95
N ALA B 531 -45.01 19.43 10.79
CA ALA B 531 -46.32 20.03 10.55
C ALA B 531 -47.34 19.57 11.58
N THR B 532 -47.28 18.30 11.98
CA THR B 532 -48.19 17.84 13.04
C THR B 532 -47.69 18.23 14.42
N LEU B 533 -46.45 17.85 14.75
CA LEU B 533 -46.01 17.94 16.14
C LEU B 533 -46.06 19.37 16.67
N ARG B 534 -45.85 20.36 15.80
CA ARG B 534 -45.77 21.76 16.23
C ARG B 534 -47.08 22.28 16.80
N ASN B 535 -48.21 21.67 16.47
CA ASN B 535 -49.51 22.15 16.93
C ASN B 535 -50.17 21.22 17.95
N ILE B 536 -49.40 20.36 18.59
CA ILE B 536 -49.94 19.44 19.59
C ILE B 536 -49.66 20.04 20.96
N ASP B 537 -50.73 20.32 21.72
CA ASP B 537 -50.59 21.10 22.95
C ASP B 537 -49.61 20.45 23.93
N TYR B 538 -49.69 19.12 24.10
CA TYR B 538 -48.97 18.41 25.14
C TYR B 538 -47.56 18.00 24.75
N ILE B 539 -47.17 18.21 23.50
CA ILE B 539 -45.80 17.97 23.08
C ILE B 539 -44.99 19.20 23.49
N LYS B 540 -44.03 19.01 24.41
CA LYS B 540 -43.22 20.12 24.94
C LYS B 540 -41.75 20.05 24.52
N GLY B 541 -41.41 19.17 23.59
CA GLY B 541 -40.02 19.01 23.20
C GLY B 541 -39.93 17.90 22.19
N MET B 542 -38.79 17.89 21.49
CA MET B 542 -38.50 16.84 20.53
C MET B 542 -36.98 16.75 20.39
N THR B 543 -36.48 15.53 20.34
CA THR B 543 -35.06 15.25 20.09
C THR B 543 -35.01 14.27 18.93
N PRO B 544 -35.17 14.77 17.70
CA PRO B 544 -35.15 13.88 16.53
C PRO B 544 -33.91 12.98 16.51
N TRP B 545 -34.08 11.83 15.87
CA TRP B 545 -33.04 10.80 15.76
C TRP B 545 -32.51 10.86 14.34
N ILE B 546 -31.32 11.43 14.15
CA ILE B 546 -30.31 11.71 15.16
C ILE B 546 -29.37 12.80 14.58
N LEU B 547 -28.52 13.39 15.42
CA LEU B 547 -27.63 14.47 14.96
C LEU B 547 -26.73 14.03 13.80
N TYR B 548 -26.04 12.89 13.95
CA TYR B 548 -25.17 12.45 12.87
C TYR B 548 -25.06 10.93 12.83
N ASP B 549 -24.77 10.42 11.63
CA ASP B 549 -24.71 8.98 11.40
C ASP B 549 -23.70 8.31 12.32
N PHE B 550 -24.05 7.12 12.78
CA PHE B 550 -23.24 6.39 13.74
C PHE B 550 -23.15 4.92 13.34
N ARG B 551 -22.06 4.27 13.77
CA ARG B 551 -21.82 2.86 13.47
C ARG B 551 -22.94 1.98 14.06
N CYS B 552 -23.38 1.01 13.26
CA CYS B 552 -24.56 0.24 13.61
C CYS B 552 -24.50 -1.14 12.98
N PRO B 553 -24.33 -2.21 13.78
CA PRO B 553 -24.14 -3.55 13.20
C PRO B 553 -25.38 -4.11 12.52
N ARG B 554 -26.55 -3.51 12.72
CA ARG B 554 -27.80 -4.07 12.19
C ARG B 554 -28.13 -3.59 10.78
N ARG B 555 -27.37 -2.63 10.22
CA ARG B 555 -27.72 -1.98 8.96
C ARG B 555 -26.75 -2.43 7.86
N THR B 556 -27.14 -3.43 7.06
CA THR B 556 -26.22 -4.07 6.14
C THR B 556 -26.54 -3.79 4.67
N SER B 557 -27.36 -2.79 4.37
CA SER B 557 -27.76 -2.57 2.99
C SER B 557 -26.77 -1.65 2.29
N LEU B 558 -26.79 -1.71 0.96
CA LEU B 558 -25.94 -0.84 0.15
C LEU B 558 -26.10 0.63 0.53
N ILE B 559 -27.32 1.08 0.88
CA ILE B 559 -27.49 2.50 1.23
C ILE B 559 -27.44 2.72 2.72
N GLN B 560 -26.85 1.76 3.46
CA GLN B 560 -26.55 1.92 4.88
C GLN B 560 -25.07 1.75 5.18
N LYS B 561 -24.46 0.63 4.75
CA LYS B 561 -23.04 0.38 4.91
C LYS B 561 -22.62 0.40 6.39
N TYR B 562 -23.41 -0.28 7.23
CA TYR B 562 -23.06 -0.54 8.62
C TYR B 562 -23.04 0.71 9.47
N TYR B 563 -23.77 1.73 9.01
CA TYR B 563 -24.04 2.95 9.74
C TYR B 563 -25.56 3.09 9.86
N ASN B 564 -26.00 3.67 10.97
CA ASN B 564 -27.37 4.15 11.05
C ASN B 564 -27.43 5.49 10.32
N ARG B 565 -28.21 5.57 9.25
CA ARG B 565 -28.17 6.71 8.35
C ARG B 565 -29.21 7.78 8.66
N LYS B 566 -29.71 7.80 9.90
CA LYS B 566 -30.73 8.78 10.25
C LYS B 566 -30.12 10.07 10.73
N GLY B 567 -28.80 10.19 10.68
CA GLY B 567 -28.17 11.44 11.04
C GLY B 567 -28.66 12.58 10.16
N LEU B 568 -28.66 13.78 10.74
CA LEU B 568 -28.87 14.99 9.96
C LEU B 568 -27.58 15.43 9.30
N LEU B 569 -26.44 14.96 9.81
CA LEU B 569 -25.12 15.12 9.21
C LEU B 569 -24.51 13.77 8.91
N SER B 570 -23.53 13.79 8.01
CA SER B 570 -22.68 12.64 7.71
C SER B 570 -21.90 12.24 8.97
N GLU B 571 -21.34 11.02 8.93
CA GLU B 571 -20.74 10.44 10.13
C GLU B 571 -19.51 11.21 10.59
N ASP B 572 -18.83 11.90 9.68
CA ASP B 572 -17.71 12.74 10.07
C ASP B 572 -18.16 14.15 10.36
N LYS B 573 -19.46 14.40 10.28
CA LYS B 573 -20.08 15.68 10.61
C LYS B 573 -19.61 16.81 9.68
N LYS B 574 -19.06 16.48 8.52
CA LYS B 574 -18.63 17.55 7.62
C LYS B 574 -19.69 17.94 6.62
N TYR B 575 -20.80 17.21 6.56
CA TYR B 575 -21.83 17.41 5.54
C TYR B 575 -23.19 17.40 6.20
N ARG B 576 -23.96 18.47 5.98
CA ARG B 576 -25.33 18.56 6.46
C ARG B 576 -26.29 18.08 5.38
N LYS B 577 -27.17 17.15 5.73
CA LYS B 577 -28.17 16.68 4.76
C LYS B 577 -29.29 17.70 4.67
N PRO B 578 -30.15 17.63 3.64
CA PRO B 578 -31.26 18.59 3.55
C PRO B 578 -32.14 18.63 4.79
N ALA B 579 -32.45 17.47 5.40
CA ALA B 579 -33.31 17.49 6.58
C ALA B 579 -32.74 18.39 7.67
N PHE B 580 -31.41 18.52 7.73
CA PHE B 580 -30.80 19.40 8.73
C PHE B 580 -31.37 20.81 8.62
N TYR B 581 -31.52 21.31 7.40
CA TYR B 581 -31.99 22.67 7.22
C TYR B 581 -33.49 22.78 7.49
N VAL B 582 -34.25 21.70 7.28
CA VAL B 582 -35.67 21.71 7.65
C VAL B 582 -35.83 21.95 9.15
N LEU B 583 -35.14 21.14 9.96
CA LEU B 583 -35.29 21.27 11.40
C LEU B 583 -34.78 22.62 11.88
N GLN B 584 -33.67 23.07 11.30
CA GLN B 584 -33.08 24.33 11.75
C GLN B 584 -34.05 25.48 11.50
N LYS B 585 -34.74 25.47 10.35
CA LYS B 585 -35.70 26.52 10.07
C LYS B 585 -36.85 26.50 11.07
N PHE B 586 -37.30 25.29 11.47
CA PHE B 586 -38.35 25.20 12.49
C PHE B 586 -37.87 25.75 13.83
N TYR B 587 -36.63 25.46 14.21
CA TYR B 587 -36.14 25.96 15.49
C TYR B 587 -35.88 27.47 15.46
N GLU B 588 -35.46 28.03 14.32
CA GLU B 588 -35.31 29.48 14.24
C GLU B 588 -36.65 30.19 14.35
N GLU B 589 -37.70 29.64 13.73
CA GLU B 589 -39.05 30.17 13.93
C GLU B 589 -39.38 30.24 15.41
N LEU B 590 -39.15 29.15 16.15
CA LEU B 590 -39.42 29.16 17.59
C LEU B 590 -38.54 30.17 18.31
N LYS B 591 -37.26 30.23 17.94
CA LYS B 591 -36.34 31.14 18.60
C LYS B 591 -36.74 32.60 18.42
N ARG B 592 -37.28 32.96 17.25
CA ARG B 592 -37.64 34.35 17.01
C ARG B 592 -39.01 34.70 17.58
N LYS B 593 -39.99 33.79 17.44
CA LYS B 593 -41.29 33.98 18.09
C LYS B 593 -41.10 34.15 19.59
N GLU B 594 -40.15 33.41 20.16
CA GLU B 594 -39.84 33.50 21.58
C GLU B 594 -39.23 34.84 21.95
N GLN B 595 -38.49 35.46 21.03
CA GLN B 595 -37.90 36.78 21.27
C GLN B 595 -38.84 37.92 20.92
N GLU B 596 -39.80 37.69 20.02
CA GLU B 596 -40.87 38.65 19.80
C GLU B 596 -41.84 38.72 20.97
N ASN B 597 -41.60 37.98 22.05
CA ASN B 597 -42.43 38.04 23.24
C ASN B 597 -41.84 39.06 24.22
N MET C 10 -28.97 -11.51 -35.13
CA MET C 10 -27.50 -11.41 -35.08
C MET C 10 -27.12 -9.95 -35.39
N SER C 11 -28.05 -9.04 -35.13
CA SER C 11 -27.77 -7.64 -35.46
C SER C 11 -26.68 -7.04 -34.57
N ASP C 12 -26.60 -7.49 -33.31
CA ASP C 12 -25.66 -6.88 -32.37
C ASP C 12 -24.22 -6.89 -32.91
N ILE C 13 -23.87 -7.83 -33.79
CA ILE C 13 -22.49 -7.94 -34.22
C ILE C 13 -22.27 -7.62 -35.71
N HIS C 14 -23.27 -7.80 -36.57
CA HIS C 14 -23.06 -7.48 -38.01
C HIS C 14 -23.53 -6.09 -38.40
N LEU C 15 -24.10 -5.32 -37.48
CA LEU C 15 -24.66 -4.02 -37.82
C LEU C 15 -23.53 -2.99 -37.84
N GLU C 16 -23.37 -2.30 -38.98
CA GLU C 16 -22.34 -1.29 -39.08
C GLU C 16 -22.74 -0.01 -38.34
N ASP C 17 -23.90 0.57 -38.70
CA ASP C 17 -24.31 1.89 -38.20
C ASP C 17 -25.32 1.72 -37.07
N TYR C 18 -24.81 1.41 -35.89
CA TYR C 18 -25.68 1.06 -34.79
C TYR C 18 -26.16 2.27 -34.01
N THR C 19 -25.67 3.47 -34.32
CA THR C 19 -26.07 4.67 -33.59
C THR C 19 -27.18 5.47 -34.27
N GLU C 20 -27.40 5.24 -35.57
CA GLU C 20 -28.44 5.95 -36.31
C GLU C 20 -29.77 5.89 -35.58
N GLN C 21 -30.14 4.67 -35.13
CA GLN C 21 -31.39 4.44 -34.42
C GLN C 21 -31.58 5.33 -33.19
N TYR C 22 -30.51 5.85 -32.60
CA TYR C 22 -30.64 6.68 -31.41
C TYR C 22 -30.61 8.17 -31.73
N GLU C 23 -30.53 8.55 -33.02
CA GLU C 23 -30.50 9.96 -33.40
C GLU C 23 -31.93 10.51 -33.45
N THR C 24 -32.52 10.63 -32.24
CA THR C 24 -33.90 11.06 -32.07
C THR C 24 -34.14 11.34 -30.59
N GLY C 25 -35.22 12.04 -30.29
CA GLY C 25 -35.52 12.45 -28.92
C GLY C 25 -34.53 13.44 -28.35
N PHE C 26 -34.03 14.36 -29.18
CA PHE C 26 -32.93 15.22 -28.76
C PHE C 26 -33.37 16.17 -27.64
N ALA C 27 -32.50 16.36 -26.64
CA ALA C 27 -32.62 17.51 -25.75
C ALA C 27 -31.86 18.68 -26.39
N THR C 28 -32.57 19.77 -26.63
CA THR C 28 -31.93 20.94 -27.23
C THR C 28 -32.31 22.19 -26.46
N VAL C 29 -31.95 23.36 -26.97
CA VAL C 29 -32.43 24.59 -26.34
C VAL C 29 -33.96 24.62 -26.31
N ASP C 30 -34.62 24.10 -27.35
CA ASP C 30 -36.09 24.19 -27.44
C ASP C 30 -36.77 23.31 -26.41
N THR C 31 -36.00 22.54 -25.69
CA THR C 31 -36.51 21.52 -24.81
C THR C 31 -36.22 21.84 -23.35
N MET C 32 -35.41 22.86 -23.09
CA MET C 32 -35.14 23.31 -21.73
C MET C 32 -36.41 23.90 -21.09
N ILE C 33 -36.44 23.88 -19.76
CA ILE C 33 -37.43 24.64 -19.03
C ILE C 33 -36.70 25.51 -18.02
N PHE C 34 -37.31 26.65 -17.68
CA PHE C 34 -36.77 27.51 -16.64
C PHE C 34 -36.80 26.80 -15.29
N GLU C 35 -35.72 26.96 -14.52
CA GLU C 35 -35.56 26.21 -13.28
C GLU C 35 -35.65 27.06 -12.03
N GLY C 36 -35.52 28.38 -12.14
CA GLY C 36 -35.55 29.24 -10.97
C GLY C 36 -36.72 29.00 -10.02
N GLY C 37 -36.41 28.79 -8.74
CA GLY C 37 -37.42 28.56 -7.74
C GLY C 37 -38.13 27.22 -7.78
N ARG C 38 -37.86 26.37 -8.77
CA ARG C 38 -38.52 25.08 -8.87
C ARG C 38 -37.94 24.08 -7.89
N ARG C 39 -38.82 23.31 -7.23
CA ARG C 39 -38.38 22.21 -6.39
C ARG C 39 -38.03 21.01 -7.27
N GLU C 40 -36.91 20.39 -6.95
CA GLU C 40 -36.37 19.31 -7.77
C GLU C 40 -35.99 18.13 -6.89
N GLU C 41 -36.25 16.92 -7.38
CA GLU C 41 -35.73 15.70 -6.75
C GLU C 41 -34.55 15.20 -7.58
N LEU C 42 -33.38 15.14 -6.95
CA LEU C 42 -32.19 14.71 -7.69
C LEU C 42 -32.15 13.19 -7.84
N LEU C 43 -31.50 12.76 -8.90
CA LEU C 43 -31.15 11.35 -9.02
C LEU C 43 -29.66 11.12 -8.75
N ASN C 44 -28.98 12.10 -8.17
CA ASN C 44 -27.59 11.93 -7.71
C ASN C 44 -27.51 10.77 -6.71
N GLY C 45 -26.32 10.20 -6.58
CA GLY C 45 -26.06 9.10 -5.68
C GLY C 45 -25.37 7.97 -6.39
N GLY C 46 -25.35 6.80 -5.75
CA GLY C 46 -24.70 5.63 -6.30
C GLY C 46 -25.47 4.94 -7.42
N TRP C 47 -24.90 4.91 -8.62
CA TRP C 47 -25.47 4.18 -9.74
C TRP C 47 -24.63 2.94 -10.02
N HIS C 48 -25.27 1.81 -10.29
CA HIS C 48 -24.55 0.65 -10.79
C HIS C 48 -24.02 0.91 -12.19
N TYR C 49 -22.79 0.45 -12.48
CA TYR C 49 -22.17 0.87 -13.72
C TYR C 49 -21.28 -0.20 -14.33
N ALA C 50 -21.02 -0.02 -15.63
CA ALA C 50 -20.05 -0.84 -16.36
C ALA C 50 -19.21 0.03 -17.29
N VAL C 51 -17.94 -0.31 -17.43
CA VAL C 51 -17.16 0.18 -18.55
C VAL C 51 -17.63 -0.57 -19.81
N ASP C 52 -18.10 0.19 -20.80
CA ASP C 52 -18.63 -0.40 -22.05
C ASP C 52 -17.77 0.08 -23.22
N GLN C 53 -16.59 -0.50 -23.34
CA GLN C 53 -15.59 0.03 -24.26
C GLN C 53 -16.02 -0.10 -25.73
N TYR C 54 -16.75 -1.15 -26.08
CA TYR C 54 -17.16 -1.33 -27.47
C TYR C 54 -18.63 -0.96 -27.70
N ASP C 55 -19.23 -0.16 -26.81
CA ASP C 55 -20.62 0.29 -26.95
C ASP C 55 -21.59 -0.90 -27.05
N THR C 56 -21.27 -1.96 -26.30
CA THR C 56 -22.05 -3.20 -26.38
C THR C 56 -23.50 -3.00 -25.93
N CYS C 57 -23.72 -2.08 -24.98
CA CYS C 57 -25.06 -1.83 -24.47
C CYS C 57 -25.98 -1.27 -25.57
N LEU C 58 -25.42 -0.38 -26.41
CA LEU C 58 -26.20 0.22 -27.49
C LEU C 58 -26.47 -0.77 -28.61
N ARG C 59 -25.53 -1.69 -28.88
CA ARG C 59 -25.70 -2.71 -29.91
C ARG C 59 -26.64 -3.83 -29.46
N GLN C 60 -26.43 -4.35 -28.24
CA GLN C 60 -27.17 -5.49 -27.71
C GLN C 60 -28.46 -5.08 -27.01
N LYS C 61 -28.60 -3.80 -26.67
CA LYS C 61 -29.79 -3.24 -26.02
C LYS C 61 -30.04 -3.90 -24.67
N TRP C 62 -29.06 -3.71 -23.77
CA TRP C 62 -29.13 -4.29 -22.44
C TRP C 62 -30.33 -3.77 -21.68
N TYR C 63 -30.78 -2.55 -21.99
CA TYR C 63 -31.85 -1.90 -21.25
C TYR C 63 -33.20 -2.55 -21.49
N LYS C 64 -33.34 -3.32 -22.57
CA LYS C 64 -34.54 -4.12 -22.76
C LYS C 64 -34.65 -5.26 -21.74
N GLU C 65 -33.53 -5.62 -21.09
CA GLU C 65 -33.49 -6.70 -20.08
C GLU C 65 -34.15 -7.99 -20.59
N ARG C 66 -33.75 -8.44 -21.77
CA ARG C 66 -34.29 -9.68 -22.35
C ARG C 66 -33.52 -10.87 -21.78
N TYR C 67 -34.14 -11.59 -20.82
CA TYR C 67 -33.45 -12.65 -20.09
C TYR C 67 -33.79 -14.06 -20.58
N ARG C 68 -34.94 -14.24 -21.21
CA ARG C 68 -35.37 -15.54 -21.73
C ARG C 68 -35.83 -15.40 -23.18
N ASP C 69 -35.83 -16.50 -23.92
CA ASP C 69 -36.31 -16.44 -25.29
C ASP C 69 -37.81 -16.79 -25.34
N GLU C 70 -38.36 -16.78 -26.55
CA GLU C 70 -39.79 -16.89 -26.75
C GLU C 70 -40.32 -18.26 -26.35
N LYS C 71 -39.45 -19.21 -26.05
CA LYS C 71 -39.86 -20.51 -25.55
C LYS C 71 -39.34 -20.77 -24.13
N GLY C 72 -39.02 -19.71 -23.38
CA GLY C 72 -38.70 -19.83 -21.96
C GLY C 72 -37.28 -20.20 -21.58
N PHE C 73 -36.39 -20.41 -22.56
CA PHE C 73 -34.97 -20.69 -22.28
C PHE C 73 -34.27 -19.43 -21.79
N THR C 74 -33.49 -19.55 -20.72
CA THR C 74 -32.56 -18.47 -20.42
C THR C 74 -31.56 -18.30 -21.57
N VAL C 75 -31.13 -17.07 -21.81
CA VAL C 75 -30.13 -16.81 -22.86
C VAL C 75 -28.93 -16.12 -22.23
N PRO C 76 -27.70 -16.44 -22.67
CA PRO C 76 -26.50 -15.80 -22.10
C PRO C 76 -26.57 -14.29 -22.24
N ILE C 77 -26.26 -13.57 -21.15
CA ILE C 77 -26.25 -12.11 -21.18
C ILE C 77 -24.88 -11.60 -20.70
N ASP C 78 -24.60 -10.35 -21.03
CA ASP C 78 -23.27 -9.77 -20.85
C ASP C 78 -23.26 -8.63 -19.83
N TYR C 79 -24.29 -8.59 -18.98
CA TYR C 79 -24.41 -7.53 -17.98
C TYR C 79 -25.14 -8.12 -16.78
N SER C 80 -25.15 -7.38 -15.67
CA SER C 80 -25.95 -7.77 -14.49
C SER C 80 -26.13 -6.50 -13.66
N PHE C 81 -27.25 -5.80 -13.88
CA PHE C 81 -27.41 -4.43 -13.41
C PHE C 81 -27.20 -4.32 -11.90
N ASP C 82 -27.98 -5.07 -11.12
CA ASP C 82 -27.91 -4.91 -9.66
C ASP C 82 -26.60 -5.41 -9.08
N GLU C 83 -25.89 -6.30 -9.75
CA GLU C 83 -24.65 -6.84 -9.21
C GLU C 83 -23.41 -6.18 -9.76
N TRP C 84 -23.56 -5.15 -10.61
CA TRP C 84 -22.47 -4.30 -11.05
C TRP C 84 -21.91 -3.50 -9.88
N PRO C 85 -20.65 -3.05 -9.96
CA PRO C 85 -20.14 -2.09 -8.98
C PRO C 85 -20.89 -0.78 -9.07
N VAL C 86 -20.61 0.12 -8.15
CA VAL C 86 -21.39 1.33 -7.96
C VAL C 86 -20.46 2.54 -8.03
N MET C 87 -20.87 3.55 -8.79
CA MET C 87 -20.14 4.80 -8.84
C MET C 87 -21.07 5.93 -8.38
N GLN C 88 -20.52 6.84 -7.60
CA GLN C 88 -21.25 8.03 -7.17
C GLN C 88 -21.33 9.04 -8.32
N LEU C 89 -22.59 9.30 -8.82
CA LEU C 89 -22.88 10.37 -9.77
C LEU C 89 -23.47 11.59 -9.06
N PRO C 90 -23.23 12.83 -9.56
CA PRO C 90 -22.40 13.16 -10.74
C PRO C 90 -20.91 13.13 -10.45
N CYS C 91 -20.10 12.80 -11.44
CA CYS C 91 -18.67 13.01 -11.33
C CYS C 91 -18.07 12.86 -12.72
N SER C 92 -16.91 13.47 -12.91
CA SER C 92 -16.05 13.06 -14.02
C SER C 92 -15.42 11.73 -13.63
N TRP C 93 -15.66 10.70 -14.44
CA TRP C 93 -15.20 9.40 -14.02
C TRP C 93 -13.68 9.29 -14.01
N ASN C 94 -12.98 10.21 -14.69
CA ASN C 94 -11.53 10.13 -14.79
C ASN C 94 -10.85 10.31 -13.43
N THR C 95 -11.41 11.16 -12.56
CA THR C 95 -10.81 11.37 -11.24
C THR C 95 -11.40 10.46 -10.18
N ILE C 96 -12.23 9.49 -10.55
CA ILE C 96 -12.82 8.60 -9.57
C ILE C 96 -11.91 7.40 -9.24
N ASP C 97 -11.10 6.95 -10.20
CA ASP C 97 -10.17 5.87 -10.00
C ASP C 97 -9.06 6.04 -11.03
N PRO C 98 -7.80 5.76 -10.68
CA PRO C 98 -6.72 5.95 -11.64
C PRO C 98 -6.88 5.12 -12.92
N MET C 99 -7.65 4.03 -12.86
CA MET C 99 -7.87 3.25 -14.07
C MET C 99 -8.75 3.95 -15.10
N TYR C 100 -9.45 5.02 -14.71
CA TYR C 100 -10.33 5.74 -15.62
C TYR C 100 -9.78 7.08 -16.07
N LEU C 101 -8.61 7.48 -15.57
CA LEU C 101 -8.05 8.79 -15.87
C LEU C 101 -7.99 9.03 -17.37
N LEU C 102 -7.50 8.04 -18.11
CA LEU C 102 -7.32 8.14 -19.54
C LEU C 102 -8.42 7.43 -20.31
N TYR C 103 -9.50 7.04 -19.64
CA TYR C 103 -10.59 6.36 -20.33
C TYR C 103 -11.54 7.40 -20.91
N GLU C 104 -11.86 7.24 -22.20
CA GLU C 104 -12.77 8.16 -22.85
C GLU C 104 -13.71 7.40 -23.78
N GLY C 105 -14.07 6.19 -23.41
CA GLY C 105 -15.08 5.42 -24.11
C GLY C 105 -16.42 5.62 -23.46
N SER C 106 -17.24 4.59 -23.53
CA SER C 106 -18.57 4.65 -22.92
C SER C 106 -18.58 4.01 -21.55
N MET C 107 -19.40 4.56 -20.66
CA MET C 107 -19.79 3.90 -19.45
C MET C 107 -21.32 3.90 -19.38
N VAL C 108 -21.87 2.81 -18.82
CA VAL C 108 -23.31 2.63 -18.68
C VAL C 108 -23.68 2.68 -17.21
N PHE C 109 -24.62 3.56 -16.87
CA PHE C 109 -25.02 3.77 -15.49
C PHE C 109 -26.50 3.44 -15.35
N THR C 110 -26.88 2.84 -14.22
CA THR C 110 -28.27 2.47 -13.99
C THR C 110 -28.59 2.49 -12.49
N ARG C 111 -29.85 2.83 -12.20
CA ARG C 111 -30.38 2.86 -10.86
C ARG C 111 -31.89 2.78 -10.98
N LYS C 112 -32.57 2.65 -9.83
CA LYS C 112 -34.02 2.56 -9.78
C LYS C 112 -34.56 3.72 -8.97
N PHE C 113 -35.83 4.04 -9.21
CA PHE C 113 -36.49 5.07 -8.41
C PHE C 113 -38.00 4.93 -8.56
N SER C 114 -38.71 5.33 -7.52
CA SER C 114 -40.15 5.21 -7.46
C SER C 114 -40.78 6.55 -7.78
N TYR C 115 -42.01 6.50 -8.28
CA TYR C 115 -42.71 7.71 -8.72
C TYR C 115 -44.16 7.59 -8.32
N ILE C 116 -44.65 8.57 -7.55
CA ILE C 116 -46.07 8.72 -7.24
C ILE C 116 -46.44 10.18 -7.46
N ALA C 117 -47.35 10.44 -8.40
CA ALA C 117 -47.86 11.79 -8.61
C ALA C 117 -48.96 12.09 -7.59
N GLU C 118 -48.79 13.19 -6.85
CA GLU C 118 -49.87 13.72 -6.02
C GLU C 118 -50.88 14.50 -6.84
N ARG C 119 -50.51 14.89 -8.05
CA ARG C 119 -51.35 15.71 -8.90
C ARG C 119 -51.09 15.28 -10.33
N GLU C 120 -52.00 15.67 -11.21
CA GLU C 120 -51.69 15.55 -12.62
C GLU C 120 -50.51 16.47 -12.93
N GLU C 121 -49.45 15.91 -13.50
CA GLU C 121 -48.22 16.67 -13.61
C GLU C 121 -47.36 16.16 -14.76
N THR C 122 -46.50 17.06 -15.24
CA THR C 122 -45.48 16.76 -16.24
C THR C 122 -44.12 16.68 -15.56
N VAL C 123 -43.26 15.75 -16.03
CA VAL C 123 -41.97 15.47 -15.40
C VAL C 123 -40.82 15.55 -16.41
N PHE C 124 -39.80 16.31 -16.07
CA PHE C 124 -38.58 16.39 -16.87
C PHE C 124 -37.42 15.72 -16.15
N LEU C 125 -36.68 14.91 -16.90
CA LEU C 125 -35.33 14.53 -16.52
C LEU C 125 -34.33 15.60 -16.99
N LYS C 126 -33.56 16.14 -16.06
CA LYS C 126 -32.43 17.02 -16.38
C LYS C 126 -31.11 16.29 -16.13
N VAL C 127 -30.24 16.25 -17.13
CA VAL C 127 -28.84 15.90 -16.94
C VAL C 127 -28.05 17.20 -17.02
N GLY C 128 -27.54 17.65 -15.87
CA GLY C 128 -26.90 18.97 -15.81
C GLY C 128 -25.75 19.12 -16.79
N ALA C 129 -25.02 18.03 -17.05
CA ALA C 129 -23.95 18.03 -18.04
C ALA C 129 -23.44 16.62 -18.18
N ALA C 130 -23.19 16.22 -19.43
CA ALA C 130 -22.57 14.93 -19.71
C ALA C 130 -21.69 15.08 -20.95
N ASN C 131 -20.39 14.78 -20.82
CA ASN C 131 -19.44 14.87 -21.93
C ASN C 131 -19.13 13.46 -22.42
N TYR C 132 -19.34 13.20 -23.73
CA TYR C 132 -19.86 14.16 -24.73
C TYR C 132 -21.28 13.82 -25.21
N LEU C 133 -21.59 12.53 -25.35
CA LEU C 133 -22.93 12.06 -25.69
C LEU C 133 -23.58 11.40 -24.48
N CYS C 134 -24.88 11.65 -24.30
CA CYS C 134 -25.66 11.03 -23.25
C CYS C 134 -26.90 10.43 -23.88
N ARG C 135 -27.02 9.10 -23.83
CA ARG C 135 -28.19 8.36 -24.31
C ARG C 135 -29.00 7.89 -23.11
N VAL C 136 -30.32 8.10 -23.16
CA VAL C 136 -31.21 7.98 -22.02
C VAL C 136 -32.24 6.88 -22.27
N PHE C 137 -32.37 5.96 -21.33
CA PHE C 137 -33.40 4.93 -21.40
C PHE C 137 -34.17 4.87 -20.08
N LEU C 138 -35.47 4.64 -20.21
CA LEU C 138 -36.39 4.57 -19.07
C LEU C 138 -37.31 3.37 -19.25
N ASN C 139 -37.34 2.51 -18.25
CA ASN C 139 -38.22 1.33 -18.22
C ASN C 139 -38.20 0.58 -19.54
N GLY C 140 -37.01 0.45 -20.10
CA GLY C 140 -36.74 -0.33 -21.28
C GLY C 140 -36.98 0.37 -22.59
N LYS C 141 -37.30 1.65 -22.57
CA LYS C 141 -37.58 2.41 -23.79
C LYS C 141 -36.59 3.55 -23.95
N TYR C 142 -36.22 3.83 -25.21
CA TYR C 142 -35.33 4.94 -25.49
C TYR C 142 -36.05 6.28 -25.35
N VAL C 143 -35.48 7.16 -24.52
CA VAL C 143 -36.03 8.50 -24.32
C VAL C 143 -35.47 9.50 -25.33
N GLY C 144 -34.16 9.45 -25.60
CA GLY C 144 -33.51 10.44 -26.45
C GLY C 144 -32.06 10.63 -26.01
N MET C 145 -31.40 11.58 -26.66
CA MET C 145 -29.98 11.82 -26.37
C MET C 145 -29.69 13.32 -26.31
N HIS C 146 -28.44 13.62 -25.94
CA HIS C 146 -27.95 14.99 -25.98
C HIS C 146 -26.52 15.04 -26.50
N ARG C 147 -26.24 16.05 -27.31
CA ARG C 147 -24.96 16.28 -27.95
C ARG C 147 -24.36 17.58 -27.44
N GLY C 148 -23.12 17.52 -26.95
CA GLY C 148 -22.52 18.70 -26.33
C GLY C 148 -22.24 18.47 -24.86
N GLY C 149 -21.00 18.66 -24.44
CA GLY C 149 -20.57 18.21 -23.13
C GLY C 149 -20.63 19.19 -21.98
N SER C 150 -21.13 20.42 -22.16
CA SER C 150 -21.06 21.35 -21.04
C SER C 150 -22.38 22.07 -20.79
N THR C 151 -23.50 21.53 -21.26
CA THR C 151 -24.78 22.20 -21.11
C THR C 151 -25.84 21.26 -20.59
N PRO C 152 -26.80 21.79 -19.84
CA PRO C 152 -27.83 20.92 -19.24
C PRO C 152 -28.83 20.46 -20.29
N ALA C 153 -29.29 19.23 -20.14
CA ALA C 153 -30.20 18.59 -21.09
C ALA C 153 -31.51 18.21 -20.39
N PHE C 154 -32.65 18.40 -21.08
CA PHE C 154 -33.96 18.12 -20.49
C PHE C 154 -34.78 17.21 -21.39
N TRP C 155 -35.35 16.14 -20.87
CA TRP C 155 -36.29 15.35 -21.66
C TRP C 155 -37.61 15.27 -20.91
N ASN C 156 -38.71 15.36 -21.63
CA ASN C 156 -40.01 15.16 -21.00
C ASN C 156 -40.25 13.66 -20.90
N ILE C 157 -40.19 13.14 -19.67
CA ILE C 157 -40.30 11.69 -19.48
C ILE C 157 -41.68 11.29 -18.96
N THR C 158 -42.66 12.21 -19.02
CA THR C 158 -43.96 11.96 -18.41
C THR C 158 -44.55 10.63 -18.84
N GLU C 159 -44.53 10.36 -20.15
CA GLU C 159 -45.19 9.18 -20.70
C GLU C 159 -44.44 7.90 -20.43
N TYR C 160 -43.22 7.99 -19.90
CA TYR C 160 -42.39 6.81 -19.68
C TYR C 160 -42.50 6.28 -18.26
N LEU C 161 -42.95 7.09 -17.31
CA LEU C 161 -42.83 6.76 -15.90
C LEU C 161 -43.83 5.69 -15.49
N LYS C 162 -43.38 4.79 -14.62
CA LYS C 162 -44.20 3.82 -13.91
C LYS C 162 -44.07 4.06 -12.40
N ALA C 163 -44.72 3.19 -11.62
CA ALA C 163 -44.57 3.25 -10.16
C ALA C 163 -43.15 2.90 -9.74
N GLU C 164 -42.57 1.87 -10.34
CA GLU C 164 -41.17 1.48 -10.19
C GLU C 164 -40.44 1.75 -11.49
N ASN C 165 -39.32 2.48 -11.43
CA ASN C 165 -38.58 2.81 -12.65
C ASN C 165 -37.13 2.36 -12.59
N ARG C 166 -36.63 1.88 -13.73
CA ARG C 166 -35.21 1.76 -13.98
C ARG C 166 -34.80 2.72 -15.09
N ILE C 167 -33.82 3.57 -14.81
CA ILE C 167 -33.24 4.46 -15.79
C ILE C 167 -31.83 3.99 -16.11
N VAL C 168 -31.44 4.10 -17.37
CA VAL C 168 -30.11 3.78 -17.84
C VAL C 168 -29.57 4.98 -18.61
N LEU C 169 -28.34 5.36 -18.31
CA LEU C 169 -27.63 6.40 -19.04
C LEU C 169 -26.39 5.77 -19.68
N ALA C 170 -26.31 5.82 -21.01
CA ALA C 170 -25.08 5.49 -21.74
C ALA C 170 -24.39 6.79 -22.13
N VAL C 171 -23.13 6.94 -21.68
CA VAL C 171 -22.42 8.19 -21.81
C VAL C 171 -21.10 7.93 -22.53
N ASP C 172 -20.97 8.49 -23.72
CA ASP C 172 -19.80 8.28 -24.56
C ASP C 172 -18.84 9.44 -24.37
N GLY C 173 -17.58 9.10 -24.06
CA GLY C 173 -16.53 10.09 -23.94
C GLY C 173 -15.82 10.43 -25.25
N THR C 174 -16.10 9.67 -26.30
CA THR C 174 -15.28 9.71 -27.51
C THR C 174 -15.11 11.12 -28.06
N ARG C 175 -13.85 11.44 -28.41
CA ARG C 175 -13.55 12.67 -29.12
C ARG C 175 -13.71 12.40 -30.61
N ARG C 176 -14.37 13.33 -31.32
CA ARG C 176 -14.55 13.21 -32.77
C ARG C 176 -14.22 14.54 -33.45
N PRO C 177 -13.58 14.51 -34.62
CA PRO C 177 -13.20 15.78 -35.28
C PRO C 177 -14.39 16.67 -35.63
N GLU C 178 -15.56 16.10 -35.86
CA GLU C 178 -16.73 16.90 -36.24
C GLU C 178 -17.50 17.43 -35.04
N GLN C 179 -17.08 17.12 -33.81
CA GLN C 179 -17.83 17.57 -32.65
C GLN C 179 -17.44 19.01 -32.30
N VAL C 180 -18.05 19.53 -31.24
CA VAL C 180 -17.76 20.89 -30.80
C VAL C 180 -17.44 20.83 -29.31
N PRO C 181 -16.16 20.68 -28.92
CA PRO C 181 -14.96 20.81 -29.74
C PRO C 181 -14.56 19.58 -30.54
N THR C 182 -13.51 19.73 -31.34
CA THR C 182 -12.95 18.62 -32.08
C THR C 182 -12.15 17.70 -31.14
N GLU C 183 -11.62 16.61 -31.72
CA GLU C 183 -10.72 15.71 -31.00
C GLU C 183 -9.46 16.40 -30.47
N ASN C 184 -9.09 17.59 -30.96
CA ASN C 184 -7.86 18.27 -30.54
C ASN C 184 -8.17 19.59 -29.84
N THR C 185 -7.87 19.66 -28.54
CA THR C 185 -7.97 20.88 -27.75
C THR C 185 -6.74 20.98 -26.87
N ASP C 186 -6.68 22.05 -26.08
CA ASP C 186 -5.63 22.18 -25.07
C ASP C 186 -6.17 22.04 -23.65
N TRP C 187 -7.22 21.23 -23.45
CA TRP C 187 -7.63 20.90 -22.08
C TRP C 187 -7.94 19.41 -21.98
N PHE C 188 -8.21 18.98 -20.76
CA PHE C 188 -8.37 17.55 -20.48
C PHE C 188 -9.77 17.09 -20.84
N ASN C 189 -9.86 15.90 -21.42
CA ASN C 189 -11.13 15.30 -21.79
C ASN C 189 -11.73 14.56 -20.59
N TYR C 190 -12.28 15.35 -19.68
CA TYR C 190 -13.09 14.82 -18.59
C TYR C 190 -14.41 14.28 -19.14
N CYS C 191 -14.80 13.09 -18.69
CA CYS C 191 -15.94 12.41 -19.28
C CYS C 191 -16.95 12.04 -18.20
N GLY C 192 -18.18 11.77 -18.61
CA GLY C 192 -19.21 11.28 -17.71
C GLY C 192 -20.31 12.29 -17.45
N VAL C 193 -21.21 11.91 -16.54
CA VAL C 193 -22.27 12.79 -16.05
C VAL C 193 -21.71 13.49 -14.83
N TYR C 194 -21.41 14.78 -14.95
CA TYR C 194 -20.64 15.46 -13.92
C TYR C 194 -21.35 16.68 -13.35
N ARG C 195 -22.61 16.91 -13.70
CA ARG C 195 -23.46 17.86 -13.00
C ARG C 195 -24.75 17.15 -12.61
N ASP C 196 -25.57 17.83 -11.79
CA ASP C 196 -26.70 17.19 -11.14
C ASP C 196 -27.64 16.53 -12.14
N ILE C 197 -28.15 15.37 -11.76
CA ILE C 197 -29.27 14.72 -12.42
C ILE C 197 -30.51 15.01 -11.59
N ALA C 198 -31.55 15.57 -12.22
CA ALA C 198 -32.73 16.03 -11.51
C ALA C 198 -34.00 15.53 -12.15
N LEU C 199 -35.00 15.30 -11.31
CA LEU C 199 -36.39 15.10 -11.72
C LEU C 199 -37.15 16.36 -11.35
N ILE C 200 -37.92 16.88 -12.30
CA ILE C 200 -38.57 18.20 -12.17
C ILE C 200 -40.06 18.04 -12.48
N ARG C 201 -40.90 18.26 -11.47
CA ARG C 201 -42.34 18.12 -11.63
C ARG C 201 -42.95 19.49 -11.88
N VAL C 202 -43.73 19.61 -12.96
CA VAL C 202 -44.30 20.90 -13.35
C VAL C 202 -45.74 20.73 -13.78
N PRO C 203 -46.53 21.79 -13.72
CA PRO C 203 -47.90 21.72 -14.22
C PRO C 203 -47.94 21.46 -15.72
N LYS C 204 -49.07 20.91 -16.17
CA LYS C 204 -49.26 20.57 -17.58
C LYS C 204 -48.99 21.78 -18.47
N CYS C 205 -49.35 22.96 -18.00
CA CYS C 205 -49.03 24.20 -18.64
C CYS C 205 -48.09 24.95 -17.70
N HIS C 206 -46.82 25.00 -18.05
CA HIS C 206 -45.82 25.57 -17.14
C HIS C 206 -45.05 26.68 -17.84
N ILE C 207 -44.47 27.55 -17.03
CA ILE C 207 -43.59 28.58 -17.49
C ILE C 207 -42.32 27.94 -18.04
N LYS C 208 -42.07 28.14 -19.32
CA LYS C 208 -40.98 27.46 -20.00
C LYS C 208 -39.71 28.30 -20.09
N THR C 209 -39.82 29.59 -20.44
CA THR C 209 -38.69 30.51 -20.36
C THR C 209 -39.12 31.80 -19.65
N PHE C 210 -38.15 32.43 -18.99
CA PHE C 210 -38.38 33.68 -18.27
C PHE C 210 -37.10 34.47 -18.32
N LYS C 211 -37.11 35.56 -19.09
CA LYS C 211 -35.94 36.41 -19.27
C LYS C 211 -36.28 37.80 -18.75
N ILE C 212 -35.36 38.37 -17.98
CA ILE C 212 -35.54 39.69 -17.42
C ILE C 212 -34.19 40.41 -17.44
N ALA C 213 -34.22 41.70 -17.77
CA ALA C 213 -33.01 42.52 -17.97
C ALA C 213 -33.38 44.00 -17.96
N LEU C 214 -32.46 44.82 -17.47
CA LEU C 214 -32.55 46.27 -17.65
C LEU C 214 -32.47 46.61 -19.13
N VAL C 215 -33.35 47.48 -19.59
CA VAL C 215 -33.28 47.93 -20.98
C VAL C 215 -32.02 48.76 -21.16
N PRO C 216 -31.15 48.44 -22.12
CA PRO C 216 -29.87 49.13 -22.27
C PRO C 216 -29.97 50.42 -23.09
N ASP C 217 -30.90 51.30 -22.70
CA ASP C 217 -31.23 52.48 -23.49
C ASP C 217 -30.58 53.76 -22.98
N GLY C 218 -29.70 53.66 -21.98
CA GLY C 218 -29.04 54.81 -21.42
C GLY C 218 -29.78 55.50 -20.29
N THR C 219 -31.07 55.23 -20.13
CA THR C 219 -31.85 55.87 -19.07
C THR C 219 -31.73 55.17 -17.72
N PHE C 220 -31.53 53.86 -17.72
CA PHE C 220 -31.47 53.03 -16.51
C PHE C 220 -32.81 52.96 -15.77
N GLY C 221 -33.92 53.20 -16.47
CA GLY C 221 -35.22 53.28 -15.82
C GLY C 221 -36.27 52.35 -16.39
N HIS C 222 -35.88 51.50 -17.33
CA HIS C 222 -36.80 50.59 -18.00
C HIS C 222 -36.30 49.15 -17.85
N VAL C 223 -37.20 48.28 -17.39
CA VAL C 223 -36.94 46.85 -17.25
C VAL C 223 -37.79 46.10 -18.27
N MET C 224 -37.18 45.13 -18.95
CA MET C 224 -37.89 44.23 -19.84
C MET C 224 -38.02 42.85 -19.20
N ALA C 225 -39.16 42.20 -19.43
CA ALA C 225 -39.39 40.83 -18.97
C ALA C 225 -40.15 40.08 -20.04
N LYS C 226 -39.63 38.93 -20.46
CA LYS C 226 -40.25 38.06 -21.45
C LYS C 226 -40.58 36.72 -20.80
N VAL C 227 -41.73 36.15 -21.19
CA VAL C 227 -42.21 34.87 -20.64
C VAL C 227 -42.71 34.01 -21.78
N THR C 228 -42.40 32.70 -21.74
CA THR C 228 -43.04 31.74 -22.62
C THR C 228 -43.55 30.54 -21.83
N LEU C 229 -44.58 29.88 -22.35
CA LEU C 229 -45.21 28.73 -21.70
C LEU C 229 -44.96 27.46 -22.50
N SER C 230 -45.24 26.33 -21.85
CA SER C 230 -45.10 25.07 -22.57
C SER C 230 -46.18 24.89 -23.61
N GLU C 231 -47.30 25.62 -23.49
CA GLU C 231 -48.48 25.48 -24.35
C GLU C 231 -48.70 26.78 -25.10
N LYS C 232 -49.09 26.67 -26.37
CA LYS C 232 -49.29 27.84 -27.24
C LYS C 232 -50.71 28.38 -27.06
N ILE C 233 -50.92 29.08 -25.95
CA ILE C 233 -52.25 29.46 -25.50
C ILE C 233 -52.23 30.95 -25.14
N THR C 234 -53.43 31.49 -24.93
CA THR C 234 -53.63 32.83 -24.40
C THR C 234 -53.80 32.73 -22.89
N ALA C 235 -53.10 33.60 -22.15
CA ALA C 235 -53.13 33.58 -20.69
C ALA C 235 -52.36 34.80 -20.22
N LYS C 236 -52.36 35.03 -18.91
CA LYS C 236 -51.58 36.12 -18.35
C LYS C 236 -50.68 35.57 -17.27
N ALA C 237 -49.52 36.20 -17.15
CA ALA C 237 -48.53 35.93 -16.11
C ALA C 237 -48.40 37.19 -15.27
N GLU C 238 -48.28 37.02 -13.94
CA GLU C 238 -48.04 38.14 -13.03
C GLU C 238 -46.59 38.12 -12.55
N LEU C 239 -45.88 39.23 -12.80
CA LEU C 239 -44.51 39.43 -12.34
C LEU C 239 -44.50 40.35 -11.14
N VAL C 240 -43.80 39.94 -10.08
CA VAL C 240 -43.69 40.69 -8.83
C VAL C 240 -42.22 40.88 -8.49
N ILE C 241 -41.83 42.12 -8.19
CA ILE C 241 -40.55 42.42 -7.55
C ILE C 241 -40.89 43.33 -6.37
N GLU C 242 -41.08 42.74 -5.18
CA GLU C 242 -41.60 43.47 -4.05
C GLU C 242 -40.75 44.68 -3.72
N GLU C 243 -39.43 44.50 -3.67
CA GLU C 243 -38.53 45.57 -3.21
C GLU C 243 -38.60 46.79 -4.13
N LEU C 244 -38.88 46.60 -5.41
CA LEU C 244 -39.10 47.71 -6.34
C LEU C 244 -40.57 48.06 -6.49
N GLY C 245 -41.42 47.48 -5.65
CA GLY C 245 -42.86 47.76 -5.72
C GLY C 245 -43.47 47.51 -7.07
N VAL C 246 -43.10 46.43 -7.73
CA VAL C 246 -43.53 46.12 -9.10
C VAL C 246 -44.53 44.97 -9.05
N SER C 247 -45.54 45.04 -9.91
CA SER C 247 -46.55 43.99 -10.02
C SER C 247 -47.33 44.16 -11.31
N ARG C 248 -46.73 43.79 -12.44
CA ARG C 248 -47.33 43.93 -13.75
C ARG C 248 -47.86 42.58 -14.24
N LYS C 249 -48.98 42.60 -14.94
CA LYS C 249 -49.43 41.43 -15.67
C LYS C 249 -48.78 41.45 -17.04
N ILE C 250 -48.46 40.27 -17.55
CA ILE C 250 -47.86 40.12 -18.87
C ILE C 250 -48.85 39.35 -19.73
N GLN C 251 -49.38 39.98 -20.76
CA GLN C 251 -50.32 39.30 -21.62
C GLN C 251 -49.57 38.32 -22.52
N LEU C 252 -50.02 37.06 -22.55
CA LEU C 252 -49.39 36.03 -23.37
C LEU C 252 -50.35 35.58 -24.47
N GLU C 253 -49.82 35.46 -25.68
CA GLU C 253 -50.57 34.92 -26.81
C GLU C 253 -49.69 33.87 -27.48
N ASN C 254 -50.29 32.74 -27.81
CA ASN C 254 -49.53 31.60 -28.33
C ASN C 254 -48.37 31.24 -27.41
N GLY C 255 -48.63 31.28 -26.10
CA GLY C 255 -47.64 30.91 -25.11
C GLY C 255 -46.52 31.89 -24.93
N ALA C 256 -46.53 33.05 -25.60
CA ALA C 256 -45.44 34.01 -25.47
C ALA C 256 -45.97 35.42 -25.26
N GLY C 257 -45.24 36.18 -24.46
CA GLY C 257 -45.57 37.57 -24.22
C GLY C 257 -44.44 38.22 -23.46
N GLU C 258 -44.41 39.56 -23.51
CA GLU C 258 -43.36 40.32 -22.83
C GLU C 258 -43.91 41.68 -22.43
N VAL C 259 -43.11 42.42 -21.65
CA VAL C 259 -43.56 43.68 -21.09
C VAL C 259 -42.34 44.57 -20.83
N VAL C 260 -42.53 45.88 -20.97
CA VAL C 260 -41.54 46.86 -20.53
C VAL C 260 -42.23 47.82 -19.57
N PHE C 261 -41.59 48.09 -18.44
CA PHE C 261 -42.18 48.91 -17.39
C PHE C 261 -41.08 49.72 -16.72
N ASP C 262 -41.51 50.73 -15.97
CA ASP C 262 -40.60 51.70 -15.35
C ASP C 262 -40.23 51.24 -13.95
N ALA C 263 -38.93 51.28 -13.64
CA ALA C 263 -38.42 51.00 -12.31
C ALA C 263 -37.03 51.61 -12.22
N LYS C 264 -36.60 51.90 -11.01
CA LYS C 264 -35.29 52.54 -10.78
C LYS C 264 -34.51 51.74 -9.74
N PRO C 265 -34.03 50.56 -10.12
CA PRO C 265 -33.26 49.74 -9.19
C PRO C 265 -31.83 50.25 -9.05
N GLU C 266 -31.22 49.87 -7.93
CA GLU C 266 -29.78 50.00 -7.76
C GLU C 266 -29.09 49.16 -8.83
N LEU C 267 -28.12 49.76 -9.51
CA LEU C 267 -27.48 49.14 -10.67
C LEU C 267 -26.30 48.28 -10.21
N TRP C 268 -26.39 46.98 -10.53
CA TRP C 268 -25.40 45.99 -10.14
C TRP C 268 -24.00 46.34 -10.67
N THR C 269 -23.00 46.23 -9.80
CA THR C 269 -21.59 46.33 -10.17
C THR C 269 -20.83 45.29 -9.35
N PRO C 270 -19.61 44.95 -9.75
CA PRO C 270 -18.85 43.99 -8.94
C PRO C 270 -18.57 44.48 -7.53
N GLU C 271 -18.47 45.79 -7.33
CA GLU C 271 -18.19 46.33 -6.01
C GLU C 271 -19.44 46.47 -5.15
N LYS C 272 -20.61 46.63 -5.78
CA LYS C 272 -21.91 46.63 -5.10
C LYS C 272 -22.86 45.72 -5.88
N PRO C 273 -22.75 44.41 -5.69
CA PRO C 273 -23.55 43.44 -6.48
C PRO C 273 -24.99 43.27 -5.98
N LYS C 274 -25.81 44.28 -6.20
CA LYS C 274 -27.18 44.31 -5.67
C LYS C 274 -28.11 43.40 -6.45
N LEU C 275 -28.81 42.52 -5.72
CA LEU C 275 -29.73 41.57 -6.33
C LEU C 275 -31.12 41.76 -5.75
N TYR C 276 -32.13 41.46 -6.58
CA TYR C 276 -33.53 41.59 -6.22
C TYR C 276 -34.23 40.26 -6.40
N ASP C 277 -35.16 39.97 -5.51
CA ASP C 277 -35.99 38.78 -5.63
C ASP C 277 -37.13 39.09 -6.59
N VAL C 278 -37.33 38.23 -7.58
CA VAL C 278 -38.38 38.40 -8.55
C VAL C 278 -39.15 37.09 -8.61
N LYS C 279 -40.49 37.19 -8.65
CA LYS C 279 -41.37 36.03 -8.70
C LYS C 279 -42.28 36.19 -9.91
N VAL C 280 -42.59 35.07 -10.57
CA VAL C 280 -43.49 35.06 -11.73
C VAL C 280 -44.46 33.90 -11.54
N THR C 281 -45.75 34.18 -11.64
CA THR C 281 -46.80 33.16 -11.56
C THR C 281 -47.63 33.16 -12.84
N CYS C 282 -48.17 32.00 -13.18
CA CYS C 282 -49.10 31.84 -14.29
C CYS C 282 -49.82 30.50 -14.15
N GLY C 283 -51.14 30.52 -14.21
CA GLY C 283 -51.89 29.30 -13.93
C GLY C 283 -51.56 28.81 -12.53
N THR C 284 -51.33 27.51 -12.40
CA THR C 284 -50.89 26.92 -11.15
C THR C 284 -49.37 26.90 -11.00
N ASP C 285 -48.64 27.64 -11.85
CA ASP C 285 -47.18 27.60 -11.85
C ASP C 285 -46.58 28.86 -11.21
N THR C 286 -45.39 28.69 -10.63
CA THR C 286 -44.60 29.76 -10.03
C THR C 286 -43.13 29.50 -10.31
N VAL C 287 -42.44 30.50 -10.85
CA VAL C 287 -41.00 30.49 -10.87
C VAL C 287 -40.54 31.73 -10.11
N SER C 288 -39.26 31.75 -9.78
CA SER C 288 -38.69 32.91 -9.15
C SER C 288 -37.24 33.00 -9.59
N ASP C 289 -36.63 34.15 -9.36
CA ASP C 289 -35.23 34.34 -9.71
C ASP C 289 -34.65 35.40 -8.80
N ARG C 290 -33.33 35.55 -8.88
CA ARG C 290 -32.63 36.58 -8.13
C ARG C 290 -31.69 37.26 -9.12
N VAL C 291 -31.98 38.49 -9.48
CA VAL C 291 -31.37 39.14 -10.63
C VAL C 291 -30.85 40.51 -10.23
N GLY C 292 -29.73 40.89 -10.82
CA GLY C 292 -29.24 42.25 -10.75
C GLY C 292 -29.63 42.98 -12.02
N PHE C 293 -29.59 44.30 -11.96
CA PHE C 293 -29.86 45.11 -13.15
C PHE C 293 -28.64 45.97 -13.45
N ARG C 294 -28.21 45.95 -14.70
CA ARG C 294 -27.07 46.72 -15.14
C ARG C 294 -27.10 46.83 -16.65
N GLU C 295 -26.38 47.83 -17.17
CA GLU C 295 -26.23 48.06 -18.59
C GLU C 295 -24.78 47.83 -19.01
N ILE C 296 -24.60 47.04 -20.07
CA ILE C 296 -23.29 46.88 -20.70
C ILE C 296 -23.45 47.23 -22.17
N ARG C 297 -22.71 48.25 -22.61
CA ARG C 297 -22.72 48.68 -24.00
C ARG C 297 -21.32 49.11 -24.37
N VAL C 298 -21.11 49.32 -25.66
CA VAL C 298 -19.85 49.78 -26.20
C VAL C 298 -20.11 51.07 -26.97
N ASN C 299 -19.34 52.11 -26.66
CA ASN C 299 -19.40 53.39 -27.36
C ASN C 299 -18.02 53.65 -27.96
N GLY C 300 -17.85 53.37 -29.25
CA GLY C 300 -16.54 53.52 -29.87
C GLY C 300 -15.56 52.51 -29.32
N ARG C 301 -14.47 52.98 -28.72
CA ARG C 301 -13.51 52.10 -28.06
C ARG C 301 -13.79 51.92 -26.56
N ASP C 302 -14.91 52.42 -26.06
CA ASP C 302 -15.18 52.36 -24.62
C ASP C 302 -16.11 51.22 -24.27
N ILE C 303 -15.76 50.48 -23.22
CA ILE C 303 -16.68 49.53 -22.60
C ILE C 303 -17.37 50.24 -21.45
N LEU C 304 -18.71 50.27 -21.50
CA LEU C 304 -19.53 51.10 -20.62
C LEU C 304 -20.40 50.20 -19.76
N LEU C 305 -20.17 50.26 -18.46
CA LEU C 305 -20.98 49.55 -17.48
C LEU C 305 -21.77 50.60 -16.74
N ASN C 306 -23.09 50.54 -16.87
CA ASN C 306 -23.96 51.51 -16.22
C ASN C 306 -23.56 52.93 -16.60
N GLY C 307 -23.16 53.11 -17.85
CA GLY C 307 -22.84 54.41 -18.39
C GLY C 307 -21.40 54.88 -18.18
N GLU C 308 -20.58 54.12 -17.47
CA GLU C 308 -19.25 54.61 -17.20
C GLU C 308 -18.19 53.74 -17.86
N PRO C 309 -17.15 54.34 -18.44
CA PRO C 309 -16.06 53.53 -19.01
C PRO C 309 -15.40 52.68 -17.94
N VAL C 310 -15.08 51.43 -18.29
CA VAL C 310 -14.42 50.52 -17.37
C VAL C 310 -13.21 49.88 -18.03
N PHE C 311 -12.21 49.55 -17.21
CA PHE C 311 -11.12 48.65 -17.59
C PHE C 311 -11.33 47.31 -16.91
N LEU C 312 -11.31 46.26 -17.71
CA LEU C 312 -11.55 44.90 -17.21
C LEU C 312 -10.23 44.31 -16.72
N ARG C 313 -9.98 44.45 -15.42
CA ARG C 313 -8.93 43.73 -14.71
C ARG C 313 -9.28 42.25 -14.58
N GLY C 314 -8.85 41.40 -15.51
CA GLY C 314 -9.35 40.05 -15.60
C GLY C 314 -8.29 38.98 -15.40
N ILE C 315 -8.79 37.75 -15.30
CA ILE C 315 -7.98 36.54 -15.39
C ILE C 315 -8.80 35.52 -16.13
N SER C 316 -8.13 34.59 -16.81
CA SER C 316 -8.85 33.46 -17.36
C SER C 316 -8.91 32.30 -16.36
N CYS C 317 -9.87 31.41 -16.57
CA CYS C 317 -10.09 30.30 -15.66
C CYS C 317 -10.65 29.10 -16.38
N HIS C 318 -10.05 27.92 -16.16
CA HIS C 318 -10.64 26.68 -16.63
C HIS C 318 -11.52 26.07 -15.52
N GLU C 319 -12.38 25.12 -15.93
CA GLU C 319 -13.15 24.33 -14.96
C GLU C 319 -12.37 23.07 -14.61
N ASP C 320 -11.41 23.20 -13.68
CA ASP C 320 -10.50 22.10 -13.39
C ASP C 320 -10.33 21.93 -11.88
N SER C 321 -10.07 20.69 -11.48
CA SER C 321 -9.96 20.34 -10.07
C SER C 321 -9.11 19.08 -9.96
N VAL C 322 -8.12 19.09 -9.09
CA VAL C 322 -7.30 17.88 -8.93
C VAL C 322 -8.18 16.71 -8.52
N GLU C 323 -9.02 16.94 -7.51
CA GLU C 323 -9.83 15.88 -6.93
C GLU C 323 -11.05 15.58 -7.79
N ASN C 324 -11.69 16.61 -8.33
CA ASN C 324 -13.03 16.47 -8.90
C ASN C 324 -13.07 16.61 -10.41
N GLY C 325 -11.94 16.97 -11.04
CA GLY C 325 -11.91 17.04 -12.48
C GLY C 325 -12.66 18.26 -12.97
N LYS C 326 -13.59 18.05 -13.90
CA LYS C 326 -14.49 19.14 -14.29
C LYS C 326 -15.68 19.27 -13.34
N GLY C 327 -15.91 18.28 -12.45
CA GLY C 327 -16.98 18.35 -11.48
C GLY C 327 -16.74 19.22 -10.24
N LEU C 328 -16.47 20.51 -10.44
CA LEU C 328 -16.08 21.37 -9.32
C LEU C 328 -17.20 21.47 -8.30
N THR C 329 -16.83 21.63 -7.04
CA THR C 329 -17.79 21.82 -5.96
C THR C 329 -18.14 23.29 -5.82
N ARG C 330 -19.17 23.56 -5.02
CA ARG C 330 -19.52 24.95 -4.74
C ARG C 330 -18.34 25.68 -4.10
N GLU C 331 -17.59 25.01 -3.23
CA GLU C 331 -16.53 25.71 -2.50
C GLU C 331 -15.32 25.98 -3.39
N GLU C 332 -15.09 25.15 -4.41
CA GLU C 332 -14.03 25.43 -5.38
C GLU C 332 -14.38 26.63 -6.25
N ARG C 333 -15.66 26.74 -6.63
CA ARG C 333 -16.12 27.94 -7.34
C ARG C 333 -15.90 29.19 -6.51
N ILE C 334 -16.34 29.16 -5.25
CA ILE C 334 -16.15 30.30 -4.37
C ILE C 334 -14.67 30.63 -4.24
N GLU C 335 -13.82 29.62 -4.09
CA GLU C 335 -12.38 29.82 -4.05
C GLU C 335 -11.90 30.57 -5.28
N ASN C 336 -12.27 30.08 -6.46
CA ASN C 336 -11.86 30.72 -7.70
C ASN C 336 -12.23 32.20 -7.69
N ILE C 337 -13.47 32.54 -7.31
CA ILE C 337 -13.85 33.95 -7.22
C ILE C 337 -13.01 34.68 -6.18
N ARG C 338 -12.89 34.11 -4.98
CA ARG C 338 -12.11 34.76 -3.93
C ARG C 338 -10.66 35.03 -4.39
N ILE C 339 -10.03 34.06 -5.03
CA ILE C 339 -8.64 34.25 -5.40
C ILE C 339 -8.52 35.26 -6.53
N ALA C 340 -9.45 35.22 -7.49
CA ALA C 340 -9.49 36.26 -8.53
C ALA C 340 -9.60 37.65 -7.91
N LYS C 341 -10.44 37.79 -6.88
CA LYS C 341 -10.61 39.11 -6.27
C LYS C 341 -9.39 39.49 -5.45
N GLU C 342 -8.77 38.52 -4.78
CA GLU C 342 -7.48 38.76 -4.13
C GLU C 342 -6.43 39.25 -5.12
N LEU C 343 -6.44 38.70 -6.33
CA LEU C 343 -5.55 39.10 -7.40
C LEU C 343 -5.88 40.52 -7.92
N GLY C 344 -7.03 41.08 -7.55
CA GLY C 344 -7.43 42.40 -7.99
C GLY C 344 -8.43 42.40 -9.14
N CYS C 345 -8.86 41.23 -9.60
CA CYS C 345 -9.77 41.16 -10.73
C CYS C 345 -11.13 41.77 -10.43
N ASN C 346 -11.72 42.38 -11.46
CA ASN C 346 -13.15 42.64 -11.49
C ASN C 346 -13.85 41.81 -12.56
N PHE C 347 -13.14 40.87 -13.18
CA PHE C 347 -13.55 40.25 -14.43
C PHE C 347 -12.90 38.88 -14.52
N MET C 348 -13.58 37.94 -15.16
CA MET C 348 -13.03 36.60 -15.33
C MET C 348 -13.48 36.01 -16.66
N ARG C 349 -12.52 35.54 -17.45
CA ARG C 349 -12.84 34.82 -18.68
C ARG C 349 -13.01 33.33 -18.36
N LEU C 350 -14.25 32.82 -18.44
CA LEU C 350 -14.52 31.40 -18.20
C LEU C 350 -14.37 30.67 -19.53
N ALA C 351 -13.26 29.96 -19.70
CA ALA C 351 -12.90 29.30 -20.95
C ALA C 351 -13.05 27.79 -20.79
N HIS C 352 -13.16 27.05 -21.90
CA HIS C 352 -13.50 27.50 -23.26
C HIS C 352 -14.92 27.01 -23.60
N TYR C 353 -15.69 26.76 -22.54
CA TYR C 353 -16.96 26.03 -22.59
C TYR C 353 -17.80 26.55 -21.44
N PRO C 354 -19.12 26.32 -21.46
CA PRO C 354 -19.94 26.71 -20.31
C PRO C 354 -19.49 25.96 -19.07
N HIS C 355 -19.22 26.73 -18.03
CA HIS C 355 -19.01 26.22 -16.68
C HIS C 355 -20.38 25.92 -16.03
N ASN C 356 -20.31 25.30 -14.85
CA ASN C 356 -21.50 25.12 -14.02
C ASN C 356 -22.25 26.42 -13.85
N GLU C 357 -23.60 26.36 -14.00
CA GLU C 357 -24.40 27.58 -13.91
C GLU C 357 -24.25 28.26 -12.56
N GLU C 358 -23.92 27.51 -11.52
CA GLU C 358 -23.62 28.12 -10.23
C GLU C 358 -22.48 29.12 -10.31
N MET C 359 -21.59 28.99 -11.30
CA MET C 359 -20.51 29.97 -11.39
C MET C 359 -21.06 31.38 -11.60
N ALA C 360 -21.93 31.55 -12.60
CA ALA C 360 -22.51 32.87 -12.81
C ALA C 360 -23.39 33.32 -11.64
N LYS C 361 -24.04 32.39 -10.94
CA LYS C 361 -24.84 32.78 -9.79
C LYS C 361 -23.97 33.29 -8.64
N LEU C 362 -22.87 32.59 -8.33
CA LEU C 362 -21.96 33.07 -7.30
C LEU C 362 -21.34 34.40 -7.71
N ALA C 363 -21.07 34.57 -9.01
CA ALA C 363 -20.55 35.86 -9.49
C ALA C 363 -21.58 36.97 -9.32
N ASP C 364 -22.87 36.66 -9.55
CA ASP C 364 -23.95 37.59 -9.24
C ASP C 364 -23.86 38.06 -7.79
N GLU C 365 -23.62 37.13 -6.87
CA GLU C 365 -23.71 37.41 -5.44
C GLU C 365 -22.42 38.07 -4.91
N LEU C 366 -21.26 37.51 -5.23
CA LEU C 366 -20.00 38.02 -4.68
C LEU C 366 -19.43 39.19 -5.49
N GLY C 367 -19.84 39.37 -6.74
CA GLY C 367 -19.50 40.56 -7.51
C GLY C 367 -18.31 40.36 -8.43
N LEU C 368 -18.55 39.83 -9.63
CA LEU C 368 -17.47 39.57 -10.58
C LEU C 368 -18.06 39.51 -11.98
N LEU C 369 -17.56 40.35 -12.88
CA LEU C 369 -18.04 40.31 -14.26
C LEU C 369 -17.48 39.09 -14.99
N LEU C 370 -18.26 38.57 -15.94
CA LEU C 370 -17.98 37.27 -16.52
C LEU C 370 -18.06 37.30 -18.04
N TRP C 371 -17.17 36.53 -18.64
CA TRP C 371 -17.12 36.20 -20.06
C TRP C 371 -17.40 34.71 -20.18
N GLU C 372 -18.42 34.34 -20.93
CA GLU C 372 -18.79 32.94 -21.08
C GLU C 372 -18.69 32.58 -22.55
N GLU C 373 -18.41 31.30 -22.83
CA GLU C 373 -17.94 30.92 -24.15
C GLU C 373 -18.35 29.50 -24.48
N ILE C 374 -18.44 29.21 -25.79
CA ILE C 374 -18.70 27.87 -26.32
C ILE C 374 -17.43 27.33 -27.01
N PRO C 375 -17.25 26.00 -27.03
CA PRO C 375 -15.94 25.45 -27.47
C PRO C 375 -15.77 25.37 -28.99
N VAL C 376 -16.15 26.42 -29.70
CA VAL C 376 -15.84 26.52 -31.12
C VAL C 376 -14.38 26.93 -31.23
N TYR C 377 -13.49 25.93 -31.31
CA TYR C 377 -12.11 26.02 -30.83
C TYR C 377 -11.19 25.36 -31.84
N TRP C 378 -10.19 26.10 -32.31
CA TRP C 378 -9.19 25.60 -33.29
C TRP C 378 -9.94 25.07 -34.52
N ALA C 379 -9.62 23.89 -35.02
CA ALA C 379 -10.00 23.44 -36.36
C ALA C 379 -11.40 22.81 -36.44
N ILE C 380 -12.42 23.51 -35.93
CA ILE C 380 -13.81 23.08 -36.07
C ILE C 380 -14.15 22.79 -37.54
N ARG C 381 -14.93 21.72 -37.80
CA ARG C 381 -15.33 21.38 -39.17
C ARG C 381 -16.39 22.40 -39.63
N PHE C 382 -15.91 23.60 -39.98
CA PHE C 382 -16.80 24.72 -40.27
C PHE C 382 -17.69 24.51 -41.48
N GLU C 383 -17.34 23.60 -42.37
CA GLU C 383 -18.10 23.37 -43.59
C GLU C 383 -19.26 22.40 -43.39
N ARG C 384 -19.37 21.79 -42.23
CA ARG C 384 -20.32 20.71 -42.02
C ARG C 384 -21.56 21.25 -41.31
N GLU C 385 -22.71 21.16 -41.97
CA GLU C 385 -23.93 21.76 -41.44
C GLU C 385 -24.31 21.14 -40.09
N LYS C 386 -24.17 19.81 -39.95
CA LYS C 386 -24.52 19.21 -38.67
C LYS C 386 -23.58 19.67 -37.55
N THR C 387 -22.34 20.08 -37.89
CA THR C 387 -21.46 20.68 -36.89
C THR C 387 -21.93 22.09 -36.54
N TYR C 388 -22.44 22.83 -37.52
CA TYR C 388 -23.04 24.11 -37.18
C TYR C 388 -24.27 23.93 -36.27
N GLU C 389 -25.14 22.96 -36.59
CA GLU C 389 -26.31 22.73 -35.75
C GLU C 389 -25.92 22.51 -34.29
N ASP C 390 -24.89 21.69 -34.07
CA ASP C 390 -24.45 21.33 -32.73
C ASP C 390 -23.91 22.55 -31.99
N ALA C 391 -23.06 23.34 -32.67
CA ALA C 391 -22.52 24.57 -32.07
C ALA C 391 -23.60 25.61 -31.84
N GLN C 392 -24.48 25.81 -32.82
CA GLN C 392 -25.58 26.75 -32.64
C GLN C 392 -26.43 26.35 -31.45
N ASN C 393 -26.72 25.06 -31.31
CA ASN C 393 -27.48 24.57 -30.16
C ASN C 393 -26.79 24.90 -28.85
N GLN C 394 -25.47 24.65 -28.76
CA GLN C 394 -24.80 24.86 -27.49
C GLN C 394 -24.78 26.33 -27.12
N LEU C 395 -24.59 27.21 -28.11
CA LEU C 395 -24.64 28.65 -27.84
C LEU C 395 -26.00 29.06 -27.30
N ARG C 396 -27.08 28.59 -27.91
CA ARG C 396 -28.41 28.99 -27.46
C ARG C 396 -28.74 28.37 -26.10
N GLU C 397 -28.30 27.13 -25.86
CA GLU C 397 -28.45 26.55 -24.53
C GLU C 397 -27.80 27.44 -23.49
N LEU C 398 -26.55 27.85 -23.73
CA LEU C 398 -25.83 28.69 -22.79
C LEU C 398 -26.57 30.00 -22.56
N ILE C 399 -27.01 30.64 -23.64
CA ILE C 399 -27.67 31.93 -23.50
C ILE C 399 -29.00 31.77 -22.76
N ASN C 400 -29.79 30.76 -23.11
CA ASN C 400 -31.04 30.55 -22.40
C ASN C 400 -30.80 30.21 -20.93
N ARG C 401 -29.76 29.43 -20.63
CA ARG C 401 -29.50 29.06 -19.24
C ARG C 401 -29.13 30.27 -18.38
N ASP C 402 -28.33 31.19 -18.94
CA ASP C 402 -27.69 32.25 -18.16
C ASP C 402 -28.26 33.65 -18.46
N TRP C 403 -29.31 33.75 -19.29
CA TRP C 403 -29.92 35.03 -19.68
C TRP C 403 -30.06 36.04 -18.53
N ASN C 404 -30.39 35.56 -17.33
CA ASN C 404 -30.73 36.41 -16.20
C ASN C 404 -29.54 36.71 -15.26
N ARG C 405 -28.31 36.38 -15.65
CA ARG C 405 -27.16 36.59 -14.77
C ARG C 405 -26.53 37.95 -15.08
N ALA C 406 -26.72 38.91 -14.16
CA ALA C 406 -26.14 40.23 -14.35
C ALA C 406 -24.61 40.18 -14.45
N SER C 407 -23.99 39.21 -13.79
CA SER C 407 -22.54 39.10 -13.83
C SER C 407 -22.02 38.91 -15.25
N VAL C 408 -22.76 38.21 -16.10
CA VAL C 408 -22.31 37.87 -17.44
C VAL C 408 -22.57 39.05 -18.36
N ILE C 409 -21.49 39.69 -18.84
CA ILE C 409 -21.61 40.78 -19.79
C ILE C 409 -21.23 40.41 -21.20
N ILE C 410 -20.57 39.27 -21.42
CA ILE C 410 -20.04 38.97 -22.75
C ILE C 410 -20.25 37.50 -23.08
N TRP C 411 -20.75 37.23 -24.29
CA TRP C 411 -20.78 35.91 -24.91
C TRP C 411 -19.67 35.80 -25.94
N SER C 412 -18.92 34.69 -25.90
CA SER C 412 -17.87 34.45 -26.88
C SER C 412 -18.24 33.26 -27.76
N VAL C 413 -18.21 33.46 -29.09
CA VAL C 413 -18.59 32.42 -30.04
C VAL C 413 -17.42 31.53 -30.45
N GLY C 414 -16.21 31.76 -29.93
CA GLY C 414 -15.10 30.89 -30.29
C GLY C 414 -13.75 31.44 -29.89
N ASN C 415 -12.73 30.69 -30.29
CA ASN C 415 -11.36 30.96 -29.84
C ASN C 415 -10.40 30.42 -30.88
N GLU C 416 -9.52 31.30 -31.39
CA GLU C 416 -8.30 30.93 -32.14
C GLU C 416 -8.61 30.02 -33.34
N ASN C 417 -9.40 30.54 -34.26
CA ASN C 417 -9.79 29.83 -35.46
C ASN C 417 -9.19 30.50 -36.69
N ALA C 418 -8.89 29.68 -37.70
CA ALA C 418 -8.29 30.18 -38.92
C ALA C 418 -9.23 31.15 -39.64
N ASP C 419 -8.66 32.24 -40.17
CA ASP C 419 -9.41 33.27 -40.91
C ASP C 419 -9.67 32.78 -42.34
N THR C 420 -10.49 31.75 -42.44
CA THR C 420 -10.96 31.24 -43.73
C THR C 420 -12.41 31.70 -43.99
N ASP C 421 -12.87 31.42 -45.21
CA ASP C 421 -14.21 31.82 -45.63
C ASP C 421 -15.28 31.01 -44.90
N GLU C 422 -15.10 29.68 -44.85
CA GLU C 422 -16.06 28.85 -44.13
C GLU C 422 -16.05 29.17 -42.63
N ARG C 423 -14.88 29.46 -42.06
CA ARG C 423 -14.88 29.90 -40.68
C ARG C 423 -15.66 31.19 -40.53
N LEU C 424 -15.53 32.09 -41.51
CA LEU C 424 -16.20 33.38 -41.42
C LEU C 424 -17.72 33.22 -41.47
N LYS C 425 -18.21 32.41 -42.42
CA LYS C 425 -19.64 32.18 -42.47
C LYS C 425 -20.14 31.56 -41.16
N PHE C 426 -19.44 30.53 -40.68
CA PHE C 426 -19.87 29.78 -39.49
C PHE C 426 -19.97 30.69 -38.27
N MET C 427 -18.91 31.43 -37.98
CA MET C 427 -18.83 32.16 -36.72
C MET C 427 -19.57 33.50 -36.75
N SER C 428 -19.66 34.14 -37.93
CA SER C 428 -20.48 35.36 -38.03
C SER C 428 -21.95 35.05 -37.80
N VAL C 429 -22.44 33.94 -38.37
CA VAL C 429 -23.81 33.51 -38.09
C VAL C 429 -24.00 33.18 -36.61
N LEU C 430 -22.99 32.64 -35.92
CA LEU C 430 -23.15 32.45 -34.48
C LEU C 430 -23.23 33.79 -33.76
N ALA C 431 -22.46 34.78 -34.23
CA ALA C 431 -22.50 36.10 -33.64
C ALA C 431 -23.87 36.76 -33.86
N GLU C 432 -24.39 36.71 -35.09
CA GLU C 432 -25.74 37.21 -35.31
C GLU C 432 -26.75 36.48 -34.41
N CYS C 433 -26.59 35.17 -34.26
CA CYS C 433 -27.46 34.39 -33.39
C CYS C 433 -27.47 34.95 -31.97
N ALA C 434 -26.28 35.06 -31.38
CA ALA C 434 -26.15 35.61 -30.03
C ALA C 434 -26.86 36.96 -29.92
N HIS C 435 -26.59 37.88 -30.85
CA HIS C 435 -27.25 39.18 -30.81
C HIS C 435 -28.76 39.05 -30.88
N ARG C 436 -29.25 38.17 -31.76
CA ARG C 436 -30.69 37.99 -31.92
C ARG C 436 -31.30 37.41 -30.66
N GLU C 437 -30.61 36.46 -30.01
CA GLU C 437 -31.11 35.80 -28.81
C GLU C 437 -30.97 36.66 -27.55
N ASP C 438 -30.13 37.70 -27.58
CA ASP C 438 -29.88 38.47 -26.37
C ASP C 438 -29.47 39.87 -26.80
N GLU C 439 -30.44 40.79 -26.78
CA GLU C 439 -30.17 42.16 -27.14
C GLU C 439 -29.39 42.90 -26.06
N THR C 440 -29.16 42.28 -24.91
CA THR C 440 -28.57 43.01 -23.80
C THR C 440 -27.06 42.85 -23.69
N ARG C 441 -26.45 41.85 -24.32
CA ARG C 441 -25.06 41.56 -23.99
C ARG C 441 -24.13 41.80 -25.19
N MET C 442 -22.85 42.06 -24.86
CA MET C 442 -21.82 42.20 -25.88
C MET C 442 -21.37 40.85 -26.38
N VAL C 443 -21.10 40.77 -27.68
CA VAL C 443 -20.66 39.54 -28.31
C VAL C 443 -19.21 39.69 -28.70
N SER C 444 -18.44 38.63 -28.51
CA SER C 444 -17.02 38.67 -28.80
C SER C 444 -16.56 37.28 -29.18
N ALA C 445 -15.25 37.13 -29.29
CA ALA C 445 -14.57 35.89 -29.59
C ALA C 445 -13.07 36.16 -29.46
N ALA C 446 -12.29 35.10 -29.26
CA ALA C 446 -10.83 35.24 -29.21
C ALA C 446 -10.28 35.05 -30.63
N CYS C 447 -9.84 36.15 -31.25
CA CYS C 447 -9.27 36.05 -32.58
C CYS C 447 -7.73 35.96 -32.53
N LEU C 448 -7.15 35.38 -33.57
CA LEU C 448 -5.71 35.29 -33.64
C LEU C 448 -5.14 36.59 -34.19
N VAL C 449 -3.84 36.75 -33.98
CA VAL C 449 -3.09 37.83 -34.63
C VAL C 449 -2.86 37.46 -36.08
N ASN C 450 -3.14 38.41 -36.98
CA ASN C 450 -2.76 38.24 -38.38
C ASN C 450 -1.24 38.12 -38.46
N ALA C 451 -0.73 36.93 -38.76
CA ALA C 451 0.71 36.71 -38.70
C ALA C 451 1.44 37.41 -39.84
N ALA C 452 0.79 37.60 -40.99
CA ALA C 452 1.41 38.30 -42.11
C ALA C 452 1.81 39.72 -41.73
N LYS C 453 0.87 40.50 -41.21
CA LYS C 453 1.06 41.91 -40.95
C LYS C 453 1.44 42.22 -39.51
N ASN C 454 1.46 41.22 -38.62
CA ASN C 454 1.54 41.43 -37.17
C ASN C 454 0.61 42.55 -36.73
N LYS C 455 -0.68 42.33 -36.98
CA LYS C 455 -1.70 43.35 -36.86
C LYS C 455 -3.01 42.69 -36.41
N ILE C 456 -3.71 43.33 -35.47
CA ILE C 456 -5.06 42.90 -35.12
C ILE C 456 -5.97 43.08 -36.35
N GLU C 457 -6.19 42.00 -37.09
CA GLU C 457 -7.03 42.09 -38.29
C GLU C 457 -7.59 40.72 -38.62
N ASP C 458 -8.93 40.68 -38.73
CA ASP C 458 -9.69 39.44 -38.83
C ASP C 458 -11.09 39.85 -39.29
N ARG C 459 -11.60 39.18 -40.31
CA ARG C 459 -12.88 39.62 -40.84
C ARG C 459 -14.04 39.37 -39.88
N LEU C 460 -13.87 38.52 -38.86
CA LEU C 460 -14.95 38.29 -37.91
C LEU C 460 -15.23 39.51 -37.06
N MET C 461 -14.21 40.36 -36.85
CA MET C 461 -14.35 41.44 -35.88
C MET C 461 -15.49 42.38 -36.24
N GLU C 462 -15.83 42.48 -37.51
CA GLU C 462 -16.92 43.37 -37.90
C GLU C 462 -18.24 42.95 -37.25
N TYR C 463 -18.39 41.67 -36.93
CA TYR C 463 -19.59 41.13 -36.32
C TYR C 463 -19.56 41.18 -34.80
N LEU C 464 -18.46 41.58 -34.19
CA LEU C 464 -18.31 41.51 -32.75
C LEU C 464 -18.47 42.89 -32.12
N ASP C 465 -19.01 42.92 -30.90
CA ASP C 465 -19.03 44.16 -30.13
C ASP C 465 -17.66 44.51 -29.56
N ILE C 466 -16.91 43.50 -29.14
CA ILE C 466 -15.60 43.69 -28.56
C ILE C 466 -14.64 42.69 -29.20
N ILE C 467 -13.46 43.15 -29.55
CA ILE C 467 -12.43 42.31 -30.17
C ILE C 467 -11.65 41.60 -29.07
N GLY C 468 -11.51 40.28 -29.18
CA GLY C 468 -10.61 39.54 -28.32
C GLY C 468 -9.35 39.15 -29.08
N ILE C 469 -8.20 39.33 -28.43
CA ILE C 469 -6.90 39.00 -29.02
C ILE C 469 -6.13 38.07 -28.07
N ASN C 470 -5.77 36.89 -28.57
CA ASN C 470 -4.79 36.02 -27.91
C ASN C 470 -3.40 36.30 -28.46
N GLU C 471 -2.45 36.66 -27.60
CA GLU C 471 -1.07 36.82 -28.07
C GLU C 471 -0.09 36.33 -27.01
N TYR C 472 1.02 35.75 -27.44
CA TYR C 472 1.99 35.14 -26.53
C TYR C 472 3.40 35.62 -26.84
N CYS C 473 3.55 36.93 -27.03
CA CYS C 473 4.87 37.50 -27.20
C CYS C 473 5.72 37.20 -25.97
N GLY C 474 7.02 37.02 -26.21
CA GLY C 474 7.91 36.55 -25.15
C GLY C 474 7.75 35.09 -24.77
N TRP C 475 6.91 34.34 -25.48
CA TRP C 475 6.72 32.91 -25.26
C TRP C 475 6.65 32.20 -26.62
N TYR C 476 5.44 31.94 -27.13
CA TYR C 476 5.36 31.27 -28.43
C TYR C 476 5.96 32.13 -29.53
N THR C 477 5.83 33.43 -29.39
CA THR C 477 6.54 34.42 -30.21
C THR C 477 7.63 34.93 -29.30
N PRO C 478 8.83 34.35 -29.37
CA PRO C 478 9.85 34.59 -28.33
C PRO C 478 10.34 36.04 -28.23
N ASP C 479 10.26 36.82 -29.31
CA ASP C 479 10.83 38.16 -29.36
C ASP C 479 9.80 39.17 -28.85
N PHE C 480 10.02 39.71 -27.65
CA PHE C 480 9.10 40.68 -27.07
C PHE C 480 8.83 41.86 -28.00
N ALA C 481 9.85 42.27 -28.78
CA ALA C 481 9.68 43.41 -29.69
C ALA C 481 8.43 43.27 -30.54
N MET C 482 8.01 42.04 -30.80
CA MET C 482 6.78 41.81 -31.54
C MET C 482 5.54 42.41 -30.87
N LEU C 483 5.57 42.64 -29.56
CA LEU C 483 4.36 43.12 -28.90
C LEU C 483 4.13 44.62 -29.09
N PRO C 484 5.11 45.49 -28.80
CA PRO C 484 4.92 46.90 -29.17
C PRO C 484 4.69 47.05 -30.66
N ALA C 485 5.33 46.23 -31.48
CA ALA C 485 5.11 46.30 -32.92
C ALA C 485 3.66 46.02 -33.26
N LEU C 486 3.04 45.06 -32.57
CA LEU C 486 1.67 44.67 -32.87
C LEU C 486 0.67 45.75 -32.48
N MET C 487 0.89 46.38 -31.33
CA MET C 487 0.02 47.46 -30.91
C MET C 487 0.18 48.67 -31.82
N GLU C 488 1.42 49.02 -32.17
CA GLU C 488 1.63 50.13 -33.08
C GLU C 488 0.96 49.86 -34.43
N ASN C 489 1.03 48.62 -34.91
CA ASN C 489 0.45 48.31 -36.21
C ASN C 489 -1.05 48.41 -36.23
N SER C 490 -1.70 48.41 -35.07
CA SER C 490 -3.13 48.17 -34.95
C SER C 490 -3.80 49.44 -34.45
N GLN C 491 -4.89 49.85 -35.13
CA GLN C 491 -5.75 50.93 -34.67
C GLN C 491 -7.21 50.54 -34.86
N PRO C 492 -7.70 49.58 -34.08
CA PRO C 492 -9.08 49.13 -34.23
C PRO C 492 -10.06 50.20 -33.80
N ASP C 493 -11.27 50.09 -34.33
CA ASP C 493 -12.34 51.03 -33.98
C ASP C 493 -13.13 50.58 -32.75
N LYS C 494 -13.04 49.33 -32.37
CA LYS C 494 -13.74 48.78 -31.21
C LYS C 494 -12.79 48.58 -30.04
N PRO C 495 -13.32 48.34 -28.84
CA PRO C 495 -12.43 48.00 -27.71
C PRO C 495 -11.84 46.61 -27.85
N VAL C 496 -10.60 46.46 -27.35
CA VAL C 496 -9.86 45.21 -27.39
C VAL C 496 -9.64 44.71 -25.98
N ILE C 497 -9.96 43.43 -25.76
CA ILE C 497 -9.50 42.69 -24.58
C ILE C 497 -8.41 41.73 -25.04
N VAL C 498 -7.25 41.80 -24.38
CA VAL C 498 -6.22 40.78 -24.57
C VAL C 498 -6.69 39.56 -23.81
N THR C 499 -7.28 38.60 -24.52
CA THR C 499 -7.98 37.49 -23.86
C THR C 499 -7.04 36.36 -23.45
N GLU C 500 -5.78 36.39 -23.89
CA GLU C 500 -4.76 35.48 -23.38
C GLU C 500 -3.39 36.11 -23.60
N PHE C 501 -2.52 35.96 -22.60
CA PHE C 501 -1.07 35.91 -22.76
C PHE C 501 -0.56 35.13 -21.56
N GLY C 502 0.71 34.72 -21.58
CA GLY C 502 1.29 34.05 -20.43
C GLY C 502 2.53 33.24 -20.78
N ALA C 503 2.91 32.36 -19.85
CA ALA C 503 4.12 31.56 -19.95
C ALA C 503 4.06 30.43 -18.92
N ASP C 504 4.49 29.23 -19.31
CA ASP C 504 4.61 28.10 -18.38
C ASP C 504 5.54 28.42 -17.21
N ALA C 505 5.17 27.95 -16.03
CA ALA C 505 6.10 27.88 -14.90
C ALA C 505 5.64 26.72 -14.02
N LEU C 506 6.42 25.64 -14.04
CA LEU C 506 6.19 24.58 -13.06
C LEU C 506 6.37 25.13 -11.65
N PRO C 507 5.44 24.92 -10.74
CA PRO C 507 5.60 25.43 -9.38
C PRO C 507 6.93 25.00 -8.75
N HIS C 508 7.62 25.95 -8.11
CA HIS C 508 8.89 25.78 -7.41
C HIS C 508 10.06 25.49 -8.35
N HIS C 509 9.87 25.60 -9.65
CA HIS C 509 10.94 25.40 -10.62
C HIS C 509 11.54 26.74 -11.02
N HIS C 510 12.73 27.02 -10.52
CA HIS C 510 13.40 28.30 -10.74
C HIS C 510 14.51 28.21 -11.78
N GLY C 511 14.91 29.38 -12.26
CA GLY C 511 15.98 29.51 -13.25
C GLY C 511 16.23 30.98 -13.54
N THR C 512 16.96 31.24 -14.62
CA THR C 512 17.09 32.64 -15.04
C THR C 512 15.85 33.07 -15.81
N ILE C 513 15.71 34.39 -16.00
CA ILE C 513 14.60 34.91 -16.80
C ILE C 513 14.64 34.41 -18.23
N SER C 514 15.80 33.95 -18.71
CA SER C 514 15.83 33.34 -20.04
C SER C 514 15.54 31.83 -20.03
N ASP C 515 15.37 31.21 -18.85
CA ASP C 515 15.00 29.79 -18.82
C ASP C 515 13.49 29.68 -18.98
N LYS C 516 13.03 29.35 -20.19
CA LYS C 516 11.59 29.21 -20.41
C LYS C 516 11.06 28.01 -19.63
N GLY C 517 9.97 28.21 -18.91
CA GLY C 517 9.36 27.17 -18.11
C GLY C 517 9.53 27.37 -16.62
N THR C 518 10.28 28.37 -16.20
CA THR C 518 10.59 28.62 -14.80
C THR C 518 9.75 29.76 -14.28
N GLU C 519 9.70 29.85 -12.95
CA GLU C 519 9.00 30.94 -12.30
C GLU C 519 9.57 32.29 -12.73
N GLU C 520 10.90 32.43 -12.74
CA GLU C 520 11.51 33.72 -13.02
C GLU C 520 11.18 34.20 -14.43
N CYS C 521 11.21 33.29 -15.40
CA CYS C 521 10.88 33.66 -16.77
C CYS C 521 9.41 34.08 -16.89
N GLN C 522 8.52 33.39 -16.17
CA GLN C 522 7.10 33.74 -16.20
C GLN C 522 6.87 35.13 -15.64
N ALA C 523 7.50 35.45 -14.51
CA ALA C 523 7.36 36.79 -13.96
C ALA C 523 7.86 37.84 -14.95
N ASP C 524 9.00 37.56 -15.59
CA ASP C 524 9.61 38.50 -16.51
C ASP C 524 8.71 38.74 -17.73
N VAL C 525 8.06 37.68 -18.22
CA VAL C 525 7.07 37.85 -19.29
C VAL C 525 5.92 38.75 -18.81
N TYR C 526 5.48 38.60 -17.57
CA TYR C 526 4.39 39.44 -17.09
C TYR C 526 4.83 40.89 -16.97
N GLU C 527 6.05 41.13 -16.48
CA GLU C 527 6.55 42.50 -16.40
C GLU C 527 6.49 43.17 -17.77
N LYS C 528 6.92 42.48 -18.82
CA LYS C 528 7.07 43.12 -20.12
C LYS C 528 5.72 43.28 -20.82
N GLN C 529 4.84 42.29 -20.71
CA GLN C 529 3.48 42.44 -21.22
C GLN C 529 2.78 43.62 -20.58
N ILE C 530 2.80 43.68 -19.25
CA ILE C 530 2.13 44.77 -18.56
C ILE C 530 2.71 46.12 -18.97
N ALA C 531 4.04 46.21 -19.09
CA ALA C 531 4.69 47.47 -19.40
C ALA C 531 4.28 48.03 -20.75
N THR C 532 3.96 47.17 -21.71
CA THR C 532 3.48 47.59 -23.02
C THR C 532 1.95 47.71 -23.04
N LEU C 533 1.23 46.74 -22.47
CA LEU C 533 -0.22 46.74 -22.64
C LEU C 533 -0.88 47.87 -21.87
N ARG C 534 -0.32 48.25 -20.72
CA ARG C 534 -0.97 49.27 -19.88
C ARG C 534 -1.10 50.64 -20.56
N ASN C 535 -0.37 50.88 -21.65
CA ASN C 535 -0.35 52.19 -22.30
C ASN C 535 -0.97 52.21 -23.68
N ILE C 536 -1.67 51.14 -24.08
CA ILE C 536 -2.31 51.07 -25.40
C ILE C 536 -3.77 51.45 -25.21
N ASP C 537 -4.16 52.62 -25.73
CA ASP C 537 -5.38 53.23 -25.24
C ASP C 537 -6.64 52.49 -25.69
N TYR C 538 -6.58 51.68 -26.76
CA TYR C 538 -7.72 50.87 -27.18
C TYR C 538 -7.79 49.53 -26.48
N ILE C 539 -6.83 49.20 -25.62
CA ILE C 539 -6.89 47.99 -24.81
C ILE C 539 -7.69 48.30 -23.54
N LYS C 540 -8.85 47.65 -23.41
CA LYS C 540 -9.79 47.95 -22.35
C LYS C 540 -9.92 46.81 -21.34
N GLY C 541 -9.08 45.78 -21.47
CA GLY C 541 -9.10 44.68 -20.52
C GLY C 541 -8.10 43.60 -20.90
N MET C 542 -7.92 42.66 -19.98
CA MET C 542 -7.02 41.53 -20.20
C MET C 542 -7.42 40.43 -19.25
N THR C 543 -7.37 39.20 -19.73
CA THR C 543 -7.66 38.01 -18.93
C THR C 543 -6.49 37.05 -19.10
N PRO C 544 -5.35 37.38 -18.49
CA PRO C 544 -4.15 36.55 -18.66
C PRO C 544 -4.44 35.07 -18.42
N TRP C 545 -3.72 34.24 -19.14
CA TRP C 545 -3.91 32.80 -19.13
C TRP C 545 -2.81 32.21 -18.25
N ILE C 546 -3.15 31.66 -17.10
CA ILE C 546 -4.52 31.40 -16.65
C ILE C 546 -4.49 31.46 -15.09
N LEU C 547 -5.63 31.43 -14.41
CA LEU C 547 -5.60 31.57 -12.95
C LEU C 547 -4.79 30.46 -12.29
N TYR C 548 -5.01 29.20 -12.69
CA TYR C 548 -4.25 28.14 -12.04
C TYR C 548 -4.07 26.99 -13.03
N ASP C 549 -3.04 26.19 -12.76
CA ASP C 549 -2.67 25.08 -13.65
C ASP C 549 -3.81 24.08 -13.80
N PHE C 550 -3.97 23.55 -15.02
CA PHE C 550 -5.04 22.60 -15.32
C PHE C 550 -4.50 21.41 -16.12
N ARG C 551 -5.18 20.27 -15.99
CA ARG C 551 -4.76 19.07 -16.72
C ARG C 551 -4.76 19.34 -18.22
N CYS C 552 -3.76 18.81 -18.90
CA CYS C 552 -3.57 19.12 -20.32
C CYS C 552 -2.84 17.98 -21.02
N PRO C 553 -3.53 17.17 -21.82
CA PRO C 553 -2.88 16.03 -22.47
C PRO C 553 -1.77 16.40 -23.46
N ARG C 554 -1.61 17.67 -23.81
CA ARG C 554 -0.61 18.04 -24.81
C ARG C 554 0.76 18.36 -24.20
N ARG C 555 0.87 18.54 -22.88
CA ARG C 555 2.12 18.97 -22.23
C ARG C 555 2.78 17.77 -21.53
N THR C 556 3.80 17.19 -22.16
CA THR C 556 4.44 15.98 -21.66
C THR C 556 5.86 16.18 -21.13
N SER C 557 6.37 17.40 -21.07
CA SER C 557 7.75 17.53 -20.63
C SER C 557 7.87 17.32 -19.11
N LEU C 558 9.12 17.12 -18.68
CA LEU C 558 9.42 16.98 -17.26
C LEU C 558 8.95 18.18 -16.46
N ILE C 559 9.00 19.38 -17.04
CA ILE C 559 8.58 20.57 -16.34
C ILE C 559 7.13 20.94 -16.67
N GLN C 560 6.35 19.99 -17.19
CA GLN C 560 4.91 20.17 -17.36
C GLN C 560 4.10 19.09 -16.69
N LYS C 561 4.44 17.82 -16.93
CA LYS C 561 3.81 16.69 -16.24
C LYS C 561 2.31 16.66 -16.49
N TYR C 562 1.91 16.84 -17.75
CA TYR C 562 0.54 16.67 -18.20
C TYR C 562 -0.40 17.71 -17.60
N TYR C 563 0.18 18.83 -17.19
CA TYR C 563 -0.54 19.99 -16.74
C TYR C 563 -0.06 21.18 -17.56
N ASN C 564 -0.99 22.05 -17.92
CA ASN C 564 -0.65 23.33 -18.51
C ASN C 564 -0.16 24.24 -17.38
N ARG C 565 1.09 24.70 -17.46
CA ARG C 565 1.71 25.37 -16.32
C ARG C 565 1.65 26.90 -16.42
N LYS C 566 0.74 27.42 -17.23
CA LYS C 566 0.60 28.87 -17.30
C LYS C 566 -0.18 29.44 -16.12
N GLY C 567 -0.66 28.62 -15.19
CA GLY C 567 -1.35 29.14 -14.03
C GLY C 567 -0.49 30.13 -13.27
N LEU C 568 -1.09 31.15 -12.67
CA LEU C 568 -0.40 31.94 -11.67
C LEU C 568 -0.37 31.27 -10.32
N LEU C 569 -1.12 30.18 -10.14
CA LEU C 569 -1.06 29.34 -8.95
C LEU C 569 -0.94 27.88 -9.38
N SER C 570 -0.44 27.03 -8.46
CA SER C 570 -0.44 25.61 -8.70
C SER C 570 -1.86 25.07 -8.92
N GLU C 571 -1.94 23.81 -9.38
CA GLU C 571 -3.20 23.19 -9.74
C GLU C 571 -4.13 22.99 -8.54
N ASP C 572 -3.61 22.93 -7.32
CA ASP C 572 -4.42 22.80 -6.13
C ASP C 572 -4.72 24.16 -5.51
N LYS C 573 -4.21 25.23 -6.10
CA LYS C 573 -4.49 26.61 -5.71
C LYS C 573 -3.92 26.98 -4.35
N LYS C 574 -2.96 26.19 -3.86
CA LYS C 574 -2.37 26.47 -2.55
C LYS C 574 -1.17 27.39 -2.62
N TYR C 575 -0.53 27.47 -3.78
CA TYR C 575 0.74 28.16 -3.98
C TYR C 575 0.61 29.21 -5.08
N ARG C 576 0.97 30.46 -4.77
CA ARG C 576 1.02 31.53 -5.76
C ARG C 576 2.44 31.69 -6.31
N LYS C 577 2.58 31.62 -7.63
CA LYS C 577 3.88 31.84 -8.26
C LYS C 577 4.22 33.32 -8.28
N PRO C 578 5.51 33.65 -8.46
CA PRO C 578 5.90 35.08 -8.53
C PRO C 578 5.06 35.94 -9.48
N ALA C 579 4.66 35.41 -10.63
CA ALA C 579 3.94 36.23 -11.58
C ALA C 579 2.57 36.64 -11.05
N PHE C 580 1.99 35.83 -10.14
CA PHE C 580 0.74 36.19 -9.50
C PHE C 580 0.86 37.55 -8.84
N TYR C 581 2.02 37.81 -8.22
CA TYR C 581 2.20 39.08 -7.53
C TYR C 581 2.47 40.23 -8.49
N VAL C 582 3.04 39.94 -9.66
CA VAL C 582 3.25 40.98 -10.67
C VAL C 582 1.90 41.48 -11.19
N LEU C 583 1.02 40.55 -11.58
CA LEU C 583 -0.31 40.94 -12.01
C LEU C 583 -1.07 41.64 -10.89
N GLN C 584 -1.00 41.08 -9.68
CA GLN C 584 -1.69 41.68 -8.54
C GLN C 584 -1.26 43.13 -8.32
N LYS C 585 0.04 43.39 -8.37
CA LYS C 585 0.55 44.75 -8.17
C LYS C 585 0.02 45.71 -9.24
N PHE C 586 -0.08 45.23 -10.47
CA PHE C 586 -0.62 46.07 -11.54
C PHE C 586 -2.10 46.37 -11.31
N TYR C 587 -2.89 45.35 -10.94
CA TYR C 587 -4.30 45.57 -10.72
C TYR C 587 -4.53 46.46 -9.51
N GLU C 588 -3.71 46.34 -8.48
CA GLU C 588 -3.88 47.22 -7.33
C GLU C 588 -3.55 48.66 -7.68
N GLU C 589 -2.64 48.88 -8.64
CA GLU C 589 -2.35 50.23 -9.09
C GLU C 589 -3.56 50.84 -9.78
N LEU C 590 -4.18 50.06 -10.66
CA LEU C 590 -5.41 50.51 -11.29
C LEU C 590 -6.48 50.82 -10.28
N LYS C 591 -6.60 49.99 -9.23
CA LYS C 591 -7.64 50.17 -8.22
C LYS C 591 -7.43 51.45 -7.42
N ARG C 592 -6.20 51.67 -6.96
CA ARG C 592 -5.93 52.91 -6.23
C ARG C 592 -6.15 54.13 -7.11
N LYS C 593 -5.76 54.03 -8.39
CA LYS C 593 -5.99 55.14 -9.31
C LYS C 593 -7.48 55.43 -9.47
N GLU C 594 -8.32 54.38 -9.42
CA GLU C 594 -9.76 54.58 -9.58
C GLU C 594 -10.34 55.27 -8.36
N GLN C 595 -9.83 54.95 -7.17
CA GLN C 595 -10.37 55.54 -5.96
C GLN C 595 -10.02 57.01 -5.87
N GLU C 596 -8.80 57.34 -6.28
CA GLU C 596 -8.35 58.74 -6.19
C GLU C 596 -8.96 59.56 -7.32
N ASN C 597 -9.76 58.92 -8.16
CA ASN C 597 -10.42 59.63 -9.28
C ASN C 597 -11.88 59.81 -8.85
N LEU C 598 -12.09 59.81 -7.53
CA LEU C 598 -13.43 59.97 -6.97
C LEU C 598 -13.44 61.12 -5.98
N MET D 10 30.81 13.23 33.24
CA MET D 10 30.34 13.66 31.92
C MET D 10 31.20 13.03 30.84
N SER D 11 31.66 11.81 31.10
CA SER D 11 32.58 11.14 30.19
C SER D 11 31.89 10.76 28.88
N ASP D 12 30.58 10.56 28.89
CA ASP D 12 29.93 10.05 27.69
C ASP D 12 29.90 11.08 26.57
N ILE D 13 30.04 12.37 26.87
CA ILE D 13 29.94 13.40 25.85
C ILE D 13 31.26 14.13 25.61
N HIS D 14 32.21 14.08 26.55
CA HIS D 14 33.47 14.80 26.43
C HIS D 14 34.64 13.92 26.06
N LEU D 15 34.53 12.59 26.19
CA LEU D 15 35.60 11.71 25.75
C LEU D 15 35.72 11.72 24.23
N GLU D 16 36.92 12.00 23.74
CA GLU D 16 37.18 11.99 22.30
C GLU D 16 37.43 10.57 21.79
N ASP D 17 38.46 9.90 22.31
CA ASP D 17 38.81 8.55 21.86
C ASP D 17 38.06 7.52 22.71
N TYR D 18 36.78 7.36 22.41
CA TYR D 18 35.92 6.49 23.21
C TYR D 18 36.04 5.02 22.83
N THR D 19 36.80 4.67 21.79
CA THR D 19 36.94 3.29 21.37
C THR D 19 38.22 2.62 21.86
N GLU D 20 39.19 3.38 22.37
CA GLU D 20 40.47 2.81 22.78
C GLU D 20 40.27 1.76 23.88
N GLN D 21 39.37 2.04 24.83
CA GLN D 21 39.08 1.11 25.91
C GLN D 21 38.59 -0.24 25.42
N TYR D 22 38.16 -0.35 24.17
CA TYR D 22 37.63 -1.60 23.64
C TYR D 22 38.62 -2.36 22.79
N GLU D 23 39.86 -1.87 22.67
CA GLU D 23 40.88 -2.51 21.82
C GLU D 23 41.61 -3.62 22.59
N THR D 24 40.82 -4.58 23.06
CA THR D 24 41.36 -5.68 23.83
C THR D 24 40.45 -6.87 23.65
N GLY D 25 40.89 -8.04 24.11
CA GLY D 25 40.04 -9.22 24.05
C GLY D 25 39.74 -9.66 22.63
N PHE D 26 40.72 -9.55 21.75
CA PHE D 26 40.51 -9.75 20.33
C PHE D 26 40.19 -11.21 20.03
N ALA D 27 39.26 -11.43 19.11
CA ALA D 27 39.16 -12.72 18.46
C ALA D 27 40.09 -12.71 17.25
N THR D 28 40.97 -13.70 17.14
CA THR D 28 41.93 -13.72 16.03
C THR D 28 42.09 -15.15 15.53
N VAL D 29 42.97 -15.36 14.56
CA VAL D 29 43.26 -16.73 14.15
C VAL D 29 43.73 -17.55 15.35
N ASP D 30 44.32 -16.91 16.35
CA ASP D 30 44.85 -17.65 17.49
C ASP D 30 43.76 -18.11 18.46
N THR D 31 42.56 -17.52 18.41
CA THR D 31 41.47 -17.97 19.30
C THR D 31 40.46 -18.85 18.61
N MET D 32 40.56 -19.05 17.30
CA MET D 32 39.71 -20.02 16.64
C MET D 32 39.88 -21.42 17.24
N ILE D 33 38.78 -22.17 17.33
CA ILE D 33 38.87 -23.61 17.59
C ILE D 33 38.29 -24.37 16.40
N PHE D 34 38.80 -25.58 16.20
CA PHE D 34 38.32 -26.41 15.10
C PHE D 34 36.88 -26.85 15.40
N GLU D 35 36.02 -26.82 14.38
CA GLU D 35 34.59 -27.05 14.59
C GLU D 35 34.07 -28.37 14.06
N GLY D 36 34.80 -29.03 13.17
CA GLY D 36 34.32 -30.24 12.53
C GLY D 36 33.76 -31.24 13.51
N GLY D 37 32.53 -31.68 13.28
CA GLY D 37 31.88 -32.65 14.14
C GLY D 37 31.43 -32.16 15.50
N ARG D 38 31.65 -30.89 15.84
CA ARG D 38 31.21 -30.39 17.15
C ARG D 38 29.71 -30.08 17.14
N ARG D 39 29.01 -30.58 18.16
CA ARG D 39 27.66 -30.13 18.49
C ARG D 39 27.67 -28.65 18.88
N GLU D 40 26.73 -27.88 18.34
CA GLU D 40 26.68 -26.46 18.66
C GLU D 40 25.24 -26.03 18.96
N GLU D 41 25.09 -25.15 19.94
CA GLU D 41 23.83 -24.46 20.22
C GLU D 41 23.91 -23.06 19.63
N LEU D 42 22.92 -22.69 18.81
CA LEU D 42 22.98 -21.40 18.14
C LEU D 42 22.28 -20.33 18.97
N LEU D 43 22.70 -19.08 18.77
CA LEU D 43 21.96 -17.94 19.29
C LEU D 43 21.23 -17.18 18.18
N ASN D 44 21.11 -17.78 17.00
CA ASN D 44 20.21 -17.28 15.96
C ASN D 44 18.82 -17.08 16.53
N GLY D 45 18.08 -16.12 15.96
CA GLY D 45 16.72 -15.86 16.34
C GLY D 45 16.46 -14.38 16.46
N GLY D 46 15.35 -14.03 17.11
CA GLY D 46 15.01 -12.63 17.31
C GLY D 46 15.88 -11.98 18.37
N TRP D 47 16.63 -10.95 17.99
CA TRP D 47 17.32 -10.11 18.96
C TRP D 47 16.65 -8.74 19.01
N HIS D 48 16.49 -8.23 20.22
CA HIS D 48 16.08 -6.83 20.35
C HIS D 48 17.19 -5.91 19.86
N TYR D 49 16.82 -4.81 19.20
CA TYR D 49 17.86 -4.03 18.56
C TYR D 49 17.51 -2.55 18.50
N ALA D 50 18.54 -1.75 18.24
CA ALA D 50 18.41 -0.32 18.07
C ALA D 50 19.39 0.14 17.01
N VAL D 51 18.99 1.14 16.23
CA VAL D 51 19.93 1.87 15.39
C VAL D 51 20.69 2.82 16.31
N ASP D 52 22.02 2.68 16.34
CA ASP D 52 22.87 3.47 17.24
C ASP D 52 23.80 4.36 16.41
N GLN D 53 23.22 5.36 15.76
CA GLN D 53 23.92 6.15 14.74
C GLN D 53 25.21 6.78 15.27
N TYR D 54 25.18 7.30 16.50
CA TYR D 54 26.34 7.99 17.05
C TYR D 54 27.14 7.13 18.03
N ASP D 55 27.04 5.79 17.95
CA ASP D 55 27.77 4.89 18.84
C ASP D 55 27.49 5.20 20.31
N THR D 56 26.28 5.66 20.60
CA THR D 56 25.91 6.04 21.96
C THR D 56 26.11 4.90 22.96
N CYS D 57 25.89 3.65 22.51
CA CYS D 57 25.97 2.50 23.41
C CYS D 57 27.39 2.28 23.91
N LEU D 58 28.40 2.55 23.07
CA LEU D 58 29.79 2.40 23.51
C LEU D 58 30.29 3.56 24.35
N ARG D 59 29.57 4.69 24.34
CA ARG D 59 29.96 5.90 25.06
C ARG D 59 29.27 5.99 26.42
N GLN D 60 27.95 5.76 26.44
CA GLN D 60 27.18 5.71 27.68
C GLN D 60 27.23 4.33 28.33
N LYS D 61 27.65 3.29 27.59
CA LYS D 61 27.80 1.93 28.11
C LYS D 61 26.49 1.31 28.58
N TRP D 62 25.51 1.28 27.65
CA TRP D 62 24.21 0.69 27.93
C TRP D 62 24.29 -0.71 28.53
N TYR D 63 25.32 -1.49 28.16
CA TYR D 63 25.39 -2.88 28.57
C TYR D 63 25.56 -3.03 30.08
N LYS D 64 25.89 -1.96 30.80
CA LYS D 64 25.96 -2.00 32.25
C LYS D 64 24.60 -1.92 32.91
N GLU D 65 23.57 -1.48 32.19
CA GLU D 65 22.21 -1.38 32.73
C GLU D 65 22.21 -0.64 34.07
N ARG D 66 22.88 0.51 34.10
CA ARG D 66 22.79 1.37 35.28
C ARG D 66 21.48 2.17 35.23
N TYR D 67 20.46 1.70 35.97
CA TYR D 67 19.14 2.34 36.00
C TYR D 67 18.93 3.32 37.16
N ARG D 68 19.69 3.17 38.25
CA ARG D 68 19.62 4.06 39.40
C ARG D 68 21.04 4.49 39.75
N ASP D 69 21.15 5.52 40.59
CA ASP D 69 22.46 6.03 41.00
C ASP D 69 22.80 5.59 42.42
N GLU D 70 23.95 6.07 42.91
CA GLU D 70 24.44 5.71 44.24
C GLU D 70 23.43 5.98 45.35
N LYS D 71 22.49 6.91 45.14
CA LYS D 71 21.52 7.29 46.15
C LYS D 71 20.14 6.69 45.92
N GLY D 72 19.98 5.80 44.93
CA GLY D 72 18.70 5.16 44.66
C GLY D 72 17.72 5.94 43.81
N PHE D 73 18.07 7.16 43.37
CA PHE D 73 17.27 7.89 42.39
C PHE D 73 17.32 7.17 41.03
N THR D 74 16.17 7.11 40.34
CA THR D 74 16.21 6.70 38.94
C THR D 74 16.90 7.79 38.12
N VAL D 75 17.67 7.37 37.13
CA VAL D 75 18.35 8.28 36.23
C VAL D 75 17.72 8.10 34.84
N PRO D 76 17.68 9.13 34.01
CA PRO D 76 17.15 8.97 32.65
C PRO D 76 18.08 8.12 31.77
N ILE D 77 17.48 7.26 30.93
CA ILE D 77 18.23 6.38 30.05
C ILE D 77 17.72 6.49 28.62
N ASP D 78 18.55 6.03 27.68
CA ASP D 78 18.36 6.27 26.26
C ASP D 78 18.17 4.97 25.46
N TYR D 79 17.92 3.87 26.17
CA TYR D 79 17.65 2.56 25.58
C TYR D 79 16.57 1.91 26.42
N SER D 80 16.06 0.77 25.94
CA SER D 80 15.16 -0.07 26.73
C SER D 80 15.15 -1.44 26.07
N PHE D 81 15.96 -2.36 26.60
CA PHE D 81 16.37 -3.55 25.85
C PHE D 81 15.18 -4.42 25.46
N ASP D 82 14.37 -4.85 26.45
CA ASP D 82 13.27 -5.78 26.18
C ASP D 82 12.13 -5.11 25.40
N GLU D 83 11.97 -3.79 25.45
CA GLU D 83 10.92 -3.14 24.70
C GLU D 83 11.39 -2.58 23.35
N TRP D 84 12.62 -2.88 22.95
CA TRP D 84 13.10 -2.53 21.62
C TRP D 84 12.44 -3.42 20.57
N PRO D 85 12.41 -2.97 19.32
CA PRO D 85 12.01 -3.86 18.22
C PRO D 85 12.95 -5.06 18.12
N VAL D 86 12.59 -5.96 17.22
CA VAL D 86 13.24 -7.26 17.14
C VAL D 86 13.65 -7.51 15.69
N MET D 87 14.88 -7.97 15.50
CA MET D 87 15.40 -8.30 14.19
C MET D 87 15.87 -9.75 14.21
N GLN D 88 15.50 -10.50 13.18
CA GLN D 88 15.97 -11.87 13.04
C GLN D 88 17.44 -11.86 12.62
N LEU D 89 18.34 -12.45 13.51
CA LEU D 89 19.75 -12.69 13.24
C LEU D 89 20.00 -14.17 12.96
N PRO D 90 20.98 -14.51 12.11
CA PRO D 90 21.84 -13.55 11.42
C PRO D 90 21.18 -12.97 10.18
N CYS D 91 21.64 -11.81 9.75
CA CYS D 91 21.28 -11.26 8.45
C CYS D 91 22.18 -10.06 8.19
N SER D 92 22.22 -9.64 6.94
CA SER D 92 22.68 -8.30 6.59
C SER D 92 21.52 -7.35 6.88
N TRP D 93 21.72 -6.39 7.78
CA TRP D 93 20.59 -5.55 8.15
C TRP D 93 20.08 -4.73 6.96
N ASN D 94 20.92 -4.52 5.94
CA ASN D 94 20.56 -3.67 4.80
C ASN D 94 19.32 -4.17 4.06
N THR D 95 19.10 -5.47 3.99
CA THR D 95 18.00 -6.02 3.20
C THR D 95 16.79 -6.35 4.06
N ILE D 96 16.79 -5.95 5.33
CA ILE D 96 15.71 -6.26 6.25
C ILE D 96 14.60 -5.22 6.16
N ASP D 97 14.94 -3.96 5.89
CA ASP D 97 13.98 -2.90 5.72
C ASP D 97 14.59 -1.88 4.75
N PRO D 98 13.79 -1.27 3.89
CA PRO D 98 14.32 -0.22 3.01
C PRO D 98 15.04 0.90 3.76
N MET D 99 14.60 1.20 4.98
CA MET D 99 15.26 2.19 5.81
C MET D 99 16.72 1.85 6.12
N TYR D 100 17.12 0.58 5.99
CA TYR D 100 18.47 0.19 6.36
C TYR D 100 19.36 -0.12 5.20
N LEU D 101 18.88 0.00 3.96
CA LEU D 101 19.65 -0.36 2.78
C LEU D 101 20.99 0.39 2.76
N LEU D 102 20.93 1.69 3.03
CA LEU D 102 22.10 2.55 2.97
C LEU D 102 22.66 2.86 4.34
N TYR D 103 22.18 2.19 5.39
CA TYR D 103 22.73 2.39 6.72
C TYR D 103 24.01 1.57 6.89
N GLU D 104 25.07 2.25 7.30
CA GLU D 104 26.34 1.59 7.58
C GLU D 104 26.97 2.15 8.85
N GLY D 105 26.15 2.61 9.78
CA GLY D 105 26.59 2.94 11.11
C GLY D 105 26.55 1.72 12.00
N SER D 106 26.26 1.95 13.28
CA SER D 106 26.22 0.87 14.25
C SER D 106 24.79 0.47 14.61
N MET D 107 24.58 -0.82 14.77
CA MET D 107 23.36 -1.33 15.37
C MET D 107 23.73 -2.14 16.61
N VAL D 108 22.85 -2.10 17.61
CA VAL D 108 23.04 -2.79 18.87
C VAL D 108 21.99 -3.88 18.95
N PHE D 109 22.45 -5.09 19.24
CA PHE D 109 21.61 -6.28 19.33
C PHE D 109 21.73 -6.89 20.71
N THR D 110 20.59 -7.31 21.27
CA THR D 110 20.65 -7.97 22.57
C THR D 110 19.54 -9.02 22.68
N ARG D 111 19.82 -10.03 23.50
CA ARG D 111 18.90 -11.13 23.78
C ARG D 111 19.43 -11.83 25.01
N LYS D 112 18.60 -12.73 25.55
CA LYS D 112 18.96 -13.53 26.71
C LYS D 112 19.03 -15.00 26.35
N PHE D 113 19.82 -15.75 27.12
CA PHE D 113 19.81 -17.21 27.06
C PHE D 113 20.18 -17.76 28.42
N SER D 114 19.78 -19.00 28.67
CA SER D 114 20.10 -19.69 29.92
C SER D 114 21.27 -20.64 29.71
N TYR D 115 22.01 -20.90 30.78
CA TYR D 115 23.18 -21.77 30.70
C TYR D 115 23.24 -22.68 31.92
N ILE D 116 23.30 -23.99 31.67
CA ILE D 116 23.53 -24.99 32.71
C ILE D 116 24.59 -25.96 32.21
N ALA D 117 25.72 -26.03 32.93
CA ALA D 117 26.78 -26.97 32.58
C ALA D 117 26.43 -28.35 33.12
N GLU D 118 26.47 -29.35 32.23
CA GLU D 118 26.23 -30.74 32.63
C GLU D 118 27.48 -31.41 33.17
N ARG D 119 28.65 -30.96 32.71
CA ARG D 119 29.97 -31.45 33.10
C ARG D 119 30.87 -30.23 33.08
N GLU D 120 32.09 -30.40 33.59
CA GLU D 120 33.09 -29.36 33.43
C GLU D 120 33.30 -29.09 31.94
N GLU D 121 33.22 -27.82 31.53
CA GLU D 121 33.37 -27.49 30.12
C GLU D 121 33.88 -26.08 29.94
N THR D 122 34.55 -25.85 28.81
CA THR D 122 34.86 -24.51 28.32
C THR D 122 33.85 -24.11 27.24
N VAL D 123 33.44 -22.84 27.24
CA VAL D 123 32.39 -22.35 26.34
C VAL D 123 32.93 -21.23 25.45
N PHE D 124 32.85 -21.44 24.14
CA PHE D 124 33.18 -20.41 23.15
C PHE D 124 31.91 -19.83 22.54
N LEU D 125 31.87 -18.51 22.45
CA LEU D 125 30.93 -17.83 21.56
C LEU D 125 31.61 -17.66 20.19
N LYS D 126 30.95 -18.14 19.13
CA LYS D 126 31.40 -17.92 17.77
C LYS D 126 30.42 -17.01 17.03
N VAL D 127 30.94 -15.90 16.48
CA VAL D 127 30.19 -15.06 15.56
C VAL D 127 30.68 -15.38 14.15
N GLY D 128 29.82 -16.01 13.36
CA GLY D 128 30.25 -16.54 12.07
C GLY D 128 30.82 -15.48 11.14
N ALA D 129 30.20 -14.31 11.09
CA ALA D 129 30.71 -13.17 10.35
C ALA D 129 29.94 -11.92 10.77
N ALA D 130 30.66 -10.82 10.90
CA ALA D 130 30.06 -9.53 11.22
C ALA D 130 30.90 -8.45 10.56
N ASN D 131 30.27 -7.60 9.74
CA ASN D 131 30.96 -6.56 9.01
C ASN D 131 30.58 -5.20 9.59
N TYR D 132 31.58 -4.42 10.02
CA TYR D 132 33.01 -4.74 9.96
C TYR D 132 33.61 -5.00 11.36
N LEU D 133 33.22 -4.19 12.34
CA LEU D 133 33.59 -4.38 13.74
C LEU D 133 32.44 -4.98 14.54
N CYS D 134 32.77 -5.96 15.39
CA CYS D 134 31.82 -6.57 16.32
C CYS D 134 32.40 -6.50 17.72
N ARG D 135 31.68 -5.84 18.63
CA ARG D 135 32.03 -5.72 20.05
C ARG D 135 31.03 -6.52 20.89
N VAL D 136 31.55 -7.29 21.86
CA VAL D 136 30.80 -8.35 22.53
C VAL D 136 30.71 -8.07 24.02
N PHE D 137 29.50 -8.06 24.56
CA PHE D 137 29.28 -7.88 25.99
C PHE D 137 28.39 -8.98 26.52
N LEU D 138 28.74 -9.47 27.72
CA LEU D 138 28.05 -10.61 28.34
C LEU D 138 27.85 -10.32 29.82
N ASN D 139 26.58 -10.28 30.25
CA ASN D 139 26.23 -9.96 31.64
C ASN D 139 26.96 -8.71 32.14
N GLY D 140 26.96 -7.68 31.30
CA GLY D 140 27.47 -6.36 31.67
C GLY D 140 28.98 -6.22 31.66
N LYS D 141 29.72 -7.22 31.22
CA LYS D 141 31.17 -7.13 31.13
C LYS D 141 31.57 -7.15 29.66
N TYR D 142 32.70 -6.52 29.36
CA TYR D 142 33.22 -6.54 28.01
C TYR D 142 34.04 -7.81 27.78
N VAL D 143 33.67 -8.56 26.74
CA VAL D 143 34.39 -9.77 26.36
C VAL D 143 35.51 -9.47 25.36
N GLY D 144 35.26 -8.65 24.35
CA GLY D 144 36.28 -8.33 23.37
C GLY D 144 35.64 -8.02 22.03
N MET D 145 36.49 -7.91 21.00
CA MET D 145 36.00 -7.53 19.68
C MET D 145 36.70 -8.31 18.57
N HIS D 146 36.19 -8.15 17.35
CA HIS D 146 36.78 -8.73 16.14
C HIS D 146 36.80 -7.69 15.03
N ARG D 147 37.88 -7.72 14.25
CA ARG D 147 38.12 -6.84 13.12
C ARG D 147 38.13 -7.65 11.84
N GLY D 148 37.30 -7.27 10.86
CA GLY D 148 37.24 -8.00 9.60
C GLY D 148 35.85 -8.56 9.34
N GLY D 149 35.26 -8.21 8.20
CA GLY D 149 33.85 -8.46 7.98
C GLY D 149 33.44 -9.81 7.40
N SER D 150 34.37 -10.72 7.04
CA SER D 150 33.97 -11.97 6.38
C SER D 150 34.61 -13.22 6.98
N THR D 151 34.98 -13.21 8.27
CA THR D 151 35.64 -14.36 8.86
C THR D 151 35.11 -14.60 10.26
N PRO D 152 35.06 -15.88 10.70
CA PRO D 152 34.46 -16.21 12.00
C PRO D 152 35.32 -15.81 13.18
N ALA D 153 34.66 -15.36 14.25
CA ALA D 153 35.31 -14.89 15.46
C ALA D 153 34.90 -15.76 16.65
N PHE D 154 35.88 -16.19 17.44
CA PHE D 154 35.68 -17.05 18.60
C PHE D 154 36.19 -16.35 19.84
N TRP D 155 35.37 -16.29 20.89
CA TRP D 155 35.80 -15.81 22.19
C TRP D 155 35.49 -16.86 23.26
N ASN D 156 36.43 -17.07 24.17
CA ASN D 156 36.19 -17.91 25.34
C ASN D 156 35.37 -17.11 26.34
N ILE D 157 34.11 -17.50 26.56
CA ILE D 157 33.26 -16.78 27.49
C ILE D 157 33.02 -17.57 28.78
N THR D 158 33.84 -18.60 29.05
CA THR D 158 33.60 -19.50 30.17
C THR D 158 33.42 -18.75 31.48
N GLU D 159 34.24 -17.72 31.73
CA GLU D 159 34.18 -16.98 32.98
C GLU D 159 33.10 -15.92 33.02
N TYR D 160 32.37 -15.69 31.92
CA TYR D 160 31.31 -14.68 31.93
C TYR D 160 29.93 -15.28 32.16
N LEU D 161 29.78 -16.58 32.01
CA LEU D 161 28.45 -17.18 32.00
C LEU D 161 27.86 -17.26 33.40
N LYS D 162 26.58 -16.97 33.48
CA LYS D 162 25.75 -17.11 34.66
C LYS D 162 24.62 -18.07 34.32
N ALA D 163 23.77 -18.34 35.31
CA ALA D 163 22.58 -19.17 35.06
C ALA D 163 21.69 -18.52 33.99
N GLU D 164 21.37 -17.24 34.16
CA GLU D 164 20.68 -16.41 33.16
C GLU D 164 21.67 -15.40 32.60
N ASN D 165 21.70 -15.24 31.27
CA ASN D 165 22.66 -14.33 30.65
C ASN D 165 21.96 -13.34 29.72
N ARG D 166 22.53 -12.13 29.64
CA ARG D 166 22.23 -11.20 28.57
C ARG D 166 23.49 -10.94 27.76
N ILE D 167 23.40 -11.11 26.44
CA ILE D 167 24.49 -10.82 25.51
C ILE D 167 24.12 -9.60 24.70
N VAL D 168 25.10 -8.73 24.46
CA VAL D 168 24.94 -7.54 23.63
C VAL D 168 26.03 -7.53 22.54
N LEU D 169 25.61 -7.38 21.29
CA LEU D 169 26.53 -7.20 20.17
C LEU D 169 26.34 -5.79 19.62
N ALA D 170 27.38 -4.97 19.75
CA ALA D 170 27.48 -3.71 19.04
C ALA D 170 28.27 -3.95 17.75
N VAL D 171 27.67 -3.63 16.61
CA VAL D 171 28.25 -3.97 15.31
C VAL D 171 28.29 -2.72 14.45
N ASP D 172 29.50 -2.28 14.13
CA ASP D 172 29.70 -1.06 13.36
C ASP D 172 29.97 -1.45 11.91
N GLY D 173 29.21 -0.85 10.99
CA GLY D 173 29.44 -1.04 9.58
C GLY D 173 30.29 0.01 8.90
N THR D 174 30.79 0.98 9.68
CA THR D 174 31.53 2.11 9.13
C THR D 174 32.69 1.66 8.26
N ARG D 175 32.81 2.29 7.10
CA ARG D 175 33.93 2.07 6.20
C ARG D 175 35.06 3.04 6.54
N ARG D 176 36.31 2.53 6.53
CA ARG D 176 37.46 3.37 6.91
C ARG D 176 38.63 3.11 5.96
N PRO D 177 39.38 4.15 5.62
CA PRO D 177 40.51 3.98 4.67
C PRO D 177 41.57 3.00 5.10
N GLU D 178 41.84 2.86 6.41
CA GLU D 178 42.88 1.97 6.90
C GLU D 178 42.39 0.54 7.16
N GLN D 179 41.13 0.24 6.94
CA GLN D 179 40.60 -1.10 7.12
C GLN D 179 40.94 -1.97 5.90
N VAL D 180 40.60 -3.25 5.99
CA VAL D 180 40.78 -4.21 4.89
C VAL D 180 39.43 -4.85 4.61
N PRO D 181 38.65 -4.35 3.63
CA PRO D 181 38.98 -3.36 2.59
C PRO D 181 38.95 -1.91 3.04
N THR D 182 39.37 -1.00 2.17
CA THR D 182 39.22 0.42 2.43
C THR D 182 37.76 0.84 2.26
N GLU D 183 37.54 2.14 2.34
CA GLU D 183 36.20 2.67 2.15
C GLU D 183 35.74 2.60 0.69
N ASN D 184 36.65 2.42 -0.27
CA ASN D 184 36.32 2.39 -1.70
C ASN D 184 36.46 0.98 -2.27
N THR D 185 35.34 0.35 -2.62
CA THR D 185 35.36 -0.93 -3.32
C THR D 185 34.37 -0.88 -4.47
N ASP D 186 34.30 -1.97 -5.24
CA ASP D 186 33.24 -2.11 -6.23
C ASP D 186 32.20 -3.15 -5.80
N TRP D 187 31.89 -3.20 -4.50
CA TRP D 187 30.78 -4.02 -4.05
C TRP D 187 30.07 -3.32 -2.90
N PHE D 188 28.93 -3.89 -2.52
CA PHE D 188 28.01 -3.23 -1.60
C PHE D 188 28.42 -3.49 -0.16
N ASN D 189 28.29 -2.46 0.68
CA ASN D 189 28.63 -2.56 2.09
C ASN D 189 27.48 -3.18 2.91
N TYR D 190 27.32 -4.49 2.75
CA TYR D 190 26.43 -5.27 3.62
C TYR D 190 26.98 -5.31 5.06
N CYS D 191 26.20 -4.81 6.03
CA CYS D 191 26.64 -4.77 7.41
C CYS D 191 25.79 -5.67 8.31
N GLY D 192 26.31 -5.94 9.49
CA GLY D 192 25.63 -6.65 10.55
C GLY D 192 26.23 -8.01 10.80
N VAL D 193 25.54 -8.78 11.64
CA VAL D 193 25.91 -10.15 11.97
C VAL D 193 25.15 -11.06 11.02
N TYR D 194 25.85 -11.66 10.06
CA TYR D 194 25.17 -12.24 8.91
C TYR D 194 25.54 -13.69 8.65
N ARG D 195 26.32 -14.31 9.54
CA ARG D 195 26.43 -15.77 9.60
C ARG D 195 26.14 -16.21 11.03
N ASP D 196 26.12 -17.53 11.24
CA ASP D 196 25.59 -18.09 12.48
C ASP D 196 26.34 -17.60 13.72
N ILE D 197 25.56 -17.35 14.77
CA ILE D 197 26.07 -17.11 16.12
C ILE D 197 25.86 -18.40 16.88
N ALA D 198 26.94 -18.98 17.40
CA ALA D 198 26.88 -20.28 18.04
C ALA D 198 27.53 -20.25 19.43
N LEU D 199 27.05 -21.13 20.31
CA LEU D 199 27.72 -21.46 21.57
C LEU D 199 28.29 -22.87 21.43
N ILE D 200 29.58 -23.03 21.76
CA ILE D 200 30.30 -24.29 21.60
C ILE D 200 30.88 -24.73 22.94
N ARG D 201 30.40 -25.85 23.47
CA ARG D 201 30.93 -26.41 24.71
C ARG D 201 32.02 -27.45 24.41
N VAL D 202 33.17 -27.31 25.06
CA VAL D 202 34.29 -28.21 24.80
C VAL D 202 34.95 -28.60 26.11
N PRO D 203 35.66 -29.72 26.12
CA PRO D 203 36.51 -30.06 27.28
C PRO D 203 37.52 -28.94 27.56
N LYS D 204 37.90 -28.82 28.84
CA LYS D 204 39.01 -27.97 29.24
C LYS D 204 40.17 -28.12 28.26
N CYS D 205 40.63 -29.36 28.09
CA CYS D 205 41.65 -29.70 27.11
C CYS D 205 40.95 -30.15 25.84
N HIS D 206 41.00 -29.35 24.79
CA HIS D 206 40.31 -29.73 23.56
C HIS D 206 41.23 -29.61 22.37
N ILE D 207 40.88 -30.35 21.32
CA ILE D 207 41.56 -30.27 20.04
C ILE D 207 41.29 -28.89 19.44
N LYS D 208 42.33 -28.09 19.29
CA LYS D 208 42.16 -26.72 18.85
C LYS D 208 42.30 -26.59 17.34
N THR D 209 43.26 -27.27 16.74
CA THR D 209 43.37 -27.28 15.29
C THR D 209 43.55 -28.72 14.82
N PHE D 210 43.06 -29.00 13.60
CA PHE D 210 43.21 -30.30 12.97
C PHE D 210 43.28 -30.08 11.46
N LYS D 211 44.43 -30.37 10.87
CA LYS D 211 44.64 -30.23 9.43
C LYS D 211 45.05 -31.58 8.84
N ILE D 212 44.58 -31.85 7.63
CA ILE D 212 44.82 -33.12 6.97
C ILE D 212 44.85 -32.88 5.46
N ALA D 213 45.77 -33.54 4.77
CA ALA D 213 45.97 -33.33 3.34
C ALA D 213 46.81 -34.44 2.77
N LEU D 214 46.58 -34.74 1.49
CA LEU D 214 47.54 -35.53 0.73
C LEU D 214 48.88 -34.79 0.68
N VAL D 215 49.97 -35.49 0.92
CA VAL D 215 51.28 -34.86 0.77
C VAL D 215 51.52 -34.58 -0.72
N PRO D 216 51.91 -33.34 -1.10
CA PRO D 216 52.06 -33.03 -2.53
C PRO D 216 53.45 -33.40 -3.08
N ASP D 217 53.81 -34.68 -2.92
CA ASP D 217 55.13 -35.19 -3.30
C ASP D 217 55.16 -35.94 -4.62
N GLY D 218 54.07 -35.90 -5.39
CA GLY D 218 53.99 -36.61 -6.66
C GLY D 218 53.69 -38.09 -6.56
N THR D 219 53.64 -38.66 -5.35
CA THR D 219 53.42 -40.10 -5.22
C THR D 219 51.97 -40.46 -4.92
N PHE D 220 51.18 -39.52 -4.43
CA PHE D 220 49.74 -39.73 -4.18
C PHE D 220 49.49 -40.83 -3.14
N GLY D 221 50.49 -41.19 -2.36
CA GLY D 221 50.35 -42.29 -1.42
C GLY D 221 50.65 -41.92 0.02
N HIS D 222 50.83 -40.63 0.31
CA HIS D 222 51.18 -40.18 1.65
C HIS D 222 50.18 -39.13 2.11
N VAL D 223 49.67 -39.30 3.34
CA VAL D 223 48.72 -38.38 3.95
C VAL D 223 49.37 -37.77 5.18
N MET D 224 49.34 -36.44 5.29
CA MET D 224 49.82 -35.77 6.49
C MET D 224 48.64 -35.34 7.36
N ALA D 225 48.90 -35.24 8.67
CA ALA D 225 47.84 -34.82 9.58
C ALA D 225 48.48 -34.16 10.80
N LYS D 226 47.97 -32.98 11.18
CA LYS D 226 48.53 -32.20 12.27
C LYS D 226 47.45 -31.84 13.28
N VAL D 227 47.79 -31.90 14.56
CA VAL D 227 46.84 -31.62 15.63
C VAL D 227 47.50 -30.68 16.62
N THR D 228 46.74 -29.71 17.12
CA THR D 228 47.13 -29.00 18.33
C THR D 228 45.97 -29.01 19.33
N LEU D 229 46.32 -28.83 20.59
CA LEU D 229 45.39 -28.82 21.69
C LEU D 229 45.38 -27.43 22.33
N SER D 230 44.34 -27.18 23.11
CA SER D 230 44.18 -25.93 23.84
C SER D 230 45.13 -25.82 25.01
N GLU D 231 45.74 -26.92 25.43
CA GLU D 231 46.67 -26.95 26.54
C GLU D 231 47.98 -27.57 26.08
N LYS D 232 49.09 -27.07 26.60
CA LYS D 232 50.39 -27.55 26.13
C LYS D 232 50.82 -28.79 26.90
N ILE D 233 49.93 -29.78 26.95
CA ILE D 233 50.21 -31.07 27.58
C ILE D 233 50.79 -32.01 26.53
N THR D 234 51.20 -33.19 26.98
CA THR D 234 51.66 -34.27 26.11
C THR D 234 50.66 -35.41 26.21
N ALA D 235 50.26 -35.95 25.07
CA ALA D 235 49.28 -37.03 25.03
C ALA D 235 49.27 -37.61 23.63
N LYS D 236 48.39 -38.58 23.43
CA LYS D 236 48.17 -39.19 22.13
C LYS D 236 46.77 -38.88 21.65
N ALA D 237 46.65 -38.68 20.34
CA ALA D 237 45.40 -38.60 19.63
C ALA D 237 45.37 -39.71 18.60
N GLU D 238 44.18 -40.23 18.33
CA GLU D 238 44.03 -41.29 17.35
C GLU D 238 43.19 -40.82 16.16
N LEU D 239 43.74 -41.00 14.97
CA LEU D 239 43.11 -40.65 13.72
C LEU D 239 42.60 -41.92 13.04
N VAL D 240 41.30 -41.96 12.74
CA VAL D 240 40.67 -43.08 12.06
C VAL D 240 40.16 -42.58 10.71
N ILE D 241 40.43 -43.34 9.65
CA ILE D 241 39.73 -43.20 8.39
C ILE D 241 39.26 -44.59 8.02
N GLU D 242 38.09 -44.98 8.53
CA GLU D 242 37.62 -46.36 8.42
C GLU D 242 37.70 -46.87 6.99
N GLU D 243 37.20 -46.07 6.04
CA GLU D 243 37.11 -46.53 4.67
C GLU D 243 38.46 -46.84 4.07
N LEU D 244 39.52 -46.16 4.51
CA LEU D 244 40.86 -46.37 4.02
C LEU D 244 41.69 -47.31 4.90
N GLY D 245 41.06 -47.90 5.92
CA GLY D 245 41.79 -48.76 6.84
C GLY D 245 42.85 -48.05 7.65
N VAL D 246 42.66 -46.78 7.98
CA VAL D 246 43.65 -46.00 8.73
C VAL D 246 43.21 -45.91 10.19
N SER D 247 44.15 -46.19 11.10
CA SER D 247 43.91 -46.00 12.54
C SER D 247 45.27 -45.80 13.23
N ARG D 248 45.74 -44.55 13.25
CA ARG D 248 47.07 -44.21 13.73
C ARG D 248 46.99 -43.30 14.96
N LYS D 249 47.93 -43.47 15.88
CA LYS D 249 48.07 -42.55 16.99
C LYS D 249 48.98 -41.42 16.57
N ILE D 250 48.77 -40.26 17.17
CA ILE D 250 49.62 -39.11 16.93
C ILE D 250 50.18 -38.67 18.28
N GLN D 251 51.50 -38.65 18.39
CA GLN D 251 52.11 -38.19 19.63
C GLN D 251 52.05 -36.68 19.64
N LEU D 252 51.41 -36.10 20.64
CA LEU D 252 51.42 -34.65 20.81
C LEU D 252 52.33 -34.34 21.98
N GLU D 253 53.32 -33.50 21.74
CA GLU D 253 54.21 -33.05 22.81
C GLU D 253 53.89 -31.59 23.08
N ASN D 254 53.46 -31.30 24.31
CA ASN D 254 53.29 -29.93 24.76
C ASN D 254 52.39 -29.15 23.79
N GLY D 255 51.24 -29.77 23.50
CA GLY D 255 50.18 -29.17 22.75
C GLY D 255 50.07 -29.62 21.30
N ALA D 256 51.15 -30.10 20.70
CA ALA D 256 51.18 -30.24 19.24
C ALA D 256 51.89 -31.51 18.81
N GLY D 257 51.57 -31.96 17.61
CA GLY D 257 52.20 -33.13 17.03
C GLY D 257 51.59 -33.39 15.67
N GLU D 258 52.30 -34.17 14.86
CA GLU D 258 51.80 -34.48 13.53
C GLU D 258 52.27 -35.86 13.09
N VAL D 259 51.78 -36.28 11.93
CA VAL D 259 52.01 -37.64 11.43
C VAL D 259 51.97 -37.61 9.92
N VAL D 260 52.82 -38.44 9.32
CA VAL D 260 52.74 -38.77 7.90
C VAL D 260 52.56 -40.28 7.80
N PHE D 261 51.68 -40.73 6.91
CA PHE D 261 51.47 -42.16 6.79
C PHE D 261 51.08 -42.53 5.36
N ASP D 262 51.09 -43.83 5.08
CA ASP D 262 50.73 -44.37 3.77
C ASP D 262 49.23 -44.68 3.73
N ALA D 263 48.65 -44.49 2.56
CA ALA D 263 47.24 -44.65 2.25
C ALA D 263 47.10 -44.39 0.76
N LYS D 264 46.05 -44.95 0.15
CA LYS D 264 45.86 -44.86 -1.30
C LYS D 264 44.45 -44.40 -1.62
N PRO D 265 44.08 -43.17 -1.22
CA PRO D 265 42.71 -42.70 -1.46
C PRO D 265 42.44 -42.49 -2.94
N GLU D 266 41.16 -42.55 -3.31
CA GLU D 266 40.75 -42.02 -4.60
C GLU D 266 40.99 -40.52 -4.61
N LEU D 267 41.66 -40.03 -5.63
CA LEU D 267 42.01 -38.63 -5.67
C LEU D 267 40.79 -37.80 -6.09
N TRP D 268 40.48 -36.79 -5.27
CA TRP D 268 39.33 -35.92 -5.51
C TRP D 268 39.51 -35.11 -6.81
N THR D 269 38.46 -35.03 -7.62
CA THR D 269 38.39 -34.13 -8.77
C THR D 269 37.00 -33.52 -8.84
N PRO D 270 36.83 -32.44 -9.62
CA PRO D 270 35.47 -31.91 -9.82
C PRO D 270 34.53 -32.91 -10.46
N GLU D 271 35.03 -33.79 -11.33
CA GLU D 271 34.19 -34.78 -11.97
C GLU D 271 33.89 -35.97 -11.06
N LYS D 272 34.78 -36.30 -10.12
CA LYS D 272 34.57 -37.41 -9.19
C LYS D 272 34.97 -36.93 -7.80
N PRO D 273 34.10 -36.16 -7.14
CA PRO D 273 34.47 -35.47 -5.87
C PRO D 273 34.39 -36.39 -4.64
N LYS D 274 35.33 -37.34 -4.58
CA LYS D 274 35.29 -38.37 -3.55
C LYS D 274 35.82 -37.84 -2.22
N LEU D 275 35.05 -38.05 -1.15
CA LEU D 275 35.35 -37.58 0.20
C LEU D 275 35.33 -38.73 1.18
N TYR D 276 36.09 -38.60 2.27
CA TYR D 276 36.24 -39.65 3.28
C TYR D 276 35.86 -39.10 4.66
N ASP D 277 35.21 -39.95 5.45
CA ASP D 277 34.98 -39.63 6.86
C ASP D 277 36.28 -39.78 7.63
N VAL D 278 36.61 -38.76 8.43
CA VAL D 278 37.81 -38.78 9.26
C VAL D 278 37.40 -38.39 10.68
N LYS D 279 38.00 -39.07 11.66
CA LYS D 279 37.69 -38.79 13.06
C LYS D 279 38.98 -38.78 13.86
N VAL D 280 39.03 -37.90 14.85
CA VAL D 280 40.20 -37.74 15.71
C VAL D 280 39.69 -37.64 17.14
N THR D 281 40.21 -38.48 18.03
CA THR D 281 39.90 -38.41 19.45
C THR D 281 41.19 -38.21 20.22
N CYS D 282 41.05 -37.59 21.40
CA CYS D 282 42.17 -37.29 22.27
C CYS D 282 41.57 -36.91 23.62
N GLY D 283 41.96 -37.59 24.69
CA GLY D 283 41.28 -37.38 25.96
C GLY D 283 39.79 -37.63 25.85
N THR D 284 38.99 -36.75 26.45
CA THR D 284 37.54 -36.82 26.33
C THR D 284 36.99 -36.09 25.10
N ASP D 285 37.83 -35.67 24.17
CA ASP D 285 37.39 -34.86 23.05
C ASP D 285 37.42 -35.66 21.75
N THR D 286 36.54 -35.27 20.83
CA THR D 286 36.40 -35.91 19.53
C THR D 286 36.06 -34.82 18.52
N VAL D 287 36.69 -34.87 17.36
CA VAL D 287 36.32 -34.02 16.23
C VAL D 287 36.30 -34.93 15.00
N SER D 288 35.75 -34.41 13.92
CA SER D 288 35.63 -35.19 12.71
C SER D 288 35.57 -34.23 11.52
N ASP D 289 35.74 -34.78 10.33
CA ASP D 289 35.68 -33.99 9.12
C ASP D 289 35.37 -34.93 7.99
N ARG D 290 35.03 -34.34 6.85
CA ARG D 290 34.75 -35.07 5.62
C ARG D 290 35.63 -34.41 4.58
N VAL D 291 36.63 -35.14 4.09
CA VAL D 291 37.74 -34.52 3.36
C VAL D 291 38.03 -35.32 2.10
N GLY D 292 38.46 -34.61 1.06
CA GLY D 292 38.95 -35.23 -0.15
C GLY D 292 40.47 -35.13 -0.19
N PHE D 293 41.13 -35.94 -0.99
CA PHE D 293 42.58 -35.90 -1.10
C PHE D 293 42.94 -35.65 -2.56
N ARG D 294 43.71 -34.60 -2.79
CA ARG D 294 44.15 -34.24 -4.12
C ARG D 294 45.48 -33.51 -4.00
N GLU D 295 46.23 -33.50 -5.09
CA GLU D 295 47.44 -32.71 -5.18
C GLU D 295 47.23 -31.59 -6.19
N ILE D 296 47.61 -30.37 -5.81
CA ILE D 296 47.64 -29.23 -6.73
C ILE D 296 49.07 -28.67 -6.70
N ARG D 297 49.71 -28.65 -7.86
CA ARG D 297 51.08 -28.15 -8.00
C ARG D 297 51.18 -27.38 -9.31
N VAL D 298 52.28 -26.67 -9.47
CA VAL D 298 52.59 -25.96 -10.71
C VAL D 298 53.97 -26.44 -11.18
N ASN D 299 54.07 -26.81 -12.45
CA ASN D 299 55.36 -27.14 -13.04
C ASN D 299 55.59 -26.22 -14.25
N GLY D 300 56.41 -25.18 -14.07
CA GLY D 300 56.58 -24.20 -15.13
C GLY D 300 55.31 -23.46 -15.46
N ARG D 301 54.77 -23.66 -16.66
CA ARG D 301 53.51 -23.03 -17.05
C ARG D 301 52.29 -23.90 -16.78
N ASP D 302 52.47 -25.11 -16.28
CA ASP D 302 51.35 -26.03 -16.12
C ASP D 302 50.76 -25.96 -14.71
N ILE D 303 49.43 -26.00 -14.64
CA ILE D 303 48.72 -26.21 -13.38
C ILE D 303 48.34 -27.69 -13.31
N LEU D 304 48.88 -28.39 -12.33
CA LEU D 304 48.77 -29.84 -12.22
C LEU D 304 47.83 -30.21 -11.08
N LEU D 305 46.71 -30.82 -11.43
CA LEU D 305 45.81 -31.43 -10.47
C LEU D 305 46.04 -32.94 -10.53
N ASN D 306 46.50 -33.50 -9.43
CA ASN D 306 46.73 -34.94 -9.35
C ASN D 306 47.64 -35.37 -10.50
N GLY D 307 48.71 -34.60 -10.68
CA GLY D 307 49.71 -34.89 -11.69
C GLY D 307 49.33 -34.60 -13.12
N GLU D 308 48.11 -34.15 -13.40
CA GLU D 308 47.84 -33.89 -14.81
C GLU D 308 47.55 -32.42 -15.06
N PRO D 309 48.00 -31.89 -16.21
CA PRO D 309 47.74 -30.49 -16.56
C PRO D 309 46.24 -30.23 -16.75
N VAL D 310 45.77 -29.14 -16.14
CA VAL D 310 44.37 -28.74 -16.19
C VAL D 310 44.24 -27.37 -16.85
N PHE D 311 43.07 -27.13 -17.44
CA PHE D 311 42.62 -25.79 -17.79
C PHE D 311 41.41 -25.48 -16.92
N LEU D 312 41.47 -24.38 -16.19
CA LEU D 312 40.37 -24.01 -15.32
C LEU D 312 39.33 -23.26 -16.14
N ARG D 313 38.23 -23.93 -16.49
CA ARG D 313 37.03 -23.27 -17.02
C ARG D 313 36.26 -22.66 -15.85
N GLY D 314 36.48 -21.37 -15.59
CA GLY D 314 35.98 -20.73 -14.40
C GLY D 314 35.01 -19.60 -14.68
N ILE D 315 34.47 -19.08 -13.58
CA ILE D 315 33.60 -17.91 -13.54
C ILE D 315 33.85 -17.26 -12.18
N SER D 316 33.78 -15.94 -12.13
CA SER D 316 33.89 -15.27 -10.86
C SER D 316 32.52 -15.23 -10.18
N CYS D 317 32.52 -14.98 -8.86
CA CYS D 317 31.25 -14.94 -8.12
C CYS D 317 31.38 -14.12 -6.85
N HIS D 318 30.47 -13.17 -6.65
CA HIS D 318 30.35 -12.43 -5.39
C HIS D 318 29.39 -13.18 -4.45
N GLU D 319 29.38 -12.76 -3.17
CA GLU D 319 28.44 -13.31 -2.19
C GLU D 319 27.26 -12.33 -2.08
N ASP D 320 26.34 -12.42 -3.04
CA ASP D 320 25.28 -11.44 -3.15
C ASP D 320 23.94 -12.12 -3.39
N SER D 321 22.90 -11.50 -2.86
CA SER D 321 21.53 -12.02 -2.91
C SER D 321 20.57 -10.84 -2.86
N VAL D 322 19.60 -10.83 -3.79
CA VAL D 322 18.55 -9.80 -3.75
C VAL D 322 17.91 -9.74 -2.37
N GLU D 323 17.36 -10.87 -1.92
CA GLU D 323 16.59 -10.82 -0.68
C GLU D 323 17.48 -10.83 0.55
N ASN D 324 18.58 -11.59 0.51
CA ASN D 324 19.36 -11.83 1.73
C ASN D 324 20.65 -11.03 1.81
N GLY D 325 21.02 -10.29 0.78
CA GLY D 325 22.24 -9.52 0.80
C GLY D 325 23.46 -10.41 0.80
N LYS D 326 24.32 -10.25 1.80
CA LYS D 326 25.49 -11.12 1.89
C LYS D 326 25.21 -12.36 2.73
N GLY D 327 24.06 -12.44 3.40
CA GLY D 327 23.71 -13.67 4.12
C GLY D 327 23.06 -14.73 3.27
N LEU D 328 23.77 -15.25 2.27
CA LEU D 328 23.20 -16.24 1.38
C LEU D 328 22.79 -17.47 2.17
N THR D 329 21.70 -18.10 1.73
CA THR D 329 21.26 -19.37 2.27
C THR D 329 22.02 -20.52 1.62
N ARG D 330 21.82 -21.72 2.16
CA ARG D 330 22.36 -22.93 1.55
C ARG D 330 21.81 -23.16 0.15
N GLU D 331 20.53 -22.84 -0.07
CA GLU D 331 19.95 -23.03 -1.40
C GLU D 331 20.63 -22.13 -2.43
N GLU D 332 21.00 -20.91 -2.02
CA GLU D 332 21.58 -19.99 -2.98
C GLU D 332 23.02 -20.38 -3.33
N ARG D 333 23.78 -20.91 -2.36
CA ARG D 333 25.10 -21.46 -2.66
C ARG D 333 25.00 -22.65 -3.60
N ILE D 334 24.06 -23.55 -3.33
CA ILE D 334 23.88 -24.70 -4.21
C ILE D 334 23.52 -24.24 -5.61
N GLU D 335 22.62 -23.25 -5.70
CA GLU D 335 22.25 -22.67 -6.98
C GLU D 335 23.46 -22.10 -7.71
N ASN D 336 24.28 -21.32 -7.01
CA ASN D 336 25.47 -20.79 -7.63
C ASN D 336 26.35 -21.90 -8.22
N ILE D 337 26.66 -22.94 -7.42
CA ILE D 337 27.45 -24.07 -7.89
C ILE D 337 26.77 -24.72 -9.08
N ARG D 338 25.47 -24.94 -8.97
CA ARG D 338 24.70 -25.62 -10.01
C ARG D 338 24.76 -24.86 -11.33
N ILE D 339 24.59 -23.53 -11.29
CA ILE D 339 24.58 -22.75 -12.52
C ILE D 339 25.98 -22.68 -13.10
N ALA D 340 27.00 -22.59 -12.23
CA ALA D 340 28.37 -22.61 -12.73
C ALA D 340 28.68 -23.90 -13.49
N LYS D 341 28.19 -25.03 -12.99
CA LYS D 341 28.42 -26.28 -13.69
C LYS D 341 27.57 -26.39 -14.95
N GLU D 342 26.39 -25.77 -14.94
CA GLU D 342 25.60 -25.66 -16.16
C GLU D 342 26.34 -24.83 -17.21
N LEU D 343 26.98 -23.75 -16.78
CA LEU D 343 27.84 -22.96 -17.66
C LEU D 343 29.06 -23.74 -18.15
N GLY D 344 29.33 -24.90 -17.57
CA GLY D 344 30.45 -25.74 -17.94
C GLY D 344 31.70 -25.51 -17.10
N CYS D 345 31.57 -24.80 -15.98
CA CYS D 345 32.73 -24.52 -15.13
C CYS D 345 33.19 -25.75 -14.35
N ASN D 346 34.50 -25.88 -14.22
CA ASN D 346 35.10 -26.75 -13.22
C ASN D 346 35.76 -25.94 -12.12
N PHE D 347 35.60 -24.62 -12.14
CA PHE D 347 36.40 -23.71 -11.33
C PHE D 347 35.58 -22.45 -11.06
N MET D 348 35.76 -21.86 -9.88
CA MET D 348 35.07 -20.64 -9.53
C MET D 348 35.93 -19.76 -8.64
N ARG D 349 36.03 -18.49 -9.00
CA ARG D 349 36.75 -17.48 -8.22
C ARG D 349 35.78 -16.81 -7.27
N LEU D 350 35.95 -17.08 -5.97
CA LEU D 350 35.10 -16.47 -4.94
C LEU D 350 35.73 -15.14 -4.53
N ALA D 351 35.12 -14.03 -4.97
CA ALA D 351 35.66 -12.70 -4.77
C ALA D 351 34.77 -11.90 -3.82
N HIS D 352 35.34 -10.86 -3.19
CA HIS D 352 36.78 -10.59 -3.05
C HIS D 352 37.24 -10.84 -1.61
N TYR D 353 36.48 -11.71 -0.93
CA TYR D 353 36.52 -11.90 0.52
C TYR D 353 36.16 -13.36 0.78
N PRO D 354 36.41 -13.86 1.99
CA PRO D 354 35.93 -15.21 2.32
C PRO D 354 34.41 -15.24 2.33
N HIS D 355 33.83 -16.08 1.46
CA HIS D 355 32.42 -16.42 1.54
C HIS D 355 32.16 -17.34 2.73
N ASN D 356 30.88 -17.62 2.96
CA ASN D 356 30.46 -18.60 3.96
C ASN D 356 31.19 -19.92 3.77
N GLU D 357 31.76 -20.45 4.87
CA GLU D 357 32.53 -21.70 4.80
C GLU D 357 31.74 -22.85 4.18
N GLU D 358 30.41 -22.77 4.19
CA GLU D 358 29.63 -23.82 3.55
C GLU D 358 29.82 -23.84 2.04
N MET D 359 30.36 -22.75 1.47
CA MET D 359 30.59 -22.76 0.02
C MET D 359 31.67 -23.76 -0.35
N ALA D 360 32.77 -23.76 0.40
CA ALA D 360 33.83 -24.75 0.15
C ALA D 360 33.36 -26.18 0.45
N LYS D 361 32.62 -26.36 1.55
CA LYS D 361 32.07 -27.69 1.85
C LYS D 361 31.15 -28.18 0.73
N LEU D 362 30.27 -27.31 0.24
CA LEU D 362 29.40 -27.72 -0.87
C LEU D 362 30.19 -28.00 -2.14
N ALA D 363 31.29 -27.27 -2.37
CA ALA D 363 32.12 -27.53 -3.56
C ALA D 363 32.94 -28.81 -3.41
N ASP D 364 33.40 -29.13 -2.19
CA ASP D 364 33.89 -30.47 -1.88
C ASP D 364 32.93 -31.55 -2.39
N GLU D 365 31.64 -31.40 -2.08
CA GLU D 365 30.69 -32.48 -2.29
C GLU D 365 30.21 -32.55 -3.74
N LEU D 366 29.89 -31.40 -4.35
CA LEU D 366 29.33 -31.38 -5.69
C LEU D 366 30.38 -31.31 -6.79
N GLY D 367 31.62 -30.93 -6.46
CA GLY D 367 32.71 -30.97 -7.44
C GLY D 367 32.98 -29.67 -8.16
N LEU D 368 33.77 -28.80 -7.53
CA LEU D 368 34.09 -27.51 -8.12
C LEU D 368 35.35 -26.98 -7.45
N LEU D 369 36.39 -26.72 -8.24
CA LEU D 369 37.62 -26.14 -7.73
C LEU D 369 37.41 -24.66 -7.44
N LEU D 370 38.02 -24.18 -6.34
CA LEU D 370 37.73 -22.85 -5.80
C LEU D 370 39.00 -22.02 -5.63
N TRP D 371 38.86 -20.73 -5.89
CA TRP D 371 39.83 -19.69 -5.56
C TRP D 371 39.23 -18.85 -4.44
N GLU D 372 39.95 -18.68 -3.35
CA GLU D 372 39.45 -17.95 -2.19
C GLU D 372 40.42 -16.83 -1.87
N GLU D 373 39.88 -15.71 -1.36
CA GLU D 373 40.60 -14.44 -1.43
C GLU D 373 40.27 -13.58 -0.21
N ILE D 374 41.17 -12.66 0.10
CA ILE D 374 40.97 -11.68 1.17
C ILE D 374 40.88 -10.31 0.51
N PRO D 375 40.11 -9.34 1.12
CA PRO D 375 39.85 -8.05 0.46
C PRO D 375 40.99 -7.04 0.54
N VAL D 376 42.19 -7.46 0.12
CA VAL D 376 43.32 -6.54 -0.04
C VAL D 376 43.16 -5.93 -1.43
N TYR D 377 42.42 -4.83 -1.50
CA TYR D 377 41.67 -4.45 -2.68
C TYR D 377 41.91 -2.97 -2.94
N TRP D 378 42.42 -2.65 -4.12
CA TRP D 378 42.67 -1.25 -4.56
C TRP D 378 43.63 -0.58 -3.58
N ALA D 379 43.30 0.59 -3.01
CA ALA D 379 44.26 1.47 -2.35
C ALA D 379 44.40 1.22 -0.85
N ILE D 380 44.68 -0.04 -0.46
CA ILE D 380 44.98 -0.37 0.93
C ILE D 380 46.14 0.51 1.46
N ARG D 381 46.04 0.93 2.72
CA ARG D 381 47.12 1.65 3.38
C ARG D 381 48.32 0.72 3.63
N PHE D 382 49.07 0.40 2.57
CA PHE D 382 50.11 -0.62 2.63
C PHE D 382 51.25 -0.26 3.56
N GLU D 383 51.38 1.01 3.92
CA GLU D 383 52.47 1.47 4.76
C GLU D 383 52.15 1.36 6.25
N ARG D 384 50.91 1.08 6.61
CA ARG D 384 50.47 1.12 8.00
C ARG D 384 50.60 -0.26 8.61
N GLU D 385 51.27 -0.35 9.75
CA GLU D 385 51.55 -1.65 10.37
C GLU D 385 50.25 -2.32 10.85
N LYS D 386 49.36 -1.55 11.49
CA LYS D 386 48.10 -2.12 11.94
C LYS D 386 47.23 -2.57 10.78
N THR D 387 47.43 -2.02 9.58
CA THR D 387 46.66 -2.50 8.44
C THR D 387 47.18 -3.84 7.98
N TYR D 388 48.51 -4.01 7.97
CA TYR D 388 49.08 -5.32 7.70
C TYR D 388 48.59 -6.34 8.72
N GLU D 389 48.64 -5.97 10.00
CA GLU D 389 48.23 -6.88 11.07
C GLU D 389 46.79 -7.37 10.87
N ASP D 390 45.89 -6.48 10.45
CA ASP D 390 44.50 -6.84 10.17
C ASP D 390 44.41 -7.74 8.95
N ALA D 391 45.12 -7.38 7.87
CA ALA D 391 45.16 -8.21 6.66
C ALA D 391 45.72 -9.60 6.93
N GLN D 392 46.89 -9.70 7.55
CA GLN D 392 47.45 -11.03 7.71
C GLN D 392 46.58 -11.88 8.64
N ASN D 393 45.94 -11.27 9.63
CA ASN D 393 45.00 -12.02 10.46
C ASN D 393 43.84 -12.58 9.66
N GLN D 394 43.26 -11.78 8.76
CA GLN D 394 42.15 -12.28 7.98
C GLN D 394 42.61 -13.42 7.08
N LEU D 395 43.81 -13.26 6.50
CA LEU D 395 44.41 -14.32 5.69
C LEU D 395 44.50 -15.59 6.50
N ARG D 396 45.04 -15.50 7.71
CA ARG D 396 45.27 -16.69 8.52
C ARG D 396 43.94 -17.26 9.02
N GLU D 397 42.93 -16.41 9.28
CA GLU D 397 41.60 -16.93 9.63
C GLU D 397 41.04 -17.77 8.48
N LEU D 398 41.08 -17.21 7.28
CA LEU D 398 40.58 -17.92 6.10
C LEU D 398 41.30 -19.26 5.93
N ILE D 399 42.64 -19.25 6.01
CA ILE D 399 43.40 -20.46 5.72
C ILE D 399 43.13 -21.53 6.78
N ASN D 400 43.10 -21.14 8.06
CA ASN D 400 42.77 -22.06 9.14
C ASN D 400 41.32 -22.57 9.07
N ARG D 401 40.40 -21.77 8.55
CA ARG D 401 39.00 -22.20 8.48
C ARG D 401 38.83 -23.29 7.44
N ASP D 402 39.42 -23.10 6.26
CA ASP D 402 39.17 -23.97 5.11
C ASP D 402 40.37 -24.86 4.79
N TRP D 403 41.27 -25.09 5.75
CA TRP D 403 42.47 -25.89 5.49
C TRP D 403 42.15 -27.26 4.92
N ASN D 404 41.02 -27.86 5.33
CA ASN D 404 40.72 -29.24 4.98
C ASN D 404 39.80 -29.38 3.77
N ARG D 405 39.56 -28.28 3.04
CA ARG D 405 38.64 -28.28 1.91
C ARG D 405 39.42 -28.60 0.62
N ALA D 406 39.24 -29.82 0.10
CA ALA D 406 39.93 -30.22 -1.12
C ALA D 406 39.59 -29.30 -2.29
N SER D 407 38.37 -28.78 -2.33
CA SER D 407 37.93 -27.94 -3.44
C SER D 407 38.78 -26.69 -3.60
N VAL D 408 39.24 -26.12 -2.49
CA VAL D 408 40.05 -24.91 -2.56
C VAL D 408 41.47 -25.28 -2.98
N ILE D 409 41.91 -24.78 -4.14
CA ILE D 409 43.27 -25.01 -4.58
C ILE D 409 44.13 -23.74 -4.55
N ILE D 410 43.55 -22.54 -4.59
CA ILE D 410 44.35 -21.32 -4.63
C ILE D 410 43.89 -20.36 -3.54
N TRP D 411 44.84 -19.77 -2.80
CA TRP D 411 44.61 -18.61 -1.95
C TRP D 411 45.10 -17.35 -2.69
N SER D 412 44.25 -16.31 -2.73
CA SER D 412 44.62 -15.02 -3.32
C SER D 412 44.82 -13.97 -2.24
N VAL D 413 45.96 -13.27 -2.28
CA VAL D 413 46.27 -12.27 -1.25
C VAL D 413 45.80 -10.87 -1.63
N GLY D 414 45.15 -10.70 -2.77
CA GLY D 414 44.53 -9.43 -3.05
C GLY D 414 44.20 -9.27 -4.52
N ASN D 415 43.82 -8.04 -4.87
CA ASN D 415 43.25 -7.77 -6.17
C ASN D 415 43.52 -6.32 -6.53
N GLU D 416 43.94 -6.10 -7.79
CA GLU D 416 44.17 -4.79 -8.41
C GLU D 416 44.81 -3.75 -7.50
N ASN D 417 46.08 -3.97 -7.15
CA ASN D 417 46.83 -3.03 -6.33
C ASN D 417 47.96 -2.45 -7.14
N ALA D 418 48.24 -1.17 -6.94
CA ALA D 418 49.28 -0.48 -7.70
C ALA D 418 50.65 -1.08 -7.40
N ASP D 419 51.52 -1.06 -8.42
CA ASP D 419 52.85 -1.66 -8.35
C ASP D 419 53.84 -0.72 -7.66
N THR D 420 53.54 -0.40 -6.41
CA THR D 420 54.41 0.44 -5.59
C THR D 420 55.29 -0.42 -4.69
N ASP D 421 56.28 0.23 -4.05
CA ASP D 421 57.22 -0.49 -3.21
C ASP D 421 56.56 -0.96 -1.93
N GLU D 422 55.82 -0.07 -1.26
CA GLU D 422 55.13 -0.45 -0.03
C GLU D 422 54.10 -1.56 -0.29
N ARG D 423 53.43 -1.53 -1.44
CA ARG D 423 52.52 -2.61 -1.77
C ARG D 423 53.27 -3.92 -1.93
N LEU D 424 54.46 -3.88 -2.54
CA LEU D 424 55.24 -5.09 -2.78
C LEU D 424 55.72 -5.73 -1.49
N LYS D 425 56.26 -4.93 -0.57
CA LYS D 425 56.62 -5.43 0.74
C LYS D 425 55.42 -6.08 1.42
N PHE D 426 54.32 -5.32 1.55
CA PHE D 426 53.08 -5.78 2.16
C PHE D 426 52.58 -7.08 1.53
N MET D 427 52.38 -7.09 0.22
CA MET D 427 51.70 -8.23 -0.37
C MET D 427 52.62 -9.41 -0.59
N SER D 428 53.92 -9.19 -0.83
CA SER D 428 54.81 -10.34 -0.92
C SER D 428 54.93 -11.05 0.41
N VAL D 429 54.89 -10.30 1.52
CA VAL D 429 54.93 -10.93 2.83
C VAL D 429 53.65 -11.73 3.10
N LEU D 430 52.51 -11.23 2.63
CA LEU D 430 51.28 -12.01 2.71
C LEU D 430 51.40 -13.32 1.94
N ALA D 431 52.05 -13.29 0.78
CA ALA D 431 52.15 -14.51 -0.04
C ALA D 431 52.97 -15.58 0.68
N GLU D 432 54.08 -15.15 1.27
CA GLU D 432 54.91 -16.06 2.07
C GLU D 432 54.12 -16.53 3.28
N CYS D 433 53.36 -15.63 3.90
CA CYS D 433 52.52 -16.00 5.03
C CYS D 433 51.59 -17.13 4.65
N ALA D 434 50.92 -17.01 3.50
CA ALA D 434 50.07 -18.12 3.04
C ALA D 434 50.89 -19.40 2.83
N HIS D 435 52.05 -19.28 2.18
CA HIS D 435 52.88 -20.46 1.93
C HIS D 435 53.25 -21.16 3.23
N ARG D 436 53.62 -20.40 4.26
CA ARG D 436 54.02 -20.98 5.54
C ARG D 436 52.84 -21.58 6.28
N GLU D 437 51.66 -20.97 6.16
CA GLU D 437 50.48 -21.50 6.81
C GLU D 437 49.95 -22.75 6.11
N ASP D 438 50.30 -22.97 4.85
CA ASP D 438 49.69 -24.06 4.08
C ASP D 438 50.66 -24.44 2.97
N GLU D 439 51.36 -25.54 3.17
CA GLU D 439 52.28 -26.05 2.15
C GLU D 439 51.57 -26.71 0.97
N THR D 440 50.25 -26.86 1.02
CA THR D 440 49.56 -27.68 0.03
C THR D 440 49.00 -26.91 -1.15
N ARG D 441 48.72 -25.61 -0.99
CA ARG D 441 47.96 -24.89 -1.99
C ARG D 441 48.80 -23.86 -2.73
N MET D 442 48.34 -23.52 -3.93
CA MET D 442 48.95 -22.47 -4.72
C MET D 442 48.54 -21.10 -4.22
N VAL D 443 49.44 -20.14 -4.36
CA VAL D 443 49.21 -18.77 -3.88
C VAL D 443 49.16 -17.85 -5.09
N SER D 444 48.16 -16.97 -5.12
CA SER D 444 47.97 -16.09 -6.26
C SER D 444 47.52 -14.70 -5.81
N ALA D 445 47.27 -13.85 -6.79
CA ALA D 445 46.64 -12.56 -6.62
C ALA D 445 46.23 -12.07 -8.00
N ALA D 446 45.19 -11.24 -8.03
CA ALA D 446 44.85 -10.56 -9.30
C ALA D 446 45.72 -9.30 -9.45
N CYS D 447 46.63 -9.34 -10.40
CA CYS D 447 47.57 -8.23 -10.60
C CYS D 447 47.12 -7.34 -11.75
N LEU D 448 47.84 -6.23 -11.89
CA LEU D 448 47.58 -5.26 -12.93
C LEU D 448 48.26 -5.63 -14.23
N VAL D 449 47.60 -5.33 -15.33
CA VAL D 449 48.32 -5.16 -16.58
C VAL D 449 49.06 -3.84 -16.53
N ASN D 450 50.36 -3.86 -16.83
CA ASN D 450 51.15 -2.65 -16.93
C ASN D 450 50.64 -1.80 -18.09
N ALA D 451 50.08 -0.63 -17.80
CA ALA D 451 49.30 0.11 -18.80
C ALA D 451 50.20 0.82 -19.83
N ALA D 452 51.32 1.39 -19.38
CA ALA D 452 52.24 2.05 -20.31
C ALA D 452 52.77 1.08 -21.36
N LYS D 453 53.12 -0.15 -20.96
CA LYS D 453 53.67 -1.11 -21.90
C LYS D 453 52.63 -1.96 -22.60
N ASN D 454 51.42 -2.07 -22.02
CA ASN D 454 50.41 -3.07 -22.40
C ASN D 454 50.99 -4.48 -22.28
N LYS D 455 51.43 -4.80 -21.08
CA LYS D 455 52.23 -5.99 -20.88
C LYS D 455 51.89 -6.58 -19.51
N ILE D 456 51.82 -7.91 -19.44
CA ILE D 456 51.75 -8.58 -18.16
C ILE D 456 53.09 -8.36 -17.49
N GLU D 457 53.14 -7.46 -16.51
CA GLU D 457 54.40 -7.13 -15.88
C GLU D 457 54.08 -6.46 -14.56
N ASP D 458 54.51 -7.08 -13.47
CA ASP D 458 54.15 -6.66 -12.13
C ASP D 458 55.10 -7.37 -11.17
N ARG D 459 55.76 -6.59 -10.32
CA ARG D 459 56.79 -7.16 -9.48
C ARG D 459 56.24 -8.17 -8.48
N LEU D 460 54.95 -8.13 -8.20
CA LEU D 460 54.41 -9.09 -7.24
C LEU D 460 54.43 -10.50 -7.83
N MET D 461 54.32 -10.62 -9.15
CA MET D 461 54.15 -11.93 -9.77
C MET D 461 55.26 -12.90 -9.38
N GLU D 462 56.48 -12.41 -9.19
CA GLU D 462 57.58 -13.31 -8.82
C GLU D 462 57.30 -14.07 -7.52
N TYR D 463 56.42 -13.56 -6.67
CA TYR D 463 56.14 -14.17 -5.37
C TYR D 463 54.93 -15.08 -5.40
N LEU D 464 54.36 -15.31 -6.58
CA LEU D 464 53.12 -16.05 -6.70
C LEU D 464 53.37 -17.36 -7.42
N ASP D 465 52.59 -18.40 -7.05
CA ASP D 465 52.64 -19.63 -7.84
C ASP D 465 51.95 -19.46 -9.19
N ILE D 466 50.84 -18.70 -9.22
CA ILE D 466 50.07 -18.49 -10.43
C ILE D 466 49.78 -17.02 -10.58
N ILE D 467 49.85 -16.51 -11.81
CA ILE D 467 49.57 -15.11 -12.10
C ILE D 467 48.07 -14.95 -12.41
N GLY D 468 47.40 -14.09 -11.66
CA GLY D 468 46.08 -13.61 -12.01
C GLY D 468 46.18 -12.26 -12.68
N ILE D 469 45.53 -12.13 -13.84
CA ILE D 469 45.49 -10.88 -14.60
C ILE D 469 44.03 -10.46 -14.80
N ASN D 470 43.70 -9.25 -14.32
CA ASN D 470 42.45 -8.57 -14.65
C ASN D 470 42.65 -7.74 -15.91
N GLU D 471 41.91 -8.04 -16.99
CA GLU D 471 41.97 -7.22 -18.18
C GLU D 471 40.58 -7.03 -18.77
N TYR D 472 40.30 -5.83 -19.28
CA TYR D 472 38.99 -5.41 -19.75
C TYR D 472 39.07 -4.76 -21.14
N CYS D 473 39.81 -5.39 -22.05
CA CYS D 473 39.85 -4.95 -23.43
C CYS D 473 38.45 -5.07 -24.03
N GLY D 474 38.14 -4.19 -24.97
CA GLY D 474 36.78 -4.09 -25.46
C GLY D 474 35.80 -3.44 -24.50
N TRP D 475 36.24 -3.04 -23.30
CA TRP D 475 35.39 -2.36 -22.33
C TRP D 475 36.11 -1.13 -21.80
N TYR D 476 36.73 -1.22 -20.62
CA TYR D 476 37.47 -0.08 -20.08
C TYR D 476 38.63 0.31 -20.98
N THR D 477 39.19 -0.65 -21.69
CA THR D 477 40.19 -0.43 -22.73
C THR D 477 39.43 -0.76 -24.00
N PRO D 478 38.82 0.25 -24.65
CA PRO D 478 37.76 -0.07 -25.64
C PRO D 478 38.26 -0.72 -26.93
N ASP D 479 39.52 -0.49 -27.32
CA ASP D 479 40.06 -1.02 -28.57
C ASP D 479 40.46 -2.48 -28.40
N PHE D 480 39.73 -3.39 -29.07
CA PHE D 480 39.99 -4.82 -28.96
C PHE D 480 41.43 -5.16 -29.36
N ALA D 481 41.97 -4.46 -30.36
CA ALA D 481 43.34 -4.71 -30.80
C ALA D 481 44.30 -4.79 -29.63
N MET D 482 43.99 -4.10 -28.54
CA MET D 482 44.84 -4.12 -27.35
C MET D 482 44.95 -5.51 -26.71
N LEU D 483 44.04 -6.42 -27.03
CA LEU D 483 44.11 -7.70 -26.33
C LEU D 483 45.19 -8.61 -26.93
N PRO D 484 45.19 -8.86 -28.23
CA PRO D 484 46.28 -9.70 -28.77
C PRO D 484 47.62 -9.00 -28.70
N ALA D 485 47.66 -7.67 -28.77
CA ALA D 485 48.92 -6.99 -28.49
C ALA D 485 49.41 -7.30 -27.08
N LEU D 486 48.49 -7.32 -26.10
CA LEU D 486 48.88 -7.60 -24.72
C LEU D 486 49.46 -9.01 -24.57
N MET D 487 48.82 -9.99 -25.19
CA MET D 487 49.21 -11.37 -25.01
C MET D 487 50.54 -11.65 -25.70
N GLU D 488 50.77 -11.02 -26.84
CA GLU D 488 52.03 -11.16 -27.56
C GLU D 488 53.14 -10.36 -26.90
N ASN D 489 52.81 -9.25 -26.24
CA ASN D 489 53.87 -8.50 -25.56
C ASN D 489 54.43 -9.25 -24.36
N SER D 490 53.72 -10.28 -23.89
CA SER D 490 53.96 -10.89 -22.60
C SER D 490 54.38 -12.34 -22.79
N GLN D 491 55.41 -12.77 -22.06
CA GLN D 491 55.87 -14.16 -22.10
C GLN D 491 56.19 -14.62 -20.69
N PRO D 492 55.18 -14.85 -19.86
CA PRO D 492 55.43 -15.31 -18.49
C PRO D 492 55.95 -16.73 -18.47
N ASP D 493 56.68 -17.07 -17.41
CA ASP D 493 57.15 -18.43 -17.21
C ASP D 493 56.34 -19.19 -16.16
N LYS D 494 55.19 -18.65 -15.76
CA LYS D 494 54.26 -19.26 -14.82
C LYS D 494 52.90 -19.36 -15.48
N PRO D 495 52.02 -20.21 -14.98
CA PRO D 495 50.64 -20.21 -15.50
C PRO D 495 49.94 -18.90 -15.19
N VAL D 496 49.20 -18.39 -16.17
CA VAL D 496 48.38 -17.20 -16.04
C VAL D 496 46.90 -17.60 -16.03
N ILE D 497 46.16 -17.15 -15.04
CA ILE D 497 44.70 -17.14 -15.09
C ILE D 497 44.24 -15.74 -15.38
N VAL D 498 43.34 -15.60 -16.35
CA VAL D 498 42.65 -14.35 -16.62
C VAL D 498 41.50 -14.28 -15.62
N THR D 499 41.70 -13.55 -14.53
CA THR D 499 40.83 -13.59 -13.37
C THR D 499 39.61 -12.69 -13.50
N GLU D 500 39.63 -11.74 -14.45
CA GLU D 500 38.45 -10.95 -14.82
C GLU D 500 38.58 -10.48 -16.27
N PHE D 501 37.47 -10.57 -17.00
CA PHE D 501 37.14 -9.70 -18.13
C PHE D 501 35.61 -9.66 -18.19
N GLY D 502 35.07 -8.77 -19.00
CA GLY D 502 33.63 -8.69 -19.14
C GLY D 502 33.16 -7.31 -19.54
N ALA D 503 31.85 -7.09 -19.40
CA ALA D 503 31.18 -5.88 -19.88
C ALA D 503 29.81 -5.83 -19.24
N ASP D 504 29.29 -4.61 -19.05
CA ASP D 504 27.95 -4.41 -18.49
C ASP D 504 26.87 -4.81 -19.49
N ALA D 505 25.81 -5.47 -19.00
CA ALA D 505 24.58 -5.59 -19.78
C ALA D 505 23.41 -5.54 -18.80
N LEU D 506 22.63 -4.46 -18.84
CA LEU D 506 21.38 -4.47 -18.11
C LEU D 506 20.47 -5.55 -18.70
N PRO D 507 19.95 -6.47 -17.89
CA PRO D 507 19.00 -7.46 -18.40
C PRO D 507 17.94 -6.86 -19.32
N HIS D 508 17.69 -7.52 -20.45
CA HIS D 508 16.68 -7.14 -21.44
C HIS D 508 16.97 -5.80 -22.08
N HIS D 509 18.17 -5.28 -21.94
CA HIS D 509 18.56 -4.03 -22.60
C HIS D 509 19.37 -4.38 -23.84
N HIS D 510 18.82 -4.07 -25.02
CA HIS D 510 19.43 -4.42 -26.28
C HIS D 510 19.91 -3.20 -27.07
N GLY D 511 20.85 -3.46 -27.97
CA GLY D 511 21.32 -2.46 -28.91
C GLY D 511 22.19 -3.10 -29.96
N THR D 512 23.01 -2.26 -30.62
CA THR D 512 24.06 -2.74 -31.51
C THR D 512 25.26 -3.22 -30.70
N ILE D 513 26.14 -3.99 -31.33
CA ILE D 513 27.36 -4.38 -30.63
C ILE D 513 28.20 -3.17 -30.22
N SER D 514 28.03 -2.00 -30.87
CA SER D 514 28.79 -0.84 -30.40
C SER D 514 28.10 -0.13 -29.23
N ASP D 515 26.92 -0.56 -28.80
CA ASP D 515 26.20 0.11 -27.70
C ASP D 515 26.73 -0.45 -26.38
N LYS D 516 27.71 0.24 -25.79
CA LYS D 516 28.29 -0.23 -24.53
C LYS D 516 27.22 -0.19 -23.45
N GLY D 517 27.01 -1.33 -22.80
CA GLY D 517 26.00 -1.46 -21.76
C GLY D 517 24.83 -2.34 -22.13
N THR D 518 24.77 -2.85 -23.37
CA THR D 518 23.69 -3.70 -23.84
C THR D 518 24.11 -5.16 -23.85
N GLU D 519 23.11 -6.03 -24.02
CA GLU D 519 23.37 -7.47 -24.10
C GLU D 519 24.22 -7.81 -25.32
N GLU D 520 23.94 -7.16 -26.46
CA GLU D 520 24.66 -7.49 -27.69
C GLU D 520 26.13 -7.12 -27.60
N CYS D 521 26.42 -5.96 -27.00
CA CYS D 521 27.81 -5.57 -26.85
C CYS D 521 28.54 -6.51 -25.89
N GLN D 522 27.84 -6.99 -24.87
CA GLN D 522 28.46 -7.91 -23.91
C GLN D 522 28.80 -9.22 -24.59
N ALA D 523 27.85 -9.76 -25.35
CA ALA D 523 28.09 -10.96 -26.13
C ALA D 523 29.31 -10.79 -27.05
N ASP D 524 29.41 -9.64 -27.70
CA ASP D 524 30.48 -9.38 -28.64
C ASP D 524 31.84 -9.33 -27.93
N VAL D 525 31.88 -8.73 -26.74
CA VAL D 525 33.10 -8.73 -25.94
C VAL D 525 33.53 -10.15 -25.61
N TYR D 526 32.59 -11.02 -25.23
CA TYR D 526 32.95 -12.39 -24.89
C TYR D 526 33.45 -13.15 -26.11
N GLU D 527 32.80 -12.96 -27.26
CA GLU D 527 33.27 -13.59 -28.49
C GLU D 527 34.72 -13.21 -28.79
N LYS D 528 35.04 -11.93 -28.72
CA LYS D 528 36.38 -11.50 -29.10
C LYS D 528 37.41 -11.88 -28.06
N GLN D 529 37.05 -11.77 -26.77
CA GLN D 529 37.94 -12.22 -25.70
C GLN D 529 38.28 -13.69 -25.84
N ILE D 530 37.27 -14.53 -26.09
CA ILE D 530 37.55 -15.97 -26.18
C ILE D 530 38.41 -16.25 -27.40
N ALA D 531 38.15 -15.57 -28.52
CA ALA D 531 38.88 -15.82 -29.77
C ALA D 531 40.39 -15.64 -29.60
N THR D 532 40.81 -14.63 -28.85
CA THR D 532 42.21 -14.45 -28.54
C THR D 532 42.66 -15.34 -27.39
N LEU D 533 41.87 -15.41 -26.30
CA LEU D 533 42.36 -16.07 -25.10
C LEU D 533 42.56 -17.56 -25.32
N ARG D 534 41.80 -18.17 -26.22
CA ARG D 534 41.83 -19.62 -26.35
C ARG D 534 43.12 -20.14 -26.98
N ASN D 535 43.92 -19.27 -27.60
CA ASN D 535 45.14 -19.66 -28.31
C ASN D 535 46.40 -19.11 -27.65
N ILE D 536 46.35 -18.75 -26.38
CA ILE D 536 47.53 -18.28 -25.66
C ILE D 536 48.03 -19.42 -24.77
N ASP D 537 49.26 -19.86 -25.02
CA ASP D 537 49.74 -21.09 -24.42
C ASP D 537 49.85 -20.97 -22.91
N TYR D 538 50.28 -19.80 -22.42
CA TYR D 538 50.50 -19.66 -20.99
C TYR D 538 49.21 -19.42 -20.20
N ILE D 539 48.10 -19.14 -20.88
CA ILE D 539 46.82 -18.99 -20.19
C ILE D 539 46.24 -20.37 -19.88
N LYS D 540 46.10 -20.68 -18.60
CA LYS D 540 45.62 -21.97 -18.14
C LYS D 540 44.27 -21.87 -17.43
N GLY D 541 43.57 -20.75 -17.58
CA GLY D 541 42.28 -20.58 -16.94
C GLY D 541 41.71 -19.18 -17.07
N MET D 542 40.41 -19.06 -16.86
CA MET D 542 39.71 -17.77 -16.87
C MET D 542 38.52 -17.89 -15.95
N THR D 543 38.25 -16.82 -15.21
CA THR D 543 37.07 -16.67 -14.37
C THR D 543 36.40 -15.37 -14.74
N PRO D 544 35.72 -15.32 -15.89
CA PRO D 544 35.14 -14.05 -16.36
C PRO D 544 34.28 -13.44 -15.27
N TRP D 545 34.19 -12.12 -15.31
CA TRP D 545 33.47 -11.33 -14.32
C TRP D 545 32.16 -10.90 -14.97
N ILE D 546 31.05 -11.48 -14.53
CA ILE D 546 30.93 -12.25 -13.31
C ILE D 546 29.70 -13.13 -13.50
N LEU D 547 29.48 -14.09 -12.60
CA LEU D 547 28.35 -15.02 -12.76
C LEU D 547 27.02 -14.27 -12.83
N TYR D 548 26.71 -13.45 -11.83
CA TYR D 548 25.43 -12.76 -11.85
C TYR D 548 25.59 -11.36 -11.26
N ASP D 549 24.66 -10.48 -11.66
CA ASP D 549 24.68 -9.08 -11.25
C ASP D 549 24.62 -8.96 -9.72
N PHE D 550 25.37 -7.98 -9.19
CA PHE D 550 25.45 -7.77 -7.75
C PHE D 550 25.32 -6.28 -7.43
N ARG D 551 24.88 -5.99 -6.22
CA ARG D 551 24.71 -4.60 -5.79
C ARG D 551 26.05 -3.89 -5.76
N CYS D 552 26.06 -2.66 -6.25
CA CYS D 552 27.31 -1.95 -6.41
C CYS D 552 27.09 -0.45 -6.28
N PRO D 553 27.53 0.18 -5.18
CA PRO D 553 27.29 1.62 -4.98
C PRO D 553 27.96 2.52 -6.02
N ARG D 554 28.80 2.00 -6.91
CA ARG D 554 29.47 2.89 -7.83
C ARG D 554 28.72 3.03 -9.16
N ARG D 555 27.67 2.23 -9.40
CA ARG D 555 27.04 2.17 -10.74
C ARG D 555 25.68 2.88 -10.66
N THR D 556 25.64 4.14 -11.11
CA THR D 556 24.44 4.94 -10.91
C THR D 556 23.69 5.31 -12.18
N SER D 557 24.11 4.81 -13.34
CA SER D 557 23.43 5.17 -14.56
C SER D 557 22.07 4.49 -14.67
N LEU D 558 21.25 5.02 -15.58
CA LEU D 558 19.95 4.41 -15.85
C LEU D 558 20.09 2.97 -16.28
N ILE D 559 21.18 2.59 -16.95
CA ILE D 559 21.32 1.20 -17.36
C ILE D 559 22.18 0.40 -16.38
N GLN D 560 22.40 0.92 -15.17
CA GLN D 560 23.05 0.14 -14.12
C GLN D 560 22.17 0.00 -12.90
N LYS D 561 21.64 1.11 -12.37
CA LYS D 561 20.66 1.11 -11.29
C LYS D 561 21.24 0.51 -10.00
N TYR D 562 22.49 0.85 -9.70
CA TYR D 562 23.13 0.51 -8.43
C TYR D 562 23.39 -0.98 -8.31
N TYR D 563 23.50 -1.62 -9.47
CA TYR D 563 24.00 -2.97 -9.62
C TYR D 563 25.16 -2.94 -10.63
N ASN D 564 26.22 -3.69 -10.32
CA ASN D 564 27.19 -4.04 -11.35
C ASN D 564 26.54 -5.01 -12.32
N ARG D 565 26.55 -4.67 -13.60
CA ARG D 565 25.79 -5.41 -14.60
C ARG D 565 26.66 -6.30 -15.48
N LYS D 566 27.86 -6.64 -15.02
CA LYS D 566 28.66 -7.57 -15.80
C LYS D 566 28.25 -9.02 -15.61
N GLY D 567 27.22 -9.31 -14.81
CA GLY D 567 26.79 -10.69 -14.63
C GLY D 567 26.42 -11.34 -15.94
N LEU D 568 26.59 -12.65 -16.03
CA LEU D 568 26.02 -13.36 -17.17
C LEU D 568 24.56 -13.71 -16.95
N LEU D 569 24.09 -13.60 -15.70
CA LEU D 569 22.69 -13.72 -15.34
C LEU D 569 22.26 -12.47 -14.58
N SER D 570 20.96 -12.17 -14.64
CA SER D 570 20.38 -11.12 -13.80
C SER D 570 20.60 -11.42 -12.32
N GLU D 571 20.30 -10.43 -11.49
CA GLU D 571 20.68 -10.47 -10.08
C GLU D 571 19.87 -11.48 -9.27
N ASP D 572 18.67 -11.85 -9.74
CA ASP D 572 17.90 -12.90 -9.13
C ASP D 572 18.23 -14.27 -9.72
N LYS D 573 19.17 -14.33 -10.66
CA LYS D 573 19.66 -15.56 -11.28
C LYS D 573 18.58 -16.29 -12.09
N LYS D 574 17.48 -15.63 -12.41
CA LYS D 574 16.44 -16.28 -13.20
C LYS D 574 16.68 -16.15 -14.70
N TYR D 575 17.53 -15.24 -15.13
CA TYR D 575 17.63 -14.87 -16.55
C TYR D 575 19.08 -14.94 -17.00
N ARG D 576 19.33 -15.71 -18.06
CA ARG D 576 20.64 -15.78 -18.68
C ARG D 576 20.75 -14.78 -19.83
N LYS D 577 21.79 -13.94 -19.80
CA LYS D 577 22.03 -13.02 -20.91
C LYS D 577 22.68 -13.79 -22.05
N PRO D 578 22.69 -13.23 -23.28
CA PRO D 578 23.30 -13.95 -24.40
C PRO D 578 24.77 -14.35 -24.16
N ALA D 579 25.53 -13.49 -23.46
CA ALA D 579 26.92 -13.82 -23.25
C ALA D 579 27.07 -15.09 -22.41
N PHE D 580 26.07 -15.40 -21.57
CA PHE D 580 26.09 -16.65 -20.81
C PHE D 580 26.22 -17.83 -21.75
N TYR D 581 25.53 -17.77 -22.88
CA TYR D 581 25.60 -18.85 -23.85
C TYR D 581 26.88 -18.79 -24.70
N VAL D 582 27.47 -17.61 -24.88
CA VAL D 582 28.77 -17.53 -25.55
C VAL D 582 29.80 -18.31 -24.74
N LEU D 583 29.91 -18.00 -23.45
CA LEU D 583 30.90 -18.67 -22.62
C LEU D 583 30.59 -20.16 -22.49
N GLN D 584 29.31 -20.51 -22.41
CA GLN D 584 28.94 -21.91 -22.27
C GLN D 584 29.39 -22.72 -23.49
N LYS D 585 29.15 -22.22 -24.70
CA LYS D 585 29.58 -22.92 -25.91
C LYS D 585 31.09 -23.16 -25.91
N PHE D 586 31.86 -22.18 -25.42
CA PHE D 586 33.31 -22.37 -25.32
C PHE D 586 33.63 -23.50 -24.35
N TYR D 587 33.05 -23.45 -23.14
CA TYR D 587 33.38 -24.46 -22.15
C TYR D 587 32.98 -25.84 -22.63
N GLU D 588 31.84 -25.95 -23.33
CA GLU D 588 31.43 -27.25 -23.81
C GLU D 588 32.38 -27.78 -24.88
N GLU D 589 32.92 -26.88 -25.72
CA GLU D 589 33.94 -27.31 -26.66
C GLU D 589 35.14 -27.91 -25.93
N LEU D 590 35.61 -27.21 -24.89
CA LEU D 590 36.72 -27.73 -24.11
C LEU D 590 36.39 -29.07 -23.47
N LYS D 591 35.20 -29.19 -22.86
CA LYS D 591 34.82 -30.46 -22.24
C LYS D 591 34.73 -31.56 -23.26
N ARG D 592 34.25 -31.23 -24.46
CA ARG D 592 34.08 -32.27 -25.48
C ARG D 592 35.42 -32.79 -25.95
N LYS D 593 36.37 -31.89 -26.24
CA LYS D 593 37.68 -32.31 -26.70
C LYS D 593 38.47 -33.01 -25.61
N GLU D 594 38.10 -32.83 -24.34
CA GLU D 594 38.77 -33.56 -23.28
C GLU D 594 38.29 -35.01 -23.20
N GLN D 595 37.02 -35.27 -23.52
CA GLN D 595 36.55 -36.65 -23.60
C GLN D 595 37.19 -37.37 -24.79
N GLU D 596 37.28 -36.71 -25.94
CA GLU D 596 38.00 -37.29 -27.07
C GLU D 596 39.43 -37.61 -26.70
N ASN D 597 40.08 -36.72 -25.96
CA ASN D 597 41.48 -36.90 -25.57
C ASN D 597 41.67 -38.05 -24.58
N LEU D 598 40.60 -38.79 -24.29
CA LEU D 598 40.73 -40.04 -23.53
C LEU D 598 40.64 -41.26 -24.47
N MET E 10 0.66 28.46 -38.33
CA MET E 10 0.08 27.90 -37.11
C MET E 10 -0.46 26.49 -37.35
N SER E 11 0.34 25.70 -38.06
CA SER E 11 -0.18 24.50 -38.65
C SER E 11 -0.55 23.44 -37.60
N ASP E 12 0.17 23.41 -36.48
CA ASP E 12 -0.03 22.31 -35.54
C ASP E 12 -1.43 22.30 -34.93
N ILE E 13 -2.18 23.39 -35.01
CA ILE E 13 -3.49 23.46 -34.37
C ILE E 13 -4.63 23.69 -35.35
N HIS E 14 -4.39 24.27 -36.52
CA HIS E 14 -5.45 24.51 -37.48
C HIS E 14 -5.52 23.45 -38.59
N LEU E 15 -4.54 22.57 -38.69
CA LEU E 15 -4.55 21.54 -39.74
C LEU E 15 -5.54 20.45 -39.38
N GLU E 16 -6.48 20.16 -40.29
CA GLU E 16 -7.49 19.13 -40.00
C GLU E 16 -6.93 17.74 -40.27
N ASP E 17 -6.58 17.45 -41.53
CA ASP E 17 -6.09 16.12 -41.91
C ASP E 17 -4.57 16.08 -41.70
N TYR E 18 -4.18 15.94 -40.44
CA TYR E 18 -2.78 15.96 -40.07
C TYR E 18 -2.08 14.63 -40.30
N THR E 19 -2.79 13.58 -40.69
CA THR E 19 -2.18 12.26 -40.88
C THR E 19 -1.82 11.97 -42.33
N GLU E 20 -2.43 12.70 -43.26
CA GLU E 20 -2.23 12.44 -44.67
C GLU E 20 -0.75 12.51 -45.05
N GLN E 21 0.02 13.41 -44.43
CA GLN E 21 1.45 13.51 -44.71
C GLN E 21 2.20 12.24 -44.34
N TYR E 22 1.63 11.37 -43.51
CA TYR E 22 2.33 10.18 -43.06
C TYR E 22 1.95 8.93 -43.86
N GLU E 23 1.04 9.04 -44.83
CA GLU E 23 0.63 7.88 -45.63
C GLU E 23 1.64 7.65 -46.75
N THR E 24 2.84 7.25 -46.34
CA THR E 24 3.98 7.02 -47.22
C THR E 24 5.00 6.18 -46.46
N GLY E 25 5.96 5.64 -47.21
CA GLY E 25 6.99 4.76 -46.62
C GLY E 25 6.41 3.51 -45.98
N PHE E 26 5.41 2.89 -46.61
CA PHE E 26 4.70 1.80 -45.98
C PHE E 26 5.58 0.56 -45.84
N ALA E 27 5.57 -0.03 -44.65
CA ALA E 27 6.01 -1.41 -44.47
C ALA E 27 4.85 -2.32 -44.86
N THR E 28 5.10 -3.26 -45.77
CA THR E 28 4.06 -4.14 -46.31
C THR E 28 4.69 -5.48 -46.60
N VAL E 29 3.90 -6.38 -47.17
CA VAL E 29 4.46 -7.69 -47.54
C VAL E 29 5.65 -7.53 -48.47
N ASP E 30 5.60 -6.56 -49.39
CA ASP E 30 6.66 -6.44 -50.38
C ASP E 30 7.96 -5.93 -49.79
N THR E 31 7.91 -5.33 -48.61
CA THR E 31 9.07 -4.78 -47.94
C THR E 31 9.68 -5.75 -46.91
N MET E 32 9.06 -6.90 -46.66
CA MET E 32 9.63 -7.87 -45.71
C MET E 32 10.90 -8.50 -46.26
N ILE E 33 11.76 -8.98 -45.36
CA ILE E 33 12.90 -9.79 -45.75
C ILE E 33 12.91 -11.06 -44.91
N PHE E 34 13.53 -12.10 -45.45
CA PHE E 34 13.60 -13.37 -44.74
C PHE E 34 14.61 -13.30 -43.60
N GLU E 35 14.21 -13.83 -42.43
CA GLU E 35 14.96 -13.70 -41.20
C GLU E 35 15.69 -14.96 -40.78
N GLY E 36 15.34 -16.11 -41.33
CA GLY E 36 15.93 -17.36 -40.88
C GLY E 36 17.44 -17.33 -40.88
N GLY E 37 18.04 -17.61 -39.71
CA GLY E 37 19.48 -17.64 -39.60
C GLY E 37 20.17 -16.30 -39.57
N ARG E 38 19.45 -15.18 -39.61
CA ARG E 38 20.11 -13.88 -39.60
C ARG E 38 20.38 -13.46 -38.17
N ARG E 39 21.62 -13.06 -37.89
CA ARG E 39 21.93 -12.41 -36.64
C ARG E 39 21.23 -11.05 -36.58
N GLU E 40 20.67 -10.70 -35.43
CA GLU E 40 19.97 -9.45 -35.28
C GLU E 40 20.47 -8.75 -34.02
N GLU E 41 20.51 -7.44 -34.08
CA GLU E 41 20.66 -6.61 -32.89
C GLU E 41 19.29 -6.02 -32.58
N LEU E 42 18.81 -6.23 -31.35
CA LEU E 42 17.50 -5.78 -30.97
C LEU E 42 17.56 -4.38 -30.35
N LEU E 43 16.44 -3.67 -30.46
CA LEU E 43 16.25 -2.40 -29.79
C LEU E 43 15.31 -2.53 -28.62
N ASN E 44 14.91 -3.77 -28.27
CA ASN E 44 14.26 -4.06 -27.00
C ASN E 44 15.03 -3.37 -25.88
N GLY E 45 14.33 -3.08 -24.79
CA GLY E 45 14.91 -2.36 -23.69
C GLY E 45 14.01 -1.23 -23.28
N GLY E 46 14.50 -0.40 -22.35
CA GLY E 46 13.73 0.73 -21.89
C GLY E 46 13.78 1.92 -22.83
N TRP E 47 12.62 2.35 -23.31
CA TRP E 47 12.49 3.57 -24.12
C TRP E 47 11.84 4.66 -23.29
N HIS E 48 12.35 5.88 -23.40
CA HIS E 48 11.62 7.02 -22.88
C HIS E 48 10.29 7.19 -23.62
N TYR E 49 9.26 7.63 -22.89
CA TYR E 49 7.92 7.61 -23.46
C TYR E 49 7.03 8.72 -22.89
N ALA E 50 6.00 9.05 -23.65
CA ALA E 50 4.91 9.88 -23.18
C ALA E 50 3.58 9.32 -23.67
N VAL E 51 2.54 9.49 -22.86
CA VAL E 51 1.16 9.27 -23.31
C VAL E 51 0.79 10.47 -24.16
N ASP E 52 0.37 10.24 -25.40
CA ASP E 52 0.16 11.34 -26.35
C ASP E 52 -1.29 11.33 -26.84
N GLN E 53 -2.19 11.76 -25.96
CA GLN E 53 -3.63 11.50 -26.13
C GLN E 53 -4.18 12.15 -27.39
N TYR E 54 -3.73 13.36 -27.72
CA TYR E 54 -4.24 14.08 -28.88
C TYR E 54 -3.30 14.03 -30.08
N ASP E 55 -2.36 13.09 -30.12
CA ASP E 55 -1.46 12.93 -31.27
C ASP E 55 -0.62 14.19 -31.50
N THR E 56 -0.35 14.91 -30.41
CA THR E 56 0.44 16.13 -30.47
C THR E 56 1.77 15.94 -31.19
N CYS E 57 2.45 14.81 -30.96
CA CYS E 57 3.74 14.56 -31.60
C CYS E 57 3.63 14.57 -33.12
N LEU E 58 2.60 13.93 -33.66
CA LEU E 58 2.40 13.90 -35.10
C LEU E 58 2.01 15.26 -35.67
N ARG E 59 1.51 16.17 -34.84
CA ARG E 59 1.04 17.48 -35.26
C ARG E 59 2.12 18.54 -35.10
N GLN E 60 2.79 18.57 -33.95
CA GLN E 60 3.89 19.49 -33.68
C GLN E 60 5.23 18.96 -34.18
N LYS E 61 5.31 17.68 -34.53
CA LYS E 61 6.52 17.06 -35.06
C LYS E 61 7.69 17.13 -34.06
N TRP E 62 7.46 16.53 -32.88
CA TRP E 62 8.46 16.53 -31.82
C TRP E 62 9.78 15.96 -32.29
N TYR E 63 9.72 15.01 -33.23
CA TYR E 63 10.91 14.33 -33.68
C TYR E 63 11.87 15.27 -34.41
N LYS E 64 11.40 16.40 -34.92
CA LYS E 64 12.32 17.35 -35.54
C LYS E 64 13.22 18.03 -34.52
N GLU E 65 12.85 18.05 -33.24
CA GLU E 65 13.68 18.61 -32.17
C GLU E 65 14.09 20.06 -32.47
N ARG E 66 13.13 20.86 -32.90
CA ARG E 66 13.36 22.29 -33.08
C ARG E 66 13.27 22.98 -31.73
N TYR E 67 14.43 23.31 -31.14
CA TYR E 67 14.49 23.90 -29.81
C TYR E 67 14.68 25.39 -29.83
N ARG E 68 15.26 25.92 -30.90
CA ARG E 68 15.50 27.34 -31.07
C ARG E 68 14.94 27.76 -32.41
N ASP E 69 14.53 29.03 -32.53
CA ASP E 69 14.05 29.53 -33.80
C ASP E 69 15.22 30.10 -34.63
N GLU E 70 14.87 30.61 -35.82
CA GLU E 70 15.87 31.10 -36.77
C GLU E 70 16.69 32.23 -36.17
N LYS E 71 16.07 33.12 -35.40
CA LYS E 71 16.80 34.21 -34.76
C LYS E 71 17.46 33.78 -33.44
N GLY E 72 17.48 32.48 -33.13
CA GLY E 72 18.22 31.99 -31.99
C GLY E 72 17.50 31.96 -30.65
N PHE E 73 16.24 32.39 -30.59
CA PHE E 73 15.47 32.31 -29.35
C PHE E 73 15.05 30.89 -29.05
N THR E 74 15.10 30.49 -27.79
CA THR E 74 14.45 29.23 -27.42
C THR E 74 12.94 29.37 -27.63
N VAL E 75 12.32 28.30 -28.13
CA VAL E 75 10.86 28.26 -28.24
C VAL E 75 10.30 27.27 -27.24
N PRO E 76 9.13 27.54 -26.65
CA PRO E 76 8.52 26.59 -25.71
C PRO E 76 8.29 25.23 -26.36
N ILE E 77 8.51 24.17 -25.60
CA ILE E 77 8.27 22.83 -26.14
C ILE E 77 7.46 22.00 -25.15
N ASP E 78 6.81 20.96 -25.68
CA ASP E 78 5.85 20.16 -24.95
C ASP E 78 6.33 18.73 -24.72
N TYR E 79 7.65 18.50 -24.77
CA TYR E 79 8.25 17.18 -24.59
C TYR E 79 9.66 17.36 -24.04
N SER E 80 10.20 16.27 -23.48
CA SER E 80 11.60 16.24 -23.00
C SER E 80 12.04 14.79 -23.14
N PHE E 81 12.64 14.48 -24.29
CA PHE E 81 12.89 13.08 -24.66
C PHE E 81 13.68 12.36 -23.57
N ASP E 82 14.87 12.85 -23.24
CA ASP E 82 15.68 12.09 -22.28
C ASP E 82 15.14 12.15 -20.85
N GLU E 83 14.25 13.08 -20.54
CA GLU E 83 13.73 13.21 -19.18
C GLU E 83 12.34 12.62 -19.03
N TRP E 84 11.78 12.10 -20.10
CA TRP E 84 10.56 11.32 -20.05
C TRP E 84 10.76 10.07 -19.18
N PRO E 85 9.68 9.54 -18.62
CA PRO E 85 9.76 8.24 -17.93
C PRO E 85 10.10 7.13 -18.91
N VAL E 86 10.37 5.94 -18.39
CA VAL E 86 10.90 4.84 -19.20
C VAL E 86 9.95 3.65 -19.15
N MET E 87 9.78 3.01 -20.29
CA MET E 87 8.95 1.81 -20.41
C MET E 87 9.76 0.75 -21.13
N GLN E 88 9.69 -0.47 -20.62
CA GLN E 88 10.40 -1.59 -21.22
C GLN E 88 9.67 -2.06 -22.47
N LEU E 89 10.32 -1.97 -23.63
CA LEU E 89 9.73 -2.52 -24.83
C LEU E 89 10.47 -3.79 -25.24
N PRO E 90 9.79 -4.77 -25.85
CA PRO E 90 8.36 -4.71 -26.22
C PRO E 90 7.41 -5.04 -25.08
N CYS E 91 6.17 -4.59 -25.19
CA CYS E 91 5.12 -4.92 -24.23
C CYS E 91 3.80 -4.43 -24.81
N SER E 92 2.72 -5.06 -24.37
CA SER E 92 1.40 -4.43 -24.44
C SER E 92 1.38 -3.41 -23.32
N TRP E 93 1.26 -2.13 -23.66
CA TRP E 93 1.34 -1.12 -22.63
C TRP E 93 0.18 -1.23 -21.64
N ASN E 94 -0.87 -1.96 -22.02
CA ASN E 94 -2.09 -2.04 -21.22
C ASN E 94 -1.84 -2.71 -19.87
N THR E 95 -0.95 -3.71 -19.84
CA THR E 95 -0.68 -4.46 -18.63
C THR E 95 0.58 -3.98 -17.92
N ILE E 96 1.15 -2.84 -18.31
CA ILE E 96 2.34 -2.33 -17.66
C ILE E 96 1.98 -1.49 -16.42
N ASP E 97 0.80 -0.87 -16.41
CA ASP E 97 0.33 -0.09 -15.27
C ASP E 97 -1.18 -0.04 -15.37
N PRO E 98 -1.92 -0.11 -14.25
CA PRO E 98 -3.40 -0.04 -14.35
C PRO E 98 -3.94 1.22 -15.02
N MET E 99 -3.18 2.33 -14.95
CA MET E 99 -3.55 3.57 -15.62
C MET E 99 -3.61 3.43 -17.15
N TYR E 100 -3.00 2.40 -17.72
CA TYR E 100 -3.03 2.21 -19.16
C TYR E 100 -3.88 1.04 -19.60
N LEU E 101 -4.47 0.30 -18.66
CA LEU E 101 -5.30 -0.86 -19.02
C LEU E 101 -6.35 -0.49 -20.04
N LEU E 102 -6.97 0.66 -19.88
CA LEU E 102 -8.04 1.08 -20.78
C LEU E 102 -7.61 2.17 -21.75
N TYR E 103 -6.30 2.46 -21.87
CA TYR E 103 -5.82 3.52 -22.76
C TYR E 103 -5.58 2.95 -24.16
N GLU E 104 -6.23 3.55 -25.15
CA GLU E 104 -6.08 3.07 -26.52
C GLU E 104 -5.79 4.23 -27.49
N GLY E 105 -5.29 5.35 -26.99
CA GLY E 105 -4.78 6.38 -27.86
C GLY E 105 -3.34 6.13 -28.28
N SER E 106 -2.54 7.19 -28.33
CA SER E 106 -1.22 7.10 -28.92
C SER E 106 -0.16 7.23 -27.83
N MET E 107 0.88 6.42 -27.93
CA MET E 107 2.06 6.62 -27.10
C MET E 107 3.28 6.83 -28.00
N VAL E 108 4.20 7.67 -27.54
CA VAL E 108 5.40 8.02 -28.28
C VAL E 108 6.59 7.46 -27.51
N PHE E 109 7.38 6.63 -28.18
CA PHE E 109 8.55 5.96 -27.61
C PHE E 109 9.82 6.45 -28.30
N THR E 110 10.89 6.67 -27.55
CA THR E 110 12.15 7.09 -28.18
C THR E 110 13.36 6.58 -27.41
N ARG E 111 14.45 6.33 -28.15
CA ARG E 111 15.71 5.89 -27.56
C ARG E 111 16.81 6.19 -28.56
N LYS E 112 18.06 6.08 -28.09
CA LYS E 112 19.23 6.28 -28.92
C LYS E 112 19.96 4.96 -29.15
N PHE E 113 20.81 4.94 -30.17
CA PHE E 113 21.67 3.80 -30.43
C PHE E 113 22.79 4.21 -31.39
N SER E 114 23.95 3.54 -31.26
CA SER E 114 25.11 3.83 -32.11
C SER E 114 25.11 2.84 -33.26
N TYR E 115 25.71 3.27 -34.38
CA TYR E 115 25.80 2.44 -35.58
C TYR E 115 27.19 2.60 -36.18
N ILE E 116 27.90 1.48 -36.33
CA ILE E 116 29.17 1.42 -37.02
C ILE E 116 29.11 0.25 -37.99
N ALA E 117 29.25 0.54 -39.29
CA ALA E 117 29.24 -0.52 -40.30
C ALA E 117 30.65 -1.06 -40.47
N GLU E 118 30.80 -2.39 -40.41
CA GLU E 118 32.10 -3.01 -40.66
C GLU E 118 32.35 -3.28 -42.14
N ARG E 119 31.30 -3.23 -42.96
CA ARG E 119 31.36 -3.44 -44.40
C ARG E 119 30.20 -2.66 -45.00
N GLU E 120 30.24 -2.48 -46.32
CA GLU E 120 29.09 -1.90 -46.99
C GLU E 120 27.90 -2.85 -46.82
N GLU E 121 26.80 -2.33 -46.25
CA GLU E 121 25.66 -3.16 -45.88
C GLU E 121 24.38 -2.36 -45.93
N THR E 122 23.26 -3.09 -45.99
CA THR E 122 21.93 -2.54 -45.89
C THR E 122 21.35 -2.85 -44.51
N VAL E 123 20.63 -1.90 -43.92
CA VAL E 123 20.08 -2.05 -42.58
C VAL E 123 18.56 -1.92 -42.62
N PHE E 124 17.87 -2.94 -42.11
CA PHE E 124 16.43 -2.91 -41.95
C PHE E 124 16.08 -2.72 -40.48
N LEU E 125 15.04 -1.92 -40.24
CA LEU E 125 14.36 -1.87 -38.95
C LEU E 125 13.15 -2.79 -39.02
N LYS E 126 13.09 -3.76 -38.11
CA LYS E 126 11.91 -4.61 -37.96
C LYS E 126 11.16 -4.27 -36.67
N VAL E 127 9.85 -4.06 -36.79
CA VAL E 127 8.96 -3.93 -35.64
C VAL E 127 8.07 -5.16 -35.68
N GLY E 128 8.28 -6.08 -34.73
CA GLY E 128 7.69 -7.41 -34.82
C GLY E 128 6.17 -7.41 -34.78
N ALA E 129 5.58 -6.46 -34.07
CA ALA E 129 4.15 -6.21 -34.11
C ALA E 129 3.89 -4.94 -33.34
N ALA E 130 2.94 -4.15 -33.83
CA ALA E 130 2.50 -2.92 -33.18
C ALA E 130 1.04 -2.70 -33.56
N ASN E 131 0.14 -2.75 -32.59
CA ASN E 131 -1.29 -2.56 -32.82
C ASN E 131 -1.67 -1.15 -32.41
N TYR E 132 -2.25 -0.35 -33.34
CA TYR E 132 -2.63 -0.75 -34.70
C TYR E 132 -1.80 -0.06 -35.80
N LEU E 133 -1.47 1.21 -35.58
CA LEU E 133 -0.62 2.00 -36.46
C LEU E 133 0.73 2.25 -35.80
N CYS E 134 1.79 2.24 -36.60
CA CYS E 134 3.13 2.49 -36.12
C CYS E 134 3.80 3.47 -37.07
N ARG E 135 4.19 4.64 -36.56
CA ARG E 135 4.90 5.65 -37.34
C ARG E 135 6.34 5.75 -36.86
N VAL E 136 7.30 5.63 -37.78
CA VAL E 136 8.73 5.52 -37.47
C VAL E 136 9.46 6.79 -37.90
N PHE E 137 10.26 7.34 -36.99
CA PHE E 137 11.11 8.48 -37.30
C PHE E 137 12.54 8.17 -36.88
N LEU E 138 13.49 8.58 -37.70
CA LEU E 138 14.89 8.31 -37.43
C LEU E 138 15.69 9.57 -37.73
N ASN E 139 16.42 10.06 -36.72
CA ASN E 139 17.27 11.25 -36.82
C ASN E 139 16.52 12.43 -37.42
N GLY E 140 15.29 12.61 -36.99
CA GLY E 140 14.51 13.76 -37.36
C GLY E 140 13.79 13.67 -38.67
N LYS E 141 13.91 12.53 -39.37
CA LYS E 141 13.24 12.32 -40.64
C LYS E 141 12.24 11.18 -40.50
N TYR E 142 11.16 11.25 -41.29
CA TYR E 142 10.12 10.23 -41.28
C TYR E 142 10.55 9.04 -42.14
N VAL E 143 10.47 7.84 -41.58
CA VAL E 143 10.83 6.64 -42.35
C VAL E 143 9.61 6.06 -43.07
N GLY E 144 8.46 6.03 -42.44
CA GLY E 144 7.29 5.39 -42.99
C GLY E 144 6.46 4.81 -41.86
N MET E 145 5.42 4.06 -42.23
CA MET E 145 4.49 3.53 -41.24
C MET E 145 4.08 2.10 -41.58
N HIS E 146 3.36 1.50 -40.64
CA HIS E 146 2.73 0.20 -40.82
C HIS E 146 1.31 0.26 -40.32
N ARG E 147 0.42 -0.44 -41.02
CA ARG E 147 -0.99 -0.50 -40.68
C ARG E 147 -1.32 -1.96 -40.47
N GLY E 148 -1.89 -2.28 -39.30
CA GLY E 148 -2.11 -3.71 -38.97
C GLY E 148 -1.36 -4.18 -37.74
N GLY E 149 -2.09 -4.80 -36.82
CA GLY E 149 -1.64 -4.94 -35.46
C GLY E 149 -1.01 -6.25 -35.06
N SER E 150 -0.96 -7.24 -35.95
CA SER E 150 -0.44 -8.55 -35.56
C SER E 150 0.66 -9.09 -36.48
N THR E 151 1.27 -8.25 -37.32
CA THR E 151 2.23 -8.73 -38.30
C THR E 151 3.50 -7.89 -38.25
N PRO E 152 4.66 -8.50 -38.54
CA PRO E 152 5.94 -7.75 -38.43
C PRO E 152 6.14 -6.82 -39.62
N ALA E 153 6.68 -5.64 -39.33
CA ALA E 153 6.89 -4.58 -40.30
C ALA E 153 8.38 -4.32 -40.49
N PHE E 154 8.79 -4.09 -41.75
CA PHE E 154 10.19 -3.87 -42.12
C PHE E 154 10.33 -2.56 -42.89
N TRP E 155 11.28 -1.71 -42.50
CA TRP E 155 11.66 -0.56 -43.31
C TRP E 155 13.16 -0.58 -43.59
N ASN E 156 13.54 -0.19 -44.80
CA ASN E 156 14.95 0.00 -45.10
C ASN E 156 15.39 1.36 -44.56
N ILE E 157 16.29 1.35 -43.58
CA ILE E 157 16.73 2.58 -42.93
C ILE E 157 18.19 2.91 -43.27
N THR E 158 18.77 2.21 -44.27
CA THR E 158 20.17 2.43 -44.67
C THR E 158 20.51 3.91 -44.85
N GLU E 159 19.64 4.68 -45.50
CA GLU E 159 19.99 6.04 -45.86
C GLU E 159 19.68 7.06 -44.76
N TYR E 160 19.15 6.62 -43.63
CA TYR E 160 18.88 7.50 -42.50
C TYR E 160 19.92 7.41 -41.39
N LEU E 161 20.78 6.38 -41.41
CA LEU E 161 21.61 6.07 -40.25
C LEU E 161 22.81 7.03 -40.15
N LYS E 162 23.20 7.28 -38.91
CA LYS E 162 24.40 8.07 -38.61
C LYS E 162 25.18 7.34 -37.52
N ALA E 163 26.32 7.91 -37.13
CA ALA E 163 27.12 7.30 -36.08
C ALA E 163 26.32 7.20 -34.79
N GLU E 164 25.54 8.23 -34.48
CA GLU E 164 24.66 8.27 -33.33
C GLU E 164 23.24 8.53 -33.81
N ASN E 165 22.28 7.73 -33.34
CA ASN E 165 20.91 7.78 -33.87
C ASN E 165 19.90 8.00 -32.76
N ARG E 166 18.83 8.74 -33.09
CA ARG E 166 17.61 8.75 -32.28
C ARG E 166 16.47 8.21 -33.10
N ILE E 167 15.79 7.20 -32.56
CA ILE E 167 14.63 6.60 -33.17
C ILE E 167 13.39 6.96 -32.36
N VAL E 168 12.27 7.16 -33.05
CA VAL E 168 11.02 7.56 -32.43
C VAL E 168 9.93 6.70 -33.03
N LEU E 169 9.17 6.03 -32.16
CA LEU E 169 7.98 5.29 -32.58
C LEU E 169 6.74 5.95 -32.00
N ALA E 170 5.83 6.41 -32.87
CA ALA E 170 4.48 6.83 -32.49
C ALA E 170 3.54 5.69 -32.83
N VAL E 171 2.83 5.18 -31.82
CA VAL E 171 2.02 3.98 -31.95
C VAL E 171 0.61 4.31 -31.48
N ASP E 172 -0.35 4.19 -32.39
CA ASP E 172 -1.75 4.54 -32.14
C ASP E 172 -2.55 3.25 -31.95
N GLY E 173 -3.16 3.11 -30.77
CA GLY E 173 -4.05 2.00 -30.52
C GLY E 173 -5.50 2.24 -30.88
N THR E 174 -5.81 3.36 -31.55
CA THR E 174 -7.19 3.73 -31.83
C THR E 174 -7.90 2.67 -32.68
N ARG E 175 -9.12 2.31 -32.27
CA ARG E 175 -9.99 1.42 -33.03
C ARG E 175 -10.79 2.26 -34.03
N ARG E 176 -11.08 1.68 -35.19
CA ARG E 176 -11.71 2.44 -36.30
C ARG E 176 -12.56 1.46 -37.08
N PRO E 177 -13.75 1.87 -37.52
CA PRO E 177 -14.62 0.89 -38.21
C PRO E 177 -14.07 0.40 -39.53
N GLU E 178 -13.17 1.14 -40.20
CA GLU E 178 -12.63 0.72 -41.48
C GLU E 178 -11.35 -0.10 -41.37
N GLN E 179 -10.82 -0.29 -40.16
CA GLN E 179 -9.60 -1.06 -39.97
C GLN E 179 -9.92 -2.55 -40.00
N VAL E 180 -8.88 -3.36 -39.96
CA VAL E 180 -9.00 -4.81 -39.89
C VAL E 180 -8.26 -5.30 -38.65
N PRO E 181 -8.96 -5.54 -37.53
CA PRO E 181 -10.42 -5.58 -37.34
C PRO E 181 -11.09 -4.22 -37.20
N THR E 182 -12.42 -4.24 -37.17
CA THR E 182 -13.19 -3.05 -36.86
C THR E 182 -13.10 -2.71 -35.37
N GLU E 183 -13.76 -1.62 -34.98
CA GLU E 183 -13.79 -1.19 -33.59
C GLU E 183 -14.59 -2.13 -32.68
N ASN E 184 -15.24 -3.15 -33.23
CA ASN E 184 -16.07 -4.07 -32.46
C ASN E 184 -15.55 -5.49 -32.65
N THR E 185 -14.94 -6.03 -31.61
CA THR E 185 -14.46 -7.41 -31.60
C THR E 185 -14.89 -8.02 -30.28
N ASP E 186 -14.71 -9.32 -30.15
CA ASP E 186 -14.92 -9.97 -28.87
C ASP E 186 -13.59 -10.33 -28.19
N TRP E 187 -12.56 -9.48 -28.36
CA TRP E 187 -11.31 -9.65 -27.60
C TRP E 187 -10.75 -8.29 -27.20
N PHE E 188 -9.73 -8.33 -26.35
CA PHE E 188 -9.23 -7.10 -25.73
C PHE E 188 -8.30 -6.34 -26.67
N ASN E 189 -8.41 -5.00 -26.65
CA ASN E 189 -7.60 -4.16 -27.54
C ASN E 189 -6.25 -3.86 -26.89
N TYR E 190 -5.38 -4.85 -26.93
CA TYR E 190 -4.00 -4.65 -26.48
C TYR E 190 -3.24 -3.75 -27.46
N CYS E 191 -2.55 -2.74 -26.94
CA CYS E 191 -1.92 -1.71 -27.77
C CYS E 191 -0.42 -1.66 -27.51
N GLY E 192 0.31 -1.08 -28.45
CA GLY E 192 1.74 -0.82 -28.28
C GLY E 192 2.59 -1.68 -29.17
N VAL E 193 3.90 -1.57 -28.98
CA VAL E 193 4.90 -2.38 -29.67
C VAL E 193 5.17 -3.60 -28.80
N TYR E 194 4.66 -4.77 -29.18
CA TYR E 194 4.64 -5.89 -28.24
C TYR E 194 5.38 -7.13 -28.75
N ARG E 195 6.15 -7.01 -29.83
CA ARG E 195 7.05 -8.05 -30.31
C ARG E 195 8.40 -7.41 -30.59
N ASP E 196 9.43 -8.24 -30.78
CA ASP E 196 10.80 -7.73 -30.85
C ASP E 196 10.95 -6.62 -31.90
N ILE E 197 11.68 -5.57 -31.50
CA ILE E 197 12.18 -4.53 -32.39
C ILE E 197 13.63 -4.86 -32.73
N ALA E 198 13.95 -4.99 -34.03
CA ALA E 198 15.28 -5.43 -34.44
C ALA E 198 15.91 -4.53 -35.49
N LEU E 199 17.24 -4.45 -35.41
CA LEU E 199 18.07 -3.96 -36.50
C LEU E 199 18.64 -5.16 -37.20
N ILE E 200 18.57 -5.18 -38.54
CA ILE E 200 19.06 -6.31 -39.32
C ILE E 200 20.03 -5.82 -40.40
N ARG E 201 21.28 -6.28 -40.33
CA ARG E 201 22.31 -5.94 -41.31
C ARG E 201 22.36 -7.05 -42.37
N VAL E 202 22.34 -6.66 -43.64
CA VAL E 202 22.32 -7.61 -44.76
C VAL E 202 23.20 -7.08 -45.88
N PRO E 203 23.70 -7.98 -46.73
CA PRO E 203 24.48 -7.52 -47.88
C PRO E 203 23.63 -6.69 -48.82
N LYS E 204 24.28 -5.78 -49.54
CA LYS E 204 23.59 -4.92 -50.50
C LYS E 204 22.63 -5.72 -51.37
N CYS E 205 23.05 -6.88 -51.85
CA CYS E 205 22.17 -7.74 -52.63
C CYS E 205 21.91 -8.97 -51.76
N HIS E 206 20.75 -9.01 -51.10
CA HIS E 206 20.50 -10.01 -50.08
C HIS E 206 19.34 -10.91 -50.48
N ILE E 207 19.24 -12.04 -49.79
CA ILE E 207 18.14 -12.98 -50.02
C ILE E 207 16.90 -12.42 -49.35
N LYS E 208 15.85 -12.18 -50.15
CA LYS E 208 14.64 -11.49 -49.68
C LYS E 208 13.55 -12.45 -49.24
N THR E 209 13.27 -13.48 -50.03
CA THR E 209 12.33 -14.51 -49.63
C THR E 209 12.94 -15.87 -49.94
N PHE E 210 12.58 -16.85 -49.13
CA PHE E 210 12.98 -18.23 -49.33
C PHE E 210 11.84 -19.13 -48.85
N LYS E 211 11.25 -19.85 -49.79
CA LYS E 211 10.14 -20.76 -49.52
C LYS E 211 10.55 -22.17 -49.91
N ILE E 212 10.18 -23.13 -49.08
CA ILE E 212 10.56 -24.53 -49.29
C ILE E 212 9.44 -25.38 -48.71
N ALA E 213 9.06 -26.42 -49.46
CA ALA E 213 7.90 -27.22 -49.09
C ALA E 213 7.87 -28.48 -49.93
N LEU E 214 7.27 -29.52 -49.36
CA LEU E 214 7.01 -30.75 -50.08
C LEU E 214 5.98 -30.50 -51.16
N VAL E 215 6.28 -30.95 -52.37
CA VAL E 215 5.27 -30.86 -53.44
C VAL E 215 4.08 -31.73 -53.05
N PRO E 216 2.85 -31.21 -53.08
CA PRO E 216 1.70 -32.01 -52.66
C PRO E 216 1.12 -32.83 -53.80
N ASP E 217 2.01 -33.51 -54.52
CA ASP E 217 1.67 -34.29 -55.71
C ASP E 217 1.33 -35.74 -55.38
N GLY E 218 1.29 -36.09 -54.09
CA GLY E 218 0.98 -37.43 -53.65
C GLY E 218 2.14 -38.38 -53.65
N THR E 219 3.30 -37.97 -54.15
CA THR E 219 4.40 -38.91 -54.24
C THR E 219 5.28 -38.89 -52.99
N PHE E 220 5.21 -37.82 -52.21
CA PHE E 220 6.09 -37.64 -51.05
C PHE E 220 7.58 -37.65 -51.44
N GLY E 221 7.89 -37.35 -52.70
CA GLY E 221 9.26 -37.48 -53.16
C GLY E 221 9.86 -36.25 -53.82
N HIS E 222 9.06 -35.21 -54.02
CA HIS E 222 9.50 -34.00 -54.69
C HIS E 222 9.40 -32.79 -53.75
N VAL E 223 10.43 -31.96 -53.78
CA VAL E 223 10.52 -30.79 -52.92
C VAL E 223 10.75 -29.56 -53.79
N MET E 224 9.90 -28.55 -53.61
CA MET E 224 10.06 -27.28 -54.28
C MET E 224 10.78 -26.29 -53.35
N ALA E 225 11.46 -25.32 -53.96
CA ALA E 225 12.11 -24.27 -53.20
C ALA E 225 12.23 -23.02 -54.06
N LYS E 226 11.86 -21.86 -53.52
CA LYS E 226 11.92 -20.62 -54.24
C LYS E 226 12.76 -19.60 -53.49
N VAL E 227 13.51 -18.80 -54.24
CA VAL E 227 14.35 -17.74 -53.72
C VAL E 227 14.09 -16.47 -54.52
N THR E 228 13.96 -15.35 -53.82
CA THR E 228 14.01 -14.06 -54.48
C THR E 228 15.05 -13.19 -53.79
N LEU E 229 15.63 -12.25 -54.54
CA LEU E 229 16.66 -11.38 -54.00
C LEU E 229 16.15 -9.96 -53.85
N SER E 230 16.95 -9.14 -53.18
CA SER E 230 16.62 -7.73 -53.05
C SER E 230 16.82 -6.98 -54.35
N GLU E 231 17.56 -7.53 -55.30
CA GLU E 231 17.84 -6.86 -56.56
C GLU E 231 17.38 -7.74 -57.71
N LYS E 232 16.90 -7.10 -58.78
CA LYS E 232 16.40 -7.84 -59.94
C LYS E 232 17.55 -8.20 -60.89
N ILE E 233 18.47 -9.03 -60.38
CA ILE E 233 19.68 -9.42 -61.10
C ILE E 233 19.65 -10.90 -61.44
N THR E 234 20.70 -11.35 -62.13
CA THR E 234 20.90 -12.74 -62.47
C THR E 234 22.02 -13.26 -61.58
N ALA E 235 21.80 -14.40 -60.94
CA ALA E 235 22.82 -15.01 -60.08
C ALA E 235 22.39 -16.43 -59.77
N LYS E 236 23.24 -17.15 -59.06
CA LYS E 236 22.90 -18.49 -58.60
C LYS E 236 22.89 -18.49 -57.08
N ALA E 237 21.87 -19.12 -56.51
CA ALA E 237 21.83 -19.45 -55.10
C ALA E 237 22.03 -20.95 -54.96
N GLU E 238 22.64 -21.38 -53.86
CA GLU E 238 22.84 -22.80 -53.56
C GLU E 238 22.05 -23.19 -52.33
N LEU E 239 21.24 -24.24 -52.45
CA LEU E 239 20.49 -24.80 -51.33
C LEU E 239 21.15 -26.09 -50.87
N VAL E 240 21.33 -26.23 -49.55
CA VAL E 240 21.99 -27.37 -48.93
C VAL E 240 21.08 -27.92 -47.82
N ILE E 241 20.80 -29.22 -47.88
CA ILE E 241 20.17 -29.96 -46.78
C ILE E 241 21.08 -31.15 -46.52
N GLU E 242 22.06 -30.97 -45.63
CA GLU E 242 23.09 -31.98 -45.40
C GLU E 242 22.48 -33.34 -45.11
N GLU E 243 21.60 -33.40 -44.11
CA GLU E 243 21.03 -34.67 -43.66
C GLU E 243 20.27 -35.41 -44.75
N LEU E 244 19.83 -34.72 -45.80
CA LEU E 244 19.23 -35.40 -46.94
C LEU E 244 20.21 -35.55 -48.10
N GLY E 245 21.48 -35.19 -47.91
CA GLY E 245 22.41 -35.19 -49.02
C GLY E 245 22.06 -34.25 -50.15
N VAL E 246 21.29 -33.20 -49.89
CA VAL E 246 20.85 -32.27 -50.91
C VAL E 246 21.90 -31.18 -51.09
N SER E 247 22.16 -30.84 -52.35
CA SER E 247 22.96 -29.66 -52.68
C SER E 247 22.65 -29.24 -54.10
N ARG E 248 21.57 -28.48 -54.29
CA ARG E 248 21.12 -27.97 -55.59
C ARG E 248 21.50 -26.51 -55.76
N LYS E 249 21.72 -26.12 -57.00
CA LYS E 249 21.80 -24.70 -57.34
C LYS E 249 20.47 -24.26 -57.95
N ILE E 250 20.13 -23.00 -57.71
CA ILE E 250 18.93 -22.37 -58.25
C ILE E 250 19.37 -21.22 -59.14
N GLN E 251 19.02 -21.29 -60.41
CA GLN E 251 19.25 -20.16 -61.29
C GLN E 251 18.25 -19.06 -60.96
N LEU E 252 18.76 -17.86 -60.71
CA LEU E 252 17.92 -16.69 -60.49
C LEU E 252 18.02 -15.77 -61.69
N GLU E 253 16.87 -15.38 -62.22
CA GLU E 253 16.76 -14.29 -63.18
C GLU E 253 15.81 -13.24 -62.62
N ASN E 254 16.13 -11.97 -62.87
CA ASN E 254 15.40 -10.84 -62.31
C ASN E 254 15.18 -11.01 -60.82
N GLY E 255 16.15 -11.60 -60.15
CA GLY E 255 16.07 -11.80 -58.71
C GLY E 255 15.14 -12.89 -58.25
N ALA E 256 14.67 -13.76 -59.13
CA ALA E 256 13.77 -14.83 -58.75
C ALA E 256 14.22 -16.14 -59.39
N GLY E 257 14.03 -17.23 -58.66
CA GLY E 257 14.25 -18.55 -59.24
C GLY E 257 13.64 -19.62 -58.38
N GLU E 258 13.36 -20.76 -59.02
CA GLU E 258 12.77 -21.92 -58.37
C GLU E 258 13.50 -23.19 -58.79
N VAL E 259 13.20 -24.27 -58.07
CA VAL E 259 13.80 -25.57 -58.35
C VAL E 259 12.88 -26.62 -57.75
N VAL E 260 12.82 -27.79 -58.39
CA VAL E 260 12.19 -28.98 -57.83
C VAL E 260 13.17 -30.12 -57.96
N PHE E 261 13.44 -30.80 -56.85
CA PHE E 261 14.35 -31.93 -56.84
C PHE E 261 13.71 -33.13 -56.15
N ASP E 262 14.25 -34.31 -56.44
CA ASP E 262 13.83 -35.51 -55.73
C ASP E 262 14.51 -35.54 -54.36
N ALA E 263 13.79 -36.09 -53.39
CA ALA E 263 14.24 -36.30 -52.02
C ALA E 263 13.12 -37.04 -51.30
N LYS E 264 13.49 -37.87 -50.34
CA LYS E 264 12.52 -38.68 -49.61
C LYS E 264 12.70 -38.43 -48.11
N PRO E 265 12.26 -37.27 -47.63
CA PRO E 265 12.41 -36.96 -46.20
C PRO E 265 11.42 -37.74 -45.33
N GLU E 266 11.76 -37.86 -44.06
CA GLU E 266 10.79 -38.26 -43.05
C GLU E 266 9.64 -37.25 -43.05
N LEU E 267 8.41 -37.74 -43.16
CA LEU E 267 7.27 -36.83 -43.17
C LEU E 267 6.93 -36.38 -41.76
N TRP E 268 6.65 -35.08 -41.64
CA TRP E 268 6.36 -34.45 -40.35
C TRP E 268 4.94 -34.78 -39.89
N THR E 269 4.78 -35.06 -38.61
CA THR E 269 3.48 -35.24 -37.97
C THR E 269 3.55 -34.68 -36.55
N PRO E 270 2.40 -34.45 -35.91
CA PRO E 270 2.43 -34.08 -34.49
C PRO E 270 3.11 -35.11 -33.61
N GLU E 271 3.00 -36.39 -33.97
CA GLU E 271 3.55 -37.46 -33.17
C GLU E 271 5.04 -37.66 -33.41
N LYS E 272 5.49 -37.43 -34.64
CA LYS E 272 6.91 -37.51 -35.00
C LYS E 272 7.24 -36.26 -35.79
N PRO E 273 7.48 -35.15 -35.10
CA PRO E 273 7.74 -33.85 -35.79
C PRO E 273 9.18 -33.67 -36.23
N LYS E 274 9.60 -34.49 -37.20
CA LYS E 274 10.97 -34.45 -37.69
C LYS E 274 11.22 -33.17 -38.51
N LEU E 275 12.35 -32.51 -38.22
CA LEU E 275 12.74 -31.27 -38.89
C LEU E 275 14.18 -31.38 -39.38
N TYR E 276 14.47 -30.59 -40.42
CA TYR E 276 15.72 -30.62 -41.15
C TYR E 276 16.31 -29.22 -41.18
N ASP E 277 17.63 -29.13 -41.05
CA ASP E 277 18.33 -27.87 -41.27
C ASP E 277 18.48 -27.64 -42.76
N VAL E 278 18.20 -26.42 -43.22
CA VAL E 278 18.41 -26.04 -44.60
C VAL E 278 19.20 -24.74 -44.61
N LYS E 279 20.09 -24.59 -45.58
CA LYS E 279 20.91 -23.40 -45.73
C LYS E 279 20.89 -22.97 -47.19
N VAL E 280 20.85 -21.66 -47.40
CA VAL E 280 20.83 -21.06 -48.74
C VAL E 280 21.90 -19.98 -48.78
N THR E 281 22.73 -20.00 -49.81
CA THR E 281 23.77 -18.99 -49.96
C THR E 281 23.62 -18.36 -51.33
N CYS E 282 23.94 -17.06 -51.41
CA CYS E 282 23.99 -16.32 -52.66
C CYS E 282 24.88 -15.12 -52.45
N GLY E 283 25.83 -14.89 -53.36
CA GLY E 283 26.83 -13.86 -53.13
C GLY E 283 27.40 -13.97 -51.73
N THR E 284 27.47 -12.85 -51.02
CA THR E 284 27.94 -12.82 -49.63
C THR E 284 26.83 -13.09 -48.62
N ASP E 285 25.63 -13.50 -49.05
CA ASP E 285 24.53 -13.70 -48.14
C ASP E 285 24.33 -15.17 -47.81
N THR E 286 23.86 -15.42 -46.58
CA THR E 286 23.49 -16.76 -46.11
C THR E 286 22.23 -16.65 -45.27
N VAL E 287 21.26 -17.53 -45.54
CA VAL E 287 20.11 -17.69 -44.65
C VAL E 287 19.98 -19.18 -44.35
N SER E 288 19.23 -19.48 -43.29
CA SER E 288 18.94 -20.87 -42.96
C SER E 288 17.54 -20.97 -42.38
N ASP E 289 17.05 -22.19 -42.29
CA ASP E 289 15.74 -22.46 -41.72
C ASP E 289 15.74 -23.87 -41.18
N ARG E 290 14.71 -24.18 -40.40
CA ARG E 290 14.53 -25.52 -39.86
C ARG E 290 13.10 -25.91 -40.21
N VAL E 291 12.96 -26.90 -41.08
CA VAL E 291 11.70 -27.13 -41.76
C VAL E 291 11.30 -28.60 -41.64
N GLY E 292 10.00 -28.82 -41.56
CA GLY E 292 9.45 -30.15 -41.71
C GLY E 292 8.83 -30.32 -43.09
N PHE E 293 8.65 -31.56 -43.49
CA PHE E 293 8.06 -31.89 -44.78
C PHE E 293 6.83 -32.75 -44.56
N ARG E 294 5.70 -32.28 -45.12
CA ARG E 294 4.43 -32.96 -44.94
C ARG E 294 3.51 -32.50 -46.06
N GLU E 295 2.47 -33.27 -46.30
CA GLU E 295 1.47 -32.94 -47.31
C GLU E 295 0.11 -32.88 -46.65
N ILE E 296 -0.65 -31.83 -46.98
CA ILE E 296 -2.02 -31.65 -46.52
C ILE E 296 -2.87 -31.34 -47.76
N ARG E 297 -3.80 -32.25 -48.08
CA ARG E 297 -4.81 -32.02 -49.10
C ARG E 297 -6.14 -32.52 -48.57
N VAL E 298 -7.21 -32.10 -49.24
CA VAL E 298 -8.55 -32.63 -49.03
C VAL E 298 -8.91 -33.49 -50.22
N ASN E 299 -9.56 -34.62 -49.96
CA ASN E 299 -10.09 -35.49 -51.01
C ASN E 299 -11.55 -35.72 -50.65
N GLY E 300 -12.44 -34.97 -51.29
CA GLY E 300 -13.85 -35.09 -50.96
C GLY E 300 -14.12 -34.55 -49.56
N ARG E 301 -14.63 -35.42 -48.68
CA ARG E 301 -14.82 -35.07 -47.28
C ARG E 301 -13.60 -35.38 -46.42
N ASP E 302 -12.52 -35.89 -46.98
CA ASP E 302 -11.40 -36.37 -46.18
C ASP E 302 -10.31 -35.31 -46.11
N ILE E 303 -9.85 -35.03 -44.90
CA ILE E 303 -8.64 -34.24 -44.69
C ILE E 303 -7.47 -35.22 -44.67
N LEU E 304 -6.59 -35.10 -45.66
CA LEU E 304 -5.49 -36.05 -45.83
C LEU E 304 -4.20 -35.39 -45.35
N LEU E 305 -3.61 -35.96 -44.32
CA LEU E 305 -2.27 -35.59 -43.87
C LEU E 305 -1.30 -36.69 -44.28
N ASN E 306 -0.35 -36.36 -45.15
CA ASN E 306 0.62 -37.34 -45.66
C ASN E 306 -0.11 -38.53 -46.28
N GLY E 307 -1.19 -38.25 -47.02
CA GLY E 307 -2.00 -39.29 -47.62
C GLY E 307 -2.89 -40.06 -46.68
N GLU E 308 -2.79 -39.85 -45.37
CA GLU E 308 -3.69 -40.58 -44.49
C GLU E 308 -4.79 -39.67 -43.95
N PRO E 309 -6.05 -40.15 -43.89
CA PRO E 309 -7.13 -39.33 -43.35
C PRO E 309 -6.96 -39.09 -41.85
N VAL E 310 -7.33 -37.87 -41.43
CA VAL E 310 -7.18 -37.47 -40.04
C VAL E 310 -8.48 -36.84 -39.54
N PHE E 311 -8.65 -36.90 -38.22
CA PHE E 311 -9.59 -36.09 -37.48
C PHE E 311 -8.79 -35.14 -36.59
N LEU E 312 -9.11 -33.85 -36.65
CA LEU E 312 -8.34 -32.83 -35.92
C LEU E 312 -8.95 -32.65 -34.52
N ARG E 313 -8.30 -33.25 -33.52
CA ARG E 313 -8.65 -33.03 -32.12
C ARG E 313 -8.09 -31.67 -31.73
N GLY E 314 -8.94 -30.65 -31.73
CA GLY E 314 -8.47 -29.28 -31.65
C GLY E 314 -8.99 -28.53 -30.45
N ILE E 315 -8.37 -27.36 -30.24
CA ILE E 315 -8.85 -26.35 -29.31
C ILE E 315 -8.49 -25.00 -29.92
N SER E 316 -9.32 -24.01 -29.68
CA SER E 316 -9.03 -22.64 -30.08
C SER E 316 -8.22 -21.94 -29.00
N CYS E 317 -7.51 -20.87 -29.40
CA CYS E 317 -6.61 -20.24 -28.46
C CYS E 317 -6.37 -18.80 -28.87
N HIS E 318 -6.61 -17.86 -27.95
CA HIS E 318 -6.25 -16.47 -28.16
C HIS E 318 -4.82 -16.24 -27.65
N GLU E 319 -4.23 -15.13 -28.11
CA GLU E 319 -2.93 -14.69 -27.63
C GLU E 319 -3.13 -13.79 -26.41
N ASP E 320 -3.31 -14.43 -25.23
CA ASP E 320 -3.64 -13.68 -24.03
C ASP E 320 -2.84 -14.16 -22.84
N SER E 321 -2.56 -13.23 -21.93
CA SER E 321 -1.81 -13.48 -20.71
C SER E 321 -2.20 -12.44 -19.69
N VAL E 322 -2.44 -12.88 -18.46
CA VAL E 322 -2.82 -11.97 -17.38
C VAL E 322 -1.78 -10.86 -17.22
N GLU E 323 -0.50 -11.25 -17.14
CA GLU E 323 0.55 -10.30 -16.79
C GLU E 323 1.13 -9.59 -18.00
N ASN E 324 1.10 -10.24 -19.17
CA ASN E 324 1.76 -9.75 -20.36
C ASN E 324 0.81 -9.35 -21.48
N GLY E 325 -0.51 -9.56 -21.33
CA GLY E 325 -1.42 -9.10 -22.37
C GLY E 325 -1.24 -9.87 -23.67
N LYS E 326 -1.08 -9.16 -24.79
CA LYS E 326 -0.83 -9.85 -26.05
C LYS E 326 0.64 -10.24 -26.25
N GLY E 327 1.58 -9.69 -25.47
CA GLY E 327 2.98 -10.05 -25.61
C GLY E 327 3.40 -11.28 -24.82
N LEU E 328 2.93 -12.47 -25.21
CA LEU E 328 3.25 -13.68 -24.47
C LEU E 328 4.74 -13.96 -24.52
N THR E 329 5.23 -14.64 -23.48
CA THR E 329 6.61 -15.12 -23.46
C THR E 329 6.71 -16.44 -24.19
N ARG E 330 7.94 -16.85 -24.42
CA ARG E 330 8.19 -18.18 -24.97
C ARG E 330 7.63 -19.25 -24.05
N GLU E 331 7.81 -19.08 -22.74
CA GLU E 331 7.32 -20.07 -21.79
C GLU E 331 5.81 -20.19 -21.82
N GLU E 332 5.10 -19.06 -21.97
CA GLU E 332 3.64 -19.10 -22.07
C GLU E 332 3.18 -19.78 -23.35
N ARG E 333 3.94 -19.65 -24.44
CA ARG E 333 3.64 -20.38 -25.67
C ARG E 333 3.86 -21.88 -25.49
N ILE E 334 4.98 -22.25 -24.88
CA ILE E 334 5.23 -23.66 -24.56
C ILE E 334 4.10 -24.19 -23.69
N GLU E 335 3.69 -23.42 -22.68
CA GLU E 335 2.60 -23.83 -21.81
C GLU E 335 1.33 -24.11 -22.60
N ASN E 336 0.97 -23.23 -23.52
CA ASN E 336 -0.25 -23.44 -24.30
C ASN E 336 -0.17 -24.73 -25.11
N ILE E 337 0.99 -24.99 -25.72
CA ILE E 337 1.15 -26.23 -26.48
C ILE E 337 1.12 -27.43 -25.55
N ARG E 338 1.73 -27.29 -24.38
CA ARG E 338 1.77 -28.40 -23.45
C ARG E 338 0.37 -28.75 -22.95
N ILE E 339 -0.42 -27.74 -22.58
CA ILE E 339 -1.75 -28.00 -22.05
C ILE E 339 -2.67 -28.53 -23.13
N ALA E 340 -2.52 -28.02 -24.36
CA ALA E 340 -3.30 -28.54 -25.48
C ALA E 340 -3.07 -30.03 -25.66
N LYS E 341 -1.81 -30.46 -25.58
CA LYS E 341 -1.47 -31.87 -25.75
C LYS E 341 -1.93 -32.69 -24.56
N GLU E 342 -1.90 -32.09 -23.36
CA GLU E 342 -2.47 -32.72 -22.17
C GLU E 342 -3.94 -33.04 -22.40
N LEU E 343 -4.70 -32.07 -22.91
CA LEU E 343 -6.08 -32.23 -23.32
C LEU E 343 -6.26 -33.30 -24.39
N GLY E 344 -5.17 -33.76 -25.02
CA GLY E 344 -5.24 -34.73 -26.11
C GLY E 344 -5.35 -34.14 -27.49
N CYS E 345 -4.98 -32.87 -27.69
CA CYS E 345 -5.15 -32.23 -28.99
C CYS E 345 -3.99 -32.55 -29.92
N ASN E 346 -4.30 -32.64 -31.22
CA ASN E 346 -3.27 -32.62 -32.25
C ASN E 346 -3.35 -31.36 -33.10
N PHE E 347 -4.18 -30.42 -32.70
CA PHE E 347 -4.57 -29.31 -33.56
C PHE E 347 -4.94 -28.14 -32.66
N MET E 348 -4.61 -26.93 -33.10
CA MET E 348 -4.99 -25.74 -32.35
C MET E 348 -5.37 -24.66 -33.36
N ARG E 349 -6.56 -24.10 -33.19
CA ARG E 349 -6.95 -22.90 -33.92
C ARG E 349 -6.36 -21.69 -33.22
N LEU E 350 -5.45 -20.98 -33.91
CA LEU E 350 -4.91 -19.70 -33.43
C LEU E 350 -5.83 -18.56 -33.91
N ALA E 351 -6.57 -17.96 -32.99
CA ALA E 351 -7.61 -16.98 -33.29
C ALA E 351 -7.24 -15.62 -32.69
N HIS E 352 -7.73 -14.52 -33.29
CA HIS E 352 -8.38 -14.43 -34.62
C HIS E 352 -7.43 -13.65 -35.53
N TYR E 353 -6.14 -13.78 -35.25
CA TYR E 353 -5.11 -12.91 -35.81
C TYR E 353 -3.78 -13.66 -35.74
N PRO E 354 -2.79 -13.24 -36.52
CA PRO E 354 -1.48 -13.88 -36.43
C PRO E 354 -0.91 -13.76 -35.03
N HIS E 355 -0.65 -14.92 -34.40
CA HIS E 355 0.13 -14.92 -33.17
C HIS E 355 1.62 -14.72 -33.47
N ASN E 356 2.41 -14.57 -32.40
CA ASN E 356 3.86 -14.53 -32.53
C ASN E 356 4.34 -15.68 -33.41
N GLU E 357 5.25 -15.38 -34.34
CA GLU E 357 5.77 -16.43 -35.22
C GLU E 357 6.46 -17.54 -34.46
N GLU E 358 6.97 -17.27 -33.25
CA GLU E 358 7.50 -18.35 -32.42
C GLU E 358 6.45 -19.42 -32.15
N MET E 359 5.17 -19.05 -32.16
CA MET E 359 4.13 -20.04 -31.91
C MET E 359 4.26 -21.20 -32.90
N ALA E 360 4.29 -20.90 -34.19
CA ALA E 360 4.37 -21.97 -35.19
C ALA E 360 5.73 -22.66 -35.17
N LYS E 361 6.80 -21.96 -34.78
CA LYS E 361 8.11 -22.63 -34.69
C LYS E 361 8.09 -23.68 -33.58
N LEU E 362 7.41 -23.40 -32.48
CA LEU E 362 7.32 -24.39 -31.41
C LEU E 362 6.35 -25.50 -31.77
N ALA E 363 5.31 -25.19 -32.54
CA ALA E 363 4.43 -26.25 -33.01
C ALA E 363 5.18 -27.19 -33.95
N ASP E 364 6.00 -26.62 -34.85
CA ASP E 364 6.96 -27.39 -35.64
C ASP E 364 7.73 -28.37 -34.76
N GLU E 365 8.27 -27.88 -33.64
CA GLU E 365 9.23 -28.63 -32.82
C GLU E 365 8.56 -29.59 -31.85
N LEU E 366 7.50 -29.17 -31.16
CA LEU E 366 6.78 -30.04 -30.23
C LEU E 366 5.68 -30.85 -30.90
N GLY E 367 5.30 -30.50 -32.12
CA GLY E 367 4.33 -31.29 -32.86
C GLY E 367 2.88 -30.92 -32.58
N LEU E 368 2.36 -29.93 -33.30
CA LEU E 368 0.97 -29.54 -33.19
C LEU E 368 0.52 -28.93 -34.51
N LEU E 369 -0.65 -29.33 -34.99
CA LEU E 369 -1.20 -28.74 -36.20
C LEU E 369 -1.83 -27.40 -35.89
N LEU E 370 -1.69 -26.45 -36.82
CA LEU E 370 -2.10 -25.08 -36.58
C LEU E 370 -3.03 -24.59 -37.67
N TRP E 371 -3.99 -23.77 -37.26
CA TRP E 371 -4.86 -22.99 -38.13
C TRP E 371 -4.58 -21.53 -37.81
N GLU E 372 -4.06 -20.78 -38.79
CA GLU E 372 -3.75 -19.37 -38.59
C GLU E 372 -4.72 -18.49 -39.38
N GLU E 373 -4.93 -17.26 -38.89
CA GLU E 373 -6.09 -16.49 -39.28
C GLU E 373 -5.76 -15.00 -39.30
N ILE E 374 -6.47 -14.26 -40.15
CA ILE E 374 -6.41 -12.79 -40.13
C ILE E 374 -7.72 -12.27 -39.54
N PRO E 375 -7.72 -11.12 -38.94
CA PRO E 375 -8.91 -10.57 -38.28
C PRO E 375 -9.95 -9.91 -39.20
N VAL E 376 -10.34 -10.63 -40.26
CA VAL E 376 -11.50 -10.22 -41.04
C VAL E 376 -12.73 -10.73 -40.30
N TYR E 377 -13.21 -9.92 -39.37
CA TYR E 377 -14.02 -10.38 -38.24
C TYR E 377 -15.24 -9.49 -38.11
N TRP E 378 -16.42 -10.12 -38.07
CA TRP E 378 -17.72 -9.44 -37.92
C TRP E 378 -17.89 -8.44 -39.06
N ALA E 379 -18.22 -7.18 -38.78
CA ALA E 379 -18.81 -6.29 -39.78
C ALA E 379 -17.76 -5.41 -40.45
N ILE E 380 -16.76 -6.09 -41.03
CA ILE E 380 -15.75 -5.42 -41.84
C ILE E 380 -16.42 -4.56 -42.93
N ARG E 381 -15.76 -3.45 -43.29
CA ARG E 381 -16.25 -2.54 -44.33
C ARG E 381 -15.88 -3.10 -45.70
N PHE E 382 -16.60 -4.17 -46.08
CA PHE E 382 -16.23 -4.94 -47.26
C PHE E 382 -16.28 -4.11 -48.53
N GLU E 383 -17.01 -3.00 -48.53
CA GLU E 383 -17.17 -2.16 -49.72
C GLU E 383 -16.04 -1.16 -49.90
N ARG E 384 -15.08 -1.09 -48.99
CA ARG E 384 -14.08 -0.02 -48.99
C ARG E 384 -12.75 -0.54 -49.52
N GLU E 385 -12.25 0.11 -50.58
CA GLU E 385 -11.06 -0.37 -51.27
C GLU E 385 -9.85 -0.40 -50.36
N LYS E 386 -9.58 0.69 -49.64
CA LYS E 386 -8.43 0.71 -48.76
C LYS E 386 -8.57 -0.35 -47.69
N THR E 387 -9.80 -0.64 -47.25
CA THR E 387 -10.01 -1.71 -46.28
C THR E 387 -9.57 -3.05 -46.86
N TYR E 388 -9.89 -3.30 -48.13
CA TYR E 388 -9.44 -4.55 -48.74
C TYR E 388 -7.91 -4.56 -48.87
N GLU E 389 -7.31 -3.43 -49.24
CA GLU E 389 -5.85 -3.38 -49.29
C GLU E 389 -5.25 -3.77 -47.96
N ASP E 390 -5.82 -3.26 -46.86
CA ASP E 390 -5.37 -3.60 -45.52
C ASP E 390 -5.45 -5.10 -45.27
N ALA E 391 -6.62 -5.69 -45.49
CA ALA E 391 -6.80 -7.10 -45.18
C ALA E 391 -5.87 -7.97 -46.04
N GLN E 392 -5.80 -7.70 -47.35
CA GLN E 392 -4.98 -8.53 -48.23
C GLN E 392 -3.52 -8.40 -47.88
N ASN E 393 -3.07 -7.20 -47.53
CA ASN E 393 -1.71 -7.06 -47.07
C ASN E 393 -1.45 -7.89 -45.83
N GLN E 394 -2.43 -7.96 -44.92
CA GLN E 394 -2.21 -8.71 -43.69
C GLN E 394 -2.17 -10.21 -43.97
N LEU E 395 -3.10 -10.69 -44.78
CA LEU E 395 -3.04 -12.08 -45.22
C LEU E 395 -1.67 -12.41 -45.81
N ARG E 396 -1.17 -11.54 -46.68
CA ARG E 396 0.07 -11.84 -47.39
C ARG E 396 1.29 -11.73 -46.47
N GLU E 397 1.25 -10.80 -45.52
CA GLU E 397 2.30 -10.76 -44.51
C GLU E 397 2.33 -12.05 -43.72
N LEU E 398 1.16 -12.53 -43.28
CA LEU E 398 1.11 -13.76 -42.49
C LEU E 398 1.67 -14.93 -43.29
N ILE E 399 1.32 -15.01 -44.58
CA ILE E 399 1.73 -16.15 -45.38
C ILE E 399 3.22 -16.10 -45.67
N ASN E 400 3.75 -14.92 -46.01
CA ASN E 400 5.18 -14.82 -46.24
C ASN E 400 5.97 -15.12 -44.98
N ARG E 401 5.43 -14.73 -43.82
CA ARG E 401 6.10 -15.00 -42.55
C ARG E 401 6.24 -16.50 -42.28
N ASP E 402 5.15 -17.24 -42.50
CA ASP E 402 5.01 -18.59 -41.98
C ASP E 402 5.00 -19.65 -43.08
N TRP E 403 5.46 -19.28 -44.29
CA TRP E 403 5.42 -20.20 -45.42
C TRP E 403 6.15 -21.51 -45.13
N ASN E 404 7.26 -21.45 -44.39
CA ASN E 404 8.11 -22.62 -44.13
C ASN E 404 7.74 -23.38 -42.85
N ARG E 405 6.53 -23.23 -42.31
CA ARG E 405 6.17 -23.82 -41.02
C ARG E 405 5.30 -25.05 -41.26
N ALA E 406 5.91 -26.24 -41.13
CA ALA E 406 5.19 -27.48 -41.38
C ALA E 406 3.90 -27.58 -40.56
N SER E 407 3.92 -27.08 -39.32
CA SER E 407 2.76 -27.19 -38.43
C SER E 407 1.54 -26.48 -38.99
N VAL E 408 1.73 -25.35 -39.65
CA VAL E 408 0.62 -24.58 -40.21
C VAL E 408 0.08 -25.32 -41.42
N ILE E 409 -1.18 -25.73 -41.36
CA ILE E 409 -1.81 -26.44 -42.46
C ILE E 409 -3.01 -25.70 -43.05
N ILE E 410 -3.65 -24.79 -42.31
CA ILE E 410 -4.81 -24.05 -42.81
C ILE E 410 -4.59 -22.56 -42.61
N TRP E 411 -4.88 -21.77 -43.66
CA TRP E 411 -5.06 -20.33 -43.56
C TRP E 411 -6.57 -20.04 -43.54
N SER E 412 -7.01 -19.16 -42.65
CA SER E 412 -8.40 -18.73 -42.63
C SER E 412 -8.51 -17.27 -43.04
N VAL E 413 -9.44 -16.97 -43.94
CA VAL E 413 -9.59 -15.61 -44.44
C VAL E 413 -10.53 -14.74 -43.59
N GLY E 414 -11.12 -15.28 -42.55
CA GLY E 414 -11.96 -14.46 -41.70
C GLY E 414 -12.93 -15.29 -40.87
N ASN E 415 -13.79 -14.58 -40.16
CA ASN E 415 -14.58 -15.23 -39.12
C ASN E 415 -15.92 -14.52 -38.95
N GLU E 416 -17.01 -15.27 -39.12
CA GLU E 416 -18.34 -14.87 -38.66
C GLU E 416 -18.81 -13.54 -39.29
N ASN E 417 -18.98 -13.58 -40.60
CA ASN E 417 -19.36 -12.41 -41.39
C ASN E 417 -20.70 -12.64 -42.08
N ALA E 418 -21.44 -11.56 -42.31
CA ALA E 418 -22.74 -11.67 -42.96
C ALA E 418 -22.60 -12.14 -44.41
N ASP E 419 -23.62 -12.84 -44.92
CA ASP E 419 -23.57 -13.39 -46.29
C ASP E 419 -24.17 -12.38 -47.26
N THR E 420 -23.42 -11.31 -47.48
CA THR E 420 -23.81 -10.28 -48.42
C THR E 420 -22.90 -10.35 -49.64
N ASP E 421 -23.32 -9.68 -50.71
CA ASP E 421 -22.57 -9.73 -51.97
C ASP E 421 -21.19 -9.10 -51.81
N GLU E 422 -21.11 -7.98 -51.09
CA GLU E 422 -19.83 -7.33 -50.92
C GLU E 422 -18.90 -8.18 -50.04
N ARG E 423 -19.46 -8.82 -49.00
CA ARG E 423 -18.68 -9.78 -48.23
C ARG E 423 -18.13 -10.87 -49.14
N LEU E 424 -18.96 -11.41 -50.05
CA LEU E 424 -18.54 -12.53 -50.88
C LEU E 424 -17.40 -12.13 -51.79
N LYS E 425 -17.52 -10.98 -52.45
CA LYS E 425 -16.46 -10.47 -53.30
C LYS E 425 -15.15 -10.40 -52.54
N PHE E 426 -15.12 -9.54 -51.52
CA PHE E 426 -13.99 -9.34 -50.61
C PHE E 426 -13.37 -10.67 -50.14
N MET E 427 -14.18 -11.53 -49.53
CA MET E 427 -13.57 -12.69 -48.89
C MET E 427 -13.22 -13.79 -49.88
N SER E 428 -13.91 -13.88 -51.02
CA SER E 428 -13.51 -14.87 -52.02
C SER E 428 -12.22 -14.46 -52.72
N VAL E 429 -12.02 -13.16 -52.91
CA VAL E 429 -10.76 -12.71 -53.46
C VAL E 429 -9.62 -13.03 -52.50
N LEU E 430 -9.85 -12.86 -51.20
CA LEU E 430 -8.84 -13.28 -50.21
C LEU E 430 -8.57 -14.78 -50.32
N ALA E 431 -9.62 -15.59 -50.42
CA ALA E 431 -9.41 -17.03 -50.58
C ALA E 431 -8.53 -17.32 -51.79
N GLU E 432 -8.79 -16.63 -52.91
CA GLU E 432 -7.98 -16.83 -54.09
C GLU E 432 -6.55 -16.36 -53.86
N CYS E 433 -6.40 -15.28 -53.10
CA CYS E 433 -5.08 -14.74 -52.81
C CYS E 433 -4.26 -15.74 -52.02
N ALA E 434 -4.86 -16.31 -50.96
CA ALA E 434 -4.16 -17.34 -50.19
C ALA E 434 -3.75 -18.51 -51.08
N HIS E 435 -4.62 -18.91 -52.01
CA HIS E 435 -4.28 -20.00 -52.91
C HIS E 435 -3.11 -19.60 -53.81
N ARG E 436 -3.15 -18.38 -54.35
CA ARG E 436 -2.08 -17.95 -55.25
C ARG E 436 -0.74 -17.89 -54.53
N GLU E 437 -0.72 -17.30 -53.33
CA GLU E 437 0.52 -17.16 -52.60
C GLU E 437 1.02 -18.48 -52.03
N ASP E 438 0.16 -19.49 -51.91
CA ASP E 438 0.56 -20.74 -51.27
C ASP E 438 -0.24 -21.87 -51.89
N GLU E 439 0.44 -22.69 -52.70
CA GLU E 439 -0.15 -23.86 -53.33
C GLU E 439 -0.19 -25.07 -52.41
N THR E 440 0.40 -25.01 -51.22
CA THR E 440 0.55 -26.21 -50.41
C THR E 440 -0.47 -26.33 -49.29
N ARG E 441 -1.07 -25.23 -48.85
CA ARG E 441 -1.91 -25.30 -47.66
C ARG E 441 -3.37 -25.13 -48.03
N MET E 442 -4.23 -25.57 -47.11
CA MET E 442 -5.66 -25.44 -47.29
C MET E 442 -6.12 -24.08 -46.81
N VAL E 443 -7.22 -23.61 -47.42
CA VAL E 443 -7.80 -22.31 -47.12
C VAL E 443 -9.18 -22.54 -46.53
N SER E 444 -9.48 -21.82 -45.46
CA SER E 444 -10.75 -21.96 -44.79
C SER E 444 -11.20 -20.58 -44.30
N ALA E 445 -12.27 -20.61 -43.53
CA ALA E 445 -12.85 -19.48 -42.83
C ALA E 445 -13.96 -20.03 -41.95
N ALA E 446 -14.24 -19.32 -40.87
CA ALA E 446 -15.31 -19.69 -39.96
C ALA E 446 -16.61 -19.14 -40.52
N CYS E 447 -17.38 -20.00 -41.18
CA CYS E 447 -18.63 -19.56 -41.78
C CYS E 447 -19.76 -19.70 -40.78
N LEU E 448 -20.98 -19.43 -41.26
CA LEU E 448 -22.12 -19.50 -40.37
C LEU E 448 -23.28 -20.23 -41.03
N VAL E 449 -24.24 -20.51 -40.16
CA VAL E 449 -25.45 -21.24 -40.49
C VAL E 449 -26.48 -20.28 -41.09
N ASN E 450 -27.08 -20.70 -42.20
CA ASN E 450 -28.36 -20.13 -42.62
C ASN E 450 -29.34 -20.31 -41.47
N ALA E 451 -29.66 -19.23 -40.76
CA ALA E 451 -30.53 -19.35 -39.60
C ALA E 451 -31.93 -19.74 -40.01
N ALA E 452 -32.39 -19.23 -41.15
CA ALA E 452 -33.74 -19.56 -41.62
C ALA E 452 -33.88 -21.05 -41.89
N LYS E 453 -32.86 -21.67 -42.49
CA LYS E 453 -32.89 -23.08 -42.85
C LYS E 453 -32.27 -23.99 -41.79
N ASN E 454 -31.68 -23.43 -40.72
CA ASN E 454 -30.82 -24.17 -39.80
C ASN E 454 -29.97 -25.19 -40.57
N LYS E 455 -29.16 -24.65 -41.48
CA LYS E 455 -28.41 -25.46 -42.43
C LYS E 455 -27.11 -24.74 -42.76
N ILE E 456 -26.03 -25.51 -42.82
CA ILE E 456 -24.74 -25.02 -43.31
C ILE E 456 -24.89 -24.56 -44.76
N GLU E 457 -24.97 -23.24 -44.95
CA GLU E 457 -25.19 -22.68 -46.28
C GLU E 457 -24.56 -21.30 -46.34
N ASP E 458 -23.68 -21.11 -47.32
CA ASP E 458 -22.81 -19.94 -47.39
C ASP E 458 -22.07 -19.94 -48.72
N ARG E 459 -22.34 -18.94 -49.55
CA ARG E 459 -21.71 -18.90 -50.87
C ARG E 459 -20.19 -18.87 -50.81
N LEU E 460 -19.58 -18.59 -49.66
CA LEU E 460 -18.12 -18.56 -49.61
C LEU E 460 -17.49 -19.95 -49.63
N MET E 461 -18.24 -20.99 -49.25
CA MET E 461 -17.65 -22.32 -49.09
C MET E 461 -17.15 -22.89 -50.41
N GLU E 462 -17.65 -22.38 -51.54
CA GLU E 462 -17.14 -22.77 -52.84
C GLU E 462 -15.64 -22.49 -52.96
N TYR E 463 -15.18 -21.40 -52.37
CA TYR E 463 -13.80 -20.95 -52.51
C TYR E 463 -12.88 -21.52 -51.44
N LEU E 464 -13.41 -22.36 -50.56
CA LEU E 464 -12.63 -22.91 -49.45
C LEU E 464 -12.38 -24.40 -49.63
N ASP E 465 -11.18 -24.85 -49.25
CA ASP E 465 -10.91 -26.28 -49.21
C ASP E 465 -11.63 -26.96 -48.05
N ILE E 466 -11.78 -26.27 -46.93
CA ILE E 466 -12.34 -26.82 -45.70
C ILE E 466 -13.31 -25.80 -45.15
N ILE E 467 -14.51 -26.24 -44.77
CA ILE E 467 -15.55 -25.36 -44.26
C ILE E 467 -15.40 -25.23 -42.75
N GLY E 468 -15.36 -23.99 -42.26
CA GLY E 468 -15.41 -23.70 -40.84
C GLY E 468 -16.81 -23.30 -40.43
N ILE E 469 -17.25 -23.80 -39.26
CA ILE E 469 -18.59 -23.52 -38.71
C ILE E 469 -18.49 -23.21 -37.22
N ASN E 470 -18.94 -22.02 -36.83
CA ASN E 470 -19.18 -21.70 -35.42
C ASN E 470 -20.64 -22.00 -35.09
N GLU E 471 -20.86 -22.75 -34.01
CA GLU E 471 -22.23 -22.97 -33.54
C GLU E 471 -22.23 -23.06 -32.03
N TYR E 472 -23.28 -22.53 -31.40
CA TYR E 472 -23.37 -22.38 -29.96
C TYR E 472 -24.70 -22.92 -29.44
N CYS E 473 -25.11 -24.09 -29.95
CA CYS E 473 -26.30 -24.74 -29.43
C CYS E 473 -26.09 -25.16 -27.99
N GLY E 474 -27.14 -24.99 -27.19
CA GLY E 474 -27.02 -25.12 -25.75
C GLY E 474 -26.55 -23.87 -25.05
N TRP E 475 -26.23 -22.81 -25.81
CA TRP E 475 -25.75 -21.57 -25.24
C TRP E 475 -26.53 -20.42 -25.89
N TYR E 476 -25.95 -19.78 -26.92
CA TYR E 476 -26.63 -18.68 -27.59
C TYR E 476 -27.92 -19.14 -28.25
N THR E 477 -27.95 -20.36 -28.78
CA THR E 477 -29.16 -21.06 -29.26
C THR E 477 -29.51 -22.10 -28.21
N PRO E 478 -30.35 -21.77 -27.23
CA PRO E 478 -30.39 -22.57 -25.99
C PRO E 478 -30.97 -23.97 -26.16
N ASP E 479 -31.63 -24.27 -27.27
CA ASP E 479 -32.29 -25.56 -27.45
C ASP E 479 -31.35 -26.50 -28.18
N PHE E 480 -30.88 -27.48 -27.43
CA PHE E 480 -29.87 -28.41 -27.98
C PHE E 480 -30.42 -29.10 -29.21
N ALA E 481 -31.74 -29.31 -29.27
CA ALA E 481 -32.39 -29.99 -30.38
C ALA E 481 -31.99 -29.37 -31.73
N MET E 482 -31.60 -28.09 -31.73
CA MET E 482 -31.10 -27.41 -32.93
C MET E 482 -29.77 -27.97 -33.43
N LEU E 483 -28.99 -28.64 -32.57
CA LEU E 483 -27.73 -29.22 -33.03
C LEU E 483 -27.95 -30.43 -33.92
N PRO E 484 -28.68 -31.48 -33.48
CA PRO E 484 -28.87 -32.62 -34.40
C PRO E 484 -29.60 -32.21 -35.67
N ALA E 485 -30.56 -31.28 -35.56
CA ALA E 485 -31.25 -30.75 -36.74
C ALA E 485 -30.26 -30.14 -37.74
N LEU E 486 -29.44 -29.20 -37.27
CA LEU E 486 -28.46 -28.55 -38.13
C LEU E 486 -27.61 -29.56 -38.91
N MET E 487 -27.16 -30.63 -38.26
CA MET E 487 -26.28 -31.57 -38.91
C MET E 487 -27.02 -32.45 -39.93
N GLU E 488 -28.23 -32.92 -39.59
CA GLU E 488 -29.01 -33.66 -40.57
C GLU E 488 -29.45 -32.78 -41.73
N ASN E 489 -29.69 -31.49 -41.47
CA ASN E 489 -30.06 -30.61 -42.57
C ASN E 489 -28.93 -30.38 -43.56
N SER E 490 -27.68 -30.59 -43.16
CA SER E 490 -26.54 -30.24 -43.97
C SER E 490 -25.88 -31.51 -44.51
N GLN E 491 -25.52 -31.47 -45.79
CA GLN E 491 -24.83 -32.58 -46.45
C GLN E 491 -23.73 -32.00 -47.33
N PRO E 492 -22.63 -31.55 -46.73
CA PRO E 492 -21.60 -30.86 -47.50
C PRO E 492 -20.68 -31.83 -48.24
N ASP E 493 -20.03 -31.29 -49.28
CA ASP E 493 -19.06 -32.01 -50.10
C ASP E 493 -17.66 -32.00 -49.53
N LYS E 494 -17.32 -31.02 -48.71
CA LYS E 494 -15.98 -30.88 -48.18
C LYS E 494 -15.97 -31.19 -46.69
N PRO E 495 -14.80 -31.42 -46.10
CA PRO E 495 -14.74 -31.60 -44.64
C PRO E 495 -15.19 -30.34 -43.93
N VAL E 496 -15.79 -30.54 -42.76
CA VAL E 496 -16.23 -29.44 -41.90
C VAL E 496 -15.47 -29.52 -40.59
N ILE E 497 -14.92 -28.40 -40.16
CA ILE E 497 -14.33 -28.25 -38.84
C ILE E 497 -15.30 -27.37 -38.06
N VAL E 498 -15.81 -27.87 -36.94
CA VAL E 498 -16.58 -27.04 -36.03
C VAL E 498 -15.54 -26.17 -35.31
N THR E 499 -15.46 -24.91 -35.74
CA THR E 499 -14.37 -24.03 -35.35
C THR E 499 -14.62 -23.35 -34.02
N GLU E 500 -15.86 -23.38 -33.53
CA GLU E 500 -16.25 -22.85 -32.23
C GLU E 500 -17.49 -23.59 -31.73
N PHE E 501 -17.47 -23.96 -30.45
CA PHE E 501 -18.66 -24.11 -29.62
C PHE E 501 -18.18 -23.89 -28.20
N GLY E 502 -19.12 -23.66 -27.28
CA GLY E 502 -18.71 -23.54 -25.90
C GLY E 502 -19.79 -22.88 -25.04
N ALA E 503 -19.35 -22.36 -23.90
CA ALA E 503 -20.24 -21.83 -22.87
C ALA E 503 -19.40 -21.18 -21.77
N ASP E 504 -19.96 -20.13 -21.15
CA ASP E 504 -19.28 -19.44 -20.07
C ASP E 504 -19.24 -20.31 -18.81
N ALA E 505 -18.11 -20.27 -18.11
CA ALA E 505 -18.07 -20.80 -16.76
C ALA E 505 -17.08 -19.95 -15.99
N LEU E 506 -17.56 -19.21 -14.99
CA LEU E 506 -16.64 -18.50 -14.12
C LEU E 506 -15.88 -19.52 -13.27
N PRO E 507 -14.55 -19.45 -13.25
CA PRO E 507 -13.78 -20.44 -12.49
C PRO E 507 -14.27 -20.54 -11.05
N HIS E 508 -14.59 -21.78 -10.62
CA HIS E 508 -15.06 -22.14 -9.30
C HIS E 508 -16.49 -21.69 -9.01
N HIS E 509 -17.23 -21.26 -10.02
CA HIS E 509 -18.63 -20.89 -9.86
C HIS E 509 -19.52 -22.06 -10.24
N HIS E 510 -20.27 -22.58 -9.28
CA HIS E 510 -21.01 -23.82 -9.49
C HIS E 510 -22.50 -23.57 -9.47
N GLY E 511 -23.24 -24.48 -10.11
CA GLY E 511 -24.68 -24.47 -10.03
C GLY E 511 -25.27 -25.72 -10.65
N THR E 512 -26.57 -25.68 -10.90
CA THR E 512 -27.21 -26.77 -11.61
C THR E 512 -26.87 -26.69 -13.10
N ILE E 513 -27.08 -27.80 -13.81
CA ILE E 513 -26.76 -27.81 -15.24
C ILE E 513 -27.59 -26.79 -16.02
N SER E 514 -28.72 -26.34 -15.46
CA SER E 514 -29.52 -25.31 -16.12
C SER E 514 -29.08 -23.89 -15.76
N ASP E 515 -28.08 -23.73 -14.88
CA ASP E 515 -27.59 -22.40 -14.51
C ASP E 515 -26.54 -21.97 -15.53
N LYS E 516 -26.95 -21.20 -16.55
CA LYS E 516 -26.02 -20.80 -17.57
C LYS E 516 -24.90 -19.93 -16.97
N GLY E 517 -23.66 -20.31 -17.23
CA GLY E 517 -22.53 -19.57 -16.69
C GLY E 517 -21.82 -20.26 -15.55
N THR E 518 -22.23 -21.47 -15.21
CA THR E 518 -21.59 -22.30 -14.19
C THR E 518 -20.73 -23.38 -14.82
N GLU E 519 -19.82 -23.92 -14.01
CA GLU E 519 -19.02 -25.08 -14.43
C GLU E 519 -19.90 -26.26 -14.81
N GLU E 520 -20.94 -26.54 -14.00
CA GLU E 520 -21.82 -27.67 -14.30
C GLU E 520 -22.55 -27.49 -15.63
N CYS E 521 -23.12 -26.30 -15.87
CA CYS E 521 -23.77 -26.05 -17.15
C CYS E 521 -22.76 -26.17 -18.29
N GLN E 522 -21.56 -25.62 -18.12
CA GLN E 522 -20.56 -25.69 -19.20
C GLN E 522 -20.22 -27.13 -19.54
N ALA E 523 -19.96 -27.94 -18.51
CA ALA E 523 -19.66 -29.35 -18.72
C ALA E 523 -20.82 -30.06 -19.42
N ASP E 524 -22.06 -29.72 -19.04
CA ASP E 524 -23.21 -30.33 -19.69
C ASP E 524 -23.25 -29.97 -21.17
N VAL E 525 -23.04 -28.69 -21.49
CA VAL E 525 -23.03 -28.28 -22.89
C VAL E 525 -21.98 -29.05 -23.68
N TYR E 526 -20.81 -29.33 -23.07
CA TYR E 526 -19.80 -30.12 -23.77
C TYR E 526 -20.23 -31.58 -23.93
N GLU E 527 -20.89 -32.15 -22.91
CA GLU E 527 -21.33 -33.54 -23.03
C GLU E 527 -22.29 -33.72 -24.20
N LYS E 528 -23.22 -32.77 -24.37
CA LYS E 528 -24.20 -32.86 -25.44
C LYS E 528 -23.57 -32.56 -26.80
N GLN E 529 -22.73 -31.52 -26.88
CA GLN E 529 -22.04 -31.21 -28.13
C GLN E 529 -21.27 -32.42 -28.64
N ILE E 530 -20.49 -33.05 -27.75
CA ILE E 530 -19.65 -34.17 -28.17
C ILE E 530 -20.49 -35.36 -28.59
N ALA E 531 -21.58 -35.65 -27.86
CA ALA E 531 -22.42 -36.80 -28.18
C ALA E 531 -23.02 -36.67 -29.57
N THR E 532 -23.39 -35.45 -29.99
CA THR E 532 -23.95 -35.27 -31.32
C THR E 532 -22.86 -35.23 -32.39
N LEU E 533 -21.76 -34.52 -32.12
CA LEU E 533 -20.82 -34.24 -33.22
C LEU E 533 -19.94 -35.43 -33.57
N ARG E 534 -19.74 -36.37 -32.64
CA ARG E 534 -18.83 -37.48 -32.88
C ARG E 534 -19.34 -38.46 -33.91
N ASN E 535 -20.62 -38.37 -34.29
CA ASN E 535 -21.24 -39.31 -35.21
C ASN E 535 -21.65 -38.66 -36.52
N ILE E 536 -21.14 -37.48 -36.83
CA ILE E 536 -21.46 -36.80 -38.08
C ILE E 536 -20.33 -37.06 -39.05
N ASP E 537 -20.66 -37.75 -40.15
CA ASP E 537 -19.65 -38.28 -41.05
C ASP E 537 -18.68 -37.18 -41.53
N TYR E 538 -19.22 -36.03 -41.94
CA TYR E 538 -18.42 -35.00 -42.61
C TYR E 538 -17.71 -34.05 -41.66
N ILE E 539 -17.87 -34.22 -40.34
CA ILE E 539 -17.17 -33.40 -39.37
C ILE E 539 -15.84 -34.08 -39.07
N LYS E 540 -14.76 -33.46 -39.54
CA LYS E 540 -13.42 -34.02 -39.45
C LYS E 540 -12.56 -33.32 -38.41
N GLY E 541 -13.13 -32.41 -37.62
CA GLY E 541 -12.36 -31.72 -36.61
C GLY E 541 -13.21 -30.75 -35.84
N MET E 542 -12.73 -30.42 -34.63
CA MET E 542 -13.38 -29.44 -33.77
C MET E 542 -12.29 -28.71 -33.01
N THR E 543 -12.49 -27.40 -32.86
CA THR E 543 -11.63 -26.57 -32.01
C THR E 543 -12.53 -25.80 -31.06
N PRO E 544 -12.95 -26.43 -29.96
CA PRO E 544 -13.85 -25.75 -29.01
C PRO E 544 -13.29 -24.42 -28.55
N TRP E 545 -14.20 -23.51 -28.22
CA TRP E 545 -13.89 -22.15 -27.81
C TRP E 545 -14.11 -22.08 -26.30
N ILE E 546 -13.03 -22.02 -25.52
CA ILE E 546 -11.67 -21.76 -25.96
C ILE E 546 -10.73 -22.41 -24.92
N LEU E 547 -9.42 -22.42 -25.17
CA LEU E 547 -8.51 -23.09 -24.24
C LEU E 547 -8.56 -22.46 -22.84
N TYR E 548 -8.40 -21.13 -22.75
CA TYR E 548 -8.43 -20.48 -21.45
C TYR E 548 -9.08 -19.10 -21.53
N ASP E 549 -9.59 -18.64 -20.38
CA ASP E 549 -10.27 -17.35 -20.32
C ASP E 549 -9.34 -16.24 -20.77
N PHE E 550 -9.89 -15.29 -21.53
CA PHE E 550 -9.13 -14.16 -22.06
C PHE E 550 -9.91 -12.87 -21.81
N ARG E 551 -9.17 -11.76 -21.66
CA ARG E 551 -9.75 -10.45 -21.44
C ARG E 551 -10.72 -10.11 -22.56
N CYS E 552 -11.85 -9.51 -22.20
CA CYS E 552 -12.88 -9.31 -23.21
C CYS E 552 -13.78 -8.15 -22.81
N PRO E 553 -13.68 -7.00 -23.49
CA PRO E 553 -14.42 -5.80 -23.06
C PRO E 553 -15.93 -5.87 -23.24
N ARG E 554 -16.48 -6.93 -23.78
CA ARG E 554 -17.93 -7.00 -23.93
C ARG E 554 -18.63 -7.71 -22.77
N ARG E 555 -17.88 -8.35 -21.87
CA ARG E 555 -18.42 -9.24 -20.85
C ARG E 555 -18.37 -8.57 -19.48
N THR E 556 -19.46 -7.90 -19.10
CA THR E 556 -19.47 -7.08 -17.89
C THR E 556 -20.21 -7.70 -16.71
N SER E 557 -20.77 -8.90 -16.85
CA SER E 557 -21.59 -9.43 -15.76
C SER E 557 -20.72 -9.79 -14.55
N LEU E 558 -21.39 -10.00 -13.41
CA LEU E 558 -20.70 -10.43 -12.19
C LEU E 558 -20.01 -11.77 -12.37
N ILE E 559 -20.56 -12.64 -13.21
CA ILE E 559 -19.94 -13.94 -13.45
C ILE E 559 -19.07 -13.93 -14.70
N GLN E 560 -18.66 -12.75 -15.15
CA GLN E 560 -17.73 -12.59 -16.27
C GLN E 560 -16.53 -11.75 -15.90
N LYS E 561 -16.76 -10.54 -15.38
CA LYS E 561 -15.71 -9.63 -14.91
C LYS E 561 -14.72 -9.29 -16.03
N TYR E 562 -15.25 -8.90 -17.19
CA TYR E 562 -14.44 -8.37 -18.30
C TYR E 562 -13.47 -9.41 -18.85
N TYR E 563 -13.87 -10.67 -18.76
CA TYR E 563 -13.20 -11.80 -19.38
C TYR E 563 -14.27 -12.61 -20.09
N ASN E 564 -13.90 -13.16 -21.26
CA ASN E 564 -14.70 -14.22 -21.86
C ASN E 564 -14.39 -15.48 -21.08
N ARG E 565 -15.44 -16.14 -20.57
CA ARG E 565 -15.29 -17.23 -19.62
C ARG E 565 -15.49 -18.59 -20.26
N LYS E 566 -15.42 -18.68 -21.57
CA LYS E 566 -15.58 -19.97 -22.22
C LYS E 566 -14.33 -20.85 -22.13
N GLY E 567 -13.26 -20.37 -21.46
CA GLY E 567 -12.08 -21.19 -21.27
C GLY E 567 -12.38 -22.55 -20.67
N LEU E 568 -11.61 -23.55 -21.07
CA LEU E 568 -11.59 -24.78 -20.30
C LEU E 568 -10.72 -24.65 -19.05
N LEU E 569 -9.85 -23.63 -19.02
CA LEU E 569 -9.02 -23.31 -17.88
C LEU E 569 -9.21 -21.85 -17.48
N SER E 570 -8.94 -21.56 -16.21
CA SER E 570 -8.89 -20.17 -15.75
C SER E 570 -7.85 -19.36 -16.54
N GLU E 571 -7.98 -18.04 -16.48
CA GLU E 571 -7.20 -17.16 -17.33
C GLU E 571 -5.70 -17.24 -17.04
N ASP E 572 -5.31 -17.71 -15.86
CA ASP E 572 -3.89 -17.93 -15.58
C ASP E 572 -3.46 -19.37 -15.86
N LYS E 573 -4.35 -20.19 -16.41
CA LYS E 573 -4.09 -21.57 -16.80
C LYS E 573 -3.66 -22.45 -15.62
N LYS E 574 -3.83 -21.99 -14.39
CA LYS E 574 -3.54 -22.80 -13.21
C LYS E 574 -4.66 -23.77 -12.86
N TYR E 575 -5.89 -23.53 -13.32
CA TYR E 575 -7.06 -24.29 -12.86
C TYR E 575 -7.84 -24.80 -14.07
N ARG E 576 -8.19 -26.08 -14.03
CA ARG E 576 -8.99 -26.73 -15.08
C ARG E 576 -10.44 -26.89 -14.64
N LYS E 577 -11.38 -26.38 -15.44
CA LYS E 577 -12.82 -26.54 -15.19
C LYS E 577 -13.28 -27.96 -15.55
N PRO E 578 -14.45 -28.40 -15.04
CA PRO E 578 -14.90 -29.77 -15.35
C PRO E 578 -14.98 -30.07 -16.84
N ALA E 579 -15.37 -29.07 -17.66
CA ALA E 579 -15.48 -29.32 -19.10
C ALA E 579 -14.12 -29.65 -19.72
N PHE E 580 -13.03 -29.21 -19.12
CA PHE E 580 -11.71 -29.61 -19.61
C PHE E 580 -11.59 -31.14 -19.64
N TYR E 581 -12.00 -31.80 -18.54
CA TYR E 581 -11.89 -33.26 -18.47
C TYR E 581 -12.91 -33.95 -19.38
N VAL E 582 -14.05 -33.32 -19.63
CA VAL E 582 -15.02 -33.89 -20.57
C VAL E 582 -14.41 -33.96 -21.97
N LEU E 583 -13.87 -32.84 -22.47
CA LEU E 583 -13.26 -32.86 -23.80
C LEU E 583 -12.04 -33.79 -23.81
N GLN E 584 -11.23 -33.75 -22.75
CA GLN E 584 -10.04 -34.59 -22.69
C GLN E 584 -10.40 -36.07 -22.75
N LYS E 585 -11.49 -36.47 -22.10
CA LYS E 585 -11.86 -37.88 -22.17
C LYS E 585 -12.23 -38.27 -23.60
N PHE E 586 -12.97 -37.41 -24.29
CA PHE E 586 -13.28 -37.66 -25.70
C PHE E 586 -12.01 -37.87 -26.53
N TYR E 587 -11.08 -36.91 -26.47
CA TYR E 587 -9.89 -37.00 -27.32
C TYR E 587 -9.03 -38.22 -26.98
N GLU E 588 -9.01 -38.62 -25.70
CA GLU E 588 -8.24 -39.81 -25.33
C GLU E 588 -8.89 -41.08 -25.87
N GLU E 589 -10.22 -41.15 -25.85
CA GLU E 589 -10.93 -42.19 -26.58
C GLU E 589 -10.47 -42.25 -28.03
N LEU E 590 -10.49 -41.10 -28.72
CA LEU E 590 -10.07 -41.06 -30.13
C LEU E 590 -8.63 -41.50 -30.30
N LYS E 591 -7.77 -41.22 -29.33
CA LYS E 591 -6.37 -41.62 -29.44
C LYS E 591 -6.20 -43.12 -29.23
N ARG E 592 -6.99 -43.72 -28.34
CA ARG E 592 -6.84 -45.16 -28.10
C ARG E 592 -7.30 -45.94 -29.32
N LYS E 593 -8.46 -45.56 -29.89
CA LYS E 593 -8.95 -46.24 -31.09
C LYS E 593 -7.94 -46.10 -32.24
N GLU E 594 -7.28 -44.95 -32.33
CA GLU E 594 -6.20 -44.79 -33.31
C GLU E 594 -5.15 -45.88 -33.15
N GLN E 595 -4.73 -46.12 -31.91
CA GLN E 595 -3.74 -47.17 -31.59
C GLN E 595 -4.28 -48.58 -31.83
N GLU E 596 -5.50 -48.92 -31.41
CA GLU E 596 -6.06 -50.26 -31.64
C GLU E 596 -6.04 -50.61 -33.13
N ASN E 597 -6.11 -49.62 -34.00
CA ASN E 597 -6.03 -49.82 -35.44
C ASN E 597 -4.59 -49.75 -35.96
N LEU E 598 -3.60 -49.89 -35.09
CA LEU E 598 -2.19 -49.82 -35.51
C LEU E 598 -1.54 -51.20 -35.45
N MET F 10 45.20 4.75 -13.63
CA MET F 10 44.04 4.31 -12.85
C MET F 10 43.88 5.15 -11.58
N SER F 11 43.81 6.46 -11.76
CA SER F 11 43.75 7.37 -10.61
C SER F 11 42.46 7.16 -9.82
N ASP F 12 41.34 6.85 -10.49
CA ASP F 12 40.07 6.83 -9.78
C ASP F 12 40.05 5.77 -8.67
N ILE F 13 40.78 4.66 -8.82
CA ILE F 13 40.73 3.59 -7.82
C ILE F 13 41.97 3.56 -6.92
N HIS F 14 43.13 4.05 -7.39
CA HIS F 14 44.36 3.90 -6.63
C HIS F 14 44.79 5.13 -5.86
N LEU F 15 44.17 6.29 -6.10
CA LEU F 15 44.51 7.49 -5.32
C LEU F 15 43.93 7.36 -3.92
N GLU F 16 44.80 7.46 -2.92
CA GLU F 16 44.33 7.41 -1.53
C GLU F 16 43.65 8.71 -1.14
N ASP F 17 44.36 9.83 -1.28
CA ASP F 17 43.90 11.14 -0.82
C ASP F 17 43.26 11.85 -2.01
N TYR F 18 42.02 11.45 -2.32
CA TYR F 18 41.33 11.97 -3.50
C TYR F 18 40.65 13.31 -3.26
N THR F 19 40.57 13.79 -2.02
CA THR F 19 39.91 15.04 -1.72
C THR F 19 40.84 16.24 -1.69
N GLU F 20 42.15 16.01 -1.52
CA GLU F 20 43.08 17.12 -1.36
C GLU F 20 43.02 18.07 -2.55
N GLN F 21 42.88 17.53 -3.76
CA GLN F 21 42.76 18.36 -4.95
C GLN F 21 41.57 19.31 -4.90
N TYR F 22 40.57 19.05 -4.05
CA TYR F 22 39.42 19.94 -3.97
C TYR F 22 39.54 20.99 -2.86
N GLU F 23 40.65 21.01 -2.13
CA GLU F 23 40.80 21.96 -1.02
C GLU F 23 41.26 23.31 -1.59
N THR F 24 40.32 24.01 -2.23
CA THR F 24 40.59 25.28 -2.87
C THR F 24 39.29 25.92 -3.36
N GLY F 25 39.39 27.18 -3.76
CA GLY F 25 38.20 27.95 -4.14
C GLY F 25 37.19 28.05 -3.01
N PHE F 26 37.65 28.20 -1.79
CA PHE F 26 36.76 28.15 -0.65
C PHE F 26 35.77 29.31 -0.71
N ALA F 27 34.52 29.02 -0.32
CA ALA F 27 33.59 30.06 0.08
C ALA F 27 33.76 30.23 1.59
N THR F 28 33.95 31.46 2.04
CA THR F 28 34.20 31.75 3.45
C THR F 28 33.50 33.06 3.75
N VAL F 29 33.71 33.60 4.96
CA VAL F 29 33.13 34.90 5.26
C VAL F 29 33.61 35.97 4.26
N ASP F 30 34.90 35.95 3.90
CA ASP F 30 35.49 36.97 3.05
C ASP F 30 34.94 36.94 1.63
N THR F 31 34.28 35.87 1.25
CA THR F 31 33.70 35.75 -0.07
C THR F 31 32.22 36.12 -0.11
N MET F 32 31.57 36.37 1.03
CA MET F 32 30.14 36.69 1.05
C MET F 32 29.88 38.05 0.38
N ILE F 33 28.64 38.26 -0.03
CA ILE F 33 28.21 39.59 -0.44
C ILE F 33 26.87 39.88 0.21
N PHE F 34 26.63 41.18 0.44
CA PHE F 34 25.36 41.61 1.02
C PHE F 34 24.24 41.37 0.02
N GLU F 35 23.13 40.81 0.52
CA GLU F 35 21.98 40.41 -0.30
C GLU F 35 20.79 41.36 -0.19
N GLY F 36 20.78 42.27 0.78
CA GLY F 36 19.63 43.12 1.01
C GLY F 36 19.17 43.90 -0.20
N GLY F 37 17.91 43.73 -0.59
CA GLY F 37 17.41 44.42 -1.76
C GLY F 37 17.93 43.93 -3.10
N ARG F 38 18.60 42.79 -3.16
CA ARG F 38 19.17 42.32 -4.41
C ARG F 38 18.21 41.36 -5.09
N ARG F 39 17.97 41.57 -6.37
CA ARG F 39 17.22 40.62 -7.17
C ARG F 39 18.07 39.38 -7.41
N GLU F 40 17.48 38.21 -7.17
CA GLU F 40 18.17 36.95 -7.37
C GLU F 40 17.33 36.05 -8.26
N GLU F 41 17.99 35.28 -9.09
CA GLU F 41 17.34 34.19 -9.81
C GLU F 41 17.75 32.91 -9.10
N LEU F 42 16.76 32.13 -8.68
CA LEU F 42 17.04 30.90 -7.93
C LEU F 42 17.27 29.73 -8.88
N LEU F 43 18.05 28.76 -8.39
CA LEU F 43 18.18 27.47 -9.05
C LEU F 43 17.41 26.39 -8.31
N ASN F 44 16.61 26.78 -7.31
CA ASN F 44 15.63 25.89 -6.72
C ASN F 44 14.85 25.15 -7.80
N GLY F 45 14.49 23.91 -7.51
CA GLY F 45 13.71 23.13 -8.45
C GLY F 45 14.22 21.71 -8.50
N GLY F 46 13.79 21.01 -9.55
CA GLY F 46 14.19 19.64 -9.77
C GLY F 46 15.60 19.48 -10.28
N TRP F 47 16.43 18.78 -9.51
CA TRP F 47 17.78 18.45 -9.92
C TRP F 47 17.88 16.94 -10.13
N HIS F 48 18.49 16.53 -11.23
CA HIS F 48 18.82 15.13 -11.38
C HIS F 48 19.89 14.72 -10.37
N TYR F 49 19.77 13.51 -9.81
CA TYR F 49 20.62 13.16 -8.67
C TYR F 49 20.99 11.68 -8.68
N ALA F 50 22.08 11.40 -7.97
CA ALA F 50 22.48 10.03 -7.67
C ALA F 50 22.97 9.93 -6.23
N VAL F 51 22.64 8.82 -5.57
CA VAL F 51 23.29 8.47 -4.31
C VAL F 51 24.72 8.06 -4.64
N ASP F 52 25.69 8.74 -4.05
CA ASP F 52 27.10 8.50 -4.37
C ASP F 52 27.84 8.07 -3.11
N GLN F 53 27.56 6.83 -2.68
CA GLN F 53 28.02 6.33 -1.38
C GLN F 53 29.55 6.36 -1.25
N TYR F 54 30.27 6.02 -2.31
CA TYR F 54 31.73 5.93 -2.24
C TYR F 54 32.43 7.14 -2.82
N ASP F 55 31.75 8.29 -2.90
CA ASP F 55 32.34 9.52 -3.43
C ASP F 55 32.91 9.30 -4.83
N THR F 56 32.29 8.38 -5.57
CA THR F 56 32.77 8.02 -6.90
C THR F 56 32.91 9.25 -7.80
N CYS F 57 31.98 10.19 -7.69
CA CYS F 57 31.97 11.32 -8.59
C CYS F 57 33.22 12.17 -8.40
N LEU F 58 33.64 12.38 -7.16
CA LEU F 58 34.86 13.16 -6.94
C LEU F 58 36.09 12.41 -7.42
N ARG F 59 36.03 11.09 -7.53
CA ARG F 59 37.19 10.29 -7.90
C ARG F 59 37.28 10.09 -9.41
N GLN F 60 36.18 9.72 -10.04
CA GLN F 60 36.14 9.54 -11.48
C GLN F 60 35.95 10.86 -12.23
N LYS F 61 35.57 11.93 -11.52
CA LYS F 61 35.30 13.24 -12.11
C LYS F 61 34.18 13.17 -13.15
N TRP F 62 32.99 12.75 -12.68
CA TRP F 62 31.82 12.68 -13.56
C TRP F 62 31.56 14.00 -14.27
N TYR F 63 31.83 15.11 -13.59
CA TYR F 63 31.52 16.42 -14.13
C TYR F 63 32.31 16.75 -15.39
N LYS F 64 33.42 16.05 -15.65
CA LYS F 64 34.12 16.30 -16.91
C LYS F 64 33.38 15.71 -18.12
N GLU F 65 32.40 14.84 -17.90
CA GLU F 65 31.58 14.28 -18.97
C GLU F 65 32.43 13.71 -20.11
N ARG F 66 33.45 12.94 -19.74
CA ARG F 66 34.31 12.33 -20.75
C ARG F 66 33.63 11.06 -21.24
N TYR F 67 33.04 11.12 -22.43
CA TYR F 67 32.27 9.99 -22.93
C TYR F 67 33.03 9.17 -23.95
N ARG F 68 34.07 9.76 -24.55
CA ARG F 68 34.86 9.10 -25.57
C ARG F 68 36.32 9.29 -25.23
N ASP F 69 37.16 8.37 -25.72
CA ASP F 69 38.60 8.55 -25.58
C ASP F 69 39.18 9.26 -26.81
N GLU F 70 40.50 9.42 -26.81
CA GLU F 70 41.18 10.21 -27.83
C GLU F 70 41.13 9.56 -29.20
N LYS F 71 40.85 8.26 -29.28
CA LYS F 71 40.65 7.62 -30.57
C LYS F 71 39.18 7.51 -30.94
N GLY F 72 38.30 8.17 -30.20
CA GLY F 72 36.90 8.21 -30.55
C GLY F 72 36.04 7.06 -30.05
N PHE F 73 36.63 6.10 -29.32
CA PHE F 73 35.87 4.99 -28.71
C PHE F 73 35.03 5.50 -27.55
N THR F 74 33.77 5.10 -27.48
CA THR F 74 33.03 5.30 -26.24
C THR F 74 33.68 4.53 -25.09
N VAL F 75 33.72 5.14 -23.91
CA VAL F 75 34.21 4.47 -22.71
C VAL F 75 33.04 4.21 -21.75
N PRO F 76 33.05 3.09 -21.02
CA PRO F 76 31.99 2.81 -20.03
C PRO F 76 31.91 3.91 -19.00
N ILE F 77 30.68 4.26 -18.59
CA ILE F 77 30.52 5.27 -17.56
C ILE F 77 29.52 4.83 -16.51
N ASP F 78 29.60 5.48 -15.35
CA ASP F 78 28.88 5.07 -14.14
C ASP F 78 27.83 6.09 -13.74
N TYR F 79 27.38 6.90 -14.69
CA TYR F 79 26.39 7.92 -14.42
C TYR F 79 25.65 8.19 -15.72
N SER F 80 24.63 9.04 -15.63
CA SER F 80 23.77 9.42 -16.75
C SER F 80 22.93 10.60 -16.28
N PHE F 81 23.42 11.82 -16.51
CA PHE F 81 22.88 12.99 -15.83
C PHE F 81 21.40 13.19 -16.14
N ASP F 82 21.07 13.39 -17.41
CA ASP F 82 19.69 13.69 -17.78
C ASP F 82 18.74 12.54 -17.45
N GLU F 83 19.23 11.31 -17.33
CA GLU F 83 18.39 10.15 -17.08
C GLU F 83 18.39 9.71 -15.61
N TRP F 84 19.15 10.38 -14.76
CA TRP F 84 19.02 10.17 -13.33
C TRP F 84 17.61 10.57 -12.85
N PRO F 85 17.15 10.01 -11.73
CA PRO F 85 15.90 10.51 -11.12
C PRO F 85 16.09 11.93 -10.61
N VAL F 86 14.99 12.52 -10.19
CA VAL F 86 14.96 13.93 -9.82
C VAL F 86 14.55 14.12 -8.37
N MET F 87 15.15 15.09 -7.72
CA MET F 87 14.79 15.50 -6.37
C MET F 87 14.59 17.00 -6.35
N GLN F 88 13.52 17.44 -5.72
CA GLN F 88 13.25 18.87 -5.57
C GLN F 88 14.27 19.49 -4.61
N LEU F 89 15.15 20.42 -5.14
CA LEU F 89 15.98 21.16 -4.21
C LEU F 89 15.44 22.58 -4.04
N PRO F 90 15.59 23.20 -2.85
CA PRO F 90 16.30 22.68 -1.66
C PRO F 90 15.51 21.67 -0.81
N CYS F 91 16.20 20.83 -0.02
CA CYS F 91 15.54 20.00 0.99
C CYS F 91 16.63 19.37 1.84
N SER F 92 16.22 18.82 3.00
CA SER F 92 17.04 17.82 3.65
C SER F 92 16.70 16.52 2.97
N TRP F 93 17.69 15.84 2.41
CA TRP F 93 17.32 14.64 1.67
C TRP F 93 16.83 13.54 2.58
N ASN F 94 17.00 13.69 3.88
CA ASN F 94 16.57 12.68 4.84
C ASN F 94 15.06 12.51 4.89
N THR F 95 14.31 13.58 4.67
CA THR F 95 12.86 13.52 4.72
C THR F 95 12.22 13.30 3.36
N ILE F 96 12.99 13.00 2.33
CA ILE F 96 12.42 12.87 0.99
C ILE F 96 11.94 11.44 0.71
N ASP F 97 12.61 10.44 1.27
CA ASP F 97 12.23 9.05 1.15
C ASP F 97 12.76 8.35 2.38
N PRO F 98 12.06 7.33 2.91
CA PRO F 98 12.58 6.64 4.10
C PRO F 98 13.94 5.98 3.87
N MET F 99 14.23 5.62 2.61
CA MET F 99 15.52 5.05 2.29
C MET F 99 16.66 6.03 2.54
N TYR F 100 16.40 7.34 2.60
CA TYR F 100 17.44 8.33 2.86
C TYR F 100 17.42 8.90 4.27
N LEU F 101 16.52 8.41 5.12
CA LEU F 101 16.41 8.96 6.46
C LEU F 101 17.74 8.85 7.22
N LEU F 102 18.43 7.72 7.07
CA LEU F 102 19.68 7.46 7.77
C LEU F 102 20.87 7.52 6.83
N TYR F 103 20.70 8.07 5.65
CA TYR F 103 21.79 8.15 4.69
C TYR F 103 22.57 9.43 4.94
N GLU F 104 23.88 9.28 5.11
CA GLU F 104 24.69 10.44 5.44
C GLU F 104 25.98 10.43 4.62
N GLY F 105 26.00 9.70 3.52
CA GLY F 105 27.13 9.79 2.62
C GLY F 105 26.94 10.97 1.69
N SER F 106 27.26 10.76 0.42
CA SER F 106 27.26 11.84 -0.55
C SER F 106 26.12 11.68 -1.55
N MET F 107 25.53 12.80 -1.94
CA MET F 107 24.65 12.84 -3.10
C MET F 107 25.19 13.85 -4.11
N VAL F 108 24.99 13.53 -5.39
CA VAL F 108 25.41 14.37 -6.50
C VAL F 108 24.15 14.88 -7.20
N PHE F 109 24.03 16.20 -7.32
CA PHE F 109 22.91 16.87 -7.98
C PHE F 109 23.40 17.64 -9.20
N THR F 110 22.60 17.61 -10.28
CA THR F 110 22.93 18.38 -11.47
C THR F 110 21.67 18.88 -12.16
N ARG F 111 21.79 20.05 -12.80
CA ARG F 111 20.76 20.63 -13.64
C ARG F 111 21.44 21.59 -14.60
N LYS F 112 20.67 22.09 -15.55
CA LYS F 112 21.15 23.05 -16.53
C LYS F 112 20.47 24.38 -16.30
N PHE F 113 21.06 25.43 -16.87
CA PHE F 113 20.43 26.75 -16.93
C PHE F 113 21.13 27.59 -17.99
N SER F 114 20.34 28.48 -18.61
CA SER F 114 20.84 29.42 -19.61
C SER F 114 21.27 30.71 -18.92
N TYR F 115 22.16 31.45 -19.60
CA TYR F 115 22.70 32.69 -19.06
C TYR F 115 22.94 33.69 -20.18
N ILE F 116 22.40 34.90 -20.02
CA ILE F 116 22.54 36.00 -20.96
C ILE F 116 22.78 37.24 -20.12
N ALA F 117 23.96 37.84 -20.24
CA ALA F 117 24.21 39.14 -19.64
C ALA F 117 23.56 40.22 -20.51
N GLU F 118 22.76 41.09 -19.89
CA GLU F 118 22.31 42.26 -20.63
C GLU F 118 23.26 43.45 -20.47
N ARG F 119 24.25 43.33 -19.59
CA ARG F 119 25.32 44.31 -19.41
C ARG F 119 26.46 43.63 -18.66
N GLU F 120 27.65 44.23 -18.74
CA GLU F 120 28.81 43.73 -18.01
C GLU F 120 28.48 43.57 -16.53
N GLU F 121 28.73 42.37 -15.99
CA GLU F 121 28.25 42.07 -14.64
C GLU F 121 29.04 40.91 -14.04
N THR F 122 29.11 40.91 -12.70
CA THR F 122 29.66 39.80 -11.94
C THR F 122 28.51 38.92 -11.46
N VAL F 123 28.74 37.60 -11.48
CA VAL F 123 27.72 36.64 -11.07
C VAL F 123 28.27 35.77 -9.95
N PHE F 124 27.54 35.74 -8.84
CA PHE F 124 27.82 34.87 -7.72
C PHE F 124 26.82 33.73 -7.67
N LEU F 125 27.31 32.56 -7.27
CA LEU F 125 26.46 31.44 -6.93
C LEU F 125 26.38 31.34 -5.42
N LYS F 126 25.16 31.46 -4.86
CA LYS F 126 24.93 31.27 -3.44
C LYS F 126 24.28 29.91 -3.18
N VAL F 127 24.86 29.14 -2.25
CA VAL F 127 24.22 27.94 -1.70
C VAL F 127 23.89 28.28 -0.26
N GLY F 128 22.60 28.50 0.01
CA GLY F 128 22.17 29.08 1.29
C GLY F 128 22.54 28.25 2.51
N ALA F 129 22.69 26.92 2.34
CA ALA F 129 23.22 26.01 3.35
C ALA F 129 23.31 24.61 2.76
N ALA F 130 24.42 23.93 3.03
CA ALA F 130 24.52 22.51 2.71
C ALA F 130 25.35 21.85 3.79
N ASN F 131 24.81 20.80 4.41
CA ASN F 131 25.50 20.05 5.46
C ASN F 131 26.01 18.74 4.89
N TYR F 132 27.31 18.49 4.97
CA TYR F 132 28.30 19.33 5.66
C TYR F 132 29.29 20.02 4.71
N LEU F 133 29.65 19.30 3.65
CA LEU F 133 30.58 19.75 2.64
C LEU F 133 29.84 19.87 1.33
N CYS F 134 30.19 20.87 0.52
CA CYS F 134 29.53 21.08 -0.76
C CYS F 134 30.62 21.46 -1.74
N ARG F 135 30.76 20.65 -2.79
CA ARG F 135 31.73 20.84 -3.85
C ARG F 135 30.98 21.26 -5.10
N VAL F 136 31.47 22.30 -5.79
CA VAL F 136 30.74 22.96 -6.88
C VAL F 136 31.50 22.82 -8.20
N PHE F 137 30.81 22.35 -9.24
CA PHE F 137 31.37 22.29 -10.57
C PHE F 137 30.41 22.98 -11.54
N LEU F 138 31.00 23.66 -12.52
CA LEU F 138 30.26 24.47 -13.48
C LEU F 138 30.91 24.28 -14.85
N ASN F 139 30.17 23.70 -15.79
CA ASN F 139 30.63 23.46 -17.14
C ASN F 139 31.95 22.70 -17.14
N GLY F 140 31.99 21.62 -16.37
CA GLY F 140 33.13 20.73 -16.36
C GLY F 140 34.32 21.21 -15.58
N LYS F 141 34.21 22.33 -14.88
CA LYS F 141 35.34 22.90 -14.16
C LYS F 141 35.02 23.04 -12.68
N TYR F 142 36.03 22.81 -11.85
CA TYR F 142 35.89 22.93 -10.41
C TYR F 142 35.81 24.39 -10.00
N VAL F 143 34.74 24.76 -9.30
CA VAL F 143 34.57 26.14 -8.82
C VAL F 143 35.12 26.30 -7.41
N GLY F 144 34.87 25.36 -6.50
CA GLY F 144 35.30 25.49 -5.13
C GLY F 144 34.41 24.70 -4.21
N MET F 145 34.58 24.91 -2.91
CA MET F 145 33.82 24.19 -1.92
C MET F 145 33.50 25.06 -0.71
N HIS F 146 32.57 24.57 0.10
CA HIS F 146 32.27 25.16 1.38
C HIS F 146 32.28 24.06 2.44
N ARG F 147 32.69 24.46 3.64
CA ARG F 147 32.84 23.58 4.78
C ARG F 147 32.06 24.22 5.90
N GLY F 148 31.13 23.48 6.48
CA GLY F 148 30.25 24.01 7.55
C GLY F 148 28.82 23.97 7.08
N GLY F 149 27.95 23.40 7.93
CA GLY F 149 26.67 22.93 7.47
C GLY F 149 25.48 23.85 7.63
N SER F 150 25.68 25.03 8.22
CA SER F 150 24.52 25.85 8.52
C SER F 150 24.71 27.30 8.08
N THR F 151 25.60 27.54 7.12
CA THR F 151 25.84 28.92 6.71
C THR F 151 25.87 29.01 5.19
N PRO F 152 25.48 30.16 4.63
CA PRO F 152 25.46 30.34 3.17
C PRO F 152 26.85 30.53 2.57
N ALA F 153 27.05 29.93 1.41
CA ALA F 153 28.32 29.95 0.70
C ALA F 153 28.17 30.70 -0.62
N PHE F 154 29.16 31.53 -0.93
CA PHE F 154 29.17 32.38 -2.12
C PHE F 154 30.41 32.10 -2.95
N TRP F 155 30.23 31.86 -4.25
CA TRP F 155 31.35 31.71 -5.17
C TRP F 155 31.13 32.60 -6.37
N ASN F 156 32.16 33.36 -6.75
CA ASN F 156 32.15 34.14 -7.99
C ASN F 156 32.29 33.19 -9.17
N ILE F 157 31.26 33.08 -9.98
CA ILE F 157 31.26 32.18 -11.12
C ILE F 157 31.29 32.92 -12.43
N THR F 158 31.55 34.25 -12.41
CA THR F 158 31.63 35.05 -13.63
C THR F 158 32.46 34.38 -14.73
N GLU F 159 33.67 33.91 -14.37
CA GLU F 159 34.60 33.41 -15.38
C GLU F 159 34.26 32.01 -15.88
N TYR F 160 33.27 31.35 -15.31
CA TYR F 160 32.87 30.00 -15.70
C TYR F 160 31.67 29.95 -16.63
N LEU F 161 30.87 31.02 -16.68
CA LEU F 161 29.56 30.95 -17.32
C LEU F 161 29.66 30.88 -18.84
N LYS F 162 28.64 30.28 -19.44
CA LYS F 162 28.48 30.19 -20.88
C LYS F 162 27.02 30.45 -21.16
N ALA F 163 26.63 30.39 -22.44
CA ALA F 163 25.23 30.63 -22.79
C ALA F 163 24.34 29.51 -22.23
N GLU F 164 24.84 28.27 -22.26
CA GLU F 164 24.19 27.09 -21.69
C GLU F 164 25.13 26.51 -20.66
N ASN F 165 24.60 26.19 -19.48
CA ASN F 165 25.42 25.77 -18.36
C ASN F 165 24.91 24.50 -17.72
N ARG F 166 25.84 23.66 -17.28
CA ARG F 166 25.56 22.57 -16.36
C ARG F 166 26.28 22.84 -15.04
N ILE F 167 25.54 22.77 -13.96
CA ILE F 167 26.08 22.88 -12.63
C ILE F 167 25.94 21.51 -11.96
N VAL F 168 26.97 21.12 -11.23
CA VAL F 168 26.97 19.87 -10.48
C VAL F 168 27.30 20.21 -9.03
N LEU F 169 26.50 19.70 -8.09
CA LEU F 169 26.83 19.83 -6.67
C LEU F 169 27.01 18.45 -6.06
N ALA F 170 28.15 18.24 -5.41
CA ALA F 170 28.44 17.04 -4.62
C ALA F 170 28.40 17.44 -3.16
N VAL F 171 27.49 16.82 -2.39
CA VAL F 171 27.24 17.23 -1.03
C VAL F 171 27.46 16.03 -0.14
N ASP F 172 28.38 16.17 0.81
CA ASP F 172 28.77 15.08 1.68
C ASP F 172 28.19 15.33 3.07
N GLY F 173 27.33 14.39 3.52
CA GLY F 173 26.76 14.39 4.83
C GLY F 173 27.63 13.83 5.93
N THR F 174 28.84 13.36 5.58
CA THR F 174 29.66 12.58 6.48
C THR F 174 30.00 13.34 7.76
N ARG F 175 29.78 12.68 8.90
CA ARG F 175 30.21 13.20 10.20
C ARG F 175 31.69 12.84 10.44
N ARG F 176 32.44 13.76 11.07
CA ARG F 176 33.90 13.60 11.27
C ARG F 176 34.27 14.23 12.60
N PRO F 177 35.11 13.58 13.40
CA PRO F 177 35.45 14.17 14.72
C PRO F 177 36.04 15.57 14.63
N GLU F 178 36.76 15.90 13.56
CA GLU F 178 37.40 17.20 13.49
C GLU F 178 36.53 18.29 12.88
N GLN F 179 35.25 18.02 12.58
CA GLN F 179 34.42 19.07 12.02
C GLN F 179 33.78 19.86 13.15
N VAL F 180 33.01 20.88 12.80
CA VAL F 180 32.27 21.69 13.75
C VAL F 180 30.79 21.70 13.33
N PRO F 181 29.96 20.83 13.92
CA PRO F 181 30.12 19.92 15.05
C PRO F 181 30.96 18.69 14.76
N THR F 182 31.37 17.98 15.82
CA THR F 182 32.01 16.67 15.70
C THR F 182 30.99 15.61 15.29
N GLU F 183 31.42 14.35 15.28
CA GLU F 183 30.51 13.29 14.89
C GLU F 183 29.48 12.95 15.97
N ASN F 184 29.58 13.54 17.17
CA ASN F 184 28.67 13.22 18.27
C ASN F 184 28.02 14.51 18.73
N THR F 185 26.70 14.58 18.51
CA THR F 185 25.85 15.68 18.91
C THR F 185 24.59 15.05 19.45
N ASP F 186 23.69 15.88 20.00
CA ASP F 186 22.38 15.41 20.40
C ASP F 186 21.27 15.89 19.46
N TRP F 187 21.57 16.06 18.18
CA TRP F 187 20.52 16.36 17.21
C TRP F 187 20.73 15.55 15.93
N PHE F 188 19.75 15.63 15.04
CA PHE F 188 19.72 14.77 13.87
C PHE F 188 20.65 15.30 12.78
N ASN F 189 21.30 14.37 12.07
CA ASN F 189 22.22 14.75 11.00
C ASN F 189 21.45 14.90 9.70
N TYR F 190 20.73 16.00 9.59
CA TYR F 190 20.06 16.36 8.34
C TYR F 190 21.10 16.80 7.32
N CYS F 191 21.03 16.23 6.12
CA CYS F 191 22.06 16.37 5.11
C CYS F 191 21.48 16.95 3.82
N GLY F 192 22.36 17.56 3.02
CA GLY F 192 21.99 18.01 1.69
C GLY F 192 21.96 19.53 1.57
N VAL F 193 21.52 19.98 0.40
CA VAL F 193 21.36 21.42 0.13
C VAL F 193 19.94 21.80 0.53
N TYR F 194 19.80 22.52 1.64
CA TYR F 194 18.49 22.65 2.27
C TYR F 194 18.08 24.11 2.46
N ARG F 195 18.84 25.06 1.94
CA ARG F 195 18.38 26.44 1.81
C ARG F 195 18.57 26.89 0.37
N ASP F 196 18.02 28.05 0.03
CA ASP F 196 17.94 28.51 -1.35
C ASP F 196 19.30 28.52 -2.05
N ILE F 197 19.28 28.09 -3.32
CA ILE F 197 20.40 28.20 -4.24
C ILE F 197 20.11 29.35 -5.21
N ALA F 198 20.99 30.35 -5.27
CA ALA F 198 20.71 31.54 -6.04
C ALA F 198 21.87 31.93 -6.93
N LEU F 199 21.52 32.54 -8.05
CA LEU F 199 22.42 33.31 -8.89
C LEU F 199 22.20 34.79 -8.62
N ILE F 200 23.27 35.53 -8.37
CA ILE F 200 23.16 36.94 -7.99
C ILE F 200 24.00 37.76 -8.96
N ARG F 201 23.34 38.60 -9.75
CA ARG F 201 24.03 39.43 -10.72
C ARG F 201 24.33 40.79 -10.09
N VAL F 202 25.58 41.24 -10.19
CA VAL F 202 25.98 42.48 -9.52
C VAL F 202 26.91 43.27 -10.42
N PRO F 203 26.97 44.59 -10.21
CA PRO F 203 27.93 45.40 -10.97
C PRO F 203 29.36 44.95 -10.69
N LYS F 204 30.25 45.27 -11.63
CA LYS F 204 31.66 44.91 -11.52
C LYS F 204 32.25 45.38 -10.18
N CYS F 205 31.99 46.63 -9.81
CA CYS F 205 32.33 47.13 -8.48
C CYS F 205 31.02 47.22 -7.70
N HIS F 206 30.83 46.33 -6.73
CA HIS F 206 29.56 46.21 -6.04
C HIS F 206 29.72 46.41 -4.53
N ILE F 207 28.60 46.72 -3.88
CA ILE F 207 28.56 46.78 -2.43
C ILE F 207 28.67 45.37 -1.89
N LYS F 208 29.69 45.13 -1.05
CA LYS F 208 30.03 43.81 -0.54
C LYS F 208 29.51 43.58 0.89
N THR F 209 29.68 44.54 1.79
CA THR F 209 29.15 44.45 3.14
C THR F 209 28.47 45.76 3.49
N PHE F 210 27.39 45.67 4.26
CA PHE F 210 26.69 46.85 4.75
C PHE F 210 26.20 46.57 6.16
N LYS F 211 26.74 47.30 7.13
CA LYS F 211 26.41 47.15 8.54
C LYS F 211 25.89 48.48 9.04
N ILE F 212 24.77 48.43 9.75
CA ILE F 212 24.13 49.61 10.32
C ILE F 212 23.59 49.22 11.69
N ALA F 213 23.72 50.12 12.65
CA ALA F 213 23.24 49.87 14.01
C ALA F 213 23.26 51.15 14.82
N LEU F 214 22.43 51.18 15.85
CA LEU F 214 22.51 52.18 16.91
C LEU F 214 23.81 52.05 17.68
N VAL F 215 24.50 53.16 17.89
CA VAL F 215 25.71 53.14 18.71
C VAL F 215 25.33 52.89 20.16
N PRO F 216 25.92 51.87 20.83
CA PRO F 216 25.52 51.50 22.20
C PRO F 216 26.10 52.39 23.30
N ASP F 217 25.99 53.71 23.12
CA ASP F 217 26.60 54.70 24.00
C ASP F 217 25.64 55.28 25.02
N GLY F 218 24.44 54.72 25.14
CA GLY F 218 23.47 55.18 26.11
C GLY F 218 22.70 56.44 25.74
N THR F 219 22.97 57.04 24.59
CA THR F 219 22.22 58.25 24.23
C THR F 219 21.01 57.94 23.39
N PHE F 220 21.04 56.81 22.68
CA PHE F 220 20.01 56.45 21.70
C PHE F 220 19.85 57.52 20.64
N GLY F 221 20.95 58.20 20.31
CA GLY F 221 20.86 59.28 19.34
C GLY F 221 21.85 59.21 18.20
N HIS F 222 22.72 58.19 18.19
CA HIS F 222 23.77 58.04 17.19
C HIS F 222 23.64 56.71 16.47
N VAL F 223 23.84 56.74 15.15
CA VAL F 223 23.71 55.57 14.28
C VAL F 223 25.00 55.43 13.50
N MET F 224 25.64 54.26 13.61
CA MET F 224 26.83 53.94 12.84
C MET F 224 26.45 53.16 11.58
N ALA F 225 27.23 53.33 10.53
CA ALA F 225 27.05 52.56 9.31
C ALA F 225 28.40 52.30 8.65
N LYS F 226 28.58 51.09 8.13
CA LYS F 226 29.81 50.71 7.46
C LYS F 226 29.48 50.11 6.10
N VAL F 227 30.26 50.49 5.09
CA VAL F 227 30.16 49.94 3.76
C VAL F 227 31.54 49.44 3.37
N THR F 228 31.58 48.31 2.65
CA THR F 228 32.76 47.93 1.89
C THR F 228 32.32 47.47 0.51
N LEU F 229 33.25 47.58 -0.45
CA LEU F 229 33.00 47.25 -1.85
C LEU F 229 33.86 46.05 -2.24
N SER F 230 33.58 45.55 -3.45
CA SER F 230 34.35 44.43 -4.00
C SER F 230 35.73 44.85 -4.49
N GLU F 231 35.92 46.14 -4.78
CA GLU F 231 37.21 46.68 -5.20
C GLU F 231 37.70 47.66 -4.14
N LYS F 232 39.00 47.65 -3.89
CA LYS F 232 39.57 48.57 -2.90
C LYS F 232 39.95 49.89 -3.58
N ILE F 233 38.90 50.66 -3.88
CA ILE F 233 39.02 51.89 -4.64
C ILE F 233 38.57 53.05 -3.77
N THR F 234 38.70 54.26 -4.30
CA THR F 234 38.15 55.44 -3.68
C THR F 234 36.80 55.72 -4.33
N ALA F 235 35.78 55.99 -3.53
CA ALA F 235 34.45 56.23 -4.08
C ALA F 235 33.56 56.76 -2.96
N LYS F 236 32.34 57.12 -3.32
CA LYS F 236 31.35 57.64 -2.39
C LYS F 236 30.13 56.72 -2.42
N ALA F 237 29.63 56.36 -1.25
CA ALA F 237 28.33 55.71 -1.13
C ALA F 237 27.35 56.67 -0.47
N GLU F 238 26.06 56.52 -0.76
CA GLU F 238 25.04 57.35 -0.14
C GLU F 238 24.09 56.49 0.68
N LEU F 239 23.92 56.85 1.95
CA LEU F 239 22.96 56.21 2.83
C LEU F 239 21.71 57.08 2.93
N VAL F 240 20.54 56.44 2.80
CA VAL F 240 19.26 57.14 2.76
C VAL F 240 18.29 56.38 3.65
N ILE F 241 17.78 57.04 4.69
CA ILE F 241 16.66 56.54 5.49
C ILE F 241 15.58 57.60 5.45
N GLU F 242 14.66 57.49 4.48
CA GLU F 242 13.67 58.53 4.25
C GLU F 242 12.93 58.89 5.52
N GLU F 243 12.25 57.90 6.13
CA GLU F 243 11.39 58.11 7.29
C GLU F 243 12.09 58.85 8.43
N LEU F 244 13.42 58.77 8.50
CA LEU F 244 14.17 59.51 9.50
C LEU F 244 14.78 60.80 8.96
N GLY F 245 14.63 61.07 7.66
CA GLY F 245 15.22 62.26 7.08
C GLY F 245 16.72 62.22 6.89
N VAL F 246 17.28 61.02 6.76
CA VAL F 246 18.73 60.84 6.65
C VAL F 246 19.12 60.74 5.19
N SER F 247 20.19 61.42 4.82
CA SER F 247 20.76 61.24 3.48
C SER F 247 22.23 61.62 3.52
N ARG F 248 23.05 60.80 4.16
CA ARG F 248 24.47 61.08 4.35
C ARG F 248 25.31 60.36 3.31
N LYS F 249 26.41 61.01 2.90
CA LYS F 249 27.40 60.38 2.02
C LYS F 249 28.47 59.71 2.88
N ILE F 250 28.93 58.55 2.41
CA ILE F 250 29.99 57.79 3.07
C ILE F 250 31.20 57.78 2.17
N GLN F 251 32.32 58.27 2.68
CA GLN F 251 33.56 58.27 1.93
C GLN F 251 34.23 56.90 2.06
N LEU F 252 34.44 56.23 0.95
CA LEU F 252 35.14 54.95 0.94
C LEU F 252 36.58 55.18 0.50
N GLU F 253 37.50 54.48 1.17
CA GLU F 253 38.90 54.46 0.78
C GLU F 253 39.39 53.04 0.87
N ASN F 254 40.08 52.60 -0.19
CA ASN F 254 40.42 51.19 -0.39
C ASN F 254 39.22 50.31 -0.14
N GLY F 255 38.07 50.75 -0.66
CA GLY F 255 36.86 49.97 -0.60
C GLY F 255 36.22 49.87 0.76
N ALA F 256 36.62 50.71 1.71
CA ALA F 256 36.01 50.69 3.03
C ALA F 256 35.74 52.11 3.50
N GLY F 257 34.57 52.33 4.08
CA GLY F 257 34.25 53.59 4.72
C GLY F 257 33.22 53.40 5.79
N GLU F 258 33.17 54.36 6.72
CA GLU F 258 32.16 54.31 7.77
C GLU F 258 31.73 55.73 8.11
N VAL F 259 30.55 55.81 8.71
CA VAL F 259 29.91 57.09 9.00
C VAL F 259 29.24 56.95 10.35
N VAL F 260 29.22 58.05 11.10
CA VAL F 260 28.44 58.14 12.32
C VAL F 260 27.65 59.44 12.26
N PHE F 261 26.36 59.35 12.51
CA PHE F 261 25.50 60.51 12.33
C PHE F 261 24.41 60.49 13.38
N ASP F 262 23.87 61.67 13.67
CA ASP F 262 22.80 61.81 14.64
C ASP F 262 21.47 61.40 14.02
N ALA F 263 20.71 60.62 14.77
CA ALA F 263 19.35 60.24 14.40
C ALA F 263 18.61 59.89 15.69
N LYS F 264 17.30 59.97 15.65
CA LYS F 264 16.45 59.68 16.80
C LYS F 264 15.35 58.71 16.42
N PRO F 265 15.70 57.45 16.18
CA PRO F 265 14.69 56.47 15.74
C PRO F 265 13.90 55.93 16.92
N GLU F 266 12.70 55.46 16.61
CA GLU F 266 11.96 54.66 17.57
C GLU F 266 12.76 53.41 17.92
N LEU F 267 12.98 53.19 19.21
CA LEU F 267 13.75 52.02 19.62
C LEU F 267 12.91 50.75 19.49
N TRP F 268 13.54 49.70 18.94
CA TRP F 268 12.89 48.42 18.70
C TRP F 268 12.78 47.61 20.00
N THR F 269 11.60 47.02 20.21
CA THR F 269 11.38 46.07 21.30
C THR F 269 10.52 44.93 20.78
N PRO F 270 10.53 43.78 21.45
CA PRO F 270 9.58 42.71 21.08
C PRO F 270 8.13 43.17 21.03
N GLU F 271 7.77 44.09 21.92
CA GLU F 271 6.40 44.54 22.03
C GLU F 271 6.07 45.61 21.02
N LYS F 272 7.07 46.43 20.66
CA LYS F 272 6.97 47.45 19.62
C LYS F 272 8.16 47.23 18.68
N PRO F 273 8.03 46.34 17.68
CA PRO F 273 9.15 46.03 16.76
C PRO F 273 9.23 46.98 15.55
N LYS F 274 9.60 48.23 15.80
CA LYS F 274 9.61 49.25 14.75
C LYS F 274 10.83 49.08 13.86
N LEU F 275 10.59 49.01 12.55
CA LEU F 275 11.63 48.85 11.56
C LEU F 275 11.60 50.01 10.57
N TYR F 276 12.78 50.29 9.99
CA TYR F 276 13.00 51.38 9.04
C TYR F 276 13.59 50.84 7.75
N ASP F 277 13.17 51.41 6.63
CA ASP F 277 13.72 51.06 5.33
C ASP F 277 14.95 51.92 5.12
N VAL F 278 16.05 51.27 4.76
CA VAL F 278 17.33 51.93 4.55
C VAL F 278 17.83 51.54 3.17
N LYS F 279 18.42 52.51 2.46
CA LYS F 279 18.92 52.28 1.12
C LYS F 279 20.32 52.85 1.01
N VAL F 280 21.17 52.14 0.30
CA VAL F 280 22.57 52.51 0.10
C VAL F 280 22.88 52.38 -1.37
N THR F 281 23.52 53.39 -1.94
CA THR F 281 23.89 53.41 -3.36
C THR F 281 25.36 53.78 -3.51
N CYS F 282 26.01 53.18 -4.50
CA CYS F 282 27.40 53.48 -4.82
C CYS F 282 27.63 53.08 -6.28
N GLY F 283 28.17 53.99 -7.07
CA GLY F 283 28.33 53.71 -8.49
C GLY F 283 27.01 53.29 -9.13
N THR F 284 27.02 52.17 -9.85
CA THR F 284 25.79 51.63 -10.43
C THR F 284 25.08 50.63 -9.51
N ASP F 285 25.52 50.50 -8.25
CA ASP F 285 24.98 49.50 -7.35
C ASP F 285 24.00 50.09 -6.34
N THR F 286 23.02 49.28 -5.96
CA THR F 286 22.03 49.66 -4.96
C THR F 286 21.76 48.46 -4.06
N VAL F 287 21.71 48.70 -2.74
CA VAL F 287 21.27 47.70 -1.79
C VAL F 287 20.31 48.36 -0.82
N SER F 288 19.52 47.55 -0.13
CA SER F 288 18.58 48.06 0.85
C SER F 288 18.48 47.07 2.00
N ASP F 289 17.88 47.52 3.09
CA ASP F 289 17.61 46.65 4.22
C ASP F 289 16.41 47.20 4.97
N ARG F 290 15.93 46.40 5.92
CA ARG F 290 14.90 46.79 6.86
C ARG F 290 15.47 46.50 8.24
N VAL F 291 15.64 47.55 9.04
CA VAL F 291 16.42 47.44 10.27
C VAL F 291 15.66 48.07 11.40
N GLY F 292 15.86 47.53 12.60
CA GLY F 292 15.47 48.16 13.83
C GLY F 292 16.67 48.70 14.56
N PHE F 293 16.44 49.67 15.43
CA PHE F 293 17.49 50.30 16.22
C PHE F 293 17.20 50.06 17.69
N ARG F 294 18.18 49.53 18.41
CA ARG F 294 18.01 49.19 19.80
C ARG F 294 19.38 49.00 20.39
N GLU F 295 19.47 49.16 21.70
CA GLU F 295 20.73 49.05 22.41
C GLU F 295 20.63 47.90 23.40
N ILE F 296 21.62 47.01 23.35
CA ILE F 296 21.73 45.93 24.30
C ILE F 296 23.12 46.04 24.93
N ARG F 297 23.16 46.27 26.25
CA ARG F 297 24.39 46.28 27.01
C ARG F 297 24.11 45.61 28.35
N VAL F 298 25.20 45.23 29.02
CA VAL F 298 25.14 44.63 30.35
C VAL F 298 25.82 45.59 31.32
N ASN F 299 25.18 45.79 32.47
CA ASN F 299 25.73 46.61 33.55
C ASN F 299 25.68 45.78 34.82
N GLY F 300 26.82 45.28 35.25
CA GLY F 300 26.87 44.43 36.43
C GLY F 300 26.13 43.13 36.18
N ARG F 301 25.10 42.88 36.96
CA ARG F 301 24.22 41.73 36.78
C ARG F 301 23.05 42.02 35.86
N ASP F 302 22.92 43.24 35.37
CA ASP F 302 21.71 43.66 34.68
C ASP F 302 21.90 43.60 33.18
N ILE F 303 20.87 43.14 32.47
CA ILE F 303 20.85 43.12 31.02
C ILE F 303 19.97 44.28 30.58
N LEU F 304 20.56 45.25 29.89
CA LEU F 304 19.87 46.49 29.56
C LEU F 304 19.50 46.46 28.10
N LEU F 305 18.19 46.45 27.83
CA LEU F 305 17.66 46.68 26.50
C LEU F 305 17.14 48.12 26.48
N ASN F 306 17.80 48.97 25.67
CA ASN F 306 17.41 50.38 25.52
C ASN F 306 17.49 51.11 26.86
N GLY F 307 18.50 50.75 27.66
CA GLY F 307 18.75 51.36 28.96
C GLY F 307 17.86 50.86 30.08
N GLU F 308 16.93 49.94 29.82
CA GLU F 308 16.07 49.42 30.87
C GLU F 308 16.39 47.95 31.13
N PRO F 309 16.47 47.54 32.40
CA PRO F 309 16.78 46.14 32.71
C PRO F 309 15.64 45.22 32.29
N VAL F 310 16.01 44.01 31.86
CA VAL F 310 15.06 43.07 31.30
C VAL F 310 15.29 41.69 31.92
N PHE F 311 14.21 40.91 32.01
CA PHE F 311 14.27 39.47 32.23
C PHE F 311 13.86 38.78 30.94
N LEU F 312 14.71 37.88 30.45
CA LEU F 312 14.49 37.20 29.17
C LEU F 312 13.63 35.95 29.39
N ARG F 313 12.33 36.06 29.10
CA ARG F 313 11.40 34.92 29.17
C ARG F 313 11.58 34.11 27.89
N GLY F 314 12.41 33.06 27.95
CA GLY F 314 12.89 32.41 26.76
C GLY F 314 12.47 30.95 26.65
N ILE F 315 12.63 30.42 25.44
CA ILE F 315 12.51 29.00 25.13
C ILE F 315 13.63 28.68 24.15
N SER F 316 14.21 27.49 24.29
CA SER F 316 15.17 27.06 23.28
C SER F 316 14.41 26.42 22.12
N CYS F 317 15.06 26.36 20.96
CA CYS F 317 14.40 25.86 19.76
C CYS F 317 15.43 25.32 18.77
N HIS F 318 15.18 24.10 18.29
CA HIS F 318 15.98 23.52 17.22
C HIS F 318 15.31 23.80 15.87
N GLU F 319 16.09 23.66 14.80
CA GLU F 319 15.56 23.79 13.45
C GLU F 319 15.09 22.41 12.98
N ASP F 320 13.88 22.03 13.40
CA ASP F 320 13.38 20.69 13.07
C ASP F 320 11.92 20.73 12.64
N SER F 321 11.58 19.76 11.80
CA SER F 321 10.29 19.65 11.15
C SER F 321 10.10 18.20 10.77
N VAL F 322 8.91 17.66 11.08
CA VAL F 322 8.61 16.28 10.73
C VAL F 322 8.73 16.08 9.23
N GLU F 323 8.03 16.92 8.45
CA GLU F 323 7.97 16.80 7.01
C GLU F 323 9.26 17.25 6.34
N ASN F 324 9.92 18.26 6.88
CA ASN F 324 10.95 18.94 6.12
C ASN F 324 12.35 18.81 6.72
N GLY F 325 12.50 18.17 7.88
CA GLY F 325 13.84 18.04 8.45
C GLY F 325 14.38 19.38 8.88
N LYS F 326 15.58 19.73 8.42
CA LYS F 326 16.18 21.03 8.72
C LYS F 326 15.74 22.15 7.76
N GLY F 327 15.18 21.82 6.60
CA GLY F 327 14.67 22.84 5.69
C GLY F 327 13.30 23.40 6.02
N LEU F 328 13.17 24.07 7.17
CA LEU F 328 11.86 24.57 7.60
C LEU F 328 11.33 25.55 6.58
N THR F 329 10.00 25.68 6.53
CA THR F 329 9.36 26.66 5.69
C THR F 329 9.18 27.97 6.45
N ARG F 330 8.79 29.00 5.71
CA ARG F 330 8.45 30.28 6.33
C ARG F 330 7.32 30.09 7.34
N GLU F 331 6.32 29.29 6.98
CA GLU F 331 5.18 29.11 7.86
C GLU F 331 5.61 28.41 9.15
N GLU F 332 6.52 27.43 9.05
CA GLU F 332 6.99 26.74 10.26
C GLU F 332 7.79 27.68 11.16
N ARG F 333 8.61 28.55 10.56
CA ARG F 333 9.29 29.62 11.29
C ARG F 333 8.30 30.55 11.97
N ILE F 334 7.35 31.09 11.20
CA ILE F 334 6.30 31.93 11.78
C ILE F 334 5.60 31.20 12.91
N GLU F 335 5.27 29.92 12.70
CA GLU F 335 4.60 29.15 13.74
C GLU F 335 5.44 29.09 15.01
N ASN F 336 6.74 28.81 14.87
CA ASN F 336 7.58 28.73 16.06
C ASN F 336 7.51 30.02 16.87
N ILE F 337 7.50 31.16 16.18
CA ILE F 337 7.46 32.45 16.86
C ILE F 337 6.11 32.66 17.52
N ARG F 338 5.03 32.30 16.83
CA ARG F 338 3.69 32.47 17.39
C ARG F 338 3.53 31.62 18.65
N ILE F 339 3.90 30.34 18.58
CA ILE F 339 3.78 29.46 19.75
C ILE F 339 4.62 29.98 20.91
N ALA F 340 5.85 30.43 20.60
CA ALA F 340 6.70 30.95 21.67
C ALA F 340 6.06 32.17 22.34
N LYS F 341 5.45 33.05 21.53
CA LYS F 341 4.76 34.20 22.10
C LYS F 341 3.51 33.78 22.88
N GLU F 342 2.78 32.80 22.36
CA GLU F 342 1.66 32.24 23.10
C GLU F 342 2.13 31.72 24.46
N LEU F 343 3.33 31.14 24.50
CA LEU F 343 3.93 30.70 25.75
C LEU F 343 4.25 31.86 26.70
N GLY F 344 4.17 33.11 26.22
CA GLY F 344 4.61 34.26 26.96
C GLY F 344 6.07 34.65 26.76
N CYS F 345 6.73 34.14 25.72
CA CYS F 345 8.15 34.42 25.54
C CYS F 345 8.38 35.79 24.91
N ASN F 346 9.50 36.40 25.29
CA ASN F 346 10.04 37.55 24.58
C ASN F 346 11.44 37.27 24.04
N PHE F 347 11.89 36.02 24.13
CA PHE F 347 13.27 35.66 23.86
C PHE F 347 13.31 34.21 23.42
N MET F 348 14.16 33.90 22.44
CA MET F 348 14.26 32.53 21.96
C MET F 348 15.73 32.21 21.71
N ARG F 349 16.20 31.07 22.22
CA ARG F 349 17.55 30.59 21.94
C ARG F 349 17.51 29.63 20.75
N LEU F 350 18.08 30.06 19.62
CA LEU F 350 18.19 29.24 18.42
C LEU F 350 19.45 28.38 18.53
N ALA F 351 19.26 27.11 18.92
CA ALA F 351 20.31 26.13 19.15
C ALA F 351 20.41 25.21 17.94
N HIS F 352 21.57 24.57 17.75
CA HIS F 352 22.87 24.89 18.35
C HIS F 352 23.76 25.41 17.23
N TYR F 353 23.13 25.93 16.18
CA TYR F 353 23.74 26.24 14.90
C TYR F 353 22.93 27.35 14.25
N PRO F 354 23.47 28.02 13.23
CA PRO F 354 22.68 29.07 12.59
C PRO F 354 21.42 28.51 11.95
N HIS F 355 20.28 29.11 12.30
CA HIS F 355 19.07 28.79 11.57
C HIS F 355 19.00 29.61 10.29
N ASN F 356 18.01 29.29 9.46
CA ASN F 356 17.68 30.11 8.30
C ASN F 356 17.67 31.56 8.72
N GLU F 357 18.34 32.41 7.91
CA GLU F 357 18.35 33.86 8.15
C GLU F 357 16.94 34.45 8.22
N GLU F 358 15.96 33.86 7.53
CA GLU F 358 14.59 34.36 7.65
C GLU F 358 14.08 34.33 9.10
N MET F 359 14.60 33.41 9.93
CA MET F 359 14.20 33.37 11.33
C MET F 359 14.42 34.72 12.02
N ALA F 360 15.63 35.28 11.87
CA ALA F 360 15.90 36.58 12.48
C ALA F 360 15.15 37.71 11.78
N LYS F 361 14.94 37.59 10.48
CA LYS F 361 14.13 38.60 9.78
C LYS F 361 12.71 38.62 10.31
N LEU F 362 12.14 37.45 10.62
CA LEU F 362 10.77 37.41 11.11
C LEU F 362 10.71 37.82 12.57
N ALA F 363 11.76 37.56 13.33
CA ALA F 363 11.81 38.07 14.70
C ALA F 363 11.85 39.59 14.71
N ASP F 364 12.67 40.19 13.81
CA ASP F 364 12.64 41.63 13.56
C ASP F 364 11.22 42.13 13.43
N GLU F 365 10.45 41.47 12.58
CA GLU F 365 9.15 41.97 12.16
C GLU F 365 8.09 41.70 13.23
N LEU F 366 8.06 40.48 13.77
CA LEU F 366 7.03 40.05 14.72
C LEU F 366 7.37 40.40 16.16
N GLY F 367 8.64 40.57 16.50
CA GLY F 367 9.04 41.02 17.81
C GLY F 367 9.52 39.94 18.76
N LEU F 368 10.78 39.54 18.64
CA LEU F 368 11.30 38.51 19.54
C LEU F 368 12.81 38.61 19.59
N LEU F 369 13.36 38.69 20.80
CA LEU F 369 14.81 38.68 20.97
C LEU F 369 15.40 37.31 20.69
N LEU F 370 16.60 37.28 20.12
CA LEU F 370 17.18 36.03 19.69
C LEU F 370 18.59 35.86 20.24
N TRP F 371 18.95 34.59 20.43
CA TRP F 371 20.29 34.14 20.76
C TRP F 371 20.68 33.19 19.64
N GLU F 372 21.81 33.45 18.99
CA GLU F 372 22.26 32.64 17.86
C GLU F 372 23.64 32.07 18.18
N GLU F 373 23.95 30.92 17.59
CA GLU F 373 25.03 30.10 18.13
C GLU F 373 25.66 29.27 17.02
N ILE F 374 26.94 28.94 17.19
CA ILE F 374 27.66 28.06 16.27
C ILE F 374 27.84 26.72 16.96
N PRO F 375 27.90 25.62 16.21
CA PRO F 375 27.91 24.29 16.86
C PRO F 375 29.29 23.86 17.34
N VAL F 376 29.92 24.70 18.18
CA VAL F 376 31.11 24.29 18.93
C VAL F 376 30.56 23.61 20.18
N TYR F 377 30.36 22.29 20.05
CA TYR F 377 29.44 21.51 20.87
C TYR F 377 30.14 20.24 21.30
N TRP F 378 30.18 20.00 22.61
CA TRP F 378 30.81 18.81 23.25
C TRP F 378 32.29 18.73 22.86
N ALA F 379 32.78 17.59 22.38
CA ALA F 379 34.21 17.28 22.32
C ALA F 379 34.91 17.78 21.05
N ILE F 380 34.73 19.06 20.71
CA ILE F 380 35.44 19.68 19.61
C ILE F 380 36.95 19.46 19.74
N ARG F 381 37.62 19.16 18.62
CA ARG F 381 39.08 18.99 18.60
C ARG F 381 39.74 20.37 18.75
N PHE F 382 39.72 20.88 20.00
CA PHE F 382 40.20 22.22 20.28
C PHE F 382 41.69 22.39 20.00
N GLU F 383 42.46 21.30 19.88
CA GLU F 383 43.90 21.39 19.63
C GLU F 383 44.23 21.51 18.14
N ARG F 384 43.29 21.24 17.25
CA ARG F 384 43.57 21.20 15.83
C ARG F 384 43.34 22.57 15.20
N GLU F 385 44.35 23.08 14.50
CA GLU F 385 44.27 24.44 14.00
C GLU F 385 43.25 24.56 12.88
N LYS F 386 43.21 23.59 11.96
CA LYS F 386 42.20 23.65 10.91
C LYS F 386 40.81 23.58 11.51
N THR F 387 40.66 22.92 12.64
CA THR F 387 39.37 22.89 13.31
C THR F 387 39.00 24.28 13.82
N TYR F 388 39.99 25.02 14.33
CA TYR F 388 39.71 26.40 14.72
C TYR F 388 39.37 27.27 13.50
N GLU F 389 40.11 27.12 12.40
CA GLU F 389 39.80 27.88 11.19
C GLU F 389 38.34 27.69 10.79
N ASP F 390 37.87 26.45 10.88
CA ASP F 390 36.49 26.13 10.53
C ASP F 390 35.52 26.86 11.46
N ALA F 391 35.76 26.80 12.77
CA ALA F 391 34.83 27.40 13.70
C ALA F 391 34.77 28.92 13.54
N GLN F 392 35.94 29.57 13.42
CA GLN F 392 35.94 31.03 13.31
C GLN F 392 35.27 31.49 12.02
N ASN F 393 35.52 30.78 10.91
CA ASN F 393 34.82 31.11 9.67
C ASN F 393 33.32 31.05 9.89
N GLN F 394 32.87 29.98 10.56
CA GLN F 394 31.44 29.80 10.79
C GLN F 394 30.88 30.92 11.64
N LEU F 395 31.58 31.25 12.73
CA LEU F 395 31.17 32.38 13.55
C LEU F 395 31.12 33.67 12.73
N ARG F 396 32.13 33.91 11.89
CA ARG F 396 32.15 35.17 11.15
C ARG F 396 31.09 35.18 10.06
N GLU F 397 30.90 34.04 9.38
CA GLU F 397 29.80 33.94 8.44
C GLU F 397 28.48 34.32 9.11
N LEU F 398 28.20 33.74 10.29
CA LEU F 398 26.96 34.05 10.99
C LEU F 398 26.85 35.52 11.31
N ILE F 399 27.93 36.12 11.79
CA ILE F 399 27.85 37.53 12.18
C ILE F 399 27.68 38.41 10.94
N ASN F 400 28.41 38.11 9.86
CA ASN F 400 28.23 38.92 8.65
C ASN F 400 26.81 38.80 8.11
N ARG F 401 26.25 37.59 8.14
CA ARG F 401 24.87 37.37 7.68
C ARG F 401 23.86 38.25 8.44
N ASP F 402 23.93 38.23 9.77
CA ASP F 402 22.86 38.74 10.60
C ASP F 402 23.22 40.03 11.33
N TRP F 403 24.26 40.75 10.86
CA TRP F 403 24.73 41.94 11.57
C TRP F 403 23.61 42.95 11.78
N ASN F 404 22.69 43.08 10.81
CA ASN F 404 21.66 44.10 10.84
C ASN F 404 20.35 43.63 11.45
N ARG F 405 20.34 42.50 12.15
CA ARG F 405 19.10 41.98 12.75
C ARG F 405 18.97 42.55 14.16
N ALA F 406 18.07 43.52 14.33
CA ALA F 406 17.85 44.08 15.65
C ALA F 406 17.39 43.01 16.65
N SER F 407 16.70 41.97 16.18
CA SER F 407 16.21 40.93 17.07
C SER F 407 17.36 40.15 17.74
N VAL F 408 18.44 39.90 17.01
CA VAL F 408 19.55 39.14 17.58
C VAL F 408 20.29 40.03 18.56
N ILE F 409 20.38 39.57 19.81
CA ILE F 409 21.08 40.34 20.82
C ILE F 409 22.29 39.62 21.40
N ILE F 410 22.40 38.30 21.25
CA ILE F 410 23.52 37.54 21.78
C ILE F 410 24.08 36.63 20.70
N TRP F 411 25.42 36.61 20.59
CA TRP F 411 26.16 35.58 19.87
C TRP F 411 26.73 34.61 20.89
N SER F 412 26.59 33.31 20.64
CA SER F 412 27.10 32.28 21.53
C SER F 412 28.19 31.49 20.81
N VAL F 413 29.34 31.33 21.47
CA VAL F 413 30.48 30.69 20.83
C VAL F 413 30.56 29.18 21.07
N GLY F 414 29.59 28.59 21.76
CA GLY F 414 29.63 27.15 21.94
C GLY F 414 28.76 26.71 23.10
N ASN F 415 28.77 25.39 23.32
CA ASN F 415 27.81 24.78 24.23
C ASN F 415 28.41 23.54 24.88
N GLU F 416 28.49 23.55 26.22
CA GLU F 416 28.77 22.36 27.04
C GLU F 416 30.11 21.69 26.69
N ASN F 417 31.18 22.43 26.91
CA ASN F 417 32.53 21.92 26.63
C ASN F 417 33.32 21.76 27.91
N ALA F 418 34.27 20.83 27.91
CA ALA F 418 35.13 20.59 29.06
C ALA F 418 36.02 21.80 29.35
N ASP F 419 36.24 22.09 30.64
CA ASP F 419 37.04 23.25 31.06
C ASP F 419 38.51 22.85 31.09
N THR F 420 39.09 22.71 29.90
CA THR F 420 40.50 22.42 29.72
C THR F 420 41.22 23.65 29.15
N ASP F 421 42.56 23.56 29.14
CA ASP F 421 43.38 24.67 28.66
C ASP F 421 43.18 24.91 27.16
N GLU F 422 43.20 23.85 26.37
CA GLU F 422 43.02 24.01 24.93
C GLU F 422 41.61 24.48 24.59
N ARG F 423 40.61 24.14 25.42
CA ARG F 423 39.27 24.64 25.19
C ARG F 423 39.18 26.13 25.50
N LEU F 424 39.86 26.59 26.56
CA LEU F 424 39.83 28.01 26.89
C LEU F 424 40.51 28.83 25.82
N LYS F 425 41.69 28.41 25.38
CA LYS F 425 42.36 29.07 24.27
C LYS F 425 41.43 29.19 23.07
N PHE F 426 40.85 28.06 22.66
CA PHE F 426 39.99 28.01 21.48
C PHE F 426 38.78 28.93 21.63
N MET F 427 38.04 28.78 22.72
CA MET F 427 36.76 29.48 22.81
C MET F 427 36.89 30.95 23.27
N SER F 428 37.96 31.29 24.01
CA SER F 428 38.20 32.70 24.32
C SER F 428 38.51 33.50 23.06
N VAL F 429 39.32 32.92 22.17
CA VAL F 429 39.65 33.61 20.92
C VAL F 429 38.39 33.77 20.04
N LEU F 430 37.46 32.82 20.07
CA LEU F 430 36.17 33.00 19.41
C LEU F 430 35.37 34.12 20.05
N ALA F 431 35.37 34.19 21.38
CA ALA F 431 34.67 35.27 22.06
C ALA F 431 35.24 36.62 21.67
N GLU F 432 36.57 36.75 21.74
CA GLU F 432 37.21 38.01 21.34
C GLU F 432 36.92 38.34 19.89
N CYS F 433 36.87 37.33 19.02
CA CYS F 433 36.54 37.55 17.62
C CYS F 433 35.13 38.12 17.46
N ALA F 434 34.16 37.56 18.20
CA ALA F 434 32.79 38.06 18.15
C ALA F 434 32.72 39.53 18.58
N HIS F 435 33.43 39.87 19.65
CA HIS F 435 33.48 41.28 20.07
C HIS F 435 34.13 42.13 18.99
N ARG F 436 35.20 41.62 18.37
CA ARG F 436 35.91 42.39 17.36
C ARG F 436 35.05 42.64 16.13
N GLU F 437 34.38 41.59 15.65
CA GLU F 437 33.53 41.72 14.46
C GLU F 437 32.20 42.41 14.75
N ASP F 438 31.83 42.59 16.01
CA ASP F 438 30.54 43.19 16.34
C ASP F 438 30.68 43.88 17.68
N GLU F 439 30.66 45.21 17.65
CA GLU F 439 30.72 46.00 18.87
C GLU F 439 29.36 46.19 19.52
N THR F 440 28.27 45.79 18.88
CA THR F 440 26.95 46.10 19.40
C THR F 440 26.31 44.97 20.22
N ARG F 441 26.79 43.74 20.10
CA ARG F 441 26.04 42.62 20.66
C ARG F 441 26.81 41.94 21.80
N MET F 442 26.04 41.28 22.66
CA MET F 442 26.63 40.55 23.77
C MET F 442 27.08 39.18 23.31
N VAL F 443 28.12 38.67 23.98
CA VAL F 443 28.72 37.38 23.68
C VAL F 443 28.55 36.46 24.88
N SER F 444 28.16 35.21 24.61
CA SER F 444 27.88 34.28 25.69
C SER F 444 28.27 32.87 25.25
N ALA F 445 27.99 31.91 26.11
CA ALA F 445 28.11 30.49 25.79
C ALA F 445 27.42 29.69 26.89
N ALA F 446 27.06 28.45 26.55
CA ALA F 446 26.53 27.55 27.57
C ALA F 446 27.73 26.92 28.27
N CYS F 447 28.02 27.42 29.47
CA CYS F 447 29.17 26.97 30.24
C CYS F 447 28.77 25.91 31.25
N LEU F 448 29.80 25.26 31.81
CA LEU F 448 29.63 24.11 32.69
C LEU F 448 29.61 24.52 34.15
N VAL F 449 28.68 23.92 34.90
CA VAL F 449 28.75 23.93 36.35
C VAL F 449 29.93 23.07 36.78
N ASN F 450 30.81 23.64 37.60
CA ASN F 450 31.87 22.86 38.24
C ASN F 450 31.22 21.82 39.13
N ALA F 451 31.16 20.56 38.65
CA ALA F 451 30.47 19.52 39.40
C ALA F 451 31.18 19.22 40.72
N ALA F 452 32.49 19.44 40.77
CA ALA F 452 33.22 19.19 42.01
C ALA F 452 32.66 20.04 43.15
N LYS F 453 32.38 21.32 42.87
CA LYS F 453 31.93 22.25 43.89
C LYS F 453 30.46 22.61 43.78
N ASN F 454 29.71 22.00 42.86
CA ASN F 454 28.33 22.40 42.55
C ASN F 454 28.20 23.92 42.47
N LYS F 455 29.05 24.52 41.64
CA LYS F 455 29.20 25.95 41.57
C LYS F 455 29.35 26.39 40.12
N ILE F 456 28.68 27.47 39.76
CA ILE F 456 28.94 28.12 38.48
C ILE F 456 30.37 28.62 38.49
N GLU F 457 31.26 27.90 37.82
CA GLU F 457 32.66 28.30 37.79
C GLU F 457 33.29 27.77 36.52
N ASP F 458 33.85 28.67 35.72
CA ASP F 458 34.37 28.33 34.40
C ASP F 458 35.25 29.47 33.89
N ARG F 459 36.48 29.17 33.48
CA ARG F 459 37.41 30.23 33.11
C ARG F 459 36.96 31.01 31.87
N LEU F 460 36.05 30.46 31.08
CA LEU F 460 35.60 31.16 29.88
C LEU F 460 34.70 32.34 30.20
N MET F 461 34.07 32.32 31.38
CA MET F 461 33.11 33.36 31.74
C MET F 461 33.75 34.74 31.80
N GLU F 462 35.07 34.80 31.96
CA GLU F 462 35.79 36.07 31.87
C GLU F 462 35.54 36.77 30.55
N TYR F 463 35.49 36.02 29.46
CA TYR F 463 35.45 36.58 28.12
C TYR F 463 34.04 36.81 27.61
N LEU F 464 33.04 36.60 28.45
CA LEU F 464 31.65 36.67 28.03
C LEU F 464 30.93 37.80 28.74
N ASP F 465 29.98 38.41 28.03
CA ASP F 465 29.14 39.43 28.64
C ASP F 465 28.07 38.83 29.51
N ILE F 466 27.60 37.63 29.17
CA ILE F 466 26.47 37.00 29.87
C ILE F 466 26.81 35.52 30.02
N ILE F 467 26.59 34.99 31.22
CA ILE F 467 26.91 33.60 31.52
C ILE F 467 25.72 32.73 31.15
N GLY F 468 25.97 31.69 30.35
CA GLY F 468 24.98 30.67 30.10
C GLY F 468 25.30 29.41 30.88
N ILE F 469 24.26 28.83 31.46
CA ILE F 469 24.37 27.62 32.27
C ILE F 469 23.28 26.64 31.87
N ASN F 470 23.67 25.46 31.41
CA ASN F 470 22.76 24.33 31.32
C ASN F 470 22.78 23.58 32.66
N GLU F 471 21.61 23.34 33.24
CA GLU F 471 21.53 22.42 34.36
C GLU F 471 20.26 21.59 34.24
N TYR F 472 20.33 20.38 34.78
CA TYR F 472 19.24 19.42 34.63
C TYR F 472 18.88 18.77 35.96
N CYS F 473 18.76 19.55 37.03
CA CYS F 473 18.34 18.98 38.30
C CYS F 473 16.89 18.54 38.26
N GLY F 474 16.62 17.42 38.94
CA GLY F 474 15.38 16.70 38.79
C GLY F 474 15.37 15.75 37.62
N TRP F 475 16.47 15.66 36.87
CA TRP F 475 16.56 14.82 35.69
C TRP F 475 17.90 14.09 35.67
N TYR F 476 18.87 14.60 34.90
CA TYR F 476 20.19 13.96 34.86
C TYR F 476 20.86 14.01 36.22
N THR F 477 20.63 15.09 36.96
CA THR F 477 20.96 15.19 38.37
C THR F 477 19.66 15.02 39.15
N PRO F 478 19.32 13.79 39.57
CA PRO F 478 17.92 13.53 39.96
C PRO F 478 17.52 14.17 41.28
N ASP F 479 18.46 14.49 42.16
CA ASP F 479 18.16 15.08 43.45
C ASP F 479 17.95 16.58 43.29
N PHE F 480 16.68 17.02 43.35
CA PHE F 480 16.32 18.43 43.19
C PHE F 480 17.07 19.34 44.14
N ALA F 481 17.43 18.83 45.33
CA ALA F 481 18.11 19.67 46.30
C ALA F 481 19.37 20.29 45.72
N MET F 482 19.97 19.63 44.73
CA MET F 482 21.18 20.16 44.09
C MET F 482 20.95 21.50 43.39
N LEU F 483 19.71 21.82 42.99
CA LEU F 483 19.47 23.09 42.30
C LEU F 483 19.53 24.29 43.25
N PRO F 484 18.78 24.34 44.36
CA PRO F 484 18.94 25.46 45.29
C PRO F 484 20.35 25.59 45.83
N ALA F 485 21.04 24.46 46.02
CA ALA F 485 22.43 24.50 46.47
C ALA F 485 23.31 25.26 45.48
N LEU F 486 23.33 24.78 44.23
CA LEU F 486 24.15 25.40 43.18
C LEU F 486 23.99 26.92 43.15
N MET F 487 22.75 27.39 43.23
CA MET F 487 22.48 28.83 43.22
C MET F 487 23.08 29.54 44.43
N GLU F 488 22.95 28.97 45.64
CA GLU F 488 23.57 29.60 46.80
C GLU F 488 25.10 29.47 46.76
N ASN F 489 25.62 28.38 46.18
CA ASN F 489 27.06 28.23 46.02
C ASN F 489 27.64 29.28 45.08
N SER F 490 26.83 29.84 44.18
CA SER F 490 27.30 30.65 43.05
C SER F 490 26.88 32.09 43.25
N GLN F 491 27.84 33.00 43.19
CA GLN F 491 27.57 34.44 43.27
C GLN F 491 28.37 35.17 42.20
N PRO F 492 27.88 35.17 40.95
CA PRO F 492 28.60 35.84 39.87
C PRO F 492 28.31 37.33 39.83
N ASP F 493 29.22 38.06 39.15
CA ASP F 493 29.07 39.50 38.95
C ASP F 493 28.40 39.86 37.64
N LYS F 494 28.27 38.91 36.69
CA LYS F 494 27.56 39.08 35.43
C LYS F 494 26.19 38.42 35.49
N PRO F 495 25.26 38.80 34.60
CA PRO F 495 23.97 38.11 34.56
C PRO F 495 24.12 36.69 34.04
N VAL F 496 23.23 35.83 34.51
CA VAL F 496 23.17 34.43 34.10
C VAL F 496 21.88 34.19 33.33
N ILE F 497 21.99 33.48 32.22
CA ILE F 497 20.85 32.89 31.54
C ILE F 497 20.96 31.38 31.74
N VAL F 498 19.94 30.78 32.34
CA VAL F 498 19.87 29.32 32.39
C VAL F 498 19.42 28.89 31.00
N THR F 499 20.39 28.43 30.22
CA THR F 499 20.21 28.15 28.81
C THR F 499 19.51 26.82 28.55
N GLU F 500 19.46 25.93 29.54
CA GLU F 500 18.76 24.66 29.40
C GLU F 500 18.37 24.16 30.79
N PHE F 501 17.16 23.58 30.86
CA PHE F 501 16.69 22.62 31.86
C PHE F 501 15.46 21.95 31.27
N GLY F 502 15.13 20.76 31.75
CA GLY F 502 13.90 20.13 31.29
C GLY F 502 13.89 18.63 31.59
N ALA F 503 12.99 17.94 30.89
CA ALA F 503 12.77 16.51 31.12
C ALA F 503 12.02 15.89 29.96
N ASP F 504 12.25 14.60 29.76
CA ASP F 504 11.56 13.87 28.70
C ASP F 504 10.08 13.70 29.05
N ALA F 505 9.24 13.79 28.03
CA ALA F 505 7.85 13.40 28.16
C ALA F 505 7.37 12.96 26.79
N LEU F 506 7.17 11.66 26.63
CA LEU F 506 6.54 11.16 25.41
C LEU F 506 5.11 11.71 25.36
N PRO F 507 4.69 12.34 24.26
CA PRO F 507 3.34 12.89 24.21
C PRO F 507 2.30 11.83 24.54
N HIS F 508 1.40 12.17 25.45
CA HIS F 508 0.29 11.35 25.94
C HIS F 508 0.73 10.17 26.78
N HIS F 509 2.01 10.11 27.16
CA HIS F 509 2.50 9.10 28.10
C HIS F 509 2.45 9.67 29.51
N HIS F 510 1.59 9.10 30.35
CA HIS F 510 1.34 9.61 31.70
C HIS F 510 1.87 8.65 32.76
N GLY F 511 2.09 9.18 33.95
CA GLY F 511 2.42 8.36 35.10
C GLY F 511 2.39 9.18 36.38
N THR F 512 3.01 8.64 37.43
CA THR F 512 3.24 9.43 38.63
C THR F 512 4.39 10.42 38.40
N ILE F 513 4.49 11.42 39.29
CA ILE F 513 5.53 12.42 39.14
C ILE F 513 6.93 11.81 39.27
N SER F 514 7.04 10.59 39.77
CA SER F 514 8.33 9.91 39.84
C SER F 514 8.61 9.04 38.63
N ASP F 515 7.67 8.93 37.70
CA ASP F 515 7.93 8.15 36.49
C ASP F 515 8.63 9.05 35.47
N LYS F 516 9.97 9.00 35.47
CA LYS F 516 10.76 9.82 34.56
C LYS F 516 10.43 9.48 33.11
N GLY F 517 10.13 10.51 32.33
CA GLY F 517 9.74 10.30 30.96
C GLY F 517 8.26 10.42 30.73
N THR F 518 7.49 10.78 31.75
CA THR F 518 6.06 11.00 31.58
C THR F 518 5.73 12.48 31.65
N GLU F 519 4.55 12.81 31.12
CA GLU F 519 4.04 14.17 31.20
C GLU F 519 4.03 14.68 32.63
N GLU F 520 3.63 13.84 33.59
CA GLU F 520 3.46 14.35 34.96
C GLU F 520 4.80 14.68 35.58
N CYS F 521 5.80 13.83 35.39
CA CYS F 521 7.13 14.11 35.92
C CYS F 521 7.71 15.37 35.29
N GLN F 522 7.45 15.58 33.99
CA GLN F 522 8.02 16.75 33.30
C GLN F 522 7.48 18.05 33.87
N ALA F 523 6.17 18.11 34.12
CA ALA F 523 5.56 19.27 34.77
C ALA F 523 6.07 19.43 36.20
N ASP F 524 6.34 18.33 36.90
CA ASP F 524 6.89 18.42 38.23
C ASP F 524 8.27 19.05 38.21
N VAL F 525 9.14 18.58 37.32
CA VAL F 525 10.46 19.20 37.15
C VAL F 525 10.32 20.69 36.87
N TYR F 526 9.36 21.05 36.02
CA TYR F 526 9.18 22.46 35.71
C TYR F 526 8.71 23.24 36.94
N GLU F 527 7.75 22.71 37.70
CA GLU F 527 7.28 23.45 38.88
C GLU F 527 8.43 23.72 39.83
N LYS F 528 9.30 22.72 40.04
CA LYS F 528 10.37 22.86 41.00
C LYS F 528 11.48 23.76 40.47
N GLN F 529 11.91 23.54 39.22
CA GLN F 529 12.87 24.43 38.57
C GLN F 529 12.44 25.89 38.70
N ILE F 530 11.17 26.18 38.38
CA ILE F 530 10.71 27.57 38.34
C ILE F 530 10.68 28.16 39.75
N ALA F 531 10.11 27.43 40.72
CA ALA F 531 10.02 27.94 42.08
C ALA F 531 11.41 28.29 42.64
N THR F 532 12.43 27.51 42.29
CA THR F 532 13.78 27.84 42.76
C THR F 532 14.41 29.00 41.97
N LEU F 533 14.25 29.02 40.64
CA LEU F 533 15.01 29.96 39.82
C LEU F 533 14.41 31.37 39.83
N ARG F 534 13.10 31.47 40.06
CA ARG F 534 12.41 32.77 39.99
C ARG F 534 12.88 33.75 41.05
N ASN F 535 13.65 33.28 42.04
CA ASN F 535 14.04 34.12 43.18
C ASN F 535 15.55 34.23 43.31
N ILE F 536 16.31 33.92 42.28
CA ILE F 536 17.76 34.11 42.29
C ILE F 536 18.08 35.43 41.61
N ASP F 537 18.75 36.32 42.34
CA ASP F 537 18.89 37.70 41.89
C ASP F 537 19.65 37.80 40.57
N TYR F 538 20.73 37.02 40.42
CA TYR F 538 21.59 37.15 39.25
C TYR F 538 21.05 36.41 38.02
N ILE F 539 19.93 35.72 38.12
CA ILE F 539 19.35 35.00 36.99
C ILE F 539 18.39 35.95 36.27
N LYS F 540 18.79 36.38 35.08
CA LYS F 540 18.05 37.39 34.32
C LYS F 540 17.36 36.81 33.09
N GLY F 541 17.33 35.49 32.94
CA GLY F 541 16.66 34.89 31.79
C GLY F 541 16.73 33.38 31.85
N MET F 542 15.83 32.74 31.11
CA MET F 542 15.84 31.28 31.01
C MET F 542 15.27 30.87 29.66
N THR F 543 15.88 29.82 29.07
CA THR F 543 15.39 29.23 27.81
C THR F 543 15.24 27.74 28.02
N PRO F 544 14.16 27.32 28.69
CA PRO F 544 13.96 25.88 28.94
C PRO F 544 14.14 25.07 27.65
N TRP F 545 14.62 23.86 27.82
CA TRP F 545 14.92 22.97 26.71
C TRP F 545 13.79 21.94 26.69
N ILE F 546 12.89 22.05 25.73
CA ILE F 546 13.03 22.82 24.50
C ILE F 546 11.59 23.05 23.99
N LEU F 547 11.39 23.91 22.98
CA LEU F 547 10.02 24.23 22.54
C LEU F 547 9.26 22.96 22.11
N TYR F 548 9.84 22.16 21.21
CA TYR F 548 9.15 21.00 20.71
C TYR F 548 10.11 19.87 20.41
N ASP F 549 9.60 18.64 20.48
CA ASP F 549 10.38 17.45 20.25
C ASP F 549 11.07 17.49 18.89
N PHE F 550 12.32 17.00 18.84
CA PHE F 550 13.10 16.98 17.61
C PHE F 550 13.78 15.63 17.44
N ARG F 551 14.02 15.25 16.18
CA ARG F 551 14.69 13.99 15.87
C ARG F 551 16.06 13.93 16.55
N CYS F 552 16.42 12.74 17.09
CA CYS F 552 17.63 12.69 17.89
C CYS F 552 18.20 11.27 17.88
N PRO F 553 19.31 11.03 17.18
CA PRO F 553 19.82 9.65 17.03
C PRO F 553 20.29 8.99 18.33
N ARG F 554 20.30 9.67 19.47
CA ARG F 554 20.80 9.08 20.71
C ARG F 554 19.70 8.49 21.59
N ARG F 555 18.43 8.64 21.21
CA ARG F 555 17.29 8.32 22.10
C ARG F 555 16.52 7.13 21.52
N THR F 556 16.85 5.93 21.99
CA THR F 556 16.35 4.70 21.40
C THR F 556 15.28 3.98 22.23
N SER F 557 14.88 4.54 23.37
CA SER F 557 13.96 3.80 24.23
C SER F 557 12.55 3.88 23.69
N LEU F 558 11.69 3.00 24.23
CA LEU F 558 10.30 2.96 23.81
C LEU F 558 9.59 4.29 24.04
N ILE F 559 9.93 5.02 25.09
CA ILE F 559 9.27 6.29 25.36
C ILE F 559 10.05 7.48 24.80
N GLN F 560 10.97 7.23 23.85
CA GLN F 560 11.64 8.30 23.11
C GLN F 560 11.40 8.15 21.62
N LYS F 561 11.74 6.98 21.06
CA LYS F 561 11.45 6.64 19.68
C LYS F 561 12.26 7.51 18.70
N TYR F 562 13.52 7.76 19.03
CA TYR F 562 14.47 8.45 18.17
C TYR F 562 14.16 9.95 18.06
N TYR F 563 13.53 10.47 19.11
CA TYR F 563 13.31 11.89 19.30
C TYR F 563 13.79 12.25 20.70
N ASN F 564 14.37 13.44 20.83
CA ASN F 564 14.53 14.06 22.14
C ASN F 564 13.16 14.57 22.56
N ARG F 565 12.62 14.02 23.66
CA ARG F 565 11.24 14.28 24.06
C ARG F 565 11.14 15.39 25.10
N LYS F 566 12.12 16.28 25.16
CA LYS F 566 12.05 17.37 26.13
C LYS F 566 11.20 18.53 25.63
N GLY F 567 10.64 18.43 24.42
CA GLY F 567 9.76 19.48 23.95
C GLY F 567 8.60 19.73 24.91
N LEU F 568 8.16 20.98 24.94
CA LEU F 568 6.91 21.34 25.57
C LEU F 568 5.74 20.97 24.66
N LEU F 569 5.99 20.86 23.36
CA LEU F 569 4.99 20.39 22.40
C LEU F 569 5.50 19.13 21.72
N SER F 570 4.57 18.35 21.18
CA SER F 570 4.93 17.23 20.31
C SER F 570 5.67 17.72 19.05
N GLU F 571 6.31 16.76 18.36
CA GLU F 571 7.17 17.09 17.23
C GLU F 571 6.44 17.78 16.09
N ASP F 572 5.12 17.60 15.97
CA ASP F 572 4.38 18.33 14.94
C ASP F 572 3.79 19.62 15.46
N LYS F 573 3.97 19.91 16.76
CA LYS F 573 3.56 21.15 17.42
C LYS F 573 2.04 21.28 17.50
N LYS F 574 1.32 20.19 17.28
CA LYS F 574 -0.13 20.17 17.44
C LYS F 574 -0.57 19.97 18.88
N TYR F 575 0.31 19.48 19.77
CA TYR F 575 -0.09 19.08 21.12
C TYR F 575 0.83 19.73 22.15
N ARG F 576 0.24 20.39 23.13
CA ARG F 576 0.98 20.97 24.25
C ARG F 576 0.90 20.04 25.46
N LYS F 577 2.07 19.64 25.99
CA LYS F 577 2.16 18.84 27.21
C LYS F 577 1.88 19.72 28.44
N PRO F 578 1.53 19.10 29.60
CA PRO F 578 1.23 19.93 30.78
C PRO F 578 2.33 20.93 31.14
N ALA F 579 3.60 20.56 31.00
CA ALA F 579 4.70 21.49 31.30
C ALA F 579 4.60 22.78 30.49
N PHE F 580 4.09 22.72 29.25
CA PHE F 580 3.92 23.96 28.49
C PHE F 580 3.05 24.97 29.26
N TYR F 581 1.98 24.49 29.91
CA TYR F 581 1.11 25.37 30.68
C TYR F 581 1.73 25.79 32.00
N VAL F 582 2.64 24.98 32.56
CA VAL F 582 3.37 25.40 33.75
C VAL F 582 4.24 26.62 33.43
N LEU F 583 5.07 26.51 32.38
CA LEU F 583 5.94 27.63 32.05
C LEU F 583 5.13 28.85 31.60
N GLN F 584 4.02 28.62 30.91
CA GLN F 584 3.25 29.73 30.40
C GLN F 584 2.62 30.53 31.55
N LYS F 585 2.18 29.85 32.61
CA LYS F 585 1.60 30.58 33.74
C LYS F 585 2.67 31.43 34.43
N PHE F 586 3.89 30.90 34.53
CA PHE F 586 4.97 31.67 35.11
C PHE F 586 5.26 32.92 34.29
N TYR F 587 5.36 32.77 32.97
CA TYR F 587 5.73 33.92 32.14
C TYR F 587 4.63 34.98 32.13
N GLU F 588 3.36 34.56 32.22
CA GLU F 588 2.29 35.54 32.24
C GLU F 588 2.13 36.20 33.61
N GLU F 589 2.56 35.54 34.68
CA GLU F 589 2.76 36.26 35.94
C GLU F 589 3.77 37.37 35.73
N LEU F 590 4.96 37.02 35.22
CA LEU F 590 6.01 38.00 34.97
C LEU F 590 5.50 39.13 34.11
N LYS F 591 4.74 38.83 33.07
CA LYS F 591 4.21 39.86 32.20
C LYS F 591 3.22 40.76 32.92
N ARG F 592 2.44 40.18 33.85
CA ARG F 592 1.46 40.97 34.58
C ARG F 592 2.13 41.92 35.56
N LYS F 593 3.21 41.48 36.20
CA LYS F 593 3.92 42.34 37.14
C LYS F 593 4.61 43.49 36.43
N GLU F 594 4.94 43.33 35.15
CA GLU F 594 5.57 44.40 34.40
C GLU F 594 4.53 45.42 33.95
N GLN F 595 3.37 44.93 33.54
CA GLN F 595 2.26 45.82 33.20
C GLN F 595 1.81 46.64 34.39
N GLU F 596 1.79 45.99 35.56
CA GLU F 596 1.36 46.60 36.83
C GLU F 596 2.25 47.81 37.11
N ASN F 597 3.56 47.64 36.97
CA ASN F 597 4.60 48.66 37.22
C ASN F 597 4.46 49.87 36.28
N LEU F 598 3.87 49.71 35.10
CA LEU F 598 3.59 50.84 34.20
C LEU F 598 2.94 51.96 35.02
#